data_5VKG
#
_entry.id   5VKG
#
loop_
_entity.id
_entity.type
_entity.pdbx_description
1 polymer 'Tumor susceptibility gene 101 protein'
2 non-polymer 4-methoxy-1-(5-methoxy-3H-imidazo[4,5-b]pyridin-2-yl)-3,5-dimethyl-2-(sulfanylmethyl)pyridin-1-ium
#
_entity_poly.entity_id   1
_entity_poly.type   'polypeptide(L)'
_entity_poly.pdbx_seq_one_letter_code
;GAVSESQLKKMVSKYKYRDLTVRETVNVITLYKDLKPVLDSYVFNDGSSRELMNLTGTIPVPYRGNTYNIPICLWLLDTY
PYNPPICFVKPTSSMTIKTGKHVDANGKIYLPYLHEWKHPQSDLLGLIQVMIVVFGDEPPVFSRP
;
_entity_poly.pdbx_strand_id   A
#
loop_
_chem_comp.id
_chem_comp.type
_chem_comp.name
_chem_comp.formula
4N1 non-polymer 4-methoxy-1-(5-methoxy-3H-imidazo[4,5-b]pyridin-2-yl)-3,5-dimethyl-2-(sulfanylmethyl)pyridin-1-ium 'C16 H19 N4 O2 S 1'
#
# COMPACT_ATOMS: atom_id res chain seq x y z
N ALA A 2 17.60 1.82 -7.72
CA ALA A 2 17.45 0.63 -6.84
C ALA A 2 17.66 1.04 -5.38
N VAL A 3 16.91 0.42 -4.49
CA VAL A 3 17.02 0.71 -3.07
C VAL A 3 17.77 -0.39 -2.36
N SER A 4 18.82 -0.02 -1.66
CA SER A 4 19.57 -1.00 -0.90
C SER A 4 19.04 -0.98 0.52
N GLU A 5 19.25 -2.05 1.26
CA GLU A 5 18.76 -2.07 2.62
C GLU A 5 19.44 -1.01 3.47
N SER A 6 20.74 -0.82 3.31
CA SER A 6 21.44 0.18 4.10
C SER A 6 20.81 1.55 3.86
N GLN A 7 20.61 1.82 2.58
CA GLN A 7 19.99 3.05 2.15
C GLN A 7 18.56 3.09 2.66
N LEU A 8 17.93 1.92 2.73
CA LEU A 8 16.55 1.86 3.19
C LEU A 8 16.46 2.50 4.57
N LYS A 9 17.46 2.28 5.42
CA LYS A 9 17.45 2.88 6.76
C LYS A 9 17.42 4.40 6.66
N LYS A 10 18.23 4.92 5.75
CA LYS A 10 18.30 6.38 5.57
C LYS A 10 16.96 6.92 5.11
N MET A 11 16.32 6.15 4.25
CA MET A 11 15.05 6.53 3.65
C MET A 11 13.91 6.59 4.68
N VAL A 12 13.92 5.68 5.65
CA VAL A 12 12.88 5.65 6.69
C VAL A 12 13.45 6.04 8.04
N SER A 13 14.61 6.71 8.05
CA SER A 13 15.23 7.13 9.29
C SER A 13 14.35 8.15 10.00
N LYS A 14 13.47 8.81 9.25
CA LYS A 14 12.60 9.82 9.84
C LYS A 14 11.51 9.17 10.73
N TYR A 15 11.20 7.89 10.48
CA TYR A 15 10.18 7.18 11.26
C TYR A 15 10.73 6.77 12.61
N LYS A 16 9.85 6.50 13.55
CA LYS A 16 10.27 6.10 14.88
C LYS A 16 10.45 4.57 14.98
N TYR A 17 9.82 3.81 14.07
CA TYR A 17 9.96 2.33 14.07
C TYR A 17 10.71 1.87 12.81
N ARG A 18 11.83 2.50 12.48
CA ARG A 18 12.58 2.14 11.26
C ARG A 18 13.03 0.68 11.20
N ASP A 19 13.19 0.01 12.34
CA ASP A 19 13.68 -1.36 12.34
C ASP A 19 12.62 -2.35 11.86
N LEU A 20 11.47 -2.30 12.48
CA LEU A 20 10.43 -3.23 12.14
C LEU A 20 9.97 -2.96 10.71
N THR A 21 9.87 -1.69 10.33
CA THR A 21 9.45 -1.34 8.96
C THR A 21 10.45 -1.85 7.93
N VAL A 22 11.74 -1.59 8.15
CA VAL A 22 12.77 -2.05 7.24
C VAL A 22 12.77 -3.57 7.17
N ARG A 23 12.72 -4.21 8.31
CA ARG A 23 12.70 -5.65 8.32
C ARG A 23 11.44 -6.18 7.61
N GLU A 24 10.31 -5.57 7.92
CA GLU A 24 9.05 -5.98 7.33
C GLU A 24 9.04 -5.74 5.83
N THR A 25 9.66 -4.65 5.37
CA THR A 25 9.68 -4.39 3.92
C THR A 25 10.47 -5.47 3.23
N VAL A 26 11.49 -5.97 3.88
CA VAL A 26 12.30 -7.01 3.27
C VAL A 26 11.39 -8.16 2.95
N ASN A 27 10.54 -8.50 3.89
CA ASN A 27 9.61 -9.59 3.66
C ASN A 27 8.69 -9.27 2.49
N VAL A 28 8.29 -8.01 2.38
CA VAL A 28 7.39 -7.58 1.32
C VAL A 28 8.05 -7.58 -0.05
N ILE A 29 9.25 -7.06 -0.17
CA ILE A 29 9.88 -7.00 -1.49
C ILE A 29 10.63 -8.29 -1.80
N THR A 30 11.01 -9.06 -0.77
CA THR A 30 11.69 -10.32 -1.01
C THR A 30 10.70 -11.35 -1.54
N LEU A 31 9.52 -11.42 -0.90
CA LEU A 31 8.48 -12.34 -1.32
C LEU A 31 7.56 -11.70 -2.38
N TYR A 32 7.26 -10.42 -2.22
CA TYR A 32 6.42 -9.70 -3.18
C TYR A 32 7.27 -8.68 -3.91
N LYS A 33 8.22 -9.17 -4.71
CA LYS A 33 9.13 -8.31 -5.47
C LYS A 33 8.36 -7.36 -6.37
N ASP A 34 7.10 -7.66 -6.63
CA ASP A 34 6.29 -6.80 -7.48
C ASP A 34 6.05 -5.44 -6.81
N LEU A 35 6.31 -5.36 -5.51
CA LEU A 35 6.14 -4.10 -4.79
C LEU A 35 7.54 -3.45 -4.64
N LYS A 36 7.80 -2.28 -5.28
CA LYS A 36 9.14 -1.69 -5.19
C LYS A 36 9.16 -0.41 -4.32
N PRO A 37 10.08 -0.26 -3.37
CA PRO A 37 10.13 0.96 -2.51
C PRO A 37 10.78 2.16 -3.23
N VAL A 38 10.15 3.34 -3.14
CA VAL A 38 10.67 4.55 -3.78
C VAL A 38 10.61 5.73 -2.82
N LEU A 39 11.67 6.55 -2.81
CA LEU A 39 11.71 7.72 -1.94
C LEU A 39 10.94 8.87 -2.60
N ASP A 40 10.13 9.59 -1.81
CA ASP A 40 9.35 10.69 -2.37
C ASP A 40 9.30 11.87 -1.40
N SER A 41 9.10 13.06 -1.95
CA SER A 41 9.01 14.28 -1.14
C SER A 41 7.56 14.54 -0.77
N TYR A 42 7.29 14.80 0.51
CA TYR A 42 5.92 15.06 0.93
C TYR A 42 5.81 16.46 1.53
N VAL A 43 4.79 17.20 1.10
CA VAL A 43 4.58 18.58 1.59
C VAL A 43 3.36 18.65 2.50
N PHE A 44 3.57 19.11 3.73
CA PHE A 44 2.47 19.24 4.70
C PHE A 44 1.90 20.66 4.62
N ASN A 45 0.68 20.85 5.13
CA ASN A 45 0.03 22.16 5.11
C ASN A 45 0.85 23.19 5.90
N ASP A 46 1.55 22.71 6.94
CA ASP A 46 2.36 23.60 7.76
C ASP A 46 3.50 24.21 6.94
N GLY A 47 3.78 23.62 5.78
CA GLY A 47 4.86 24.11 4.92
C GLY A 47 6.14 23.30 5.14
N SER A 48 6.17 22.49 6.19
CA SER A 48 7.32 21.66 6.48
C SER A 48 7.35 20.48 5.53
N SER A 49 8.55 20.11 5.10
CA SER A 49 8.70 18.99 4.18
C SER A 49 9.49 17.85 4.82
N ARG A 50 9.10 16.63 4.49
CA ARG A 50 9.76 15.45 5.02
C ARG A 50 9.84 14.36 3.95
N GLU A 51 11.00 13.72 3.87
CA GLU A 51 11.18 12.68 2.89
C GLU A 51 10.60 11.37 3.42
N LEU A 52 9.63 10.85 2.69
CA LEU A 52 8.98 9.59 3.09
C LEU A 52 9.13 8.57 1.95
N MET A 53 9.25 7.31 2.34
CA MET A 53 9.39 6.22 1.35
C MET A 53 8.03 5.58 1.08
N ASN A 54 7.76 5.19 -0.17
CA ASN A 54 6.46 4.58 -0.48
C ASN A 54 6.63 3.36 -1.38
N LEU A 55 5.69 2.44 -1.27
CA LEU A 55 5.73 1.22 -2.10
C LEU A 55 4.85 1.45 -3.34
N THR A 56 5.44 1.29 -4.53
CA THR A 56 4.70 1.54 -5.76
C THR A 56 4.94 0.47 -6.82
N GLY A 57 3.84 0.05 -7.48
CA GLY A 57 3.93 -0.97 -8.53
C GLY A 57 2.55 -1.53 -8.87
N THR A 58 2.53 -2.81 -9.22
CA THR A 58 1.27 -3.47 -9.59
C THR A 58 1.07 -4.83 -8.91
N ILE A 59 -0.20 -5.25 -8.87
CA ILE A 59 -0.56 -6.56 -8.30
C ILE A 59 -1.46 -7.31 -9.30
N PRO A 60 -1.04 -8.44 -9.85
CA PRO A 60 -1.92 -9.19 -10.81
C PRO A 60 -3.09 -9.81 -10.05
N VAL A 61 -4.34 -9.52 -10.47
CA VAL A 61 -5.49 -10.08 -9.75
C VAL A 61 -6.45 -10.84 -10.68
N PRO A 62 -6.67 -12.14 -10.45
CA PRO A 62 -7.63 -12.94 -11.25
C PRO A 62 -9.06 -12.49 -10.95
N TYR A 63 -9.91 -12.45 -11.97
CA TYR A 63 -11.28 -11.99 -11.78
C TYR A 63 -12.22 -12.41 -12.93
N ARG A 64 -13.24 -13.21 -12.64
CA ARG A 64 -14.18 -13.63 -13.71
C ARG A 64 -13.45 -14.31 -14.87
N GLY A 65 -12.29 -14.91 -14.60
CA GLY A 65 -11.51 -15.56 -15.66
C GLY A 65 -10.64 -14.51 -16.38
N ASN A 66 -10.84 -13.25 -16.01
CA ASN A 66 -10.09 -12.14 -16.58
C ASN A 66 -9.20 -11.53 -15.50
N THR A 67 -8.01 -11.12 -15.89
CA THR A 67 -7.06 -10.57 -14.93
C THR A 67 -6.64 -9.15 -15.29
N TYR A 68 -6.66 -8.26 -14.30
CA TYR A 68 -6.28 -6.87 -14.52
C TYR A 68 -5.03 -6.53 -13.71
N ASN A 69 -4.25 -5.58 -14.21
CA ASN A 69 -3.05 -5.13 -13.52
C ASN A 69 -3.42 -3.89 -12.72
N ILE A 70 -3.52 -4.04 -11.40
CA ILE A 70 -3.93 -2.90 -10.56
C ILE A 70 -2.74 -2.08 -10.05
N PRO A 71 -2.65 -0.79 -10.40
CA PRO A 71 -1.56 0.10 -9.91
C PRO A 71 -1.94 0.70 -8.55
N ILE A 72 -1.11 0.48 -7.52
CA ILE A 72 -1.44 1.05 -6.19
C ILE A 72 -0.23 1.70 -5.53
N CYS A 73 -0.50 2.73 -4.71
CA CYS A 73 0.57 3.42 -3.99
C CYS A 73 0.29 3.39 -2.51
N LEU A 74 1.29 2.94 -1.76
CA LEU A 74 1.18 2.87 -0.31
C LEU A 74 2.01 3.97 0.35
N TRP A 75 1.36 4.91 1.04
CA TRP A 75 2.12 5.97 1.74
C TRP A 75 2.14 5.62 3.24
N LEU A 76 3.34 5.56 3.83
CA LEU A 76 3.45 5.20 5.25
C LEU A 76 3.40 6.47 6.12
N LEU A 77 2.67 6.43 7.26
CA LEU A 77 2.61 7.59 8.16
C LEU A 77 3.93 7.61 8.95
N ASP A 78 4.45 8.79 9.29
CA ASP A 78 5.72 8.86 10.02
C ASP A 78 5.66 8.08 11.34
N THR A 79 4.46 7.72 11.77
CA THR A 79 4.31 6.97 13.01
C THR A 79 3.95 5.50 12.73
N TYR A 80 4.10 5.09 11.48
CA TYR A 80 3.85 3.71 11.07
C TYR A 80 4.83 2.82 11.84
N PRO A 81 4.46 1.61 12.25
CA PRO A 81 3.14 0.93 12.01
C PRO A 81 2.08 1.14 13.11
N TYR A 82 2.33 2.00 14.08
CA TYR A 82 1.31 2.20 15.11
C TYR A 82 0.13 2.97 14.53
N ASN A 83 0.35 3.57 13.36
CA ASN A 83 -0.70 4.31 12.65
C ASN A 83 -1.13 3.48 11.43
N PRO A 84 -2.40 3.35 11.10
CA PRO A 84 -2.79 2.54 9.90
C PRO A 84 -2.30 3.22 8.61
N PRO A 85 -1.88 2.47 7.61
CA PRO A 85 -1.38 3.07 6.35
C PRO A 85 -2.54 3.49 5.42
N ILE A 86 -2.42 4.67 4.78
CA ILE A 86 -3.47 5.12 3.89
C ILE A 86 -3.11 4.70 2.47
N CYS A 87 -4.08 4.11 1.78
CA CYS A 87 -3.84 3.62 0.42
C CYS A 87 -4.58 4.44 -0.61
N PHE A 88 -4.01 4.49 -1.82
CA PHE A 88 -4.64 5.23 -2.93
C PHE A 88 -4.63 4.36 -4.19
N VAL A 89 -5.80 4.18 -4.83
CA VAL A 89 -5.86 3.38 -6.05
C VAL A 89 -5.78 4.31 -7.26
N LYS A 90 -4.78 4.10 -8.13
CA LYS A 90 -4.60 4.96 -9.32
C LYS A 90 -5.73 4.74 -10.34
N PRO A 91 -6.65 5.67 -10.55
CA PRO A 91 -7.76 5.49 -11.54
C PRO A 91 -7.33 5.87 -12.96
N THR A 92 -8.12 5.44 -13.95
CA THR A 92 -7.82 5.76 -15.34
C THR A 92 -9.12 6.10 -16.07
N SER A 93 -9.01 6.54 -17.31
CA SER A 93 -10.21 6.91 -18.07
C SER A 93 -11.20 5.73 -18.18
N SER A 94 -10.72 4.51 -18.42
CA SER A 94 -11.64 3.36 -18.53
C SER A 94 -11.88 2.68 -17.18
N MET A 95 -11.08 3.03 -16.16
CA MET A 95 -11.25 2.44 -14.84
C MET A 95 -11.81 3.49 -13.88
N THR A 96 -12.94 3.17 -13.25
CA THR A 96 -13.56 4.11 -12.30
C THR A 96 -13.63 3.49 -10.91
N ILE A 97 -13.89 4.32 -9.91
CA ILE A 97 -14.00 3.83 -8.54
C ILE A 97 -15.48 3.60 -8.20
N LYS A 98 -15.89 2.34 -8.05
CA LYS A 98 -17.27 2.06 -7.70
C LYS A 98 -17.38 2.00 -6.19
N THR A 99 -17.90 3.06 -5.61
CA THR A 99 -18.04 3.13 -4.17
C THR A 99 -18.92 2.00 -3.66
N GLY A 100 -18.57 1.46 -2.51
CA GLY A 100 -19.33 0.37 -1.94
C GLY A 100 -19.10 0.25 -0.43
N LYS A 101 -19.08 -0.99 0.06
CA LYS A 101 -18.92 -1.25 1.49
C LYS A 101 -17.55 -0.84 2.05
N HIS A 102 -16.48 -0.84 1.23
CA HIS A 102 -15.16 -0.45 1.77
C HIS A 102 -14.46 0.64 0.95
N VAL A 103 -14.98 1.01 -0.22
CA VAL A 103 -14.33 2.07 -1.01
C VAL A 103 -15.13 3.36 -0.99
N ASP A 104 -14.47 4.45 -0.62
CA ASP A 104 -15.11 5.77 -0.60
C ASP A 104 -14.93 6.40 -1.98
N ALA A 105 -15.09 7.71 -2.06
CA ALA A 105 -14.93 8.40 -3.34
C ALA A 105 -13.47 8.81 -3.58
N ASN A 106 -12.67 8.90 -2.52
CA ASN A 106 -11.27 9.30 -2.67
C ASN A 106 -10.36 8.10 -2.89
N GLY A 107 -10.91 6.89 -2.88
CA GLY A 107 -10.10 5.69 -3.10
C GLY A 107 -9.62 5.05 -1.79
N LYS A 108 -10.19 5.46 -0.67
CA LYS A 108 -9.81 4.86 0.62
C LYS A 108 -10.18 3.39 0.63
N ILE A 109 -9.32 2.55 1.21
CA ILE A 109 -9.60 1.11 1.28
C ILE A 109 -9.74 0.66 2.73
N TYR A 110 -10.92 0.15 3.10
CA TYR A 110 -11.12 -0.36 4.45
C TYR A 110 -11.07 -1.88 4.40
N LEU A 111 -10.40 -2.50 5.37
CA LEU A 111 -10.27 -3.96 5.34
C LEU A 111 -10.50 -4.54 6.76
N PRO A 112 -11.54 -5.35 6.96
CA PRO A 112 -11.82 -5.95 8.32
C PRO A 112 -10.59 -6.56 9.00
N TYR A 113 -9.70 -7.22 8.26
CA TYR A 113 -8.54 -7.82 8.90
C TYR A 113 -7.69 -6.72 9.55
N LEU A 114 -7.74 -5.51 8.97
CA LEU A 114 -6.97 -4.39 9.48
C LEU A 114 -7.50 -3.93 10.82
N HIS A 115 -8.82 -3.87 10.92
CA HIS A 115 -9.45 -3.43 12.16
C HIS A 115 -9.15 -4.42 13.28
N GLU A 116 -8.98 -5.69 12.91
CA GLU A 116 -8.67 -6.72 13.91
C GLU A 116 -7.22 -7.16 13.80
N TRP A 117 -6.41 -6.40 13.08
CA TRP A 117 -5.01 -6.75 12.92
C TRP A 117 -4.24 -6.40 14.17
N LYS A 118 -3.62 -7.43 14.73
CA LYS A 118 -2.79 -7.27 15.91
C LYS A 118 -1.35 -7.03 15.46
N HIS A 119 -0.72 -5.98 15.97
CA HIS A 119 0.64 -5.65 15.58
C HIS A 119 1.65 -6.45 16.43
N PRO A 120 2.57 -7.21 15.85
CA PRO A 120 2.79 -7.44 14.40
C PRO A 120 2.41 -8.87 13.96
N GLN A 121 1.17 -9.07 13.53
CA GLN A 121 0.74 -10.40 13.12
C GLN A 121 0.42 -10.45 11.62
N SER A 122 -0.52 -9.61 11.16
CA SER A 122 -0.89 -9.61 9.75
C SER A 122 0.26 -9.10 8.89
N ASP A 123 0.96 -8.08 9.39
CA ASP A 123 2.12 -7.52 8.66
C ASP A 123 1.72 -6.99 7.27
N LEU A 124 2.58 -6.13 6.71
CA LEU A 124 2.32 -5.51 5.38
C LEU A 124 2.14 -6.61 4.32
N LEU A 125 2.98 -7.63 4.39
CA LEU A 125 2.89 -8.75 3.44
C LEU A 125 1.47 -9.34 3.51
N GLY A 126 0.88 -9.40 4.72
CA GLY A 126 -0.50 -9.91 4.89
C GLY A 126 -1.48 -9.01 4.15
N LEU A 127 -1.25 -7.70 4.22
CA LEU A 127 -2.13 -6.73 3.55
C LEU A 127 -2.20 -6.96 2.05
N ILE A 128 -1.07 -7.32 1.45
CA ILE A 128 -1.04 -7.49 -0.01
C ILE A 128 -1.76 -8.78 -0.42
N GLN A 129 -1.49 -9.91 0.23
CA GLN A 129 -2.20 -11.14 -0.14
C GLN A 129 -3.67 -10.95 0.23
N VAL A 130 -3.94 -10.27 1.36
CA VAL A 130 -5.31 -10.02 1.72
C VAL A 130 -5.92 -9.08 0.69
N MET A 131 -5.12 -8.12 0.22
CA MET A 131 -5.61 -7.19 -0.80
C MET A 131 -6.01 -8.02 -2.01
N ILE A 132 -5.18 -9.00 -2.35
CA ILE A 132 -5.44 -9.91 -3.46
C ILE A 132 -6.72 -10.71 -3.20
N VAL A 133 -7.07 -10.92 -1.93
CA VAL A 133 -8.28 -11.72 -1.61
C VAL A 133 -9.53 -10.85 -1.39
N VAL A 134 -9.42 -9.85 -0.53
CA VAL A 134 -10.54 -8.96 -0.20
C VAL A 134 -10.96 -8.14 -1.41
N PHE A 135 -10.14 -8.12 -2.47
CA PHE A 135 -10.54 -7.38 -3.69
C PHE A 135 -11.02 -8.37 -4.75
N GLY A 136 -10.68 -9.66 -4.57
CA GLY A 136 -11.12 -10.69 -5.49
C GLY A 136 -12.58 -11.02 -5.21
N ASP A 137 -13.01 -10.84 -3.96
CA ASP A 137 -14.39 -11.11 -3.60
C ASP A 137 -15.34 -10.16 -4.33
N GLU A 138 -14.90 -8.94 -4.51
CA GLU A 138 -15.68 -7.94 -5.21
C GLU A 138 -14.78 -6.79 -5.63
N PRO A 139 -14.12 -6.91 -6.77
CA PRO A 139 -13.20 -5.84 -7.25
C PRO A 139 -13.84 -4.45 -7.07
N PRO A 140 -13.32 -3.63 -6.19
CA PRO A 140 -13.91 -2.27 -5.98
C PRO A 140 -13.76 -1.42 -7.23
N VAL A 141 -12.81 -1.82 -8.08
CA VAL A 141 -12.57 -1.12 -9.34
C VAL A 141 -12.60 -2.13 -10.48
N PHE A 142 -12.99 -1.71 -11.67
CA PHE A 142 -13.07 -2.64 -12.80
C PHE A 142 -13.01 -1.86 -14.13
N SER A 143 -12.72 -2.56 -15.23
CA SER A 143 -12.61 -1.91 -16.52
C SER A 143 -13.93 -1.91 -17.26
N ARG A 144 -14.40 -0.72 -17.57
CA ARG A 144 -15.66 -0.57 -18.28
C ARG A 144 -15.41 -0.03 -19.70
N PRO A 145 -15.70 -0.81 -20.73
CA PRO A 145 -15.49 -0.36 -22.15
C PRO A 145 -15.91 1.09 -22.38
C1 4N1 B . 4.55 13.23 -4.50
O1 4N1 B . 5.32 14.02 -3.74
N2 4N1 B . 5.24 12.33 -5.19
C3 4N1 B . 4.51 11.58 -5.98
C4 4N1 B . 3.11 11.59 -6.16
C5 4N1 B . 2.40 12.55 -5.42
C6 4N1 B . 3.13 13.37 -4.58
N7 4N1 B . 4.97 10.57 -6.80
C8 4N1 B . 3.85 10.04 -7.42
N9 4N1 B . 2.72 10.63 -7.08
C10 4N1 B . 5.93 15.17 -4.33
N11 4N1 B . 4.00 9.05 -8.44
C12 4N1 B . 3.34 7.84 -8.44
C13 4N1 B . 3.59 6.94 -9.48
C14 4N1 B . 4.53 7.26 -10.49
O14 4N1 B . 4.71 6.31 -11.40
C15 4N1 B . 5.15 8.55 -10.51
C16 4N1 B . 4.85 9.39 -9.47
C17 4N1 B . 2.37 7.54 -7.32
C18 4N1 B . 2.89 5.61 -9.54
C19 4N1 B . 6.00 9.10 -11.64
S20 4N1 B . 2.88 6.10 -6.25
C21 4N1 B . 4.04 6.26 -12.68
H5 4N1 B . 1.32 12.64 -5.50
H6 4N1 B . 2.62 14.13 -3.98
H7 4N1 B . 5.92 10.21 -6.84
H101 4N1 B . 5.98 15.90 -3.52
H102 4N1 B . 5.31 15.57 -5.14
H103 4N1 B . 6.94 14.95 -4.68
H16 4N1 B . 5.24 10.40 -9.43
H171 4N1 B . 1.37 7.37 -7.70
H181 4N1 B . 2.48 5.41 -10.54
H182 4N1 B . 2.04 5.59 -8.84
H183 4N1 B . 3.57 4.80 -9.28
H191 4N1 B . 6.98 8.62 -11.62
H192 4N1 B . 6.16 10.17 -11.52
H193 4N1 B . 5.58 8.91 -12.63
H211 4N1 B . 3.51 7.21 -12.76
H212 4N1 B . 3.32 5.44 -12.71
H213 4N1 B . 4.75 6.18 -13.50
H172 4N1 B . 2.32 8.39 -6.64
N ALA A 2 17.52 1.35 -7.84
CA ALA A 2 17.16 0.26 -6.90
C ALA A 2 17.52 0.68 -5.48
N VAL A 3 16.68 0.29 -4.53
CA VAL A 3 16.88 0.64 -3.14
C VAL A 3 17.72 -0.42 -2.44
N SER A 4 18.69 0.05 -1.69
CA SER A 4 19.55 -0.85 -0.93
C SER A 4 19.05 -0.86 0.50
N GLU A 5 19.30 -1.93 1.22
CA GLU A 5 18.85 -1.98 2.59
C GLU A 5 19.48 -0.88 3.43
N SER A 6 20.77 -0.60 3.23
CA SER A 6 21.43 0.45 4.00
C SER A 6 20.71 1.77 3.76
N GLN A 7 20.47 2.04 2.49
CA GLN A 7 19.76 3.23 2.09
C GLN A 7 18.33 3.19 2.61
N LEU A 8 17.79 1.98 2.73
CA LEU A 8 16.43 1.84 3.22
C LEU A 8 16.36 2.44 4.63
N LYS A 9 17.42 2.27 5.41
CA LYS A 9 17.42 2.85 6.76
C LYS A 9 17.36 4.35 6.66
N LYS A 10 18.13 4.89 5.73
CA LYS A 10 18.14 6.34 5.53
C LYS A 10 16.76 6.83 5.12
N MET A 11 16.10 6.00 4.33
CA MET A 11 14.78 6.31 3.82
C MET A 11 13.74 6.39 4.95
N VAL A 12 13.86 5.53 5.95
CA VAL A 12 12.90 5.53 7.06
C VAL A 12 13.57 5.81 8.41
N SER A 13 14.70 6.50 8.36
CA SER A 13 15.43 6.85 9.57
C SER A 13 14.63 7.79 10.45
N LYS A 14 13.90 8.69 9.81
CA LYS A 14 13.12 9.70 10.54
C LYS A 14 11.94 9.06 11.30
N TYR A 15 11.63 7.79 11.00
CA TYR A 15 10.51 7.11 11.68
C TYR A 15 10.94 6.67 13.07
N LYS A 16 9.96 6.43 13.94
CA LYS A 16 10.26 5.99 15.31
C LYS A 16 10.52 4.48 15.35
N TYR A 17 9.95 3.74 14.40
CA TYR A 17 10.13 2.27 14.33
C TYR A 17 10.86 1.87 13.04
N ARG A 18 12.04 2.44 12.78
CA ARG A 18 12.77 2.14 11.54
C ARG A 18 13.21 0.68 11.43
N ASP A 19 13.36 0.00 12.57
CA ASP A 19 13.81 -1.39 12.55
C ASP A 19 12.72 -2.33 12.10
N LEU A 20 11.57 -2.26 12.75
CA LEU A 20 10.49 -3.15 12.39
C LEU A 20 10.02 -2.85 10.98
N THR A 21 9.90 -1.57 10.62
CA THR A 21 9.46 -1.20 9.27
C THR A 21 10.41 -1.73 8.20
N VAL A 22 11.71 -1.52 8.40
CA VAL A 22 12.70 -1.99 7.47
C VAL A 22 12.65 -3.50 7.37
N ARG A 23 12.56 -4.17 8.51
CA ARG A 23 12.51 -5.61 8.50
C ARG A 23 11.27 -6.09 7.76
N GLU A 24 10.17 -5.40 8.01
CA GLU A 24 8.90 -5.73 7.39
C GLU A 24 8.94 -5.48 5.88
N THR A 25 9.60 -4.40 5.44
CA THR A 25 9.68 -4.13 3.99
C THR A 25 10.49 -5.20 3.31
N VAL A 26 11.55 -5.67 3.96
CA VAL A 26 12.37 -6.68 3.34
C VAL A 26 11.50 -7.86 3.00
N ASN A 27 10.65 -8.23 3.93
CA ASN A 27 9.75 -9.34 3.70
C ASN A 27 8.82 -9.03 2.51
N VAL A 28 8.40 -7.78 2.42
CA VAL A 28 7.50 -7.36 1.37
C VAL A 28 8.16 -7.31 -0.01
N ILE A 29 9.38 -6.78 -0.10
CA ILE A 29 10.01 -6.70 -1.41
C ILE A 29 10.79 -7.97 -1.74
N THR A 30 11.12 -8.75 -0.72
CA THR A 30 11.81 -10.01 -0.96
C THR A 30 10.81 -11.05 -1.43
N LEU A 31 9.69 -11.13 -0.72
CA LEU A 31 8.66 -12.09 -1.08
C LEU A 31 7.74 -11.51 -2.16
N TYR A 32 7.42 -10.23 -2.06
CA TYR A 32 6.57 -9.59 -3.04
C TYR A 32 7.41 -8.60 -3.84
N LYS A 33 8.35 -9.13 -4.61
CA LYS A 33 9.25 -8.29 -5.39
C LYS A 33 8.46 -7.39 -6.35
N ASP A 34 7.19 -7.72 -6.57
CA ASP A 34 6.37 -6.92 -7.47
C ASP A 34 6.17 -5.53 -6.88
N LEU A 35 6.33 -5.41 -5.56
CA LEU A 35 6.19 -4.13 -4.88
C LEU A 35 7.60 -3.47 -4.81
N LYS A 36 7.82 -2.32 -5.50
CA LYS A 36 9.16 -1.71 -5.48
C LYS A 36 9.19 -0.42 -4.63
N PRO A 37 10.04 -0.30 -3.62
CA PRO A 37 10.09 0.95 -2.78
C PRO A 37 10.90 2.08 -3.44
N VAL A 38 10.36 3.31 -3.44
CA VAL A 38 11.08 4.45 -4.01
C VAL A 38 11.05 5.63 -3.05
N LEU A 39 12.03 6.50 -3.18
CA LEU A 39 12.12 7.69 -2.33
C LEU A 39 11.30 8.84 -2.94
N ASP A 40 10.32 9.34 -2.18
CA ASP A 40 9.48 10.43 -2.67
C ASP A 40 9.50 11.63 -1.72
N SER A 41 9.68 12.84 -2.26
CA SER A 41 9.68 14.05 -1.44
C SER A 41 8.25 14.27 -0.93
N TYR A 42 8.08 14.80 0.28
CA TYR A 42 6.72 15.00 0.79
C TYR A 42 6.53 16.36 1.43
N VAL A 43 5.42 17.01 1.08
CA VAL A 43 5.05 18.32 1.64
C VAL A 43 3.70 18.21 2.32
N PHE A 44 3.63 18.60 3.59
CA PHE A 44 2.37 18.53 4.33
C PHE A 44 1.65 19.87 4.31
N ASN A 45 0.37 19.89 4.70
CA ASN A 45 -0.39 21.13 4.72
C ASN A 45 0.24 22.15 5.65
N ASP A 46 0.76 21.68 6.78
CA ASP A 46 1.41 22.57 7.74
C ASP A 46 2.62 23.24 7.11
N GLY A 47 3.07 22.72 5.96
CA GLY A 47 4.22 23.29 5.28
C GLY A 47 5.51 22.53 5.62
N SER A 48 5.40 21.55 6.52
CA SER A 48 6.55 20.76 6.92
C SER A 48 6.96 19.82 5.79
N SER A 49 8.25 19.62 5.67
CA SER A 49 8.78 18.72 4.64
C SER A 49 9.66 17.64 5.26
N ARG A 50 9.59 16.46 4.68
CA ARG A 50 10.37 15.32 5.17
C ARG A 50 10.49 14.23 4.11
N GLU A 51 11.65 13.60 4.07
CA GLU A 51 11.87 12.53 3.11
C GLU A 51 11.00 11.32 3.51
N LEU A 52 10.13 10.90 2.60
CA LEU A 52 9.23 9.78 2.87
C LEU A 52 9.33 8.76 1.74
N MET A 53 9.58 7.50 2.11
CA MET A 53 9.70 6.41 1.13
C MET A 53 8.31 5.86 0.81
N ASN A 54 8.11 5.35 -0.42
CA ASN A 54 6.80 4.82 -0.78
C ASN A 54 6.90 3.52 -1.57
N LEU A 55 5.82 2.73 -1.54
CA LEU A 55 5.79 1.47 -2.29
C LEU A 55 4.86 1.63 -3.49
N THR A 56 5.36 1.36 -4.70
CA THR A 56 4.55 1.56 -5.90
C THR A 56 4.77 0.45 -6.92
N GLY A 57 3.67 0.01 -7.55
CA GLY A 57 3.75 -1.05 -8.55
C GLY A 57 2.38 -1.59 -8.90
N THR A 58 2.36 -2.86 -9.26
CA THR A 58 1.09 -3.51 -9.64
C THR A 58 0.88 -4.86 -8.95
N ILE A 59 -0.39 -5.27 -8.91
CA ILE A 59 -0.76 -6.57 -8.33
C ILE A 59 -1.66 -7.32 -9.32
N PRO A 60 -1.25 -8.46 -9.85
CA PRO A 60 -2.12 -9.23 -10.79
C PRO A 60 -3.31 -9.84 -10.03
N VAL A 61 -4.55 -9.56 -10.47
CA VAL A 61 -5.70 -10.11 -9.75
C VAL A 61 -6.68 -10.80 -10.71
N PRO A 62 -7.06 -12.04 -10.45
CA PRO A 62 -8.02 -12.77 -11.32
C PRO A 62 -9.43 -12.21 -11.15
N TYR A 63 -10.22 -12.28 -12.20
CA TYR A 63 -11.58 -11.74 -12.13
C TYR A 63 -12.48 -12.29 -13.24
N ARG A 64 -13.41 -13.19 -12.88
CA ARG A 64 -14.33 -13.76 -13.87
C ARG A 64 -13.58 -14.33 -15.09
N GLY A 65 -12.45 -14.96 -14.86
CA GLY A 65 -11.66 -15.53 -15.96
C GLY A 65 -10.83 -14.45 -16.67
N ASN A 66 -10.95 -13.21 -16.19
CA ASN A 66 -10.22 -12.08 -16.75
C ASN A 66 -9.37 -11.46 -15.65
N THR A 67 -8.10 -11.22 -15.96
CA THR A 67 -7.15 -10.66 -14.99
C THR A 67 -6.78 -9.24 -15.33
N TYR A 68 -6.85 -8.36 -14.33
CA TYR A 68 -6.49 -6.96 -14.51
C TYR A 68 -5.25 -6.60 -13.70
N ASN A 69 -4.49 -5.62 -14.20
CA ASN A 69 -3.30 -5.17 -13.50
C ASN A 69 -3.66 -3.92 -12.70
N ILE A 70 -3.81 -4.08 -11.38
CA ILE A 70 -4.21 -2.95 -10.54
C ILE A 70 -3.02 -2.14 -10.02
N PRO A 71 -2.89 -0.87 -10.37
CA PRO A 71 -1.80 0.02 -9.88
C PRO A 71 -2.15 0.60 -8.50
N ILE A 72 -1.28 0.40 -7.49
CA ILE A 72 -1.57 0.95 -6.15
C ILE A 72 -0.37 1.68 -5.56
N CYS A 73 -0.65 2.73 -4.76
CA CYS A 73 0.40 3.49 -4.11
C CYS A 73 0.20 3.48 -2.60
N LEU A 74 1.23 3.07 -1.89
CA LEU A 74 1.17 2.98 -0.44
C LEU A 74 1.96 4.10 0.23
N TRP A 75 1.26 5.06 0.87
CA TRP A 75 1.99 6.13 1.59
C TRP A 75 2.04 5.77 3.07
N LEU A 76 3.27 5.67 3.61
CA LEU A 76 3.45 5.29 5.02
C LEU A 76 3.46 6.55 5.91
N LEU A 77 2.91 6.50 7.13
CA LEU A 77 2.96 7.67 8.01
C LEU A 77 4.26 7.60 8.81
N ASP A 78 4.77 8.74 9.26
CA ASP A 78 6.02 8.78 10.02
C ASP A 78 5.92 7.96 11.30
N THR A 79 4.71 7.66 11.74
CA THR A 79 4.51 6.87 12.95
C THR A 79 4.20 5.40 12.64
N TYR A 80 4.18 5.06 11.34
CA TYR A 80 3.93 3.68 10.91
C TYR A 80 4.95 2.79 11.63
N PRO A 81 4.64 1.56 12.02
CA PRO A 81 3.31 0.85 11.80
C PRO A 81 2.29 0.98 12.93
N TYR A 82 2.50 1.86 13.89
CA TYR A 82 1.52 1.99 14.97
C TYR A 82 0.33 2.85 14.55
N ASN A 83 0.39 3.37 13.33
CA ASN A 83 -0.70 4.19 12.79
C ASN A 83 -1.19 3.57 11.46
N PRO A 84 -2.45 3.21 11.29
CA PRO A 84 -2.92 2.61 10.00
C PRO A 84 -2.43 3.39 8.77
N PRO A 85 -1.89 2.73 7.76
CA PRO A 85 -1.39 3.41 6.52
C PRO A 85 -2.54 3.74 5.54
N ILE A 86 -2.47 4.88 4.83
CA ILE A 86 -3.53 5.20 3.88
C ILE A 86 -3.10 4.81 2.46
N CYS A 87 -4.01 4.14 1.76
CA CYS A 87 -3.75 3.66 0.40
C CYS A 87 -4.58 4.43 -0.63
N PHE A 88 -4.04 4.53 -1.84
CA PHE A 88 -4.75 5.23 -2.93
C PHE A 88 -4.74 4.37 -4.19
N VAL A 89 -5.94 4.16 -4.78
CA VAL A 89 -6.05 3.36 -6.00
C VAL A 89 -5.95 4.29 -7.20
N LYS A 90 -4.99 4.01 -8.08
CA LYS A 90 -4.77 4.85 -9.26
C LYS A 90 -5.92 4.71 -10.30
N PRO A 91 -6.77 5.71 -10.50
CA PRO A 91 -7.89 5.60 -11.50
C PRO A 91 -7.47 5.96 -12.93
N THR A 92 -8.25 5.47 -13.89
CA THR A 92 -7.97 5.74 -15.30
C THR A 92 -9.27 6.09 -16.03
N SER A 93 -9.15 6.64 -17.23
CA SER A 93 -10.35 7.03 -18.01
C SER A 93 -11.29 5.83 -18.33
N SER A 94 -10.77 4.60 -18.36
CA SER A 94 -11.62 3.44 -18.66
C SER A 94 -11.92 2.65 -17.38
N MET A 95 -11.63 3.25 -16.24
CA MET A 95 -11.87 2.62 -14.94
C MET A 95 -12.54 3.61 -14.00
N THR A 96 -13.38 3.11 -13.11
CA THR A 96 -14.07 4.01 -12.17
C THR A 96 -14.00 3.46 -10.75
N ILE A 97 -14.32 4.29 -9.77
CA ILE A 97 -14.31 3.86 -8.38
C ILE A 97 -15.74 3.62 -7.92
N LYS A 98 -16.14 2.36 -7.77
CA LYS A 98 -17.49 2.08 -7.30
C LYS A 98 -17.46 1.88 -5.79
N THR A 99 -18.00 2.85 -5.08
CA THR A 99 -18.02 2.78 -3.64
C THR A 99 -18.89 1.65 -3.16
N GLY A 100 -18.54 1.13 -1.99
CA GLY A 100 -19.27 0.03 -1.41
C GLY A 100 -18.81 -0.25 0.02
N LYS A 101 -18.61 -1.52 0.32
CA LYS A 101 -18.22 -1.96 1.67
C LYS A 101 -16.70 -1.91 1.93
N HIS A 102 -15.87 -1.59 0.93
CA HIS A 102 -14.41 -1.56 1.19
C HIS A 102 -13.69 -0.33 0.57
N VAL A 103 -14.26 0.27 -0.48
CA VAL A 103 -13.64 1.47 -1.10
C VAL A 103 -14.52 2.69 -0.90
N ASP A 104 -13.87 3.85 -0.74
CA ASP A 104 -14.60 5.11 -0.55
C ASP A 104 -14.61 5.89 -1.87
N ALA A 105 -15.22 7.07 -1.88
CA ALA A 105 -15.30 7.87 -3.09
C ALA A 105 -13.95 8.46 -3.49
N ASN A 106 -13.18 8.93 -2.51
CA ASN A 106 -11.89 9.52 -2.82
C ASN A 106 -10.85 8.41 -3.04
N GLY A 107 -11.29 7.15 -2.99
CA GLY A 107 -10.35 6.05 -3.21
C GLY A 107 -9.74 5.55 -1.90
N LYS A 108 -10.45 5.69 -0.79
CA LYS A 108 -9.93 5.21 0.48
C LYS A 108 -10.19 3.71 0.64
N ILE A 109 -9.17 2.96 1.03
CA ILE A 109 -9.32 1.51 1.19
C ILE A 109 -9.25 1.12 2.67
N TYR A 110 -10.39 0.71 3.23
CA TYR A 110 -10.44 0.27 4.61
C TYR A 110 -10.77 -1.23 4.63
N LEU A 111 -10.13 -2.01 5.50
CA LEU A 111 -10.38 -3.47 5.50
C LEU A 111 -10.64 -4.00 6.93
N PRO A 112 -11.70 -4.77 7.15
CA PRO A 112 -11.96 -5.35 8.51
C PRO A 112 -10.73 -6.00 9.17
N TYR A 113 -9.89 -6.70 8.40
CA TYR A 113 -8.72 -7.34 9.01
C TYR A 113 -7.81 -6.26 9.59
N LEU A 114 -7.83 -5.08 9.00
CA LEU A 114 -6.97 -3.97 9.46
C LEU A 114 -7.47 -3.43 10.80
N HIS A 115 -8.78 -3.32 10.93
CA HIS A 115 -9.35 -2.80 12.17
C HIS A 115 -9.11 -3.78 13.32
N GLU A 116 -8.98 -5.06 12.98
CA GLU A 116 -8.74 -6.09 14.01
C GLU A 116 -7.29 -6.57 13.99
N TRP A 117 -6.51 -6.08 13.04
CA TRP A 117 -5.12 -6.51 12.93
C TRP A 117 -4.35 -6.11 14.17
N LYS A 118 -3.76 -7.13 14.78
CA LYS A 118 -2.94 -6.92 15.96
C LYS A 118 -1.49 -6.71 15.52
N HIS A 119 -0.88 -5.62 15.96
CA HIS A 119 0.51 -5.33 15.59
C HIS A 119 1.47 -6.15 16.46
N PRO A 120 2.38 -6.94 15.91
CA PRO A 120 2.62 -7.20 14.45
C PRO A 120 2.20 -8.62 14.05
N GLN A 121 0.97 -8.80 13.58
CA GLN A 121 0.52 -10.13 13.18
C GLN A 121 0.24 -10.19 11.68
N SER A 122 -0.71 -9.38 11.23
CA SER A 122 -1.06 -9.36 9.81
C SER A 122 0.07 -8.74 8.97
N ASP A 123 0.80 -7.81 9.59
CA ASP A 123 1.94 -7.13 8.91
C ASP A 123 1.54 -6.62 7.52
N LEU A 124 2.52 -6.06 6.81
CA LEU A 124 2.26 -5.52 5.47
C LEU A 124 2.03 -6.67 4.49
N LEU A 125 2.85 -7.71 4.58
CA LEU A 125 2.71 -8.87 3.69
C LEU A 125 1.24 -9.36 3.77
N GLY A 126 0.65 -9.30 4.97
CA GLY A 126 -0.78 -9.69 5.13
C GLY A 126 -1.67 -8.75 4.34
N LEU A 127 -1.38 -7.45 4.37
CA LEU A 127 -2.20 -6.46 3.65
C LEU A 127 -2.25 -6.73 2.15
N ILE A 128 -1.12 -7.10 1.58
CA ILE A 128 -1.08 -7.31 0.12
C ILE A 128 -1.81 -8.59 -0.28
N GLN A 129 -1.58 -9.69 0.43
CA GLN A 129 -2.28 -10.93 0.08
C GLN A 129 -3.74 -10.80 0.48
N VAL A 130 -4.03 -10.07 1.56
CA VAL A 130 -5.42 -9.86 1.94
C VAL A 130 -6.07 -8.98 0.89
N MET A 131 -5.31 -7.99 0.39
CA MET A 131 -5.85 -7.10 -0.64
C MET A 131 -6.23 -7.97 -1.85
N ILE A 132 -5.37 -8.93 -2.18
CA ILE A 132 -5.60 -9.84 -3.30
C ILE A 132 -6.81 -10.76 -3.03
N VAL A 133 -6.89 -11.32 -1.82
CA VAL A 133 -7.99 -12.23 -1.49
C VAL A 133 -9.31 -11.50 -1.28
N VAL A 134 -9.22 -10.36 -0.62
CA VAL A 134 -10.40 -9.57 -0.28
C VAL A 134 -10.92 -8.75 -1.47
N PHE A 135 -10.12 -8.62 -2.55
CA PHE A 135 -10.61 -7.85 -3.72
C PHE A 135 -10.91 -8.79 -4.89
N GLY A 136 -10.38 -10.01 -4.84
CA GLY A 136 -10.71 -10.97 -5.89
C GLY A 136 -12.21 -11.23 -5.82
N ASP A 137 -12.76 -11.06 -4.61
CA ASP A 137 -14.19 -11.24 -4.38
C ASP A 137 -14.99 -10.19 -5.15
N GLU A 138 -14.46 -8.96 -5.25
CA GLU A 138 -15.15 -7.90 -5.96
C GLU A 138 -14.20 -6.73 -6.19
N PRO A 139 -13.41 -6.77 -7.25
CA PRO A 139 -12.46 -5.65 -7.55
C PRO A 139 -13.20 -4.30 -7.45
N PRO A 140 -12.85 -3.46 -6.50
CA PRO A 140 -13.54 -2.14 -6.34
C PRO A 140 -13.50 -1.33 -7.64
N VAL A 141 -12.55 -1.69 -8.50
CA VAL A 141 -12.39 -1.02 -9.79
C VAL A 141 -12.40 -2.05 -10.91
N PHE A 142 -12.91 -1.66 -12.08
CA PHE A 142 -12.97 -2.58 -13.23
C PHE A 142 -13.03 -1.76 -14.53
N SER A 143 -12.71 -2.41 -15.67
CA SER A 143 -12.73 -1.71 -16.95
C SER A 143 -14.10 -1.75 -17.58
N ARG A 144 -14.65 -0.58 -17.83
CA ARG A 144 -15.95 -0.46 -18.44
C ARG A 144 -15.85 0.13 -19.86
N PRO A 145 -16.00 -0.67 -20.90
CA PRO A 145 -15.91 -0.15 -22.30
C PRO A 145 -17.20 0.55 -22.73
C1 4N1 B . 5.34 12.91 -4.56
O1 4N1 B . 6.27 13.68 -3.98
N2 4N1 B . 5.85 12.09 -5.49
C3 4N1 B . 4.96 11.34 -6.10
C4 4N1 B . 3.56 11.30 -5.89
C5 4N1 B . 3.05 12.17 -4.91
C6 4N1 B . 3.95 12.98 -4.25
N7 4N1 B . 5.20 10.41 -7.09
C8 4N1 B . 3.97 9.87 -7.41
N9 4N1 B . 2.96 10.37 -6.73
C10 4N1 B . 6.54 14.98 -4.51
N11 4N1 B . 3.86 8.97 -8.52
C12 4N1 B . 3.28 7.72 -8.44
C13 4N1 B . 3.23 6.94 -9.61
C14 4N1 B . 3.82 7.42 -10.80
O14 4N1 B . 3.76 6.58 -11.84
C15 4N1 B . 4.36 8.74 -10.86
C16 4N1 B . 4.35 9.45 -9.70
C17 4N1 B . 2.82 7.20 -7.10
C18 4N1 B . 2.58 5.60 -9.63
C19 4N1 B . 4.89 9.41 -12.11
S20 4N1 B . 1.00 6.83 -6.99
C21 4N1 B . 4.88 6.16 -12.65
H5 4N1 B . 1.98 12.20 -4.68
H6 4N1 B . 3.60 13.68 -3.50
H7 4N1 B . 6.11 10.11 -7.41
H101 4N1 B . 6.96 14.80 -5.50
H102 4N1 B . 7.27 15.51 -3.90
H103 4N1 B . 5.62 15.56 -4.61
H16 4N1 B . 4.70 10.48 -9.66
H171 4N1 B . 3.09 7.88 -6.29
H181 4N1 B . 1.57 5.63 -9.18
H182 4N1 B . 3.16 4.88 -9.05
H183 4N1 B . 2.49 5.21 -10.65
H191 4N1 B . 5.12 8.66 -12.86
H192 4N1 B . 5.82 9.95 -11.90
H193 4N1 B . 4.18 10.12 -12.54
H211 4N1 B . 4.78 5.08 -12.71
H212 4N1 B . 5.83 6.41 -12.15
H213 4N1 B . 4.84 6.60 -13.64
H172 4N1 B . 3.31 6.24 -6.90
N ALA A 2 16.99 -0.21 -7.49
CA ALA A 2 16.59 -1.04 -6.32
C ALA A 2 17.18 -0.45 -5.04
N VAL A 3 16.32 -0.22 -4.05
CA VAL A 3 16.74 0.32 -2.79
C VAL A 3 17.70 -0.62 -2.10
N SER A 4 18.67 -0.04 -1.44
CA SER A 4 19.64 -0.83 -0.69
C SER A 4 19.20 -0.82 0.75
N GLU A 5 19.53 -1.86 1.50
CA GLU A 5 19.11 -1.89 2.88
C GLU A 5 19.72 -0.74 3.67
N SER A 6 21.00 -0.44 3.46
CA SER A 6 21.63 0.67 4.19
C SER A 6 20.87 1.96 3.92
N GLN A 7 20.57 2.16 2.66
CA GLN A 7 19.84 3.31 2.25
C GLN A 7 18.44 3.27 2.82
N LEU A 8 17.85 2.08 2.90
CA LEU A 8 16.51 1.97 3.40
C LEU A 8 16.44 2.58 4.80
N LYS A 9 17.47 2.36 5.62
CA LYS A 9 17.48 2.96 6.95
C LYS A 9 17.48 4.47 6.84
N LYS A 10 18.29 4.99 5.91
CA LYS A 10 18.40 6.42 5.71
C LYS A 10 17.10 7.01 5.17
N MET A 11 16.39 6.25 4.36
CA MET A 11 15.14 6.73 3.76
C MET A 11 14.03 6.87 4.80
N VAL A 12 14.02 5.98 5.80
CA VAL A 12 13.00 6.02 6.84
C VAL A 12 13.64 6.19 8.22
N SER A 13 14.77 6.87 8.27
CA SER A 13 15.47 7.10 9.53
C SER A 13 14.68 8.07 10.41
N LYS A 14 13.67 8.74 9.82
CA LYS A 14 12.87 9.70 10.57
C LYS A 14 11.72 9.02 11.33
N TYR A 15 11.45 7.76 11.01
CA TYR A 15 10.38 7.03 11.68
C TYR A 15 10.76 6.69 13.11
N LYS A 16 9.75 6.59 13.96
CA LYS A 16 9.98 6.20 15.36
C LYS A 16 10.37 4.71 15.41
N TYR A 17 9.72 3.91 14.55
CA TYR A 17 10.01 2.46 14.48
C TYR A 17 10.70 2.09 13.15
N ARG A 18 11.92 2.60 12.91
CA ARG A 18 12.61 2.31 11.65
C ARG A 18 13.01 0.83 11.50
N ASP A 19 13.28 0.14 12.61
CA ASP A 19 13.71 -1.25 12.55
C ASP A 19 12.61 -2.21 12.09
N LEU A 20 11.38 -2.04 12.58
CA LEU A 20 10.31 -2.93 12.16
C LEU A 20 9.86 -2.56 10.75
N THR A 21 9.82 -1.28 10.47
CA THR A 21 9.44 -0.82 9.15
C THR A 21 10.42 -1.32 8.10
N VAL A 22 11.71 -1.28 8.44
CA VAL A 22 12.73 -1.75 7.51
C VAL A 22 12.71 -3.25 7.38
N ARG A 23 12.63 -3.95 8.51
CA ARG A 23 12.63 -5.40 8.43
C ARG A 23 11.40 -5.92 7.70
N GLU A 24 10.23 -5.36 8.01
CA GLU A 24 8.99 -5.80 7.38
C GLU A 24 8.96 -5.43 5.88
N THR A 25 9.63 -4.35 5.50
CA THR A 25 9.65 -3.98 4.08
C THR A 25 10.48 -4.98 3.31
N VAL A 26 11.56 -5.43 3.92
CA VAL A 26 12.42 -6.38 3.24
C VAL A 26 11.59 -7.58 2.87
N ASN A 27 10.76 -8.01 3.79
CA ASN A 27 9.90 -9.14 3.53
C ASN A 27 8.97 -8.83 2.35
N VAL A 28 8.46 -7.60 2.30
CA VAL A 28 7.53 -7.20 1.25
C VAL A 28 8.20 -7.07 -0.13
N ILE A 29 9.39 -6.49 -0.19
CA ILE A 29 10.03 -6.33 -1.50
C ILE A 29 10.85 -7.57 -1.88
N THR A 30 11.14 -8.42 -0.91
CA THR A 30 11.87 -9.66 -1.18
C THR A 30 10.90 -10.71 -1.71
N LEU A 31 9.79 -10.87 -1.01
CA LEU A 31 8.76 -11.84 -1.39
C LEU A 31 7.82 -11.27 -2.45
N TYR A 32 7.52 -9.97 -2.34
CA TYR A 32 6.64 -9.30 -3.28
C TYR A 32 7.44 -8.25 -4.05
N LYS A 33 8.36 -8.72 -4.88
CA LYS A 33 9.22 -7.84 -5.67
C LYS A 33 8.39 -6.93 -6.57
N ASP A 34 7.14 -7.31 -6.79
CA ASP A 34 6.30 -6.48 -7.65
C ASP A 34 6.05 -5.12 -7.00
N LEU A 35 6.23 -5.06 -5.68
CA LEU A 35 6.04 -3.80 -4.95
C LEU A 35 7.42 -3.12 -4.85
N LYS A 36 7.63 -1.95 -5.50
CA LYS A 36 8.95 -1.32 -5.44
C LYS A 36 8.95 -0.01 -4.61
N PRO A 37 9.80 0.14 -3.58
CA PRO A 37 9.81 1.38 -2.75
C PRO A 37 10.58 2.54 -3.40
N VAL A 38 10.04 3.77 -3.31
CA VAL A 38 10.70 4.94 -3.86
C VAL A 38 10.81 6.01 -2.78
N LEU A 39 11.78 6.90 -2.94
CA LEU A 39 11.97 7.96 -1.95
C LEU A 39 11.28 9.24 -2.42
N ASP A 40 10.17 9.58 -1.77
CA ASP A 40 9.42 10.77 -2.12
C ASP A 40 9.54 11.85 -1.06
N SER A 41 9.87 13.06 -1.51
CA SER A 41 9.96 14.20 -0.59
C SER A 41 8.55 14.71 -0.34
N TYR A 42 8.20 14.92 0.93
CA TYR A 42 6.83 15.38 1.23
C TYR A 42 6.85 16.78 1.84
N VAL A 43 5.90 17.60 1.39
CA VAL A 43 5.75 18.97 1.89
C VAL A 43 4.49 19.08 2.75
N PHE A 44 4.67 19.54 3.98
CA PHE A 44 3.52 19.68 4.89
C PHE A 44 2.99 21.12 4.86
N ASN A 45 1.86 21.35 5.53
CA ASN A 45 1.26 22.68 5.54
C ASN A 45 2.20 23.70 6.18
N ASP A 46 2.91 23.29 7.22
CA ASP A 46 3.85 24.19 7.89
C ASP A 46 5.03 24.53 6.98
N GLY A 47 5.20 23.75 5.91
CA GLY A 47 6.30 23.97 4.98
C GLY A 47 7.47 23.03 5.27
N SER A 48 7.42 22.33 6.40
CA SER A 48 8.48 21.41 6.77
C SER A 48 8.52 20.25 5.77
N SER A 49 9.72 19.72 5.58
CA SER A 49 9.90 18.60 4.65
C SER A 49 10.49 17.41 5.37
N ARG A 50 10.03 16.22 4.98
CA ARG A 50 10.54 14.98 5.58
C ARG A 50 10.64 13.87 4.55
N GLU A 51 11.59 12.97 4.77
CA GLU A 51 11.84 11.85 3.86
C GLU A 51 10.86 10.71 4.13
N LEU A 52 9.88 10.55 3.25
CA LEU A 52 8.92 9.45 3.39
C LEU A 52 8.99 8.54 2.16
N MET A 53 9.22 7.25 2.42
CA MET A 53 9.33 6.25 1.34
C MET A 53 7.96 5.61 1.06
N ASN A 54 7.61 5.40 -0.23
CA ASN A 54 6.32 4.79 -0.55
C ASN A 54 6.50 3.60 -1.48
N LEU A 55 5.57 2.66 -1.39
CA LEU A 55 5.62 1.47 -2.24
C LEU A 55 4.69 1.70 -3.44
N THR A 56 5.19 1.45 -4.65
CA THR A 56 4.40 1.71 -5.85
C THR A 56 4.60 0.64 -6.92
N GLY A 57 3.50 0.24 -7.54
CA GLY A 57 3.56 -0.78 -8.60
C GLY A 57 2.19 -1.31 -8.95
N THR A 58 2.13 -2.60 -9.26
CA THR A 58 0.86 -3.23 -9.64
C THR A 58 0.66 -4.60 -9.00
N ILE A 59 -0.61 -5.03 -8.94
CA ILE A 59 -0.95 -6.35 -8.42
C ILE A 59 -1.92 -7.04 -9.40
N PRO A 60 -1.54 -8.15 -10.03
CA PRO A 60 -2.46 -8.87 -10.96
C PRO A 60 -3.59 -9.55 -10.18
N VAL A 61 -4.86 -9.27 -10.52
CA VAL A 61 -5.97 -9.89 -9.79
C VAL A 61 -6.95 -10.59 -10.74
N PRO A 62 -7.19 -11.89 -10.56
CA PRO A 62 -8.14 -12.66 -11.41
C PRO A 62 -9.59 -12.30 -11.07
N TYR A 63 -10.47 -12.36 -12.06
CA TYR A 63 -11.87 -12.02 -11.82
C TYR A 63 -12.78 -12.52 -12.95
N ARG A 64 -13.59 -13.54 -12.64
CA ARG A 64 -14.51 -14.07 -13.65
C ARG A 64 -13.78 -14.46 -14.95
N GLY A 65 -12.57 -15.00 -14.82
CA GLY A 65 -11.80 -15.39 -16.01
C GLY A 65 -11.11 -14.18 -16.65
N ASN A 66 -11.33 -13.01 -16.06
CA ASN A 66 -10.74 -11.78 -16.55
C ASN A 66 -9.84 -11.17 -15.47
N THR A 67 -8.64 -10.82 -15.85
CA THR A 67 -7.67 -10.28 -14.90
C THR A 67 -7.31 -8.83 -15.22
N TYR A 68 -7.34 -7.98 -14.19
CA TYR A 68 -6.99 -6.57 -14.37
C TYR A 68 -5.69 -6.22 -13.65
N ASN A 69 -4.93 -5.26 -14.20
CA ASN A 69 -3.70 -4.82 -13.57
C ASN A 69 -4.02 -3.62 -12.71
N ILE A 70 -4.03 -3.80 -11.39
CA ILE A 70 -4.41 -2.71 -10.49
C ILE A 70 -3.20 -1.87 -10.03
N PRO A 71 -3.13 -0.58 -10.38
CA PRO A 71 -2.03 0.33 -9.95
C PRO A 71 -2.34 0.91 -8.55
N ILE A 72 -1.44 0.75 -7.57
CA ILE A 72 -1.74 1.30 -6.23
C ILE A 72 -0.53 2.03 -5.62
N CYS A 73 -0.83 3.06 -4.81
CA CYS A 73 0.21 3.82 -4.13
C CYS A 73 -0.01 3.75 -2.63
N LEU A 74 1.02 3.26 -1.93
CA LEU A 74 0.96 3.11 -0.49
C LEU A 74 1.82 4.17 0.19
N TRP A 75 1.21 5.11 0.92
CA TRP A 75 1.99 6.13 1.64
C TRP A 75 1.97 5.79 3.13
N LEU A 76 3.16 5.67 3.72
CA LEU A 76 3.29 5.27 5.13
C LEU A 76 3.34 6.51 6.04
N LEU A 77 2.65 6.46 7.19
CA LEU A 77 2.67 7.58 8.14
C LEU A 77 3.98 7.53 8.94
N ASP A 78 4.41 8.65 9.51
CA ASP A 78 5.66 8.69 10.27
C ASP A 78 5.53 7.91 11.59
N THR A 79 4.32 7.47 11.92
CA THR A 79 4.10 6.71 13.13
C THR A 79 3.82 5.23 12.81
N TYR A 80 3.89 4.89 11.52
CA TYR A 80 3.70 3.51 11.07
C TYR A 80 4.72 2.61 11.76
N PRO A 81 4.44 1.35 12.07
CA PRO A 81 3.14 0.61 11.79
C PRO A 81 2.12 0.68 12.92
N TYR A 82 2.31 1.58 13.88
CA TYR A 82 1.34 1.71 14.96
C TYR A 82 0.14 2.53 14.48
N ASN A 83 0.22 3.03 13.24
CA ASN A 83 -0.86 3.84 12.66
C ASN A 83 -1.34 3.17 11.37
N PRO A 84 -2.63 3.12 11.04
CA PRO A 84 -3.05 2.46 9.76
C PRO A 84 -2.55 3.24 8.54
N PRO A 85 -2.15 2.56 7.49
CA PRO A 85 -1.62 3.23 6.26
C PRO A 85 -2.74 3.71 5.32
N ILE A 86 -2.58 4.89 4.70
CA ILE A 86 -3.61 5.36 3.77
C ILE A 86 -3.23 4.91 2.37
N CYS A 87 -4.19 4.31 1.69
CA CYS A 87 -3.97 3.78 0.35
C CYS A 87 -4.91 4.42 -0.67
N PHE A 88 -4.39 4.68 -1.86
CA PHE A 88 -5.22 5.27 -2.93
C PHE A 88 -5.13 4.45 -4.22
N VAL A 89 -6.30 4.15 -4.82
CA VAL A 89 -6.33 3.37 -6.07
C VAL A 89 -6.27 4.35 -7.23
N LYS A 90 -5.41 4.11 -8.21
CA LYS A 90 -5.27 5.00 -9.38
C LYS A 90 -6.22 4.58 -10.53
N PRO A 91 -7.37 5.20 -10.72
CA PRO A 91 -8.32 4.80 -11.83
C PRO A 91 -7.95 5.42 -13.19
N THR A 92 -8.56 4.91 -14.25
CA THR A 92 -8.29 5.40 -15.61
C THR A 92 -9.57 5.35 -16.44
N SER A 93 -9.54 5.92 -17.63
CA SER A 93 -10.75 5.91 -18.48
C SER A 93 -11.24 4.47 -18.76
N SER A 94 -10.35 3.47 -18.71
CA SER A 94 -10.77 2.09 -18.96
C SER A 94 -11.08 1.36 -17.64
N MET A 95 -10.99 2.09 -16.52
CA MET A 95 -11.28 1.49 -15.21
C MET A 95 -12.02 2.50 -14.34
N THR A 96 -13.20 2.11 -13.89
CA THR A 96 -14.01 2.99 -13.05
C THR A 96 -14.04 2.55 -11.59
N ILE A 97 -14.00 3.52 -10.68
CA ILE A 97 -14.04 3.23 -9.26
C ILE A 97 -15.49 2.86 -8.87
N LYS A 98 -15.69 1.66 -8.33
CA LYS A 98 -17.03 1.27 -7.92
C LYS A 98 -17.10 1.20 -6.41
N THR A 99 -17.66 2.25 -5.82
CA THR A 99 -17.76 2.31 -4.37
C THR A 99 -18.54 1.12 -3.88
N GLY A 100 -18.26 0.71 -2.64
CA GLY A 100 -18.94 -0.45 -2.09
C GLY A 100 -18.61 -0.67 -0.63
N LYS A 101 -18.27 -1.92 -0.30
CA LYS A 101 -18.01 -2.30 1.09
C LYS A 101 -16.54 -2.08 1.49
N HIS A 102 -15.66 -1.64 0.58
CA HIS A 102 -14.25 -1.44 0.97
C HIS A 102 -13.62 -0.16 0.38
N VAL A 103 -14.11 0.35 -0.78
CA VAL A 103 -13.55 1.58 -1.35
C VAL A 103 -14.59 2.70 -1.27
N ASP A 104 -14.13 3.89 -0.85
CA ASP A 104 -15.03 5.04 -0.75
C ASP A 104 -15.01 5.82 -2.08
N ALA A 105 -15.42 7.08 -2.05
CA ALA A 105 -15.45 7.90 -3.28
C ALA A 105 -14.12 8.62 -3.56
N ASN A 106 -13.19 8.56 -2.60
CA ASN A 106 -11.90 9.23 -2.76
C ASN A 106 -10.78 8.22 -2.97
N GLY A 107 -11.09 6.93 -2.87
CA GLY A 107 -10.07 5.90 -3.08
C GLY A 107 -9.53 5.32 -1.76
N LYS A 108 -10.20 5.61 -0.64
CA LYS A 108 -9.77 5.08 0.65
C LYS A 108 -10.09 3.59 0.73
N ILE A 109 -9.14 2.81 1.23
CA ILE A 109 -9.35 1.36 1.36
C ILE A 109 -9.35 0.95 2.84
N TYR A 110 -10.49 0.45 3.33
CA TYR A 110 -10.57 -0.01 4.71
C TYR A 110 -10.84 -1.51 4.66
N LEU A 111 -10.18 -2.29 5.53
CA LEU A 111 -10.33 -3.75 5.49
C LEU A 111 -10.64 -4.33 6.88
N PRO A 112 -11.65 -5.17 7.03
CA PRO A 112 -11.96 -5.78 8.37
C PRO A 112 -10.74 -6.44 9.04
N TYR A 113 -9.83 -7.02 8.25
CA TYR A 113 -8.66 -7.65 8.85
C TYR A 113 -7.78 -6.58 9.48
N LEU A 114 -7.81 -5.37 8.91
CA LEU A 114 -7.02 -4.25 9.43
C LEU A 114 -7.54 -3.82 10.79
N HIS A 115 -8.86 -3.79 10.92
CA HIS A 115 -9.47 -3.38 12.18
C HIS A 115 -9.12 -4.37 13.29
N GLU A 116 -9.01 -5.65 12.91
CA GLU A 116 -8.67 -6.69 13.89
C GLU A 116 -7.18 -7.08 13.81
N TRP A 117 -6.44 -6.41 12.94
CA TRP A 117 -5.03 -6.72 12.79
C TRP A 117 -4.27 -6.32 14.03
N LYS A 118 -3.59 -7.29 14.58
CA LYS A 118 -2.78 -7.09 15.76
C LYS A 118 -1.35 -6.81 15.32
N HIS A 119 -0.81 -5.69 15.77
CA HIS A 119 0.56 -5.31 15.41
C HIS A 119 1.58 -6.06 16.28
N PRO A 120 2.55 -6.78 15.72
CA PRO A 120 2.79 -7.03 14.26
C PRO A 120 2.48 -8.47 13.85
N GLN A 121 1.25 -8.75 13.40
CA GLN A 121 0.89 -10.10 13.00
C GLN A 121 0.60 -10.18 11.50
N SER A 122 -0.39 -9.41 11.04
CA SER A 122 -0.75 -9.43 9.61
C SER A 122 0.40 -8.88 8.76
N ASP A 123 1.03 -7.82 9.26
CA ASP A 123 2.18 -7.21 8.54
C ASP A 123 1.78 -6.76 7.13
N LEU A 124 2.62 -5.93 6.51
CA LEU A 124 2.33 -5.43 5.14
C LEU A 124 2.00 -6.59 4.22
N LEU A 125 2.84 -7.62 4.25
CA LEU A 125 2.63 -8.79 3.40
C LEU A 125 1.18 -9.27 3.55
N GLY A 126 0.64 -9.18 4.77
CA GLY A 126 -0.77 -9.57 5.01
C GLY A 126 -1.71 -8.66 4.22
N LEU A 127 -1.41 -7.37 4.18
CA LEU A 127 -2.27 -6.40 3.47
C LEU A 127 -2.34 -6.66 1.98
N ILE A 128 -1.21 -7.01 1.38
CA ILE A 128 -1.20 -7.21 -0.07
C ILE A 128 -1.86 -8.54 -0.46
N GLN A 129 -1.53 -9.62 0.23
CA GLN A 129 -2.17 -10.89 -0.09
C GLN A 129 -3.63 -10.82 0.31
N VAL A 130 -3.95 -10.14 1.42
CA VAL A 130 -5.34 -10.01 1.79
C VAL A 130 -6.04 -9.15 0.77
N MET A 131 -5.38 -8.09 0.32
CA MET A 131 -5.98 -7.22 -0.71
C MET A 131 -6.30 -8.09 -1.92
N ILE A 132 -5.35 -8.96 -2.28
CA ILE A 132 -5.51 -9.87 -3.40
C ILE A 132 -6.71 -10.82 -3.21
N VAL A 133 -6.98 -11.23 -1.96
CA VAL A 133 -8.09 -12.16 -1.74
C VAL A 133 -9.41 -11.44 -1.47
N VAL A 134 -9.38 -10.49 -0.55
CA VAL A 134 -10.57 -9.75 -0.18
C VAL A 134 -11.12 -8.91 -1.33
N PHE A 135 -10.32 -8.72 -2.38
CA PHE A 135 -10.82 -7.95 -3.56
C PHE A 135 -11.10 -8.91 -4.72
N GLY A 136 -10.55 -10.13 -4.65
CA GLY A 136 -10.82 -11.13 -5.67
C GLY A 136 -12.28 -11.55 -5.56
N ASP A 137 -12.81 -11.46 -4.33
CA ASP A 137 -14.20 -11.82 -4.07
C ASP A 137 -15.16 -10.89 -4.81
N GLU A 138 -14.77 -9.63 -4.94
CA GLU A 138 -15.61 -8.66 -5.61
C GLU A 138 -14.79 -7.40 -5.91
N PRO A 139 -14.07 -7.38 -7.01
CA PRO A 139 -13.25 -6.19 -7.37
C PRO A 139 -14.04 -4.90 -7.17
N PRO A 140 -13.67 -4.06 -6.23
CA PRO A 140 -14.41 -2.79 -5.98
C PRO A 140 -14.11 -1.75 -7.06
N VAL A 141 -13.28 -2.13 -8.04
CA VAL A 141 -12.93 -1.24 -9.12
C VAL A 141 -13.02 -1.99 -10.45
N PHE A 142 -13.83 -1.45 -11.39
CA PHE A 142 -14.00 -2.11 -12.70
C PHE A 142 -14.53 -1.11 -13.72
N SER A 143 -14.46 -1.46 -15.01
CA SER A 143 -14.94 -0.58 -16.07
C SER A 143 -16.36 -0.94 -16.49
N ARG A 144 -17.23 0.04 -16.44
CA ARG A 144 -18.62 -0.17 -16.82
C ARG A 144 -18.94 0.59 -18.11
N PRO A 145 -19.24 -0.09 -19.21
CA PRO A 145 -19.56 0.60 -20.50
C PRO A 145 -20.87 1.35 -20.43
C1 4N1 B . 5.16 13.49 -4.02
O1 4N1 B . 6.06 14.26 -3.39
N2 4N1 B . 5.72 12.70 -4.94
C3 4N1 B . 4.86 11.94 -5.60
C4 4N1 B . 3.46 11.86 -5.44
C5 4N1 B . 2.89 12.71 -4.46
C6 4N1 B . 3.77 13.53 -3.76
N7 4N1 B . 5.16 11.03 -6.61
C8 4N1 B . 3.96 10.47 -6.97
N9 4N1 B . 2.91 10.93 -6.32
C10 4N1 B . 7.22 14.70 -4.09
N11 4N1 B . 3.90 9.60 -8.10
C12 4N1 B . 3.34 8.32 -8.07
C13 4N1 B . 3.37 7.57 -9.27
C14 4N1 B . 4.00 8.09 -10.43
O14 4N1 B . 4.02 7.26 -11.46
C15 4N1 B . 4.52 9.41 -10.43
C16 4N1 B . 4.43 10.10 -9.26
C17 4N1 B . 2.84 7.74 -6.77
C18 4N1 B . 2.73 6.21 -9.34
C19 4N1 B . 5.08 10.14 -11.64
S20 4N1 B . 1.02 7.34 -6.75
C21 4N1 B . 2.95 7.12 -12.44
H5 4N1 B . 1.83 12.72 -4.27
H6 4N1 B . 3.37 14.21 -3.00
H7 4N1 B . 6.09 10.76 -6.89
H101 4N1 B . 7.03 14.49 -5.14
H102 4N1 B . 8.12 14.16 -3.76
H103 4N1 B . 7.37 15.79 -3.96
H16 4N1 B . 4.76 11.13 -9.18
H171 4N1 B . 3.06 8.41 -5.92
H181 4N1 B . 2.43 5.97 -10.38
H182 4N1 B . 1.85 6.16 -8.71
H183 4N1 B . 3.44 5.43 -9.02
H191 4N1 B . 6.06 9.74 -11.88
H192 4N1 B . 5.19 11.20 -11.43
H193 4N1 B . 4.45 10.01 -12.52
H211 4N1 B . 2.77 6.04 -12.49
H212 4N1 B . 3.29 7.48 -13.41
H213 4N1 B . 2.05 7.64 -12.11
H172 4N1 B . 3.34 6.80 -6.57
N ALA A 2 16.77 0.82 -7.73
CA ALA A 2 16.84 -0.32 -6.77
C ALA A 2 17.19 0.20 -5.38
N VAL A 3 16.53 -0.34 -4.37
CA VAL A 3 16.77 0.06 -2.99
C VAL A 3 17.57 -1.00 -2.25
N SER A 4 18.63 -0.56 -1.60
CA SER A 4 19.43 -1.48 -0.81
C SER A 4 18.94 -1.41 0.62
N GLU A 5 19.19 -2.44 1.41
CA GLU A 5 18.73 -2.41 2.78
C GLU A 5 19.40 -1.28 3.55
N SER A 6 20.70 -1.07 3.35
CA SER A 6 21.37 0.01 4.07
C SER A 6 20.72 1.34 3.72
N GLN A 7 20.57 1.55 2.42
CA GLN A 7 19.94 2.74 1.93
C GLN A 7 18.51 2.79 2.39
N LEU A 8 17.90 1.62 2.62
CA LEU A 8 16.53 1.62 3.07
C LEU A 8 16.45 2.38 4.38
N LYS A 9 17.41 2.15 5.26
CA LYS A 9 17.41 2.85 6.54
C LYS A 9 17.46 4.35 6.33
N LYS A 10 18.26 4.76 5.35
CA LYS A 10 18.39 6.18 5.06
C LYS A 10 17.07 6.80 4.60
N MET A 11 16.22 6.01 3.93
CA MET A 11 14.94 6.54 3.45
C MET A 11 13.83 6.47 4.50
N VAL A 12 14.03 5.70 5.57
CA VAL A 12 13.01 5.60 6.62
C VAL A 12 13.61 5.93 8.00
N SER A 13 14.78 6.56 7.99
CA SER A 13 15.47 6.93 9.21
C SER A 13 14.63 7.87 10.06
N LYS A 14 13.68 8.55 9.42
CA LYS A 14 12.85 9.52 10.15
C LYS A 14 11.67 8.87 10.88
N TYR A 15 11.34 7.63 10.52
CA TYR A 15 10.22 6.93 11.15
C TYR A 15 10.56 6.57 12.59
N LYS A 16 9.53 6.47 13.43
CA LYS A 16 9.75 6.09 14.82
C LYS A 16 10.16 4.62 14.90
N TYR A 17 9.56 3.78 14.05
CA TYR A 17 9.89 2.34 14.03
C TYR A 17 10.64 1.95 12.75
N ARG A 18 11.82 2.54 12.50
CA ARG A 18 12.57 2.22 11.29
C ARG A 18 13.08 0.76 11.28
N ASP A 19 13.16 0.13 12.45
CA ASP A 19 13.66 -1.24 12.53
C ASP A 19 12.63 -2.26 12.08
N LEU A 20 11.44 -2.21 12.65
CA LEU A 20 10.41 -3.17 12.28
C LEU A 20 9.98 -2.95 10.84
N THR A 21 9.82 -1.68 10.46
CA THR A 21 9.40 -1.34 9.09
C THR A 21 10.42 -1.86 8.08
N VAL A 22 11.70 -1.61 8.33
CA VAL A 22 12.74 -2.06 7.43
C VAL A 22 12.77 -3.57 7.37
N ARG A 23 12.64 -4.22 8.50
CA ARG A 23 12.67 -5.66 8.49
C ARG A 23 11.48 -6.21 7.70
N GLU A 24 10.29 -5.81 8.11
CA GLU A 24 9.06 -6.29 7.47
C GLU A 24 9.02 -5.89 5.99
N THR A 25 9.61 -4.75 5.63
CA THR A 25 9.62 -4.35 4.22
C THR A 25 10.48 -5.30 3.41
N VAL A 26 11.56 -5.79 4.01
CA VAL A 26 12.42 -6.69 3.28
C VAL A 26 11.61 -7.86 2.82
N ASN A 27 10.79 -8.37 3.72
CA ASN A 27 9.94 -9.48 3.36
C ASN A 27 9.00 -9.11 2.21
N VAL A 28 8.50 -7.88 2.26
CA VAL A 28 7.58 -7.39 1.24
C VAL A 28 8.22 -7.17 -0.11
N ILE A 29 9.41 -6.58 -0.16
CA ILE A 29 10.05 -6.33 -1.45
C ILE A 29 10.90 -7.52 -1.90
N THR A 30 11.23 -8.41 -0.97
CA THR A 30 12.01 -9.59 -1.33
C THR A 30 11.08 -10.67 -1.88
N LEU A 31 10.00 -10.92 -1.14
CA LEU A 31 9.02 -11.92 -1.55
C LEU A 31 8.06 -11.34 -2.59
N TYR A 32 7.67 -10.08 -2.38
CA TYR A 32 6.78 -9.41 -3.31
C TYR A 32 7.56 -8.33 -4.07
N LYS A 33 8.48 -8.78 -4.90
CA LYS A 33 9.33 -7.87 -5.68
C LYS A 33 8.48 -6.93 -6.51
N ASP A 34 7.22 -7.31 -6.73
CA ASP A 34 6.36 -6.46 -7.53
C ASP A 34 6.12 -5.12 -6.82
N LEU A 35 6.32 -5.12 -5.50
CA LEU A 35 6.16 -3.90 -4.71
C LEU A 35 7.54 -3.24 -4.60
N LYS A 36 7.76 -2.04 -5.20
CA LYS A 36 9.08 -1.41 -5.14
C LYS A 36 9.07 -0.10 -4.31
N PRO A 37 9.81 0.03 -3.22
CA PRO A 37 9.82 1.28 -2.42
C PRO A 37 10.68 2.38 -3.06
N VAL A 38 10.17 3.63 -3.06
CA VAL A 38 10.91 4.75 -3.64
C VAL A 38 11.05 5.90 -2.63
N LEU A 39 12.13 6.67 -2.76
CA LEU A 39 12.36 7.79 -1.84
C LEU A 39 11.89 9.10 -2.48
N ASP A 40 10.93 9.77 -1.85
CA ASP A 40 10.41 11.02 -2.40
C ASP A 40 10.26 12.09 -1.33
N SER A 41 10.68 13.31 -1.66
CA SER A 41 10.55 14.43 -0.73
C SER A 41 9.05 14.68 -0.53
N TYR A 42 8.63 14.98 0.70
CA TYR A 42 7.20 15.20 0.95
C TYR A 42 6.92 16.53 1.64
N VAL A 43 5.83 17.16 1.25
CA VAL A 43 5.42 18.44 1.84
C VAL A 43 4.04 18.32 2.49
N PHE A 44 3.95 18.72 3.76
CA PHE A 44 2.67 18.64 4.46
C PHE A 44 2.06 20.05 4.60
N ASN A 45 0.73 20.13 4.74
CA ASN A 45 0.08 21.43 4.86
C ASN A 45 0.56 22.20 6.09
N ASP A 46 1.16 21.49 7.03
CA ASP A 46 1.67 22.15 8.24
C ASP A 46 2.87 23.03 7.89
N GLY A 47 3.41 22.87 6.68
CA GLY A 47 4.56 23.65 6.24
C GLY A 47 5.86 22.88 6.46
N SER A 48 5.80 21.86 7.32
CA SER A 48 6.97 21.04 7.59
C SER A 48 7.27 20.12 6.42
N SER A 49 8.55 19.87 6.21
CA SER A 49 8.98 19.00 5.12
C SER A 49 9.73 17.79 5.65
N ARG A 50 9.49 16.64 5.03
CA ARG A 50 10.16 15.40 5.45
C ARG A 50 10.13 14.38 4.33
N GLU A 51 11.26 13.72 4.13
CA GLU A 51 11.38 12.70 3.10
C GLU A 51 10.70 11.40 3.55
N LEU A 52 9.72 10.94 2.78
CA LEU A 52 9.02 9.70 3.12
C LEU A 52 9.10 8.71 1.95
N MET A 53 9.20 7.43 2.28
CA MET A 53 9.31 6.36 1.27
C MET A 53 7.96 5.67 1.06
N ASN A 54 7.63 5.32 -0.20
CA ASN A 54 6.35 4.66 -0.47
C ASN A 54 6.53 3.46 -1.37
N LEU A 55 5.58 2.55 -1.23
CA LEU A 55 5.57 1.31 -2.05
C LEU A 55 4.70 1.54 -3.29
N THR A 56 5.26 1.32 -4.48
CA THR A 56 4.54 1.57 -5.72
C THR A 56 4.79 0.48 -6.77
N GLY A 57 3.71 0.07 -7.44
CA GLY A 57 3.82 -0.96 -8.47
C GLY A 57 2.46 -1.51 -8.87
N THR A 58 2.45 -2.80 -9.20
CA THR A 58 1.20 -3.45 -9.61
C THR A 58 0.99 -4.80 -8.94
N ILE A 59 -0.27 -5.25 -8.94
CA ILE A 59 -0.63 -6.56 -8.37
C ILE A 59 -1.51 -7.32 -9.37
N PRO A 60 -1.09 -8.45 -9.91
CA PRO A 60 -1.96 -9.22 -10.84
C PRO A 60 -3.09 -9.88 -10.06
N VAL A 61 -4.35 -9.62 -10.44
CA VAL A 61 -5.47 -10.22 -9.70
C VAL A 61 -6.42 -11.00 -10.62
N PRO A 62 -6.63 -12.29 -10.38
CA PRO A 62 -7.56 -13.11 -11.21
C PRO A 62 -9.00 -12.73 -10.93
N TYR A 63 -9.87 -12.85 -11.93
CA TYR A 63 -11.26 -12.45 -11.76
C TYR A 63 -12.17 -13.03 -12.85
N ARG A 64 -13.02 -13.99 -12.49
CA ARG A 64 -13.96 -14.57 -13.46
C ARG A 64 -13.22 -15.02 -14.75
N GLY A 65 -12.04 -15.62 -14.60
CA GLY A 65 -11.28 -16.06 -15.77
C GLY A 65 -10.66 -14.87 -16.50
N ASN A 66 -10.66 -13.72 -15.84
CA ASN A 66 -10.12 -12.49 -16.40
C ASN A 66 -9.26 -11.81 -15.33
N THR A 67 -8.03 -11.48 -15.71
CA THR A 67 -7.08 -10.87 -14.79
C THR A 67 -6.77 -9.43 -15.17
N TYR A 68 -6.81 -8.53 -14.17
CA TYR A 68 -6.52 -7.12 -14.41
C TYR A 68 -5.24 -6.70 -13.69
N ASN A 69 -4.55 -5.71 -14.26
CA ASN A 69 -3.33 -5.19 -13.66
C ASN A 69 -3.70 -3.97 -12.83
N ILE A 70 -3.64 -4.10 -11.51
CA ILE A 70 -4.06 -3.00 -10.63
C ILE A 70 -2.86 -2.15 -10.13
N PRO A 71 -2.79 -0.87 -10.49
CA PRO A 71 -1.71 0.05 -10.01
C PRO A 71 -2.07 0.65 -8.65
N ILE A 72 -1.19 0.49 -7.64
CA ILE A 72 -1.50 1.05 -6.32
C ILE A 72 -0.32 1.82 -5.72
N CYS A 73 -0.64 2.87 -4.94
CA CYS A 73 0.38 3.66 -4.27
C CYS A 73 0.10 3.68 -2.77
N LEU A 74 1.08 3.19 -2.02
CA LEU A 74 0.97 3.11 -0.57
C LEU A 74 1.80 4.21 0.10
N TRP A 75 1.14 5.16 0.79
CA TRP A 75 1.90 6.21 1.51
C TRP A 75 1.92 5.83 2.99
N LEU A 76 3.11 5.53 3.52
CA LEU A 76 3.24 5.12 4.92
C LEU A 76 3.36 6.38 5.79
N LEU A 77 2.64 6.44 6.91
CA LEU A 77 2.75 7.61 7.80
C LEU A 77 4.02 7.42 8.64
N ASP A 78 4.60 8.51 9.13
CA ASP A 78 5.84 8.40 9.92
C ASP A 78 5.60 7.55 11.18
N THR A 79 4.33 7.38 11.53
CA THR A 79 3.97 6.59 12.70
C THR A 79 3.66 5.13 12.32
N TYR A 80 3.70 4.83 11.02
CA TYR A 80 3.43 3.49 10.53
C TYR A 80 4.43 2.53 11.20
N PRO A 81 4.07 1.30 11.54
CA PRO A 81 2.70 0.66 11.31
C PRO A 81 1.70 0.79 12.47
N TYR A 82 2.01 1.57 13.49
CA TYR A 82 1.04 1.71 14.59
C TYR A 82 -0.11 2.62 14.20
N ASN A 83 0.05 3.32 13.08
CA ASN A 83 -0.99 4.22 12.57
C ASN A 83 -1.56 3.67 11.25
N PRO A 84 -2.86 3.49 11.07
CA PRO A 84 -3.39 2.96 9.77
C PRO A 84 -2.84 3.71 8.55
N PRO A 85 -2.37 3.01 7.52
CA PRO A 85 -1.81 3.65 6.29
C PRO A 85 -2.91 3.99 5.27
N ILE A 86 -2.79 5.12 4.53
CA ILE A 86 -3.82 5.46 3.54
C ILE A 86 -3.34 5.01 2.17
N CYS A 87 -4.24 4.33 1.45
CA CYS A 87 -3.93 3.82 0.12
C CYS A 87 -4.79 4.47 -0.94
N PHE A 88 -4.20 4.71 -2.11
CA PHE A 88 -4.95 5.33 -3.22
C PHE A 88 -4.83 4.50 -4.51
N VAL A 89 -5.97 4.21 -5.14
CA VAL A 89 -5.99 3.43 -6.38
C VAL A 89 -5.89 4.38 -7.57
N LYS A 90 -4.87 4.20 -8.41
CA LYS A 90 -4.67 5.07 -9.58
C LYS A 90 -5.85 4.91 -10.56
N PRO A 91 -6.76 5.87 -10.69
CA PRO A 91 -7.92 5.72 -11.63
C PRO A 91 -7.56 6.12 -13.06
N THR A 92 -8.33 5.58 -14.01
CA THR A 92 -8.10 5.87 -15.43
C THR A 92 -9.44 6.13 -16.13
N SER A 93 -9.36 6.57 -17.39
CA SER A 93 -10.57 6.88 -18.16
C SER A 93 -11.51 5.66 -18.32
N SER A 94 -10.99 4.46 -18.55
CA SER A 94 -11.86 3.29 -18.71
C SER A 94 -11.98 2.51 -17.40
N MET A 95 -11.69 3.18 -16.29
CA MET A 95 -11.79 2.57 -14.97
C MET A 95 -12.43 3.57 -14.00
N THR A 96 -13.28 3.09 -13.10
CA THR A 96 -13.92 4.00 -12.15
C THR A 96 -13.94 3.38 -10.76
N ILE A 97 -14.16 4.21 -9.74
CA ILE A 97 -14.22 3.71 -8.39
C ILE A 97 -15.69 3.50 -7.98
N LYS A 98 -16.18 2.26 -7.95
CA LYS A 98 -17.56 2.02 -7.54
C LYS A 98 -17.58 1.79 -6.05
N THR A 99 -18.12 2.75 -5.32
CA THR A 99 -18.16 2.67 -3.87
C THR A 99 -18.92 1.45 -3.43
N GLY A 100 -18.50 0.88 -2.32
CA GLY A 100 -19.15 -0.31 -1.80
C GLY A 100 -18.95 -0.46 -0.29
N LYS A 101 -18.83 -1.70 0.17
CA LYS A 101 -18.68 -1.97 1.60
C LYS A 101 -17.39 -1.39 2.20
N HIS A 102 -16.30 -1.23 1.41
CA HIS A 102 -15.07 -0.68 1.99
C HIS A 102 -14.45 0.45 1.12
N VAL A 103 -14.85 0.60 -0.15
CA VAL A 103 -14.26 1.67 -0.97
C VAL A 103 -15.07 2.94 -0.89
N ASP A 104 -14.39 4.04 -0.60
CA ASP A 104 -15.03 5.35 -0.54
C ASP A 104 -14.99 5.98 -1.92
N ALA A 105 -15.32 7.26 -2.01
CA ALA A 105 -15.30 7.95 -3.29
C ALA A 105 -13.91 8.51 -3.60
N ASN A 106 -13.09 8.74 -2.57
CA ASN A 106 -11.75 9.28 -2.79
C ASN A 106 -10.77 8.17 -3.16
N GLY A 107 -11.24 6.91 -3.09
CA GLY A 107 -10.37 5.79 -3.43
C GLY A 107 -9.70 5.18 -2.21
N LYS A 108 -9.97 5.73 -1.03
CA LYS A 108 -9.38 5.18 0.17
C LYS A 108 -9.90 3.75 0.39
N ILE A 109 -9.03 2.87 0.88
CA ILE A 109 -9.39 1.44 1.06
C ILE A 109 -9.51 1.02 2.53
N TYR A 110 -10.69 0.51 2.90
CA TYR A 110 -10.92 0.01 4.25
C TYR A 110 -10.79 -1.50 4.26
N LEU A 111 -10.18 -2.05 5.30
CA LEU A 111 -10.01 -3.48 5.35
C LEU A 111 -10.26 -3.97 6.79
N PRO A 112 -11.26 -4.80 7.04
CA PRO A 112 -11.55 -5.27 8.43
C PRO A 112 -10.35 -5.91 9.14
N TYR A 113 -9.44 -6.53 8.40
CA TYR A 113 -8.29 -7.15 9.03
C TYR A 113 -7.36 -6.07 9.59
N LEU A 114 -7.34 -4.91 8.95
CA LEU A 114 -6.48 -3.80 9.36
C LEU A 114 -6.95 -3.16 10.65
N HIS A 115 -8.26 -2.99 10.78
CA HIS A 115 -8.79 -2.34 11.96
C HIS A 115 -8.68 -3.26 13.17
N GLU A 116 -8.65 -4.58 12.92
CA GLU A 116 -8.50 -5.54 14.01
C GLU A 116 -7.06 -6.05 14.06
N TRP A 117 -6.24 -5.65 13.09
CA TRP A 117 -4.87 -6.09 13.04
C TRP A 117 -4.17 -5.82 14.36
N LYS A 118 -3.68 -6.89 14.93
CA LYS A 118 -2.94 -6.83 16.17
C LYS A 118 -1.43 -6.80 15.88
N HIS A 119 -0.83 -5.63 16.05
CA HIS A 119 0.59 -5.48 15.78
C HIS A 119 1.42 -6.40 16.71
N PRO A 120 2.29 -7.26 16.20
CA PRO A 120 2.57 -7.53 14.77
C PRO A 120 2.10 -8.92 14.32
N GLN A 121 0.87 -9.03 13.83
CA GLN A 121 0.35 -10.32 13.39
C GLN A 121 0.09 -10.34 11.89
N SER A 122 -0.73 -9.41 11.40
CA SER A 122 -1.07 -9.36 9.98
C SER A 122 0.14 -8.92 9.15
N ASP A 123 0.89 -7.96 9.66
CA ASP A 123 2.09 -7.47 8.95
C ASP A 123 1.72 -6.90 7.57
N LEU A 124 2.65 -6.15 6.98
CA LEU A 124 2.40 -5.56 5.65
C LEU A 124 2.17 -6.67 4.62
N LEU A 125 2.99 -7.72 4.66
CA LEU A 125 2.81 -8.84 3.73
C LEU A 125 1.34 -9.30 3.81
N GLY A 126 0.75 -9.26 5.01
CA GLY A 126 -0.68 -9.64 5.16
C GLY A 126 -1.55 -8.70 4.35
N LEU A 127 -1.21 -7.41 4.36
CA LEU A 127 -1.99 -6.40 3.63
C LEU A 127 -2.06 -6.69 2.14
N ILE A 128 -0.95 -7.12 1.56
CA ILE A 128 -0.94 -7.33 0.11
C ILE A 128 -1.68 -8.61 -0.27
N GLN A 129 -1.37 -9.73 0.39
CA GLN A 129 -2.11 -10.96 0.07
C GLN A 129 -3.56 -10.75 0.45
N VAL A 130 -3.82 -10.05 1.56
CA VAL A 130 -5.20 -9.78 1.93
C VAL A 130 -5.82 -8.86 0.88
N MET A 131 -5.04 -7.90 0.38
CA MET A 131 -5.55 -7.00 -0.65
C MET A 131 -5.97 -7.87 -1.84
N ILE A 132 -5.12 -8.85 -2.16
CA ILE A 132 -5.40 -9.78 -3.25
C ILE A 132 -6.66 -10.61 -2.97
N VAL A 133 -6.81 -11.12 -1.75
CA VAL A 133 -7.97 -11.96 -1.43
C VAL A 133 -9.26 -11.16 -1.20
N VAL A 134 -9.13 -10.04 -0.50
CA VAL A 134 -10.28 -9.19 -0.19
C VAL A 134 -10.74 -8.37 -1.39
N PHE A 135 -9.93 -8.31 -2.44
CA PHE A 135 -10.36 -7.56 -3.66
C PHE A 135 -10.76 -8.55 -4.76
N GLY A 136 -10.32 -9.81 -4.62
CA GLY A 136 -10.68 -10.82 -5.59
C GLY A 136 -12.15 -11.20 -5.42
N ASP A 137 -12.71 -10.92 -4.24
CA ASP A 137 -14.11 -11.25 -3.97
C ASP A 137 -15.04 -10.36 -4.80
N GLU A 138 -14.65 -9.11 -5.00
CA GLU A 138 -15.44 -8.17 -5.78
C GLU A 138 -14.59 -6.96 -6.15
N PRO A 139 -13.92 -6.98 -7.29
CA PRO A 139 -13.08 -5.82 -7.71
C PRO A 139 -13.83 -4.51 -7.48
N PRO A 140 -13.42 -3.70 -6.53
CA PRO A 140 -14.12 -2.40 -6.26
C PRO A 140 -14.12 -1.53 -7.51
N VAL A 141 -13.11 -1.78 -8.35
CA VAL A 141 -12.96 -1.06 -9.61
C VAL A 141 -12.87 -2.07 -10.76
N PHE A 142 -13.38 -1.71 -11.93
CA PHE A 142 -13.33 -2.64 -13.07
C PHE A 142 -13.33 -1.85 -14.40
N SER A 143 -12.89 -2.49 -15.49
CA SER A 143 -12.82 -1.81 -16.78
C SER A 143 -14.18 -1.78 -17.44
N ARG A 144 -14.74 -0.58 -17.54
CA ARG A 144 -16.04 -0.42 -18.15
C ARG A 144 -15.91 0.38 -19.46
N PRO A 145 -16.01 -0.24 -20.62
CA PRO A 145 -15.89 0.49 -21.92
C PRO A 145 -16.72 1.77 -21.95
C1 4N1 B . 5.69 13.07 -4.30
O1 4N1 B . 6.59 13.83 -3.65
N2 4N1 B . 6.25 12.24 -5.17
C3 4N1 B . 5.38 11.50 -5.84
C4 4N1 B . 3.98 11.49 -5.73
C5 4N1 B . 3.41 12.37 -4.80
C6 4N1 B . 4.28 13.18 -4.08
N7 4N1 B . 5.68 10.55 -6.81
C8 4N1 B . 4.47 10.04 -7.21
N9 4N1 B . 3.43 10.55 -6.62
C10 4N1 B . 7.15 14.98 -4.31
N11 4N1 B . 4.43 9.13 -8.32
C12 4N1 B . 3.82 7.87 -8.28
C13 4N1 B . 3.86 7.10 -9.45
C14 4N1 B . 4.56 7.56 -10.59
O14 4N1 B . 4.58 6.68 -11.61
C15 4N1 B . 5.11 8.86 -10.62
C16 4N1 B . 5.02 9.59 -9.46
C17 4N1 B . 3.25 7.36 -6.98
C18 4N1 B . 3.18 5.76 -9.51
C19 4N1 B . 5.73 9.53 -11.83
S20 4N1 B . 1.42 7.04 -7.02
C21 4N1 B . 3.59 6.61 -12.66
H5 4N1 B . 2.34 12.43 -4.65
H6 4N1 B . 3.89 13.89 -3.36
H7 4N1 B . 6.61 10.24 -7.05
H101 4N1 B . 8.21 14.95 -4.10
H102 4N1 B . 6.72 15.91 -3.91
H103 4N1 B . 6.98 14.94 -5.39
H16 4N1 B . 5.38 10.60 -9.41
H171 4N1 B . 3.47 8.03 -6.15
H181 4N1 B . 2.72 5.59 -10.49
H182 4N1 B . 2.39 5.69 -8.76
H183 4N1 B . 3.90 4.95 -9.33
H191 4N1 B . 6.06 8.76 -12.54
H192 4N1 B . 6.61 10.11 -11.55
H193 4N1 B . 5.04 10.18 -12.35
H211 4N1 B . 2.65 6.88 -12.18
H212 4N1 B . 3.52 5.59 -13.05
H213 4N1 B . 3.80 7.32 -13.46
H172 4N1 B . 3.71 6.40 -6.74
N ALA A 2 18.61 0.20 -7.28
CA ALA A 2 17.66 -0.39 -6.29
C ALA A 2 18.11 -0.02 -4.89
N VAL A 3 17.13 0.27 -4.03
CA VAL A 3 17.40 0.63 -2.67
C VAL A 3 18.18 -0.46 -1.96
N SER A 4 19.11 -0.04 -1.14
CA SER A 4 19.91 -0.98 -0.35
C SER A 4 19.34 -1.00 1.04
N GLU A 5 19.59 -2.05 1.79
CA GLU A 5 19.08 -2.11 3.14
C GLU A 5 19.67 -0.99 3.98
N SER A 6 20.96 -0.74 3.84
CA SER A 6 21.59 0.33 4.63
C SER A 6 20.91 1.66 4.31
N GLN A 7 20.77 1.92 3.03
CA GLN A 7 20.12 3.12 2.57
C GLN A 7 18.68 3.15 3.02
N LEU A 8 18.06 1.97 3.13
CA LEU A 8 16.68 1.91 3.55
C LEU A 8 16.58 2.58 4.91
N LYS A 9 17.56 2.33 5.77
CA LYS A 9 17.55 2.97 7.09
C LYS A 9 17.61 4.46 6.92
N LYS A 10 18.44 4.93 6.00
CA LYS A 10 18.54 6.36 5.76
C LYS A 10 17.19 6.91 5.29
N MET A 11 16.52 6.11 4.48
CA MET A 11 15.24 6.49 3.90
C MET A 11 14.12 6.53 4.96
N VAL A 12 14.14 5.58 5.91
CA VAL A 12 13.11 5.53 6.96
C VAL A 12 13.68 5.86 8.35
N SER A 13 14.88 6.43 8.39
CA SER A 13 15.50 6.80 9.65
C SER A 13 14.69 7.88 10.34
N LYS A 14 13.97 8.63 9.54
CA LYS A 14 13.15 9.73 10.04
C LYS A 14 11.94 9.19 10.81
N TYR A 15 11.66 7.90 10.68
CA TYR A 15 10.53 7.29 11.36
C TYR A 15 10.93 6.94 12.80
N LYS A 16 9.94 6.77 13.67
CA LYS A 16 10.25 6.41 15.06
C LYS A 16 10.50 4.90 15.20
N TYR A 17 9.90 4.09 14.31
CA TYR A 17 10.12 2.62 14.34
C TYR A 17 10.86 2.17 13.08
N ARG A 18 12.06 2.72 12.84
CA ARG A 18 12.82 2.39 11.63
C ARG A 18 13.28 0.92 11.53
N ASP A 19 13.44 0.23 12.65
CA ASP A 19 13.94 -1.13 12.59
C ASP A 19 12.86 -2.12 12.20
N LEU A 20 11.74 -2.05 12.88
CA LEU A 20 10.68 -2.97 12.59
C LEU A 20 10.15 -2.72 11.18
N THR A 21 10.03 -1.44 10.81
CA THR A 21 9.56 -1.10 9.47
C THR A 21 10.49 -1.63 8.39
N VAL A 22 11.80 -1.43 8.57
CA VAL A 22 12.77 -1.93 7.60
C VAL A 22 12.68 -3.43 7.51
N ARG A 23 12.62 -4.07 8.65
CA ARG A 23 12.53 -5.50 8.68
C ARG A 23 11.27 -5.96 7.95
N GLU A 24 10.19 -5.23 8.16
CA GLU A 24 8.91 -5.53 7.54
C GLU A 24 8.95 -5.29 6.03
N THR A 25 9.64 -4.24 5.60
CA THR A 25 9.73 -3.99 4.16
C THR A 25 10.53 -5.06 3.46
N VAL A 26 11.53 -5.60 4.14
CA VAL A 26 12.34 -6.62 3.49
C VAL A 26 11.45 -7.78 3.13
N ASN A 27 10.60 -8.16 4.07
CA ASN A 27 9.69 -9.26 3.80
C ASN A 27 8.78 -8.91 2.63
N VAL A 28 8.38 -7.64 2.54
CA VAL A 28 7.48 -7.19 1.49
C VAL A 28 8.13 -7.14 0.11
N ILE A 29 9.34 -6.62 0.01
CA ILE A 29 9.97 -6.53 -1.31
C ILE A 29 10.74 -7.81 -1.66
N THR A 30 11.12 -8.59 -0.66
CA THR A 30 11.82 -9.85 -0.90
C THR A 30 10.87 -10.90 -1.46
N LEU A 31 9.67 -10.98 -0.88
CA LEU A 31 8.66 -11.94 -1.31
C LEU A 31 7.80 -11.36 -2.44
N TYR A 32 7.46 -10.07 -2.34
CA TYR A 32 6.66 -9.41 -3.37
C TYR A 32 7.53 -8.38 -4.09
N LYS A 33 8.53 -8.86 -4.81
CA LYS A 33 9.44 -7.99 -5.53
C LYS A 33 8.67 -7.07 -6.49
N ASP A 34 7.44 -7.43 -6.79
CA ASP A 34 6.63 -6.61 -7.71
C ASP A 34 6.37 -5.24 -7.09
N LEU A 35 6.49 -5.16 -5.76
CA LEU A 35 6.30 -3.91 -5.05
C LEU A 35 7.67 -3.21 -4.98
N LYS A 36 7.87 -2.05 -5.64
CA LYS A 36 9.19 -1.40 -5.61
C LYS A 36 9.18 -0.10 -4.77
N PRO A 37 10.04 0.06 -3.76
CA PRO A 37 10.05 1.31 -2.95
C PRO A 37 10.75 2.48 -3.65
N VAL A 38 10.13 3.67 -3.58
CA VAL A 38 10.71 4.87 -4.18
C VAL A 38 10.81 5.98 -3.14
N LEU A 39 11.95 6.65 -3.09
CA LEU A 39 12.14 7.74 -2.14
C LEU A 39 11.55 9.01 -2.75
N ASP A 40 10.56 9.59 -2.09
CA ASP A 40 9.91 10.79 -2.62
C ASP A 40 9.87 11.94 -1.62
N SER A 41 10.26 13.13 -2.07
CA SER A 41 10.20 14.31 -1.21
C SER A 41 8.74 14.53 -0.85
N TYR A 42 8.46 14.90 0.39
CA TYR A 42 7.06 15.07 0.79
C TYR A 42 6.84 16.37 1.55
N VAL A 43 5.70 17.02 1.28
CA VAL A 43 5.36 18.29 1.94
C VAL A 43 4.15 18.10 2.86
N PHE A 44 4.31 18.46 4.13
CA PHE A 44 3.21 18.36 5.09
C PHE A 44 2.40 19.66 5.09
N ASN A 45 1.16 19.61 5.60
CA ASN A 45 0.34 20.80 5.62
C ASN A 45 0.99 21.90 6.47
N ASP A 46 1.86 21.50 7.39
CA ASP A 46 2.55 22.46 8.25
C ASP A 46 3.66 23.18 7.48
N GLY A 47 3.99 22.68 6.29
CA GLY A 47 5.04 23.28 5.49
C GLY A 47 6.35 22.53 5.66
N SER A 48 6.44 21.70 6.71
CA SER A 48 7.64 20.93 6.95
C SER A 48 7.83 19.90 5.85
N SER A 49 9.08 19.70 5.45
CA SER A 49 9.38 18.74 4.39
C SER A 49 10.19 17.58 4.94
N ARG A 50 9.85 16.38 4.49
CA ARG A 50 10.52 15.16 4.93
C ARG A 50 10.49 14.10 3.84
N GLU A 51 11.60 13.39 3.69
CA GLU A 51 11.67 12.34 2.70
C GLU A 51 10.84 11.15 3.18
N LEU A 52 9.80 10.83 2.41
CA LEU A 52 8.91 9.73 2.77
C LEU A 52 9.01 8.65 1.71
N MET A 53 9.37 7.43 2.12
CA MET A 53 9.52 6.31 1.18
C MET A 53 8.16 5.66 0.92
N ASN A 54 7.85 5.33 -0.34
CA ASN A 54 6.57 4.73 -0.64
C ASN A 54 6.72 3.51 -1.55
N LEU A 55 5.76 2.60 -1.48
CA LEU A 55 5.81 1.39 -2.31
C LEU A 55 4.84 1.58 -3.49
N THR A 56 5.37 1.48 -4.72
CA THR A 56 4.54 1.69 -5.90
C THR A 56 4.77 0.64 -6.99
N GLY A 57 3.67 0.17 -7.60
CA GLY A 57 3.75 -0.84 -8.67
C GLY A 57 2.39 -1.41 -9.02
N THR A 58 2.38 -2.68 -9.40
CA THR A 58 1.13 -3.35 -9.79
C THR A 58 0.95 -4.72 -9.14
N ILE A 59 -0.31 -5.16 -9.08
CA ILE A 59 -0.62 -6.48 -8.53
C ILE A 59 -1.56 -7.23 -9.51
N PRO A 60 -1.15 -8.35 -10.08
CA PRO A 60 -2.05 -9.11 -11.01
C PRO A 60 -3.18 -9.77 -10.22
N VAL A 61 -4.44 -9.56 -10.63
CA VAL A 61 -5.56 -10.13 -9.88
C VAL A 61 -6.51 -10.93 -10.77
N PRO A 62 -6.68 -12.23 -10.52
CA PRO A 62 -7.64 -13.07 -11.31
C PRO A 62 -9.06 -12.58 -11.08
N TYR A 63 -9.91 -12.66 -12.10
CA TYR A 63 -11.27 -12.16 -11.95
C TYR A 63 -12.23 -12.72 -13.01
N ARG A 64 -13.11 -13.64 -12.59
CA ARG A 64 -14.11 -14.22 -13.51
C ARG A 64 -13.48 -14.73 -14.81
N GLY A 65 -12.27 -15.29 -14.74
CA GLY A 65 -11.60 -15.81 -15.94
C GLY A 65 -10.83 -14.70 -16.66
N ASN A 66 -10.99 -13.48 -16.19
CA ASN A 66 -10.29 -12.32 -16.77
C ASN A 66 -9.39 -11.73 -15.70
N THR A 67 -8.25 -11.20 -16.10
CA THR A 67 -7.29 -10.66 -15.13
C THR A 67 -6.95 -9.19 -15.43
N TYR A 68 -6.96 -8.36 -14.39
CA TYR A 68 -6.63 -6.94 -14.54
C TYR A 68 -5.37 -6.57 -13.77
N ASN A 69 -4.64 -5.58 -14.28
CA ASN A 69 -3.42 -5.10 -13.63
C ASN A 69 -3.78 -3.83 -12.85
N ILE A 70 -3.85 -3.96 -11.52
CA ILE A 70 -4.25 -2.81 -10.70
C ILE A 70 -3.04 -2.01 -10.17
N PRO A 71 -2.93 -0.72 -10.49
CA PRO A 71 -1.82 0.16 -9.99
C PRO A 71 -2.15 0.70 -8.59
N ILE A 72 -1.28 0.46 -7.59
CA ILE A 72 -1.57 0.98 -6.24
C ILE A 72 -0.39 1.77 -5.65
N CYS A 73 -0.72 2.80 -4.86
CA CYS A 73 0.31 3.60 -4.21
C CYS A 73 0.11 3.55 -2.70
N LEU A 74 1.16 3.11 -2.03
CA LEU A 74 1.13 2.97 -0.59
C LEU A 74 2.00 4.05 0.06
N TRP A 75 1.39 4.99 0.78
CA TRP A 75 2.19 6.02 1.47
C TRP A 75 2.17 5.73 2.97
N LEU A 76 3.37 5.57 3.57
CA LEU A 76 3.47 5.23 5.00
C LEU A 76 3.57 6.49 5.86
N LEU A 77 2.77 6.60 6.92
CA LEU A 77 2.87 7.79 7.79
C LEU A 77 4.17 7.68 8.59
N ASP A 78 4.73 8.83 8.99
CA ASP A 78 5.99 8.84 9.74
C ASP A 78 5.87 8.07 11.06
N THR A 79 4.64 7.75 11.48
CA THR A 79 4.45 7.03 12.73
C THR A 79 4.13 5.55 12.50
N TYR A 80 4.05 5.13 11.24
CA TYR A 80 3.80 3.72 10.89
C TYR A 80 4.74 2.85 11.74
N PRO A 81 4.36 1.65 12.18
CA PRO A 81 3.05 0.96 11.90
C PRO A 81 1.94 1.11 12.95
N TYR A 82 2.01 2.10 13.83
CA TYR A 82 0.95 2.25 14.83
C TYR A 82 -0.27 2.95 14.22
N ASN A 83 -0.18 3.31 12.95
CA ASN A 83 -1.29 4.00 12.26
C ASN A 83 -1.65 3.24 10.96
N PRO A 84 -2.90 2.83 10.71
CA PRO A 84 -3.21 2.17 9.42
C PRO A 84 -2.69 3.02 8.25
N PRO A 85 -2.08 2.43 7.25
CA PRO A 85 -1.50 3.19 6.12
C PRO A 85 -2.58 3.64 5.12
N ILE A 86 -2.43 4.84 4.52
CA ILE A 86 -3.41 5.31 3.58
C ILE A 86 -3.06 4.82 2.18
N CYS A 87 -4.05 4.24 1.52
CA CYS A 87 -3.83 3.67 0.18
C CYS A 87 -4.73 4.35 -0.86
N PHE A 88 -4.15 4.64 -2.01
CA PHE A 88 -4.91 5.28 -3.12
C PHE A 88 -4.84 4.43 -4.39
N VAL A 89 -6.01 4.15 -4.99
CA VAL A 89 -6.05 3.38 -6.24
C VAL A 89 -6.04 4.34 -7.41
N LYS A 90 -5.03 4.21 -8.27
CA LYS A 90 -4.89 5.11 -9.44
C LYS A 90 -6.08 4.94 -10.40
N PRO A 91 -7.02 5.89 -10.49
CA PRO A 91 -8.19 5.75 -11.42
C PRO A 91 -7.86 6.21 -12.84
N THR A 92 -8.64 5.74 -13.83
CA THR A 92 -8.40 6.11 -15.23
C THR A 92 -9.73 6.37 -15.94
N SER A 93 -9.64 6.82 -17.18
CA SER A 93 -10.86 7.12 -17.97
C SER A 93 -11.77 5.87 -18.14
N SER A 94 -11.21 4.68 -18.38
CA SER A 94 -12.05 3.49 -18.54
C SER A 94 -12.08 2.65 -17.26
N MET A 95 -11.58 3.21 -16.16
CA MET A 95 -11.57 2.54 -14.88
C MET A 95 -12.15 3.49 -13.84
N THR A 96 -13.25 3.09 -13.21
CA THR A 96 -13.88 3.98 -12.21
C THR A 96 -13.89 3.33 -10.83
N ILE A 97 -14.11 4.14 -9.80
CA ILE A 97 -14.17 3.63 -8.44
C ILE A 97 -15.64 3.44 -8.04
N LYS A 98 -16.10 2.20 -7.95
CA LYS A 98 -17.48 1.96 -7.53
C LYS A 98 -17.51 1.81 -6.03
N THR A 99 -18.00 2.84 -5.33
CA THR A 99 -18.06 2.79 -3.88
C THR A 99 -18.96 1.65 -3.44
N GLY A 100 -18.57 0.98 -2.36
CA GLY A 100 -19.34 -0.15 -1.87
C GLY A 100 -19.14 -0.38 -0.37
N LYS A 101 -19.03 -1.65 0.01
CA LYS A 101 -18.88 -2.00 1.43
C LYS A 101 -17.55 -1.53 2.02
N HIS A 102 -16.50 -1.36 1.20
CA HIS A 102 -15.21 -0.94 1.78
C HIS A 102 -14.54 0.21 1.00
N VAL A 103 -14.88 0.44 -0.27
CA VAL A 103 -14.24 1.54 -1.00
C VAL A 103 -15.06 2.81 -0.89
N ASP A 104 -14.36 3.91 -0.61
CA ASP A 104 -15.01 5.20 -0.50
C ASP A 104 -14.84 5.96 -1.82
N ALA A 105 -15.16 7.25 -1.84
CA ALA A 105 -15.05 8.02 -3.08
C ALA A 105 -13.64 8.53 -3.36
N ASN A 106 -12.84 8.80 -2.32
CA ASN A 106 -11.50 9.30 -2.55
C ASN A 106 -10.52 8.15 -2.82
N GLY A 107 -11.03 6.92 -2.87
CA GLY A 107 -10.16 5.77 -3.14
C GLY A 107 -9.71 5.07 -1.86
N LYS A 108 -10.26 5.49 -0.73
CA LYS A 108 -9.88 4.85 0.54
C LYS A 108 -10.23 3.36 0.49
N ILE A 109 -9.32 2.53 1.00
CA ILE A 109 -9.55 1.09 1.03
C ILE A 109 -9.65 0.58 2.46
N TYR A 110 -10.84 0.13 2.85
CA TYR A 110 -11.05 -0.41 4.19
C TYR A 110 -11.01 -1.93 4.13
N LEU A 111 -10.40 -2.58 5.13
CA LEU A 111 -10.32 -4.03 5.10
C LEU A 111 -10.60 -4.59 6.51
N PRO A 112 -11.59 -5.45 6.68
CA PRO A 112 -11.91 -6.03 8.03
C PRO A 112 -10.68 -6.55 8.78
N TYR A 113 -9.74 -7.17 8.08
CA TYR A 113 -8.55 -7.68 8.74
C TYR A 113 -7.78 -6.53 9.38
N LEU A 114 -7.86 -5.34 8.75
CA LEU A 114 -7.15 -4.15 9.24
C LEU A 114 -7.74 -3.71 10.57
N HIS A 115 -9.07 -3.73 10.66
CA HIS A 115 -9.73 -3.31 11.88
C HIS A 115 -9.34 -4.23 13.04
N GLU A 116 -9.18 -5.51 12.75
CA GLU A 116 -8.80 -6.48 13.78
C GLU A 116 -7.30 -6.72 13.80
N TRP A 117 -6.56 -6.05 12.92
CA TRP A 117 -5.13 -6.23 12.87
C TRP A 117 -4.51 -5.77 14.18
N LYS A 118 -3.75 -6.67 14.76
CA LYS A 118 -3.06 -6.41 16.00
C LYS A 118 -1.56 -6.31 15.72
N HIS A 119 -1.03 -5.11 15.76
CA HIS A 119 0.39 -4.92 15.48
C HIS A 119 1.25 -5.71 16.49
N PRO A 120 2.14 -6.60 16.05
CA PRO A 120 2.41 -7.01 14.64
C PRO A 120 1.92 -8.43 14.32
N GLN A 121 0.69 -8.57 13.83
CA GLN A 121 0.16 -9.89 13.53
C GLN A 121 -0.07 -10.06 12.02
N SER A 122 -0.96 -9.26 11.46
CA SER A 122 -1.26 -9.36 10.02
C SER A 122 -0.04 -8.94 9.19
N ASP A 123 0.63 -7.88 9.61
CA ASP A 123 1.83 -7.40 8.88
C ASP A 123 1.47 -6.82 7.51
N LEU A 124 2.43 -6.11 6.91
CA LEU A 124 2.23 -5.51 5.59
C LEU A 124 2.03 -6.61 4.55
N LEU A 125 2.85 -7.66 4.62
CA LEU A 125 2.72 -8.78 3.68
C LEU A 125 1.26 -9.26 3.72
N GLY A 126 0.67 -9.28 4.92
CA GLY A 126 -0.74 -9.69 5.06
C GLY A 126 -1.64 -8.75 4.25
N LEU A 127 -1.35 -7.45 4.28
CA LEU A 127 -2.16 -6.46 3.55
C LEU A 127 -2.18 -6.74 2.06
N ILE A 128 -1.03 -7.11 1.50
CA ILE A 128 -0.96 -7.32 0.04
C ILE A 128 -1.66 -8.60 -0.39
N GLN A 129 -1.41 -9.72 0.30
CA GLN A 129 -2.10 -10.96 -0.07
C GLN A 129 -3.57 -10.80 0.27
N VAL A 130 -3.87 -10.09 1.37
CA VAL A 130 -5.26 -9.87 1.68
C VAL A 130 -5.83 -8.97 0.61
N MET A 131 -5.04 -8.01 0.14
CA MET A 131 -5.51 -7.11 -0.92
C MET A 131 -5.88 -7.98 -2.14
N ILE A 132 -5.03 -8.94 -2.45
CA ILE A 132 -5.23 -9.85 -3.56
C ILE A 132 -6.48 -10.72 -3.35
N VAL A 133 -6.79 -11.06 -2.11
CA VAL A 133 -7.95 -11.92 -1.84
C VAL A 133 -9.24 -11.11 -1.63
N VAL A 134 -9.14 -10.07 -0.81
CA VAL A 134 -10.28 -9.22 -0.48
C VAL A 134 -10.74 -8.39 -1.67
N PHE A 135 -9.92 -8.30 -2.72
CA PHE A 135 -10.34 -7.53 -3.92
C PHE A 135 -10.76 -8.51 -5.02
N GLY A 136 -10.37 -9.78 -4.88
CA GLY A 136 -10.74 -10.80 -5.85
C GLY A 136 -12.19 -11.22 -5.61
N ASP A 137 -12.62 -11.15 -4.35
CA ASP A 137 -14.00 -11.53 -4.00
C ASP A 137 -15.00 -10.57 -4.64
N GLU A 138 -14.65 -9.29 -4.68
CA GLU A 138 -15.52 -8.30 -5.29
C GLU A 138 -14.70 -7.11 -5.74
N PRO A 139 -14.10 -7.20 -6.91
CA PRO A 139 -13.26 -6.09 -7.46
C PRO A 139 -13.95 -4.73 -7.26
N PRO A 140 -13.43 -3.86 -6.43
CA PRO A 140 -14.05 -2.53 -6.20
C PRO A 140 -13.97 -1.64 -7.43
N VAL A 141 -13.01 -1.96 -8.31
CA VAL A 141 -12.83 -1.20 -9.55
C VAL A 141 -12.80 -2.14 -10.74
N PHE A 142 -13.42 -1.74 -11.84
CA PHE A 142 -13.45 -2.60 -13.04
C PHE A 142 -13.64 -1.73 -14.31
N SER A 143 -13.31 -2.29 -15.47
CA SER A 143 -13.46 -1.57 -16.73
C SER A 143 -14.81 -1.86 -17.36
N ARG A 144 -15.59 -0.81 -17.58
CA ARG A 144 -16.89 -0.97 -18.18
C ARG A 144 -16.92 -0.37 -19.59
N PRO A 145 -17.35 -1.12 -20.60
CA PRO A 145 -17.41 -0.60 -22.01
C PRO A 145 -18.39 0.56 -22.15
C1 4N1 B . 4.93 13.11 -4.07
O1 4N1 B . 5.78 13.89 -3.39
N2 4N1 B . 5.54 12.40 -5.02
C3 4N1 B . 4.73 11.63 -5.72
C4 4N1 B . 3.34 11.47 -5.59
C5 4N1 B . 2.71 12.23 -4.58
C6 4N1 B . 3.53 13.06 -3.82
N7 4N1 B . 5.09 10.78 -6.77
C8 4N1 B . 3.91 10.18 -7.17
N9 4N1 B . 2.85 10.56 -6.52
C10 4N1 B . 6.40 15.00 -4.05
N11 4N1 B . 3.89 9.30 -8.31
C12 4N1 B . 3.36 8.02 -8.27
C13 4N1 B . 3.33 7.28 -9.45
C14 4N1 B . 3.90 7.80 -10.64
O14 4N1 B . 3.83 6.97 -11.69
C15 4N1 B . 4.41 9.13 -10.67
C16 4N1 B . 4.37 9.82 -9.49
C17 4N1 B . 2.91 7.45 -6.94
C18 4N1 B . 2.72 5.90 -9.47
C19 4N1 B . 4.93 9.84 -11.89
S20 4N1 B . 1.09 7.11 -6.83
C21 4N1 B . 2.69 6.86 -12.57
H5 4N1 B . 1.64 12.18 -4.41
H6 4N1 B . 3.09 13.68 -3.05
H7 4N1 B . 6.03 10.57 -7.06
H101 4N1 B . 5.57 15.59 -4.46
H102 4N1 B . 7.05 14.67 -4.86
H103 4N1 B . 6.96 15.62 -3.33
H16 4N1 B . 4.70 10.84 -9.42
H171 4N1 B . 3.21 8.09 -6.11
H181 4N1 B . 3.05 5.31 -8.62
H182 4N1 B . 3.01 5.37 -10.38
H183 4N1 B . 1.63 5.95 -9.45
H191 4N1 B . 5.13 9.10 -12.68
H192 4N1 B . 5.87 10.34 -11.67
H193 4N1 B . 4.23 10.56 -12.29
H211 4N1 B . 3.09 7.04 -13.56
H212 4N1 B . 1.94 7.63 -12.34
H213 4N1 B . 2.25 5.86 -12.51
H172 4N1 B . 3.39 6.48 -6.79
N ALA A 2 16.33 1.60 -7.86
CA ALA A 2 16.48 0.46 -6.91
C ALA A 2 16.90 0.98 -5.54
N VAL A 3 16.29 0.42 -4.51
CA VAL A 3 16.60 0.82 -3.14
C VAL A 3 17.46 -0.23 -2.47
N SER A 4 18.53 0.23 -1.84
CA SER A 4 19.41 -0.67 -1.13
C SER A 4 18.96 -0.71 0.31
N GLU A 5 19.37 -1.73 1.04
CA GLU A 5 18.95 -1.81 2.43
C GLU A 5 19.56 -0.67 3.23
N SER A 6 20.83 -0.37 3.02
CA SER A 6 21.46 0.72 3.77
C SER A 6 20.70 2.01 3.50
N GLN A 7 20.48 2.25 2.22
CA GLN A 7 19.75 3.42 1.79
C GLN A 7 18.33 3.35 2.31
N LEU A 8 17.81 2.14 2.50
CA LEU A 8 16.46 2.02 3.00
C LEU A 8 16.38 2.69 4.37
N LYS A 9 17.39 2.48 5.20
CA LYS A 9 17.40 3.10 6.53
C LYS A 9 17.36 4.61 6.39
N LYS A 10 18.10 5.10 5.41
CA LYS A 10 18.17 6.53 5.18
C LYS A 10 16.79 7.12 4.84
N MET A 11 15.97 6.34 4.15
CA MET A 11 14.63 6.82 3.75
C MET A 11 13.57 6.63 4.84
N VAL A 12 13.87 5.82 5.87
CA VAL A 12 12.90 5.61 6.95
C VAL A 12 13.53 5.87 8.32
N SER A 13 14.67 6.55 8.32
CA SER A 13 15.40 6.87 9.55
C SER A 13 14.54 7.73 10.47
N LYS A 14 13.79 8.64 9.88
CA LYS A 14 12.96 9.56 10.65
C LYS A 14 11.88 8.83 11.45
N TYR A 15 11.59 7.60 11.07
CA TYR A 15 10.56 6.81 11.77
C TYR A 15 11.03 6.36 13.14
N LYS A 16 10.08 6.15 14.04
CA LYS A 16 10.41 5.68 15.38
C LYS A 16 10.68 4.17 15.36
N TYR A 17 10.04 3.45 14.42
CA TYR A 17 10.24 1.98 14.31
C TYR A 17 10.97 1.63 12.99
N ARG A 18 12.15 2.22 12.74
CA ARG A 18 12.86 1.95 11.49
C ARG A 18 13.30 0.48 11.34
N ASP A 19 13.51 -0.22 12.46
CA ASP A 19 13.96 -1.60 12.42
C ASP A 19 12.88 -2.55 11.94
N LEU A 20 11.70 -2.48 12.56
CA LEU A 20 10.64 -3.37 12.17
C LEU A 20 10.15 -3.04 10.77
N THR A 21 10.05 -1.75 10.46
CA THR A 21 9.60 -1.33 9.13
C THR A 21 10.56 -1.83 8.05
N VAL A 22 11.86 -1.66 8.27
CA VAL A 22 12.86 -2.10 7.30
C VAL A 22 12.84 -3.60 7.16
N ARG A 23 12.82 -4.30 8.28
CA ARG A 23 12.81 -5.75 8.23
C ARG A 23 11.54 -6.24 7.55
N GLU A 24 10.44 -5.61 7.90
CA GLU A 24 9.15 -5.98 7.37
C GLU A 24 9.08 -5.67 5.88
N THR A 25 9.68 -4.56 5.45
CA THR A 25 9.67 -4.24 4.03
C THR A 25 10.42 -5.29 3.24
N VAL A 26 11.46 -5.84 3.85
CA VAL A 26 12.25 -6.84 3.15
C VAL A 26 11.36 -8.00 2.79
N ASN A 27 10.55 -8.42 3.73
CA ASN A 27 9.64 -9.51 3.47
C ASN A 27 8.70 -9.15 2.34
N VAL A 28 8.28 -7.88 2.31
CA VAL A 28 7.35 -7.42 1.29
C VAL A 28 7.97 -7.35 -0.09
N ILE A 29 9.17 -6.82 -0.21
CA ILE A 29 9.76 -6.70 -1.55
C ILE A 29 10.50 -7.99 -1.94
N THR A 30 10.84 -8.81 -0.96
CA THR A 30 11.50 -10.09 -1.24
C THR A 30 10.49 -11.08 -1.83
N LEU A 31 9.31 -11.15 -1.21
CA LEU A 31 8.25 -12.05 -1.64
C LEU A 31 7.38 -11.41 -2.72
N TYR A 32 7.12 -10.11 -2.59
CA TYR A 32 6.32 -9.40 -3.56
C TYR A 32 7.17 -8.36 -4.29
N LYS A 33 8.13 -8.82 -5.09
CA LYS A 33 9.01 -7.92 -5.84
C LYS A 33 8.20 -6.97 -6.72
N ASP A 34 6.93 -7.30 -6.96
CA ASP A 34 6.09 -6.44 -7.78
C ASP A 34 5.85 -5.09 -7.08
N LEU A 35 6.05 -5.09 -5.75
CA LEU A 35 5.90 -3.87 -4.95
C LEU A 35 7.32 -3.26 -4.78
N LYS A 36 7.59 -2.06 -5.36
CA LYS A 36 8.93 -1.49 -5.23
C LYS A 36 8.92 -0.18 -4.40
N PRO A 37 9.87 0.04 -3.49
CA PRO A 37 9.90 1.30 -2.67
C PRO A 37 10.52 2.49 -3.43
N VAL A 38 9.88 3.66 -3.30
CA VAL A 38 10.37 4.89 -3.93
C VAL A 38 10.45 6.01 -2.91
N LEU A 39 11.53 6.78 -2.96
CA LEU A 39 11.71 7.87 -2.01
C LEU A 39 11.07 9.16 -2.54
N ASP A 40 10.01 9.64 -1.88
CA ASP A 40 9.32 10.85 -2.32
C ASP A 40 9.34 11.96 -1.26
N SER A 41 9.53 13.20 -1.72
CA SER A 41 9.53 14.38 -0.85
C SER A 41 8.11 14.66 -0.36
N TYR A 42 7.93 15.05 0.91
CA TYR A 42 6.58 15.34 1.43
C TYR A 42 6.52 16.77 1.98
N VAL A 43 5.44 17.47 1.66
CA VAL A 43 5.25 18.87 2.10
C VAL A 43 4.02 18.99 3.00
N PHE A 44 4.21 19.53 4.20
CA PHE A 44 3.09 19.71 5.14
C PHE A 44 2.59 21.16 5.05
N ASN A 45 1.34 21.40 5.44
CA ASN A 45 0.80 22.76 5.40
C ASN A 45 1.56 23.67 6.36
N ASP A 46 2.10 23.08 7.43
CA ASP A 46 2.85 23.85 8.42
C ASP A 46 4.09 24.49 7.79
N GLY A 47 4.50 23.98 6.63
CA GLY A 47 5.68 24.50 5.94
C GLY A 47 6.91 23.61 6.16
N SER A 48 6.78 22.63 7.05
CA SER A 48 7.85 21.70 7.32
C SER A 48 7.94 20.68 6.19
N SER A 49 9.03 19.94 6.16
CA SER A 49 9.21 18.93 5.11
C SER A 49 9.84 17.67 5.68
N ARG A 50 9.60 16.55 5.02
CA ARG A 50 10.14 15.25 5.46
C ARG A 50 10.07 14.22 4.32
N GLU A 51 11.13 13.43 4.21
CA GLU A 51 11.19 12.40 3.20
C GLU A 51 10.36 11.19 3.62
N LEU A 52 9.40 10.84 2.78
CA LEU A 52 8.51 9.72 3.07
C LEU A 52 8.63 8.67 1.96
N MET A 53 8.94 7.43 2.35
CA MET A 53 9.08 6.33 1.38
C MET A 53 7.74 5.69 1.08
N ASN A 54 7.49 5.32 -0.19
CA ASN A 54 6.23 4.70 -0.53
C ASN A 54 6.45 3.53 -1.47
N LEU A 55 5.60 2.53 -1.32
CA LEU A 55 5.69 1.34 -2.17
C LEU A 55 4.75 1.55 -3.36
N THR A 56 5.26 1.39 -4.57
CA THR A 56 4.46 1.64 -5.76
C THR A 56 4.67 0.60 -6.86
N GLY A 57 3.57 0.20 -7.50
CA GLY A 57 3.64 -0.79 -8.58
C GLY A 57 2.27 -1.35 -8.90
N THR A 58 2.25 -2.64 -9.23
CA THR A 58 0.99 -3.30 -9.59
C THR A 58 0.79 -4.65 -8.91
N ILE A 59 -0.47 -5.08 -8.87
CA ILE A 59 -0.82 -6.40 -8.30
C ILE A 59 -1.76 -7.12 -9.28
N PRO A 60 -1.37 -8.26 -9.86
CA PRO A 60 -2.28 -9.00 -10.79
C PRO A 60 -3.46 -9.61 -10.03
N VAL A 61 -4.70 -9.28 -10.41
CA VAL A 61 -5.86 -9.84 -9.71
C VAL A 61 -6.80 -10.57 -10.71
N PRO A 62 -6.85 -11.89 -10.70
CA PRO A 62 -7.72 -12.69 -11.63
C PRO A 62 -9.16 -12.83 -11.15
N TYR A 63 -10.12 -12.88 -12.09
CA TYR A 63 -11.53 -13.03 -11.73
C TYR A 63 -12.38 -13.47 -12.96
N ARG A 64 -13.01 -14.64 -12.85
CA ARG A 64 -13.86 -15.16 -13.95
C ARG A 64 -13.13 -15.17 -15.31
N GLY A 65 -11.86 -15.54 -15.32
CA GLY A 65 -11.11 -15.63 -16.57
C GLY A 65 -10.57 -14.25 -17.02
N ASN A 66 -10.87 -13.21 -16.26
CA ASN A 66 -10.39 -11.88 -16.61
C ASN A 66 -9.51 -11.34 -15.49
N THR A 67 -8.33 -10.86 -15.85
CA THR A 67 -7.39 -10.34 -14.87
C THR A 67 -7.04 -8.87 -15.14
N TYR A 68 -7.16 -8.04 -14.10
CA TYR A 68 -6.85 -6.62 -14.24
C TYR A 68 -5.55 -6.27 -13.50
N ASN A 69 -4.80 -5.34 -14.08
CA ASN A 69 -3.54 -4.89 -13.47
C ASN A 69 -3.83 -3.64 -12.64
N ILE A 70 -3.93 -3.82 -11.32
CA ILE A 70 -4.29 -2.69 -10.44
C ILE A 70 -3.05 -1.90 -9.95
N PRO A 71 -2.92 -0.62 -10.29
CA PRO A 71 -1.79 0.24 -9.81
C PRO A 71 -2.14 0.87 -8.46
N ILE A 72 -1.29 0.66 -7.43
CA ILE A 72 -1.60 1.25 -6.12
C ILE A 72 -0.39 1.92 -5.48
N CYS A 73 -0.65 2.99 -4.70
CA CYS A 73 0.40 3.68 -3.99
C CYS A 73 0.17 3.60 -2.49
N LEU A 74 1.17 3.04 -1.81
CA LEU A 74 1.12 2.86 -0.36
C LEU A 74 1.95 3.95 0.34
N TRP A 75 1.27 4.93 0.96
CA TRP A 75 1.99 5.99 1.70
C TRP A 75 2.09 5.58 3.17
N LEU A 76 3.31 5.63 3.74
CA LEU A 76 3.49 5.19 5.15
C LEU A 76 3.50 6.39 6.11
N LEU A 77 2.89 6.22 7.30
CA LEU A 77 2.88 7.30 8.28
C LEU A 77 4.20 7.28 9.02
N ASP A 78 4.72 8.43 9.40
CA ASP A 78 6.00 8.51 10.11
C ASP A 78 6.00 7.68 11.40
N THR A 79 4.83 7.19 11.82
CA THR A 79 4.73 6.41 13.04
C THR A 79 4.30 4.96 12.76
N TYR A 80 4.43 4.54 11.49
CA TYR A 80 4.07 3.17 11.11
C TYR A 80 4.90 2.20 11.96
N PRO A 81 4.38 1.05 12.40
CA PRO A 81 2.99 0.53 12.13
C PRO A 81 1.94 0.87 13.20
N TYR A 82 2.29 1.70 14.17
CA TYR A 82 1.29 2.05 15.19
C TYR A 82 0.25 3.00 14.60
N ASN A 83 0.50 3.46 13.38
CA ASN A 83 -0.41 4.36 12.68
C ASN A 83 -0.91 3.66 11.40
N PRO A 84 -2.18 3.34 11.25
CA PRO A 84 -2.66 2.63 10.01
C PRO A 84 -2.18 3.33 8.73
N PRO A 85 -1.68 2.59 7.75
CA PRO A 85 -1.19 3.19 6.48
C PRO A 85 -2.33 3.48 5.51
N ILE A 86 -2.24 4.57 4.73
CA ILE A 86 -3.31 4.89 3.79
C ILE A 86 -2.94 4.42 2.39
N CYS A 87 -3.94 4.12 1.59
CA CYS A 87 -3.71 3.63 0.23
C CYS A 87 -4.66 4.24 -0.78
N PHE A 88 -4.12 4.65 -1.92
CA PHE A 88 -4.95 5.25 -2.98
C PHE A 88 -4.90 4.41 -4.26
N VAL A 89 -6.07 4.06 -4.80
CA VAL A 89 -6.13 3.28 -6.04
C VAL A 89 -6.16 4.25 -7.21
N LYS A 90 -5.28 4.03 -8.19
CA LYS A 90 -5.17 4.93 -9.35
C LYS A 90 -6.10 4.44 -10.50
N PRO A 91 -7.29 5.01 -10.70
CA PRO A 91 -8.19 4.56 -11.80
C PRO A 91 -7.89 5.22 -13.15
N THR A 92 -8.19 4.50 -14.23
CA THR A 92 -7.98 5.02 -15.58
C THR A 92 -9.33 5.15 -16.30
N SER A 93 -9.33 5.82 -17.44
CA SER A 93 -10.58 6.03 -18.19
C SER A 93 -11.28 4.70 -18.55
N SER A 94 -10.53 3.62 -18.80
CA SER A 94 -11.17 2.34 -19.13
C SER A 94 -11.48 1.54 -17.85
N MET A 95 -11.56 2.25 -16.72
CA MET A 95 -11.85 1.64 -15.44
C MET A 95 -12.68 2.60 -14.60
N THR A 96 -13.57 2.04 -13.78
CA THR A 96 -14.44 2.86 -12.95
C THR A 96 -14.31 2.49 -11.47
N ILE A 97 -14.33 3.49 -10.60
CA ILE A 97 -14.21 3.28 -9.17
C ILE A 97 -15.59 2.99 -8.57
N LYS A 98 -15.88 1.72 -8.25
CA LYS A 98 -17.17 1.41 -7.66
C LYS A 98 -17.08 1.56 -6.16
N THR A 99 -17.59 2.68 -5.66
CA THR A 99 -17.57 2.93 -4.23
C THR A 99 -18.56 2.02 -3.50
N GLY A 100 -18.22 1.66 -2.27
CA GLY A 100 -19.08 0.79 -1.47
C GLY A 100 -18.54 0.68 -0.04
N LYS A 101 -18.57 -0.52 0.53
CA LYS A 101 -18.12 -0.71 1.91
C LYS A 101 -16.61 -1.00 2.02
N HIS A 102 -15.88 -1.13 0.89
CA HIS A 102 -14.42 -1.40 0.99
C HIS A 102 -13.58 -0.32 0.26
N VAL A 103 -14.11 0.30 -0.79
CA VAL A 103 -13.37 1.38 -1.48
C VAL A 103 -14.08 2.71 -1.26
N ASP A 104 -13.32 3.75 -0.93
CA ASP A 104 -13.91 5.07 -0.69
C ASP A 104 -13.88 5.89 -1.98
N ALA A 105 -14.69 6.93 -2.03
CA ALA A 105 -14.76 7.79 -3.21
C ALA A 105 -13.43 8.49 -3.47
N ASN A 106 -12.69 8.79 -2.40
CA ASN A 106 -11.40 9.45 -2.54
C ASN A 106 -10.34 8.46 -2.99
N GLY A 107 -10.71 7.18 -3.05
CA GLY A 107 -9.78 6.16 -3.48
C GLY A 107 -9.11 5.48 -2.28
N LYS A 108 -9.55 5.81 -1.07
CA LYS A 108 -8.96 5.20 0.11
C LYS A 108 -9.49 3.76 0.25
N ILE A 109 -8.67 2.85 0.78
CA ILE A 109 -9.11 1.46 0.93
C ILE A 109 -9.42 1.13 2.40
N TYR A 110 -10.66 0.71 2.64
CA TYR A 110 -11.11 0.34 3.99
C TYR A 110 -11.13 -1.19 4.10
N LEU A 111 -10.37 -1.78 5.04
CA LEU A 111 -10.33 -3.24 5.15
C LEU A 111 -10.64 -3.70 6.60
N PRO A 112 -11.66 -4.53 6.83
CA PRO A 112 -11.98 -4.99 8.21
C PRO A 112 -10.82 -5.71 8.93
N TYR A 113 -9.93 -6.39 8.20
CA TYR A 113 -8.83 -7.08 8.85
C TYR A 113 -7.89 -6.07 9.48
N LEU A 114 -7.80 -4.89 8.86
CA LEU A 114 -6.93 -3.83 9.36
C LEU A 114 -7.46 -3.25 10.66
N HIS A 115 -8.77 -3.07 10.74
CA HIS A 115 -9.37 -2.53 11.94
C HIS A 115 -9.23 -3.51 13.10
N GLU A 116 -9.17 -4.80 12.79
CA GLU A 116 -9.01 -5.82 13.82
C GLU A 116 -7.58 -6.37 13.85
N TRP A 117 -6.72 -5.84 12.99
CA TRP A 117 -5.35 -6.30 12.94
C TRP A 117 -4.60 -5.89 14.20
N LYS A 118 -4.02 -6.89 14.82
CA LYS A 118 -3.23 -6.69 16.02
C LYS A 118 -1.75 -6.64 15.64
N HIS A 119 -1.05 -5.61 16.11
CA HIS A 119 0.37 -5.44 15.82
C HIS A 119 1.22 -6.37 16.72
N PRO A 120 2.08 -7.23 16.18
CA PRO A 120 2.32 -7.50 14.73
C PRO A 120 1.87 -8.90 14.30
N GLN A 121 0.64 -9.02 13.82
CA GLN A 121 0.15 -10.33 13.39
C GLN A 121 -0.11 -10.38 11.89
N SER A 122 -0.89 -9.44 11.37
CA SER A 122 -1.21 -9.42 9.93
C SER A 122 0.01 -8.93 9.11
N ASP A 123 0.69 -7.92 9.65
CA ASP A 123 1.90 -7.38 8.98
C ASP A 123 1.55 -6.86 7.57
N LEU A 124 2.46 -6.06 6.99
CA LEU A 124 2.23 -5.47 5.67
C LEU A 124 2.00 -6.59 4.63
N LEU A 125 2.83 -7.63 4.68
CA LEU A 125 2.69 -8.76 3.74
C LEU A 125 1.25 -9.26 3.81
N GLY A 126 0.63 -9.23 5.00
CA GLY A 126 -0.77 -9.65 5.14
C GLY A 126 -1.68 -8.70 4.36
N LEU A 127 -1.36 -7.41 4.39
CA LEU A 127 -2.17 -6.40 3.69
C LEU A 127 -2.25 -6.67 2.19
N ILE A 128 -1.14 -7.08 1.61
CA ILE A 128 -1.13 -7.30 0.16
C ILE A 128 -1.83 -8.61 -0.25
N GLN A 129 -1.57 -9.73 0.44
CA GLN A 129 -2.26 -10.97 0.09
C GLN A 129 -3.72 -10.81 0.49
N VAL A 130 -3.99 -10.09 1.58
CA VAL A 130 -5.36 -9.87 1.99
C VAL A 130 -6.04 -9.00 0.94
N MET A 131 -5.31 -8.02 0.42
CA MET A 131 -5.86 -7.14 -0.62
C MET A 131 -6.24 -8.01 -1.83
N ILE A 132 -5.35 -8.93 -2.19
CA ILE A 132 -5.58 -9.84 -3.32
C ILE A 132 -6.78 -10.75 -3.07
N VAL A 133 -6.94 -11.21 -1.82
CA VAL A 133 -8.05 -12.13 -1.50
C VAL A 133 -9.37 -11.39 -1.26
N VAL A 134 -9.32 -10.35 -0.43
CA VAL A 134 -10.51 -9.59 -0.09
C VAL A 134 -11.03 -8.78 -1.27
N PHE A 135 -10.20 -8.61 -2.31
CA PHE A 135 -10.68 -7.89 -3.52
C PHE A 135 -10.89 -8.91 -4.65
N GLY A 136 -10.25 -10.09 -4.55
CA GLY A 136 -10.44 -11.13 -5.54
C GLY A 136 -11.89 -11.57 -5.52
N ASP A 137 -12.45 -11.55 -4.31
CA ASP A 137 -13.85 -11.94 -4.13
C ASP A 137 -14.78 -10.98 -4.88
N GLU A 138 -14.46 -9.69 -4.89
CA GLU A 138 -15.28 -8.70 -5.60
C GLU A 138 -14.44 -7.48 -6.00
N PRO A 139 -13.84 -7.50 -7.17
CA PRO A 139 -13.00 -6.36 -7.63
C PRO A 139 -13.72 -5.02 -7.37
N PRO A 140 -13.18 -4.16 -6.54
CA PRO A 140 -13.83 -2.86 -6.23
C PRO A 140 -13.77 -1.92 -7.43
N VAL A 141 -12.92 -2.26 -8.41
CA VAL A 141 -12.78 -1.42 -9.61
C VAL A 141 -13.00 -2.26 -10.86
N PHE A 142 -13.80 -1.74 -11.79
CA PHE A 142 -14.06 -2.47 -13.05
C PHE A 142 -14.60 -1.49 -14.09
N SER A 143 -14.58 -1.89 -15.37
CA SER A 143 -15.07 -1.03 -16.43
C SER A 143 -16.44 -1.48 -16.89
N ARG A 144 -17.38 -0.57 -16.91
CA ARG A 144 -18.72 -0.90 -17.35
C ARG A 144 -19.06 -0.23 -18.69
N PRO A 145 -19.39 -1.00 -19.71
CA PRO A 145 -19.75 -0.42 -21.04
C PRO A 145 -20.69 0.77 -20.93
C1 4N1 B . 5.47 13.07 -4.09
O1 4N1 B . 6.38 13.81 -3.44
N2 4N1 B . 6.01 12.29 -5.03
C3 4N1 B . 5.14 11.55 -5.69
C4 4N1 B . 3.74 11.48 -5.51
C5 4N1 B . 3.19 12.31 -4.52
C6 4N1 B . 4.07 13.10 -3.80
N7 4N1 B . 5.41 10.67 -6.73
C8 4N1 B . 4.20 10.12 -7.08
N9 4N1 B . 3.18 10.59 -6.42
C10 4N1 B . 6.66 15.13 -3.90
N11 4N1 B . 4.09 9.22 -8.20
C12 4N1 B . 3.49 7.99 -8.12
C13 4N1 B . 3.40 7.22 -9.29
C14 4N1 B . 3.95 7.69 -10.51
O14 4N1 B . 3.80 6.88 -11.54
C15 4N1 B . 4.53 8.99 -10.56
C16 4N1 B . 4.56 9.70 -9.40
C17 4N1 B . 3.06 7.46 -6.77
C18 4N1 B . 2.72 5.88 -9.28
C19 4N1 B . 5.04 9.66 -11.82
S20 4N1 B . 1.23 7.20 -6.62
C21 4N1 B . 2.70 6.94 -12.47
H5 4N1 B . 2.13 12.32 -4.31
H6 4N1 B . 3.71 13.77 -3.02
H7 4N1 B . 6.33 10.39 -7.04
H101 4N1 B . 7.74 15.17 -4.06
H102 4N1 B . 6.38 15.87 -3.14
H103 4N1 B . 6.15 15.35 -4.84
H16 4N1 B . 4.94 10.71 -9.36
H171 4N1 B . 3.40 8.11 -5.96
H181 4N1 B . 2.18 5.70 -10.23
H182 4N1 B . 2.00 5.80 -8.47
H183 4N1 B . 3.46 5.07 -9.17
H191 4N1 B . 6.12 9.54 -11.88
H192 4N1 B . 4.82 10.73 -11.81
H193 4N1 B . 4.61 9.24 -12.73
H211 4N1 B . 1.99 6.19 -12.11
H212 4N1 B . 3.04 6.68 -13.48
H213 4N1 B . 2.23 7.92 -12.46
H172 4N1 B . 3.51 6.47 -6.61
N ALA A 2 16.68 1.44 -7.83
CA ALA A 2 17.18 0.33 -6.96
C ALA A 2 17.44 0.88 -5.56
N VAL A 3 16.84 0.22 -4.56
CA VAL A 3 17.01 0.63 -3.18
C VAL A 3 17.92 -0.33 -2.43
N SER A 4 18.90 0.23 -1.75
CA SER A 4 19.80 -0.58 -0.94
C SER A 4 19.27 -0.57 0.48
N GLU A 5 19.65 -1.55 1.27
CA GLU A 5 19.18 -1.58 2.66
C GLU A 5 19.73 -0.40 3.45
N SER A 6 20.99 -0.03 3.23
CA SER A 6 21.55 1.09 3.99
C SER A 6 20.73 2.34 3.68
N GLN A 7 20.40 2.48 2.43
CA GLN A 7 19.60 3.59 1.99
C GLN A 7 18.19 3.47 2.53
N LEU A 8 17.66 2.25 2.54
CA LEU A 8 16.31 2.02 3.02
C LEU A 8 16.18 2.61 4.40
N LYS A 9 17.24 2.57 5.18
CA LYS A 9 17.20 3.14 6.52
C LYS A 9 17.06 4.64 6.42
N LYS A 10 17.88 5.24 5.58
CA LYS A 10 17.82 6.69 5.41
C LYS A 10 16.46 7.11 4.91
N MET A 11 15.89 6.25 4.08
CA MET A 11 14.60 6.49 3.46
C MET A 11 13.48 6.54 4.53
N VAL A 12 13.58 5.71 5.57
CA VAL A 12 12.56 5.69 6.64
C VAL A 12 13.20 5.97 8.01
N SER A 13 14.36 6.64 8.01
CA SER A 13 15.08 6.95 9.25
C SER A 13 14.28 7.91 10.13
N LYS A 14 13.38 8.69 9.51
CA LYS A 14 12.60 9.69 10.26
C LYS A 14 11.46 9.03 11.03
N TYR A 15 11.11 7.82 10.63
CA TYR A 15 10.01 7.11 11.29
C TYR A 15 10.39 6.68 12.69
N LYS A 16 9.41 6.75 13.58
CA LYS A 16 9.60 6.37 14.97
C LYS A 16 9.81 4.85 15.09
N TYR A 17 9.35 4.11 14.07
CA TYR A 17 9.51 2.64 14.04
C TYR A 17 10.28 2.19 12.78
N ARG A 18 11.49 2.71 12.55
CA ARG A 18 12.23 2.33 11.34
C ARG A 18 12.64 0.85 11.34
N ASP A 19 12.79 0.24 12.52
CA ASP A 19 13.21 -1.16 12.61
C ASP A 19 12.17 -2.12 12.06
N LEU A 20 10.95 -2.08 12.58
CA LEU A 20 9.91 -2.97 12.09
C LEU A 20 9.58 -2.65 10.65
N THR A 21 9.51 -1.37 10.32
CA THR A 21 9.19 -0.99 8.96
C THR A 21 10.24 -1.50 7.96
N VAL A 22 11.51 -1.25 8.25
CA VAL A 22 12.58 -1.70 7.37
C VAL A 22 12.63 -3.20 7.29
N ARG A 23 12.57 -3.86 8.44
CA ARG A 23 12.63 -5.30 8.43
C ARG A 23 11.39 -5.88 7.73
N GLU A 24 10.23 -5.28 8.01
CA GLU A 24 8.97 -5.71 7.38
C GLU A 24 9.02 -5.47 5.87
N THR A 25 9.62 -4.37 5.43
CA THR A 25 9.68 -4.11 3.98
C THR A 25 10.57 -5.12 3.31
N VAL A 26 11.66 -5.49 3.96
CA VAL A 26 12.56 -6.44 3.34
C VAL A 26 11.79 -7.69 3.00
N ASN A 27 10.98 -8.12 3.96
CA ASN A 27 10.17 -9.30 3.74
C ASN A 27 9.17 -9.09 2.59
N VAL A 28 8.60 -7.88 2.52
CA VAL A 28 7.63 -7.55 1.49
C VAL A 28 8.26 -7.53 0.10
N ILE A 29 9.42 -6.92 -0.05
CA ILE A 29 10.03 -6.86 -1.38
C ILE A 29 10.76 -8.16 -1.73
N THR A 30 10.99 -9.01 -0.72
CA THR A 30 11.66 -10.29 -0.96
C THR A 30 10.67 -11.32 -1.51
N LEU A 31 9.52 -11.44 -0.85
CA LEU A 31 8.49 -12.38 -1.27
C LEU A 31 7.56 -11.73 -2.30
N TYR A 32 7.29 -10.45 -2.11
CA TYR A 32 6.43 -9.72 -3.03
C TYR A 32 7.28 -8.71 -3.82
N LYS A 33 8.17 -9.25 -4.65
CA LYS A 33 9.06 -8.42 -5.46
C LYS A 33 8.27 -7.47 -6.34
N ASP A 34 6.99 -7.77 -6.56
CA ASP A 34 6.16 -6.92 -7.39
C ASP A 34 5.95 -5.56 -6.73
N LEU A 35 6.20 -5.49 -5.42
CA LEU A 35 6.06 -4.23 -4.70
C LEU A 35 7.47 -3.62 -4.58
N LYS A 36 7.75 -2.46 -5.24
CA LYS A 36 9.10 -1.89 -5.14
C LYS A 36 9.09 -0.58 -4.32
N PRO A 37 10.05 -0.37 -3.42
CA PRO A 37 10.09 0.89 -2.61
C PRO A 37 10.62 2.07 -3.44
N VAL A 38 10.00 3.25 -3.27
CA VAL A 38 10.43 4.44 -4.00
C VAL A 38 10.52 5.61 -3.04
N LEU A 39 11.45 6.50 -3.30
CA LEU A 39 11.65 7.65 -2.42
C LEU A 39 10.96 8.89 -2.99
N ASP A 40 10.00 9.44 -2.24
CA ASP A 40 9.29 10.63 -2.70
C ASP A 40 9.43 11.79 -1.72
N SER A 41 9.69 12.98 -2.24
CA SER A 41 9.81 14.17 -1.40
C SER A 41 8.43 14.52 -0.87
N TYR A 42 8.32 14.92 0.40
CA TYR A 42 7.01 15.25 0.94
C TYR A 42 7.00 16.68 1.51
N VAL A 43 5.95 17.43 1.17
CA VAL A 43 5.81 18.81 1.62
C VAL A 43 4.63 18.93 2.60
N PHE A 44 4.89 19.51 3.77
CA PHE A 44 3.84 19.67 4.78
C PHE A 44 3.25 21.09 4.72
N ASN A 45 2.05 21.27 5.28
CA ASN A 45 1.39 22.57 5.28
C ASN A 45 2.22 23.63 6.02
N ASP A 46 2.87 23.22 7.10
CA ASP A 46 3.69 24.15 7.87
C ASP A 46 4.86 24.65 7.03
N GLY A 47 5.14 23.96 5.93
CA GLY A 47 6.26 24.36 5.06
C GLY A 47 7.49 23.49 5.32
N SER A 48 7.41 22.62 6.31
CA SER A 48 8.52 21.74 6.63
C SER A 48 8.66 20.67 5.56
N SER A 49 9.78 19.98 5.56
CA SER A 49 10.03 18.94 4.58
C SER A 49 10.46 17.64 5.25
N ARG A 50 10.06 16.54 4.63
CA ARG A 50 10.37 15.21 5.15
C ARG A 50 10.52 14.23 4.00
N GLU A 51 11.57 13.42 4.05
CA GLU A 51 11.81 12.43 3.01
C GLU A 51 11.02 11.18 3.32
N LEU A 52 9.93 10.92 2.58
CA LEU A 52 9.11 9.73 2.82
C LEU A 52 9.25 8.72 1.67
N MET A 53 9.26 7.44 2.05
CA MET A 53 9.39 6.32 1.08
C MET A 53 8.03 5.63 0.91
N ASN A 54 7.71 5.19 -0.31
CA ASN A 54 6.43 4.55 -0.55
C ASN A 54 6.58 3.31 -1.43
N LEU A 55 5.65 2.38 -1.29
CA LEU A 55 5.68 1.15 -2.10
C LEU A 55 4.78 1.36 -3.32
N THR A 56 5.35 1.26 -4.53
CA THR A 56 4.57 1.49 -5.74
C THR A 56 4.80 0.42 -6.80
N GLY A 57 3.69 -0.04 -7.39
CA GLY A 57 3.77 -1.07 -8.43
C GLY A 57 2.39 -1.59 -8.81
N THR A 58 2.36 -2.84 -9.20
CA THR A 58 1.09 -3.48 -9.60
C THR A 58 0.87 -4.85 -8.98
N ILE A 59 -0.39 -5.25 -8.93
CA ILE A 59 -0.76 -6.58 -8.40
C ILE A 59 -1.64 -7.30 -9.40
N PRO A 60 -1.22 -8.43 -9.98
CA PRO A 60 -2.10 -9.18 -10.94
C PRO A 60 -3.22 -9.86 -10.16
N VAL A 61 -4.47 -9.62 -10.54
CA VAL A 61 -5.58 -10.23 -9.82
C VAL A 61 -6.59 -10.90 -10.75
N PRO A 62 -6.92 -12.17 -10.55
CA PRO A 62 -7.92 -12.88 -11.40
C PRO A 62 -9.34 -12.40 -11.08
N TYR A 63 -10.21 -12.42 -12.08
CA TYR A 63 -11.57 -11.95 -11.88
C TYR A 63 -12.51 -12.43 -13.01
N ARG A 64 -13.46 -13.31 -12.68
CA ARG A 64 -14.42 -13.80 -13.69
C ARG A 64 -13.69 -14.37 -14.93
N GLY A 65 -12.51 -14.95 -14.73
CA GLY A 65 -11.75 -15.51 -15.85
C GLY A 65 -10.89 -14.45 -16.52
N ASN A 66 -11.12 -13.19 -16.14
CA ASN A 66 -10.38 -12.06 -16.67
C ASN A 66 -9.49 -11.48 -15.58
N THR A 67 -8.26 -11.14 -15.95
CA THR A 67 -7.30 -10.62 -14.99
C THR A 67 -6.93 -9.18 -15.30
N TYR A 68 -6.96 -8.33 -14.27
CA TYR A 68 -6.60 -6.92 -14.45
C TYR A 68 -5.34 -6.57 -13.66
N ASN A 69 -4.62 -5.58 -14.17
CA ASN A 69 -3.40 -5.11 -13.50
C ASN A 69 -3.76 -3.86 -12.70
N ILE A 70 -3.87 -4.02 -11.39
CA ILE A 70 -4.26 -2.90 -10.52
C ILE A 70 -3.05 -2.11 -9.99
N PRO A 71 -2.94 -0.82 -10.31
CA PRO A 71 -1.83 0.04 -9.80
C PRO A 71 -2.18 0.62 -8.43
N ILE A 72 -1.29 0.44 -7.43
CA ILE A 72 -1.60 0.99 -6.09
C ILE A 72 -0.40 1.72 -5.49
N CYS A 73 -0.69 2.74 -4.67
CA CYS A 73 0.37 3.49 -4.00
C CYS A 73 0.14 3.46 -2.49
N LEU A 74 1.15 2.96 -1.80
CA LEU A 74 1.09 2.85 -0.35
C LEU A 74 1.94 3.96 0.31
N TRP A 75 1.29 4.92 0.99
CA TRP A 75 2.05 5.98 1.68
C TRP A 75 2.09 5.67 3.17
N LEU A 76 3.30 5.62 3.75
CA LEU A 76 3.47 5.31 5.16
C LEU A 76 3.39 6.60 6.00
N LEU A 77 2.74 6.54 7.17
CA LEU A 77 2.62 7.72 8.02
C LEU A 77 3.76 7.66 9.04
N ASP A 78 4.33 8.82 9.40
CA ASP A 78 5.44 8.85 10.34
C ASP A 78 5.17 8.00 11.60
N THR A 79 3.90 7.66 11.88
CA THR A 79 3.58 6.87 13.08
C THR A 79 3.28 5.40 12.75
N TYR A 80 3.66 4.96 11.56
CA TYR A 80 3.47 3.56 11.16
C TYR A 80 4.45 2.71 11.99
N PRO A 81 4.13 1.50 12.40
CA PRO A 81 2.84 0.75 12.13
C PRO A 81 1.74 0.92 13.18
N TYR A 82 1.95 1.75 14.20
CA TYR A 82 0.91 1.93 15.22
C TYR A 82 -0.24 2.75 14.66
N ASN A 83 0.02 3.42 13.55
CA ASN A 83 -1.01 4.22 12.89
C ASN A 83 -1.41 3.54 11.57
N PRO A 84 -2.67 3.14 11.35
CA PRO A 84 -3.02 2.47 10.06
C PRO A 84 -2.52 3.26 8.85
N PRO A 85 -1.92 2.61 7.88
CA PRO A 85 -1.39 3.30 6.65
C PRO A 85 -2.54 3.63 5.69
N ILE A 86 -2.47 4.76 4.97
CA ILE A 86 -3.55 5.08 4.04
C ILE A 86 -3.17 4.62 2.64
N CYS A 87 -4.10 3.92 2.02
CA CYS A 87 -3.90 3.36 0.69
C CYS A 87 -4.79 4.07 -0.33
N PHE A 88 -4.23 4.37 -1.51
CA PHE A 88 -5.02 5.04 -2.57
C PHE A 88 -4.94 4.25 -3.88
N VAL A 89 -6.11 3.94 -4.47
CA VAL A 89 -6.14 3.20 -5.74
C VAL A 89 -6.07 4.21 -6.88
N LYS A 90 -5.13 4.04 -7.80
CA LYS A 90 -4.99 5.00 -8.91
C LYS A 90 -6.00 4.72 -10.05
N PRO A 91 -7.02 5.56 -10.25
CA PRO A 91 -8.05 5.34 -11.33
C PRO A 91 -7.58 5.87 -12.71
N THR A 92 -8.22 5.39 -13.78
CA THR A 92 -7.89 5.85 -15.13
C THR A 92 -9.16 6.17 -15.91
N SER A 93 -9.00 6.73 -17.09
CA SER A 93 -10.17 7.09 -17.90
C SER A 93 -11.09 5.88 -18.18
N SER A 94 -10.52 4.69 -18.45
CA SER A 94 -11.34 3.52 -18.73
C SER A 94 -11.64 2.71 -17.46
N MET A 95 -11.15 3.16 -16.30
CA MET A 95 -11.39 2.45 -15.05
C MET A 95 -11.88 3.45 -14.00
N THR A 96 -13.02 3.16 -13.39
CA THR A 96 -13.58 4.07 -12.36
C THR A 96 -13.59 3.41 -10.99
N ILE A 97 -13.82 4.23 -9.96
CA ILE A 97 -13.89 3.74 -8.60
C ILE A 97 -15.34 3.42 -8.24
N LYS A 98 -15.71 2.13 -8.19
CA LYS A 98 -17.07 1.78 -7.85
C LYS A 98 -17.22 1.69 -6.34
N THR A 99 -17.91 2.67 -5.76
CA THR A 99 -18.10 2.69 -4.33
C THR A 99 -18.98 1.53 -3.89
N GLY A 100 -18.61 0.94 -2.75
CA GLY A 100 -19.37 -0.20 -2.23
C GLY A 100 -19.25 -0.26 -0.71
N LYS A 101 -19.26 -1.48 -0.16
CA LYS A 101 -19.19 -1.63 1.29
C LYS A 101 -17.81 -1.29 1.87
N HIS A 102 -16.73 -1.34 1.06
CA HIS A 102 -15.40 -1.01 1.61
C HIS A 102 -14.70 0.12 0.84
N VAL A 103 -15.03 0.36 -0.44
CA VAL A 103 -14.37 1.46 -1.17
C VAL A 103 -15.18 2.74 -1.04
N ASP A 104 -14.49 3.82 -0.68
CA ASP A 104 -15.15 5.12 -0.55
C ASP A 104 -15.01 5.91 -1.87
N ALA A 105 -15.24 7.22 -1.84
CA ALA A 105 -15.17 8.03 -3.07
C ALA A 105 -13.77 8.53 -3.40
N ASN A 106 -12.84 8.44 -2.46
CA ASN A 106 -11.48 8.90 -2.69
C ASN A 106 -10.53 7.70 -2.85
N GLY A 107 -11.06 6.49 -2.73
CA GLY A 107 -10.24 5.30 -2.87
C GLY A 107 -9.92 4.63 -1.54
N LYS A 108 -10.41 5.18 -0.45
CA LYS A 108 -10.17 4.58 0.86
C LYS A 108 -10.53 3.10 0.83
N ILE A 109 -9.61 2.24 1.27
CA ILE A 109 -9.87 0.81 1.31
C ILE A 109 -10.03 0.33 2.75
N TYR A 110 -11.23 -0.14 3.09
CA TYR A 110 -11.49 -0.65 4.44
C TYR A 110 -11.36 -2.17 4.45
N LEU A 111 -10.66 -2.74 5.44
CA LEU A 111 -10.48 -4.19 5.47
C LEU A 111 -10.66 -4.74 6.91
N PRO A 112 -11.63 -5.60 7.16
CA PRO A 112 -11.83 -6.18 8.54
C PRO A 112 -10.55 -6.69 9.20
N TYR A 113 -9.66 -7.32 8.43
CA TYR A 113 -8.43 -7.84 9.02
C TYR A 113 -7.61 -6.70 9.62
N LEU A 114 -7.75 -5.50 9.05
CA LEU A 114 -6.99 -4.34 9.52
C LEU A 114 -7.45 -3.89 10.91
N HIS A 115 -8.76 -3.86 11.11
CA HIS A 115 -9.30 -3.43 12.40
C HIS A 115 -9.01 -4.47 13.47
N GLU A 116 -8.89 -5.73 13.05
CA GLU A 116 -8.59 -6.80 14.01
C GLU A 116 -7.13 -7.23 13.91
N TRP A 117 -6.36 -6.55 13.07
CA TRP A 117 -4.96 -6.89 12.91
C TRP A 117 -4.20 -6.57 14.18
N LYS A 118 -3.59 -7.60 14.72
CA LYS A 118 -2.80 -7.48 15.93
C LYS A 118 -1.36 -7.18 15.53
N HIS A 119 -0.81 -6.07 16.01
CA HIS A 119 0.56 -5.69 15.67
C HIS A 119 1.57 -6.49 16.50
N PRO A 120 2.56 -7.17 15.92
CA PRO A 120 2.81 -7.33 14.46
C PRO A 120 2.48 -8.73 13.94
N GLN A 121 1.26 -8.95 13.45
CA GLN A 121 0.89 -10.27 12.95
C GLN A 121 0.61 -10.24 11.45
N SER A 122 -0.39 -9.47 11.06
CA SER A 122 -0.77 -9.37 9.66
C SER A 122 0.30 -8.65 8.85
N ASP A 123 0.97 -7.69 9.49
CA ASP A 123 2.05 -6.90 8.84
C ASP A 123 1.65 -6.39 7.46
N LEU A 124 2.58 -5.71 6.79
CA LEU A 124 2.31 -5.17 5.46
C LEU A 124 2.15 -6.30 4.45
N LEU A 125 2.98 -7.33 4.59
CA LEU A 125 2.93 -8.47 3.68
C LEU A 125 1.52 -9.07 3.73
N GLY A 126 0.91 -9.12 4.92
CA GLY A 126 -0.47 -9.64 5.04
C GLY A 126 -1.44 -8.74 4.27
N LEU A 127 -1.23 -7.43 4.33
CA LEU A 127 -2.12 -6.49 3.63
C LEU A 127 -2.18 -6.76 2.14
N ILE A 128 -1.04 -7.08 1.55
CA ILE A 128 -1.01 -7.30 0.09
C ILE A 128 -1.67 -8.62 -0.30
N GLN A 129 -1.32 -9.72 0.36
CA GLN A 129 -1.96 -11.00 0.02
C GLN A 129 -3.44 -10.91 0.41
N VAL A 130 -3.74 -10.21 1.52
CA VAL A 130 -5.12 -10.03 1.90
C VAL A 130 -5.79 -9.17 0.85
N MET A 131 -5.07 -8.18 0.34
CA MET A 131 -5.62 -7.31 -0.70
C MET A 131 -6.02 -8.20 -1.86
N ILE A 132 -5.13 -9.15 -2.20
CA ILE A 132 -5.37 -10.08 -3.28
C ILE A 132 -6.59 -10.99 -3.00
N VAL A 133 -6.72 -11.49 -1.75
CA VAL A 133 -7.85 -12.37 -1.43
C VAL A 133 -9.17 -11.61 -1.23
N VAL A 134 -9.09 -10.50 -0.51
CA VAL A 134 -10.25 -9.69 -0.18
C VAL A 134 -10.75 -8.90 -1.39
N PHE A 135 -9.94 -8.82 -2.46
CA PHE A 135 -10.42 -8.09 -3.68
C PHE A 135 -10.78 -9.10 -4.77
N GLY A 136 -10.30 -10.34 -4.65
CA GLY A 136 -10.64 -11.36 -5.62
C GLY A 136 -12.15 -11.59 -5.57
N ASP A 137 -12.71 -11.47 -4.37
CA ASP A 137 -14.15 -11.64 -4.18
C ASP A 137 -14.93 -10.56 -4.92
N GLU A 138 -14.39 -9.33 -4.96
CA GLU A 138 -15.06 -8.25 -5.69
C GLU A 138 -14.05 -7.18 -6.12
N PRO A 139 -13.84 -6.96 -7.40
CA PRO A 139 -12.88 -5.91 -7.83
C PRO A 139 -13.52 -4.54 -7.62
N PRO A 140 -12.94 -3.67 -6.83
CA PRO A 140 -13.55 -2.33 -6.59
C PRO A 140 -13.50 -1.47 -7.86
N VAL A 141 -12.62 -1.86 -8.79
CA VAL A 141 -12.45 -1.14 -10.05
C VAL A 141 -12.64 -2.10 -11.21
N PHE A 142 -13.17 -1.59 -12.33
CA PHE A 142 -13.40 -2.43 -13.50
C PHE A 142 -13.40 -1.55 -14.76
N SER A 143 -13.31 -2.17 -15.93
CA SER A 143 -13.28 -1.41 -17.18
C SER A 143 -14.65 -0.94 -17.58
N ARG A 144 -14.78 0.36 -17.69
CA ARG A 144 -16.02 0.97 -18.07
C ARG A 144 -15.92 1.64 -19.46
N PRO A 145 -16.74 1.27 -20.43
CA PRO A 145 -16.67 1.88 -21.80
C PRO A 145 -16.90 3.38 -21.76
C1 4N1 B . 4.80 13.48 -4.10
O1 4N1 B . 5.60 14.37 -3.50
N2 4N1 B . 5.41 12.81 -5.08
C3 4N1 B . 4.64 11.92 -5.68
C4 4N1 B . 3.29 11.61 -5.43
C5 4N1 B . 2.67 12.33 -4.40
C6 4N1 B . 3.44 13.28 -3.73
N7 4N1 B . 5.01 11.09 -6.73
C8 4N1 B . 3.90 10.34 -7.03
N9 4N1 B . 2.85 10.61 -6.29
C10 4N1 B . 6.37 15.27 -4.32
N11 4N1 B . 3.91 9.46 -8.16
C12 4N1 B . 3.55 8.13 -8.10
C13 4N1 B . 3.58 7.37 -9.29
C14 4N1 B . 4.02 7.98 -10.50
O14 4N1 B . 4.01 7.16 -11.55
C15 4N1 B . 4.32 9.36 -10.53
C16 4N1 B . 4.25 10.05 -9.35
C17 4N1 B . 3.23 7.48 -6.76
C18 4N1 B . 3.18 5.92 -9.30
C19 4N1 B . 4.66 10.15 -11.78
S20 4N1 B . 1.46 6.94 -6.61
C21 4N1 B . 2.89 6.94 -12.42
H5 4N1 B . 1.63 12.17 -4.13
H6 4N1 B . 3.00 13.88 -2.93
H7 4N1 B . 5.96 10.98 -7.09
H101 4N1 B . 7.27 15.48 -3.74
H102 4N1 B . 5.82 16.21 -4.50
H103 4N1 B . 6.65 14.81 -5.27
H16 4N1 B . 4.41 11.11 -9.30
H171 4N1 B . 3.48 8.15 -5.94
H181 4N1 B . 2.62 5.66 -8.40
H182 4N1 B . 4.06 5.28 -9.36
H183 4N1 B . 2.53 5.71 -10.16
H191 4N1 B . 4.05 9.79 -12.62
H192 4N1 B . 5.70 10.02 -12.06
H193 4N1 B . 4.46 11.22 -11.68
H211 4N1 B . 2.79 5.86 -12.47
H212 4N1 B . 3.08 7.34 -13.41
H213 4N1 B . 1.98 7.37 -11.99
H172 4N1 B . 3.82 6.58 -6.65
N ALA A 2 17.78 1.60 -8.03
CA ALA A 2 17.46 0.50 -7.10
C ALA A 2 17.78 0.94 -5.67
N VAL A 3 16.97 0.50 -4.72
CA VAL A 3 17.16 0.85 -3.33
C VAL A 3 17.92 -0.25 -2.61
N SER A 4 18.95 0.16 -1.90
CA SER A 4 19.74 -0.78 -1.12
C SER A 4 19.18 -0.78 0.29
N GLU A 5 19.41 -1.86 1.02
CA GLU A 5 18.88 -1.91 2.37
C GLU A 5 19.52 -0.83 3.23
N SER A 6 20.82 -0.61 3.09
CA SER A 6 21.47 0.41 3.91
C SER A 6 20.80 1.75 3.67
N GLN A 7 20.62 2.05 2.39
CA GLN A 7 19.97 3.26 1.99
C GLN A 7 18.53 3.26 2.49
N LEU A 8 17.91 2.09 2.53
CA LEU A 8 16.54 2.01 2.97
C LEU A 8 16.44 2.62 4.36
N LYS A 9 17.44 2.38 5.20
CA LYS A 9 17.43 2.95 6.55
C LYS A 9 17.47 4.47 6.48
N LYS A 10 18.32 4.97 5.60
CA LYS A 10 18.46 6.41 5.43
C LYS A 10 17.15 7.02 4.94
N MET A 11 16.48 6.27 4.10
CA MET A 11 15.23 6.69 3.49
C MET A 11 14.10 6.84 4.53
N VAL A 12 14.08 5.96 5.54
CA VAL A 12 13.04 6.01 6.56
C VAL A 12 13.65 6.21 7.96
N SER A 13 14.84 6.78 7.99
CA SER A 13 15.53 7.02 9.26
C SER A 13 14.69 7.92 10.15
N LYS A 14 13.83 8.73 9.53
CA LYS A 14 12.99 9.66 10.28
C LYS A 14 12.00 8.94 11.21
N TYR A 15 11.71 7.67 10.91
CA TYR A 15 10.75 6.91 11.73
C TYR A 15 11.35 6.65 13.12
N LYS A 16 10.49 6.55 14.13
CA LYS A 16 10.94 6.32 15.51
C LYS A 16 11.66 4.97 15.67
N TYR A 17 11.26 4.01 14.84
CA TYR A 17 11.81 2.62 14.85
C TYR A 17 12.03 2.09 13.42
N ARG A 18 13.00 2.65 12.72
CA ARG A 18 13.25 2.24 11.33
C ARG A 18 13.56 0.75 11.21
N ASP A 19 14.06 0.12 12.26
CA ASP A 19 14.40 -1.29 12.19
C ASP A 19 13.18 -2.14 11.97
N LEU A 20 12.07 -1.82 12.63
CA LEU A 20 10.89 -2.62 12.47
C LEU A 20 10.26 -2.37 11.10
N THR A 21 10.21 -1.11 10.68
CA THR A 21 9.65 -0.79 9.36
C THR A 21 10.47 -1.43 8.23
N VAL A 22 11.79 -1.29 8.31
CA VAL A 22 12.67 -1.86 7.30
C VAL A 22 12.53 -3.37 7.28
N ARG A 23 12.51 -3.98 8.46
CA ARG A 23 12.39 -5.41 8.51
C ARG A 23 11.10 -5.85 7.82
N GLU A 24 10.03 -5.10 8.10
CA GLU A 24 8.73 -5.38 7.52
C GLU A 24 8.74 -5.22 6.00
N THR A 25 9.43 -4.20 5.50
CA THR A 25 9.48 -4.01 4.03
C THR A 25 10.26 -5.13 3.38
N VAL A 26 11.33 -5.57 4.03
CA VAL A 26 12.13 -6.62 3.44
C VAL A 26 11.24 -7.81 3.20
N ASN A 27 10.43 -8.13 4.16
CA ASN A 27 9.52 -9.24 4.01
C ASN A 27 8.58 -9.00 2.82
N VAL A 28 8.14 -7.76 2.67
CA VAL A 28 7.22 -7.39 1.60
C VAL A 28 7.85 -7.40 0.20
N ILE A 29 9.03 -6.84 0.05
CA ILE A 29 9.63 -6.80 -1.28
C ILE A 29 10.38 -8.09 -1.58
N THR A 30 10.78 -8.81 -0.54
CA THR A 30 11.47 -10.08 -0.76
C THR A 30 10.46 -11.13 -1.24
N LEU A 31 9.30 -11.18 -0.59
CA LEU A 31 8.25 -12.13 -0.96
C LEU A 31 7.39 -11.58 -2.09
N TYR A 32 7.13 -10.27 -2.06
CA TYR A 32 6.32 -9.62 -3.09
C TYR A 32 7.20 -8.64 -3.86
N LYS A 33 8.18 -9.18 -4.59
CA LYS A 33 9.10 -8.35 -5.37
C LYS A 33 8.35 -7.47 -6.36
N ASP A 34 7.10 -7.81 -6.64
CA ASP A 34 6.32 -7.03 -7.58
C ASP A 34 6.06 -5.64 -7.01
N LEU A 35 6.26 -5.48 -5.71
CA LEU A 35 6.08 -4.19 -5.05
C LEU A 35 7.45 -3.50 -4.95
N LYS A 36 7.61 -2.24 -5.46
CA LYS A 36 8.94 -1.61 -5.41
C LYS A 36 8.93 -0.32 -4.57
N PRO A 37 9.84 -0.14 -3.60
CA PRO A 37 9.88 1.11 -2.76
C PRO A 37 10.53 2.30 -3.49
N VAL A 38 9.96 3.50 -3.32
CA VAL A 38 10.51 4.70 -3.95
C VAL A 38 10.53 5.86 -2.97
N LEU A 39 11.59 6.65 -3.01
CA LEU A 39 11.70 7.79 -2.11
C LEU A 39 10.93 8.98 -2.66
N ASP A 40 9.94 9.45 -1.90
CA ASP A 40 9.11 10.57 -2.33
C ASP A 40 9.21 11.74 -1.35
N SER A 41 9.30 12.95 -1.89
CA SER A 41 9.36 14.15 -1.05
C SER A 41 7.96 14.44 -0.53
N TYR A 42 7.83 14.87 0.73
CA TYR A 42 6.49 15.14 1.26
C TYR A 42 6.39 16.56 1.85
N VAL A 43 5.28 17.22 1.50
CA VAL A 43 5.00 18.58 1.99
C VAL A 43 3.82 18.53 2.96
N PHE A 44 4.02 19.05 4.16
CA PHE A 44 2.96 19.06 5.17
C PHE A 44 2.26 20.42 5.20
N ASN A 45 1.09 20.49 5.83
CA ASN A 45 0.33 21.73 5.92
C ASN A 45 1.14 22.80 6.65
N ASP A 46 1.81 22.42 7.72
CA ASP A 46 2.62 23.36 8.49
C ASP A 46 3.81 23.86 7.66
N GLY A 47 4.09 23.16 6.56
CA GLY A 47 5.20 23.54 5.69
C GLY A 47 6.42 22.65 5.95
N SER A 48 6.36 21.82 6.98
CA SER A 48 7.46 20.94 7.31
C SER A 48 7.70 19.97 6.17
N SER A 49 8.97 19.67 5.94
CA SER A 49 9.35 18.77 4.87
C SER A 49 10.00 17.51 5.43
N ARG A 50 9.66 16.38 4.84
CA ARG A 50 10.23 15.10 5.27
C ARG A 50 10.23 14.10 4.12
N GLU A 51 11.31 13.34 4.02
CA GLU A 51 11.43 12.35 2.97
C GLU A 51 10.83 11.03 3.43
N LEU A 52 9.71 10.66 2.80
CA LEU A 52 9.02 9.41 3.13
C LEU A 52 9.12 8.43 1.96
N MET A 53 9.33 7.15 2.28
CA MET A 53 9.44 6.11 1.25
C MET A 53 8.06 5.48 1.00
N ASN A 54 7.70 5.23 -0.27
CA ASN A 54 6.40 4.64 -0.55
C ASN A 54 6.52 3.44 -1.48
N LEU A 55 5.57 2.53 -1.38
CA LEU A 55 5.59 1.33 -2.22
C LEU A 55 4.68 1.56 -3.42
N THR A 56 5.25 1.49 -4.62
CA THR A 56 4.48 1.76 -5.84
C THR A 56 4.67 0.66 -6.88
N GLY A 57 3.56 0.25 -7.51
CA GLY A 57 3.62 -0.79 -8.54
C GLY A 57 2.25 -1.35 -8.83
N THR A 58 2.23 -2.63 -9.19
CA THR A 58 0.97 -3.31 -9.52
C THR A 58 0.83 -4.66 -8.84
N ILE A 59 -0.42 -5.14 -8.78
CA ILE A 59 -0.72 -6.46 -8.21
C ILE A 59 -1.59 -7.24 -9.21
N PRO A 60 -1.14 -8.35 -9.76
CA PRO A 60 -1.98 -9.13 -10.72
C PRO A 60 -3.11 -9.84 -9.96
N VAL A 61 -4.37 -9.63 -10.38
CA VAL A 61 -5.48 -10.27 -9.68
C VAL A 61 -6.40 -11.04 -10.65
N PRO A 62 -6.66 -12.32 -10.42
CA PRO A 62 -7.57 -13.11 -11.29
C PRO A 62 -9.01 -12.69 -11.09
N TYR A 63 -9.83 -12.81 -12.12
CA TYR A 63 -11.22 -12.39 -12.02
C TYR A 63 -12.08 -12.98 -13.15
N ARG A 64 -12.91 -13.96 -12.81
CA ARG A 64 -13.79 -14.59 -13.81
C ARG A 64 -13.01 -15.06 -15.04
N GLY A 65 -11.83 -15.62 -14.82
CA GLY A 65 -11.00 -16.11 -15.93
C GLY A 65 -10.26 -14.95 -16.61
N ASN A 66 -10.51 -13.74 -16.13
CA ASN A 66 -9.88 -12.54 -16.67
C ASN A 66 -9.09 -11.86 -15.57
N THR A 67 -7.87 -11.46 -15.89
CA THR A 67 -6.98 -10.84 -14.91
C THR A 67 -6.67 -9.39 -15.25
N TYR A 68 -6.80 -8.52 -14.24
CA TYR A 68 -6.51 -7.10 -14.44
C TYR A 68 -5.28 -6.68 -13.62
N ASN A 69 -4.56 -5.69 -14.13
CA ASN A 69 -3.39 -5.18 -13.44
C ASN A 69 -3.84 -3.98 -12.60
N ILE A 70 -3.90 -4.16 -11.28
CA ILE A 70 -4.38 -3.09 -10.42
C ILE A 70 -3.24 -2.17 -9.93
N PRO A 71 -3.25 -0.89 -10.30
CA PRO A 71 -2.20 0.09 -9.84
C PRO A 71 -2.51 0.62 -8.43
N ILE A 72 -1.56 0.48 -7.48
CA ILE A 72 -1.82 0.98 -6.11
C ILE A 72 -0.61 1.73 -5.54
N CYS A 73 -0.90 2.74 -4.69
CA CYS A 73 0.15 3.51 -4.04
C CYS A 73 -0.03 3.48 -2.53
N LEU A 74 1.04 3.06 -1.86
CA LEU A 74 1.02 2.94 -0.40
C LEU A 74 1.89 4.03 0.25
N TRP A 75 1.27 4.92 1.04
CA TRP A 75 2.03 5.96 1.75
C TRP A 75 2.13 5.56 3.23
N LEU A 76 3.37 5.52 3.76
CA LEU A 76 3.57 5.11 5.16
C LEU A 76 3.62 6.35 6.06
N LEU A 77 3.01 6.30 7.27
CA LEU A 77 3.11 7.45 8.18
C LEU A 77 4.46 7.38 8.88
N ASP A 78 4.92 8.50 9.44
CA ASP A 78 6.23 8.54 10.10
C ASP A 78 6.30 7.56 11.26
N THR A 79 5.15 7.05 11.69
CA THR A 79 5.13 6.11 12.80
C THR A 79 4.51 4.77 12.41
N TYR A 80 4.44 4.51 11.11
CA TYR A 80 3.92 3.22 10.61
C TYR A 80 4.83 2.11 11.19
N PRO A 81 4.36 0.91 11.48
CA PRO A 81 2.94 0.45 11.32
C PRO A 81 2.04 0.60 12.54
N TYR A 82 2.48 1.31 13.58
CA TYR A 82 1.61 1.46 14.75
C TYR A 82 0.39 2.30 14.41
N ASN A 83 0.48 3.04 13.31
CA ASN A 83 -0.63 3.89 12.88
C ASN A 83 -1.16 3.38 11.52
N PRO A 84 -2.46 3.11 11.34
CA PRO A 84 -2.96 2.62 10.02
C PRO A 84 -2.41 3.41 8.81
N PRO A 85 -1.87 2.74 7.80
CA PRO A 85 -1.32 3.41 6.59
C PRO A 85 -2.43 3.75 5.58
N ILE A 86 -2.28 4.83 4.80
CA ILE A 86 -3.31 5.18 3.83
C ILE A 86 -2.95 4.66 2.45
N CYS A 87 -3.97 4.41 1.63
CA CYS A 87 -3.75 3.88 0.28
C CYS A 87 -4.76 4.44 -0.71
N PHE A 88 -4.25 4.81 -1.89
CA PHE A 88 -5.12 5.37 -2.96
C PHE A 88 -5.05 4.50 -4.22
N VAL A 89 -6.21 4.27 -4.84
CA VAL A 89 -6.27 3.47 -6.07
C VAL A 89 -6.05 4.40 -7.26
N LYS A 90 -5.06 4.08 -8.10
CA LYS A 90 -4.74 4.92 -9.27
C LYS A 90 -5.91 4.93 -10.27
N PRO A 91 -6.71 6.00 -10.37
CA PRO A 91 -7.86 6.02 -11.32
C PRO A 91 -7.47 6.55 -12.71
N THR A 92 -8.27 6.20 -13.71
CA THR A 92 -8.02 6.65 -15.09
C THR A 92 -9.32 6.60 -15.91
N SER A 93 -9.34 7.31 -17.03
CA SER A 93 -10.55 7.35 -17.87
C SER A 93 -11.01 5.94 -18.31
N SER A 94 -10.11 4.95 -18.33
CA SER A 94 -10.49 3.60 -18.74
C SER A 94 -10.76 2.70 -17.52
N MET A 95 -10.73 3.31 -16.32
CA MET A 95 -10.98 2.59 -15.08
C MET A 95 -11.99 3.35 -14.25
N THR A 96 -12.90 2.62 -13.60
CA THR A 96 -13.92 3.25 -12.77
C THR A 96 -13.96 2.61 -11.39
N ILE A 97 -14.29 3.44 -10.39
CA ILE A 97 -14.37 2.97 -9.01
C ILE A 97 -15.83 2.73 -8.59
N LYS A 98 -16.17 1.48 -8.28
CA LYS A 98 -17.52 1.17 -7.83
C LYS A 98 -17.52 1.03 -6.32
N THR A 99 -18.07 2.03 -5.64
CA THR A 99 -18.11 2.00 -4.20
C THR A 99 -18.83 0.77 -3.69
N GLY A 100 -18.39 0.30 -2.53
CA GLY A 100 -18.96 -0.88 -1.93
C GLY A 100 -18.64 -0.96 -0.44
N LYS A 101 -18.35 -2.16 0.05
CA LYS A 101 -18.06 -2.35 1.48
C LYS A 101 -16.59 -2.15 1.86
N HIS A 102 -15.67 -1.89 0.90
CA HIS A 102 -14.25 -1.71 1.27
C HIS A 102 -13.58 -0.51 0.57
N VAL A 103 -14.01 -0.14 -0.64
CA VAL A 103 -13.40 1.01 -1.32
C VAL A 103 -14.16 2.28 -1.00
N ASP A 104 -13.44 3.38 -0.88
CA ASP A 104 -14.07 4.67 -0.60
C ASP A 104 -14.23 5.44 -1.91
N ALA A 105 -15.12 6.40 -1.92
CA ALA A 105 -15.37 7.20 -3.11
C ALA A 105 -14.15 8.02 -3.50
N ASN A 106 -13.41 8.50 -2.50
CA ASN A 106 -12.23 9.30 -2.77
C ASN A 106 -11.09 8.41 -3.29
N GLY A 107 -11.33 7.09 -3.30
CA GLY A 107 -10.30 6.16 -3.76
C GLY A 107 -9.50 5.59 -2.60
N LYS A 108 -9.90 5.89 -1.36
CA LYS A 108 -9.18 5.37 -0.22
C LYS A 108 -9.60 3.92 0.05
N ILE A 109 -8.65 3.09 0.45
CA ILE A 109 -8.96 1.68 0.73
C ILE A 109 -8.96 1.40 2.22
N TYR A 110 -10.11 0.95 2.74
CA TYR A 110 -10.25 0.61 4.16
C TYR A 110 -10.59 -0.87 4.26
N LEU A 111 -10.01 -1.60 5.23
CA LEU A 111 -10.28 -3.04 5.34
C LEU A 111 -10.58 -3.47 6.79
N PRO A 112 -11.68 -4.14 7.05
CA PRO A 112 -12.01 -4.63 8.43
C PRO A 112 -10.85 -5.37 9.12
N TYR A 113 -10.10 -6.18 8.39
CA TYR A 113 -8.99 -6.92 9.01
C TYR A 113 -7.96 -5.93 9.56
N LEU A 114 -7.82 -4.78 8.90
CA LEU A 114 -6.85 -3.77 9.32
C LEU A 114 -7.28 -3.12 10.64
N HIS A 115 -8.57 -2.82 10.75
CA HIS A 115 -9.06 -2.19 11.97
C HIS A 115 -8.93 -3.12 13.16
N GLU A 116 -8.99 -4.42 12.90
CA GLU A 116 -8.87 -5.41 13.98
C GLU A 116 -7.47 -6.02 14.02
N TRP A 117 -6.62 -5.66 13.06
CA TRP A 117 -5.29 -6.19 13.02
C TRP A 117 -4.48 -5.71 14.19
N LYS A 118 -3.89 -6.68 14.88
CA LYS A 118 -3.05 -6.40 16.03
C LYS A 118 -1.59 -6.39 15.58
N HIS A 119 -0.86 -5.35 15.95
CA HIS A 119 0.54 -5.25 15.57
C HIS A 119 1.42 -6.11 16.50
N PRO A 120 2.25 -7.01 16.00
CA PRO A 120 2.45 -7.39 14.56
C PRO A 120 1.87 -8.77 14.23
N GLN A 121 0.64 -8.84 13.76
CA GLN A 121 0.04 -10.13 13.42
C GLN A 121 -0.22 -10.25 11.92
N SER A 122 -1.08 -9.38 11.39
CA SER A 122 -1.42 -9.42 9.96
C SER A 122 -0.21 -8.97 9.12
N ASP A 123 0.47 -7.93 9.60
CA ASP A 123 1.66 -7.42 8.91
C ASP A 123 1.29 -6.81 7.55
N LEU A 124 2.24 -6.09 6.96
CA LEU A 124 2.02 -5.47 5.64
C LEU A 124 1.76 -6.58 4.61
N LEU A 125 2.56 -7.65 4.68
CA LEU A 125 2.36 -8.78 3.77
C LEU A 125 0.90 -9.22 3.88
N GLY A 126 0.34 -9.16 5.10
CA GLY A 126 -1.09 -9.52 5.29
C GLY A 126 -1.98 -8.59 4.46
N LEU A 127 -1.64 -7.31 4.45
CA LEU A 127 -2.43 -6.31 3.69
C LEU A 127 -2.49 -6.61 2.21
N ILE A 128 -1.38 -7.04 1.64
CA ILE A 128 -1.35 -7.29 0.19
C ILE A 128 -2.06 -8.59 -0.17
N GLN A 129 -1.77 -9.67 0.55
CA GLN A 129 -2.46 -10.93 0.25
C GLN A 129 -3.93 -10.79 0.64
N VAL A 130 -4.23 -10.05 1.72
CA VAL A 130 -5.62 -9.84 2.08
C VAL A 130 -6.27 -8.96 1.02
N MET A 131 -5.53 -7.97 0.55
CA MET A 131 -6.05 -7.09 -0.49
C MET A 131 -6.41 -7.94 -1.72
N ILE A 132 -5.49 -8.84 -2.07
CA ILE A 132 -5.70 -9.74 -3.20
C ILE A 132 -6.94 -10.62 -2.99
N VAL A 133 -7.11 -11.17 -1.78
CA VAL A 133 -8.24 -12.04 -1.51
C VAL A 133 -9.56 -11.29 -1.37
N VAL A 134 -9.49 -10.15 -0.71
CA VAL A 134 -10.67 -9.35 -0.43
C VAL A 134 -11.24 -8.67 -1.68
N PHE A 135 -10.44 -8.56 -2.75
CA PHE A 135 -10.97 -7.93 -3.99
C PHE A 135 -11.16 -8.97 -5.09
N GLY A 136 -10.52 -10.12 -4.96
CA GLY A 136 -10.71 -11.19 -5.93
C GLY A 136 -12.18 -11.58 -5.88
N ASP A 137 -12.72 -11.53 -4.67
CA ASP A 137 -14.11 -11.85 -4.42
C ASP A 137 -15.03 -10.84 -5.11
N GLU A 138 -14.59 -9.58 -5.18
CA GLU A 138 -15.38 -8.54 -5.81
C GLU A 138 -14.49 -7.38 -6.24
N PRO A 139 -13.97 -7.39 -7.44
CA PRO A 139 -13.09 -6.28 -7.92
C PRO A 139 -13.79 -4.93 -7.67
N PRO A 140 -13.25 -4.09 -6.80
CA PRO A 140 -13.88 -2.77 -6.52
C PRO A 140 -13.70 -1.82 -7.69
N VAL A 141 -12.80 -2.19 -8.61
CA VAL A 141 -12.51 -1.37 -9.77
C VAL A 141 -12.54 -2.21 -11.04
N PHE A 142 -13.12 -1.67 -12.11
CA PHE A 142 -13.20 -2.41 -13.38
C PHE A 142 -13.43 -1.44 -14.54
N SER A 143 -13.21 -1.88 -15.78
CA SER A 143 -13.38 -1.02 -16.94
C SER A 143 -14.77 -1.16 -17.52
N ARG A 144 -15.44 -0.04 -17.65
CA ARG A 144 -16.78 -0.02 -18.19
C ARG A 144 -16.81 0.68 -19.56
N PRO A 145 -16.88 -0.05 -20.66
CA PRO A 145 -16.93 0.57 -22.02
C PRO A 145 -18.01 1.64 -22.12
C1 4N1 B . 4.51 13.22 -3.90
O1 4N1 B . 5.34 14.04 -3.23
N2 4N1 B . 5.13 12.50 -4.83
C3 4N1 B . 4.34 11.70 -5.52
C4 4N1 B . 2.96 11.50 -5.37
C5 4N1 B . 2.31 12.26 -4.38
C6 4N1 B . 3.11 13.13 -3.64
N7 4N1 B . 4.72 10.85 -6.54
C8 4N1 B . 3.58 10.21 -6.94
N9 4N1 B . 2.50 10.56 -6.29
C10 4N1 B . 6.18 14.93 -3.97
N11 4N1 B . 3.60 9.37 -8.10
C12 4N1 B . 3.14 8.05 -8.11
C13 4N1 B . 3.22 7.34 -9.31
C14 4N1 B . 3.82 7.94 -10.45
O14 4N1 B . 3.90 7.14 -11.52
C15 4N1 B . 4.24 9.29 -10.42
C16 4N1 B . 4.10 9.95 -9.23
C17 4N1 B . 2.67 7.42 -6.81
C18 4N1 B . 2.69 5.94 -9.42
C19 4N1 B . 4.75 10.09 -11.61
S20 4N1 B . 0.88 6.93 -6.82
C21 4N1 B . 2.84 6.96 -12.49
H5 4N1 B . 1.25 12.19 -4.20
H6 4N1 B . 2.66 13.75 -2.88
H7 4N1 B . 5.68 10.66 -6.83
H101 4N1 B . 6.63 15.58 -3.23
H102 4N1 B . 5.61 15.52 -4.69
H103 4N1 B . 6.97 14.36 -4.49
H16 4N1 B . 4.35 10.99 -9.13
H171 4N1 B . 2.86 8.06 -5.97
H181 4N1 B . 1.89 5.77 -8.70
H182 4N1 B . 3.48 5.21 -9.23
H183 4N1 B . 2.30 5.75 -10.42
H191 4N1 B . 5.84 10.08 -11.62
H192 4N1 B . 4.43 11.13 -11.53
H193 4N1 B . 4.40 9.69 -12.56
H211 4N1 B . 3.30 7.22 -13.44
H212 4N1 B . 2.00 7.64 -12.29
H213 4N1 B . 2.50 5.92 -12.52
H172 4N1 B . 3.22 6.49 -6.66
N ALA A 2 17.89 2.01 -7.73
CA ALA A 2 17.50 0.88 -6.84
C ALA A 2 17.75 1.27 -5.39
N VAL A 3 16.99 0.65 -4.49
CA VAL A 3 17.13 0.93 -3.08
C VAL A 3 17.93 -0.16 -2.39
N SER A 4 18.93 0.27 -1.64
CA SER A 4 19.75 -0.67 -0.90
C SER A 4 19.21 -0.74 0.51
N GLU A 5 19.46 -1.82 1.21
CA GLU A 5 18.96 -1.93 2.56
C GLU A 5 19.57 -0.86 3.45
N SER A 6 20.87 -0.58 3.30
CA SER A 6 21.50 0.44 4.14
C SER A 6 20.77 1.76 3.93
N GLN A 7 20.56 2.07 2.67
CA GLN A 7 19.86 3.27 2.29
C GLN A 7 18.44 3.24 2.84
N LEU A 8 17.85 2.04 2.84
CA LEU A 8 16.49 1.92 3.33
C LEU A 8 16.42 2.48 4.75
N LYS A 9 17.44 2.22 5.55
CA LYS A 9 17.43 2.76 6.92
C LYS A 9 17.39 4.27 6.88
N LYS A 10 18.18 4.84 5.99
CA LYS A 10 18.22 6.29 5.86
C LYS A 10 16.91 6.86 5.30
N MET A 11 16.19 6.04 4.55
CA MET A 11 14.92 6.48 3.94
C MET A 11 13.77 6.46 4.97
N VAL A 12 13.81 5.48 5.88
CA VAL A 12 12.75 5.38 6.91
C VAL A 12 13.33 5.66 8.30
N SER A 13 14.50 6.30 8.35
CA SER A 13 15.13 6.62 9.63
C SER A 13 14.34 7.70 10.36
N LYS A 14 13.39 8.33 9.68
CA LYS A 14 12.59 9.37 10.31
C LYS A 14 11.40 8.75 11.07
N TYR A 15 11.14 7.47 10.83
CA TYR A 15 10.03 6.78 11.48
C TYR A 15 10.39 6.39 12.91
N LYS A 16 9.38 6.29 13.76
CA LYS A 16 9.61 5.91 15.15
C LYS A 16 10.15 4.46 15.22
N TYR A 17 9.62 3.56 14.37
CA TYR A 17 10.10 2.15 14.34
C TYR A 17 10.79 1.81 13.00
N ARG A 18 11.98 2.37 12.75
CA ARG A 18 12.66 2.11 11.48
C ARG A 18 13.17 0.66 11.34
N ASP A 19 13.46 -0.01 12.46
CA ASP A 19 13.98 -1.37 12.41
C ASP A 19 12.94 -2.39 12.01
N LEU A 20 11.76 -2.32 12.61
CA LEU A 20 10.72 -3.27 12.28
C LEU A 20 10.19 -3.00 10.89
N THR A 21 10.05 -1.72 10.54
CA THR A 21 9.56 -1.36 9.22
C THR A 21 10.49 -1.88 8.12
N VAL A 22 11.80 -1.68 8.31
CA VAL A 22 12.78 -2.14 7.34
C VAL A 22 12.73 -3.64 7.22
N ARG A 23 12.68 -4.32 8.34
CA ARG A 23 12.62 -5.76 8.31
C ARG A 23 11.35 -6.22 7.59
N GLU A 24 10.26 -5.55 7.92
CA GLU A 24 8.95 -5.87 7.36
C GLU A 24 8.92 -5.60 5.85
N THR A 25 9.59 -4.53 5.39
CA THR A 25 9.61 -4.24 3.95
C THR A 25 10.36 -5.30 3.19
N VAL A 26 11.44 -5.79 3.77
CA VAL A 26 12.23 -6.79 3.07
C VAL A 26 11.32 -7.95 2.75
N ASN A 27 10.51 -8.35 3.72
CA ASN A 27 9.59 -9.44 3.48
C ASN A 27 8.64 -9.11 2.34
N VAL A 28 8.19 -7.85 2.28
CA VAL A 28 7.27 -7.42 1.26
C VAL A 28 7.88 -7.34 -0.14
N ILE A 29 9.09 -6.81 -0.25
CA ILE A 29 9.68 -6.68 -1.58
C ILE A 29 10.43 -7.96 -1.98
N THR A 30 10.83 -8.76 -1.00
CA THR A 30 11.51 -10.03 -1.29
C THR A 30 10.51 -11.04 -1.86
N LEU A 31 9.33 -11.09 -1.25
CA LEU A 31 8.27 -12.02 -1.67
C LEU A 31 7.39 -11.39 -2.76
N TYR A 32 7.18 -10.08 -2.66
CA TYR A 32 6.37 -9.37 -3.63
C TYR A 32 7.24 -8.31 -4.32
N LYS A 33 8.18 -8.77 -5.14
CA LYS A 33 9.08 -7.87 -5.85
C LYS A 33 8.30 -6.89 -6.70
N ASP A 34 7.07 -7.22 -7.02
CA ASP A 34 6.28 -6.32 -7.86
C ASP A 34 5.99 -5.01 -7.11
N LEU A 35 6.22 -5.00 -5.80
CA LEU A 35 6.03 -3.79 -5.02
C LEU A 35 7.42 -3.14 -4.86
N LYS A 36 7.67 -1.95 -5.47
CA LYS A 36 9.01 -1.35 -5.36
C LYS A 36 9.01 -0.07 -4.50
N PRO A 37 9.89 0.06 -3.50
CA PRO A 37 9.94 1.29 -2.65
C PRO A 37 10.73 2.44 -3.29
N VAL A 38 10.18 3.66 -3.23
CA VAL A 38 10.87 4.82 -3.77
C VAL A 38 10.90 5.93 -2.73
N LEU A 39 11.87 6.83 -2.84
CA LEU A 39 12.00 7.94 -1.90
C LEU A 39 11.30 9.17 -2.46
N ASP A 40 10.27 9.64 -1.76
CA ASP A 40 9.52 10.82 -2.22
C ASP A 40 9.54 11.95 -1.20
N SER A 41 9.78 13.17 -1.68
CA SER A 41 9.78 14.33 -0.81
C SER A 41 8.35 14.65 -0.40
N TYR A 42 8.13 14.97 0.87
CA TYR A 42 6.77 15.28 1.32
C TYR A 42 6.72 16.73 1.84
N VAL A 43 5.81 17.52 1.26
CA VAL A 43 5.64 18.91 1.67
C VAL A 43 4.30 19.08 2.38
N PHE A 44 4.35 19.63 3.60
CA PHE A 44 3.11 19.82 4.38
C PHE A 44 2.69 21.30 4.37
N ASN A 45 1.46 21.58 4.80
CA ASN A 45 0.95 22.95 4.83
C ASN A 45 1.80 23.84 5.75
N ASP A 46 2.26 23.28 6.87
CA ASP A 46 3.07 24.05 7.81
C ASP A 46 4.39 24.46 7.16
N GLY A 47 4.74 23.83 6.04
CA GLY A 47 5.98 24.15 5.36
C GLY A 47 7.09 23.18 5.74
N SER A 48 6.82 22.34 6.73
CA SER A 48 7.80 21.37 7.17
C SER A 48 8.00 20.33 6.07
N SER A 49 9.23 19.86 5.96
CA SER A 49 9.57 18.87 4.93
C SER A 49 10.21 17.64 5.54
N ARG A 50 9.82 16.49 5.03
CA ARG A 50 10.35 15.20 5.49
C ARG A 50 10.34 14.19 4.36
N GLU A 51 11.43 13.45 4.24
CA GLU A 51 11.55 12.45 3.19
C GLU A 51 10.88 11.14 3.60
N LEU A 52 9.85 10.76 2.85
CA LEU A 52 9.15 9.50 3.13
C LEU A 52 9.26 8.52 1.97
N MET A 53 9.34 7.24 2.30
CA MET A 53 9.48 6.18 1.27
C MET A 53 8.10 5.55 0.99
N ASN A 54 7.78 5.30 -0.29
CA ASN A 54 6.48 4.71 -0.62
C ASN A 54 6.63 3.51 -1.53
N LEU A 55 5.68 2.59 -1.42
CA LEU A 55 5.70 1.39 -2.26
C LEU A 55 4.76 1.62 -3.44
N THR A 56 5.24 1.38 -4.64
CA THR A 56 4.41 1.63 -5.83
C THR A 56 4.66 0.62 -6.94
N GLY A 57 3.57 0.19 -7.59
CA GLY A 57 3.66 -0.77 -8.69
C GLY A 57 2.31 -1.36 -9.02
N THR A 58 2.31 -2.66 -9.34
CA THR A 58 1.06 -3.35 -9.71
C THR A 58 0.90 -4.69 -9.01
N ILE A 59 -0.35 -5.14 -8.94
CA ILE A 59 -0.65 -6.46 -8.34
C ILE A 59 -1.53 -7.25 -9.32
N PRO A 60 -1.07 -8.39 -9.85
CA PRO A 60 -1.93 -9.20 -10.78
C PRO A 60 -3.07 -9.86 -10.01
N VAL A 61 -4.32 -9.62 -10.41
CA VAL A 61 -5.44 -10.22 -9.68
C VAL A 61 -6.43 -10.92 -10.62
N PRO A 62 -6.74 -12.19 -10.39
CA PRO A 62 -7.72 -12.93 -11.24
C PRO A 62 -9.14 -12.47 -10.97
N TYR A 63 -9.98 -12.49 -11.99
CA TYR A 63 -11.36 -12.03 -11.84
C TYR A 63 -12.26 -12.51 -13.00
N ARG A 64 -13.25 -13.35 -12.70
CA ARG A 64 -14.17 -13.81 -13.76
C ARG A 64 -13.41 -14.49 -14.91
N GLY A 65 -12.25 -15.08 -14.62
CA GLY A 65 -11.45 -15.71 -15.67
C GLY A 65 -10.58 -14.68 -16.39
N ASN A 66 -10.78 -13.41 -16.04
CA ASN A 66 -10.02 -12.31 -16.62
C ASN A 66 -9.14 -11.70 -15.52
N THR A 67 -7.94 -11.29 -15.88
CA THR A 67 -7.01 -10.74 -14.90
C THR A 67 -6.60 -9.32 -15.26
N TYR A 68 -6.67 -8.43 -14.27
CA TYR A 68 -6.29 -7.03 -14.48
C TYR A 68 -5.06 -6.66 -13.66
N ASN A 69 -4.29 -5.69 -14.16
CA ASN A 69 -3.12 -5.21 -13.45
C ASN A 69 -3.52 -3.96 -12.68
N ILE A 70 -3.66 -4.11 -11.36
CA ILE A 70 -4.11 -2.98 -10.53
C ILE A 70 -2.95 -2.09 -10.04
N PRO A 71 -2.90 -0.82 -10.42
CA PRO A 71 -1.84 0.13 -9.94
C PRO A 71 -2.22 0.72 -8.57
N ILE A 72 -1.33 0.58 -7.55
CA ILE A 72 -1.67 1.14 -6.23
C ILE A 72 -0.47 1.87 -5.60
N CYS A 73 -0.77 2.91 -4.80
CA CYS A 73 0.27 3.68 -4.11
C CYS A 73 0.05 3.63 -2.62
N LEU A 74 1.09 3.17 -1.93
CA LEU A 74 1.05 3.03 -0.49
C LEU A 74 1.90 4.13 0.18
N TRP A 75 1.27 5.00 0.97
CA TRP A 75 2.03 6.05 1.68
C TRP A 75 2.07 5.69 3.17
N LEU A 76 3.28 5.62 3.73
CA LEU A 76 3.43 5.23 5.14
C LEU A 76 3.43 6.46 6.07
N LEU A 77 2.76 6.37 7.23
CA LEU A 77 2.73 7.48 8.20
C LEU A 77 3.97 7.39 9.08
N ASP A 78 4.44 8.51 9.60
CA ASP A 78 5.64 8.49 10.43
C ASP A 78 5.46 7.59 11.65
N THR A 79 4.21 7.23 11.95
CA THR A 79 3.94 6.36 13.08
C THR A 79 3.55 4.94 12.64
N TYR A 80 3.73 4.65 11.36
CA TYR A 80 3.46 3.30 10.85
C TYR A 80 4.47 2.36 11.53
N PRO A 81 4.14 1.12 11.86
CA PRO A 81 2.79 0.46 11.63
C PRO A 81 1.78 0.60 12.78
N TYR A 82 2.09 1.34 13.84
CA TYR A 82 1.12 1.48 14.92
C TYR A 82 -0.04 2.38 14.47
N ASN A 83 0.21 3.17 13.43
CA ASN A 83 -0.83 4.06 12.90
C ASN A 83 -1.35 3.51 11.55
N PRO A 84 -2.65 3.31 11.35
CA PRO A 84 -3.15 2.77 10.03
C PRO A 84 -2.55 3.52 8.82
N PRO A 85 -2.03 2.83 7.82
CA PRO A 85 -1.44 3.48 6.61
C PRO A 85 -2.52 3.82 5.57
N ILE A 86 -2.37 4.94 4.83
CA ILE A 86 -3.37 5.28 3.84
C ILE A 86 -2.98 4.68 2.48
N CYS A 87 -4.00 4.32 1.72
CA CYS A 87 -3.78 3.72 0.41
C CYS A 87 -4.78 4.26 -0.60
N PHE A 88 -4.28 4.66 -1.77
CA PHE A 88 -5.17 5.19 -2.82
C PHE A 88 -5.05 4.37 -4.11
N VAL A 89 -6.21 3.98 -4.66
CA VAL A 89 -6.21 3.22 -5.91
C VAL A 89 -6.09 4.21 -7.08
N LYS A 90 -5.41 3.83 -8.16
CA LYS A 90 -5.24 4.74 -9.30
C LYS A 90 -6.35 4.50 -10.36
N PRO A 91 -7.41 5.30 -10.41
CA PRO A 91 -8.50 5.09 -11.43
C PRO A 91 -8.10 5.59 -12.83
N THR A 92 -8.77 5.05 -13.85
CA THR A 92 -8.50 5.44 -15.25
C THR A 92 -9.81 5.55 -16.02
N SER A 93 -9.73 5.96 -17.27
CA SER A 93 -10.92 6.11 -18.11
C SER A 93 -11.71 4.79 -18.30
N SER A 94 -11.02 3.66 -18.55
CA SER A 94 -11.72 2.38 -18.75
C SER A 94 -11.94 1.65 -17.42
N MET A 95 -11.72 2.35 -16.31
CA MET A 95 -11.89 1.76 -14.99
C MET A 95 -12.77 2.70 -14.17
N THR A 96 -13.71 2.15 -13.41
CA THR A 96 -14.61 3.00 -12.62
C THR A 96 -14.57 2.65 -11.13
N ILE A 97 -14.73 3.66 -10.28
CA ILE A 97 -14.71 3.44 -8.84
C ILE A 97 -16.12 3.12 -8.34
N LYS A 98 -16.38 1.84 -8.06
CA LYS A 98 -17.70 1.48 -7.55
C LYS A 98 -17.62 1.42 -6.04
N THR A 99 -18.28 2.37 -5.38
CA THR A 99 -18.25 2.45 -3.94
C THR A 99 -19.02 1.29 -3.33
N GLY A 100 -18.67 0.95 -2.09
CA GLY A 100 -19.33 -0.15 -1.41
C GLY A 100 -18.78 -0.33 0.01
N LYS A 101 -18.53 -1.59 0.37
CA LYS A 101 -18.04 -1.92 1.72
C LYS A 101 -16.51 -1.82 1.89
N HIS A 102 -15.76 -1.48 0.83
CA HIS A 102 -14.29 -1.39 0.99
C HIS A 102 -13.67 -0.14 0.35
N VAL A 103 -14.28 0.43 -0.71
CA VAL A 103 -13.72 1.64 -1.33
C VAL A 103 -14.63 2.84 -1.05
N ASP A 104 -14.00 3.96 -0.67
CA ASP A 104 -14.74 5.18 -0.39
C ASP A 104 -14.91 5.98 -1.69
N ALA A 105 -15.43 7.19 -1.60
CA ALA A 105 -15.62 8.01 -2.79
C ALA A 105 -14.38 8.84 -3.13
N ASN A 106 -13.32 8.70 -2.33
CA ASN A 106 -12.10 9.46 -2.58
C ASN A 106 -10.98 8.54 -3.08
N GLY A 107 -11.24 7.22 -3.11
CA GLY A 107 -10.24 6.28 -3.59
C GLY A 107 -9.49 5.59 -2.45
N LYS A 108 -9.76 5.98 -1.21
CA LYS A 108 -9.09 5.37 -0.07
C LYS A 108 -9.60 3.95 0.16
N ILE A 109 -8.70 3.06 0.60
CA ILE A 109 -9.06 1.65 0.86
C ILE A 109 -9.07 1.34 2.36
N TYR A 110 -10.22 0.87 2.86
CA TYR A 110 -10.32 0.49 4.26
C TYR A 110 -10.62 -1.01 4.31
N LEU A 111 -9.87 -1.76 5.11
CA LEU A 111 -10.05 -3.22 5.14
C LEU A 111 -10.34 -3.71 6.57
N PRO A 112 -11.44 -4.42 6.80
CA PRO A 112 -11.78 -4.94 8.16
C PRO A 112 -10.61 -5.66 8.85
N TYR A 113 -9.81 -6.42 8.09
CA TYR A 113 -8.70 -7.13 8.72
C TYR A 113 -7.77 -6.13 9.38
N LEU A 114 -7.66 -4.94 8.77
CA LEU A 114 -6.80 -3.87 9.27
C LEU A 114 -7.35 -3.29 10.56
N HIS A 115 -8.66 -3.09 10.60
CA HIS A 115 -9.30 -2.53 11.77
C HIS A 115 -9.13 -3.45 12.97
N GLU A 116 -8.98 -4.74 12.70
CA GLU A 116 -8.82 -5.72 13.77
C GLU A 116 -7.42 -6.35 13.74
N TRP A 117 -6.51 -5.78 12.96
CA TRP A 117 -5.15 -6.30 12.86
C TRP A 117 -4.39 -5.99 14.13
N LYS A 118 -3.85 -7.05 14.70
CA LYS A 118 -3.05 -6.93 15.91
C LYS A 118 -1.59 -6.87 15.52
N HIS A 119 -0.87 -5.88 16.01
CA HIS A 119 0.54 -5.75 15.68
C HIS A 119 1.39 -6.67 16.58
N PRO A 120 2.23 -7.53 16.06
CA PRO A 120 2.49 -7.80 14.60
C PRO A 120 1.96 -9.16 14.16
N GLN A 121 0.72 -9.21 13.66
CA GLN A 121 0.14 -10.48 13.22
C GLN A 121 -0.08 -10.49 11.72
N SER A 122 -0.92 -9.59 11.21
CA SER A 122 -1.20 -9.56 9.78
C SER A 122 0.02 -9.11 8.99
N ASP A 123 0.74 -8.11 9.50
CA ASP A 123 1.96 -7.62 8.81
C ASP A 123 1.63 -6.96 7.47
N LEU A 124 2.61 -6.23 6.94
CA LEU A 124 2.44 -5.54 5.64
C LEU A 124 2.27 -6.58 4.51
N LEU A 125 3.09 -7.62 4.54
CA LEU A 125 2.98 -8.68 3.52
C LEU A 125 1.56 -9.23 3.54
N GLY A 126 0.99 -9.35 4.75
CA GLY A 126 -0.40 -9.84 4.89
C GLY A 126 -1.37 -8.89 4.19
N LEU A 127 -1.11 -7.59 4.29
CA LEU A 127 -1.97 -6.57 3.65
C LEU A 127 -2.07 -6.81 2.16
N ILE A 128 -0.97 -7.17 1.53
CA ILE A 128 -0.98 -7.35 0.07
C ILE A 128 -1.71 -8.63 -0.35
N GLN A 129 -1.41 -9.77 0.28
CA GLN A 129 -2.13 -11.01 -0.08
C GLN A 129 -3.58 -10.85 0.33
N VAL A 130 -3.84 -10.14 1.45
CA VAL A 130 -5.21 -9.91 1.87
C VAL A 130 -5.86 -8.99 0.85
N MET A 131 -5.09 -8.00 0.38
CA MET A 131 -5.60 -7.07 -0.62
C MET A 131 -6.05 -7.88 -1.83
N ILE A 132 -5.22 -8.86 -2.20
CA ILE A 132 -5.50 -9.73 -3.32
C ILE A 132 -6.77 -10.56 -3.09
N VAL A 133 -6.98 -11.05 -1.86
CA VAL A 133 -8.16 -11.86 -1.60
C VAL A 133 -9.42 -11.03 -1.42
N VAL A 134 -9.32 -9.97 -0.62
CA VAL A 134 -10.46 -9.12 -0.32
C VAL A 134 -10.86 -8.27 -1.52
N PHE A 135 -10.00 -8.17 -2.55
CA PHE A 135 -10.38 -7.41 -3.76
C PHE A 135 -10.73 -8.39 -4.88
N GLY A 136 -10.27 -9.64 -4.75
CA GLY A 136 -10.60 -10.66 -5.75
C GLY A 136 -12.05 -11.09 -5.60
N ASP A 137 -12.55 -11.05 -4.36
CA ASP A 137 -13.93 -11.43 -4.11
C ASP A 137 -14.90 -10.47 -4.81
N GLU A 138 -14.57 -9.19 -4.81
CA GLU A 138 -15.40 -8.18 -5.48
C GLU A 138 -14.53 -6.97 -5.79
N PRO A 139 -13.78 -7.02 -6.87
CA PRO A 139 -12.90 -5.87 -7.25
C PRO A 139 -13.68 -4.56 -7.21
N PRO A 140 -13.41 -3.69 -6.26
CA PRO A 140 -14.12 -2.37 -6.19
C PRO A 140 -13.97 -1.61 -7.50
N VAL A 141 -12.92 -1.94 -8.23
CA VAL A 141 -12.65 -1.30 -9.52
C VAL A 141 -12.64 -2.37 -10.62
N PHE A 142 -13.21 -2.04 -11.78
CA PHE A 142 -13.26 -3.02 -12.87
C PHE A 142 -13.47 -2.30 -14.21
N SER A 143 -13.22 -3.00 -15.33
CA SER A 143 -13.38 -2.42 -16.66
C SER A 143 -14.62 -2.97 -17.33
N ARG A 144 -15.44 -2.07 -17.86
CA ARG A 144 -16.65 -2.46 -18.54
C ARG A 144 -16.55 -2.16 -20.04
N PRO A 145 -16.90 -3.08 -20.92
CA PRO A 145 -16.83 -2.84 -22.39
C PRO A 145 -17.56 -1.55 -22.79
C1 4N1 B . 5.56 13.02 -4.12
O1 4N1 B . 6.48 13.74 -3.47
N2 4N1 B . 6.09 12.24 -5.07
C3 4N1 B . 5.21 11.53 -5.74
C4 4N1 B . 3.81 11.49 -5.57
C5 4N1 B . 3.27 12.31 -4.56
C6 4N1 B . 4.17 13.09 -3.84
N7 4N1 B . 5.47 10.64 -6.78
C8 4N1 B . 4.25 10.13 -7.14
N9 4N1 B . 3.23 10.60 -6.47
C10 4N1 B . 6.92 14.98 -4.02
N11 4N1 B . 4.13 9.25 -8.27
C12 4N1 B . 3.53 8.01 -8.21
C13 4N1 B . 3.44 7.26 -9.40
C14 4N1 B . 4.03 7.76 -10.60
O14 4N1 B . 3.88 6.95 -11.66
C15 4N1 B . 4.61 9.05 -10.63
C16 4N1 B . 4.63 9.74 -9.45
C17 4N1 B . 3.06 7.46 -6.88
C18 4N1 B . 2.78 5.92 -9.43
C19 4N1 B . 5.13 9.75 -11.87
S20 4N1 B . 1.24 7.14 -6.77
C21 4N1 B . 4.94 6.33 -12.40
H5 4N1 B . 2.21 12.34 -4.36
H6 4N1 B . 3.81 13.76 -3.06
H7 4N1 B . 6.38 10.36 -7.09
H101 4N1 B . 7.22 14.75 -5.05
H102 4N1 B . 7.80 15.37 -3.48
H103 4N1 B . 6.13 15.72 -4.03
H16 4N1 B . 5.01 10.75 -9.40
H171 4N1 B . 3.37 8.12 -6.06
H181 4N1 B . 1.68 6.03 -9.41
H182 4N1 B . 3.06 5.33 -8.57
H183 4N1 B . 3.05 5.37 -10.33
H191 4N1 B . 5.25 9.03 -12.68
H192 4N1 B . 6.11 10.19 -11.68
H193 4N1 B . 4.46 10.54 -12.23
H211 4N1 B . 5.83 6.48 -11.79
H212 4N1 B . 5.07 6.82 -13.38
H213 4N1 B . 4.75 5.26 -12.54
H172 4N1 B . 3.54 6.50 -6.71
N ALA A 2 18.00 -0.10 -7.54
CA ALA A 2 17.55 -1.07 -6.51
C ALA A 2 17.91 -0.54 -5.12
N VAL A 3 16.94 -0.56 -4.22
CA VAL A 3 17.15 -0.09 -2.87
C VAL A 3 18.03 -1.06 -2.10
N SER A 4 18.92 -0.50 -1.32
CA SER A 4 19.79 -1.32 -0.48
C SER A 4 19.27 -1.22 0.94
N GLU A 5 19.59 -2.18 1.77
CA GLU A 5 19.12 -2.13 3.14
C GLU A 5 19.72 -0.94 3.89
N SER A 6 21.00 -0.65 3.69
CA SER A 6 21.60 0.48 4.37
C SER A 6 20.91 1.77 3.92
N GLN A 7 20.67 1.82 2.63
CA GLN A 7 20.00 2.94 2.01
C GLN A 7 18.54 3.00 2.43
N LEU A 8 17.95 1.83 2.70
CA LEU A 8 16.58 1.80 3.09
C LEU A 8 16.45 2.58 4.38
N LYS A 9 17.43 2.40 5.24
CA LYS A 9 17.46 3.10 6.53
C LYS A 9 17.44 4.59 6.27
N LYS A 10 18.23 5.01 5.30
CA LYS A 10 18.30 6.44 4.98
C LYS A 10 16.94 6.97 4.56
N MET A 11 16.15 6.16 3.85
CA MET A 11 14.84 6.64 3.40
C MET A 11 13.76 6.49 4.49
N VAL A 12 14.07 5.79 5.57
CA VAL A 12 13.10 5.62 6.66
C VAL A 12 13.73 5.94 8.02
N SER A 13 14.84 6.68 8.00
CA SER A 13 15.57 7.05 9.20
C SER A 13 14.75 8.00 10.07
N LYS A 14 13.74 8.64 9.47
CA LYS A 14 12.93 9.61 10.21
C LYS A 14 11.75 8.94 10.93
N TYR A 15 11.44 7.69 10.58
CA TYR A 15 10.33 6.98 11.22
C TYR A 15 10.70 6.60 12.64
N LYS A 16 9.70 6.56 13.52
CA LYS A 16 9.94 6.17 14.91
C LYS A 16 10.38 4.70 14.98
N TYR A 17 9.77 3.86 14.14
CA TYR A 17 10.12 2.42 14.11
C TYR A 17 10.89 2.08 12.84
N ARG A 18 12.07 2.69 12.65
CA ARG A 18 12.85 2.44 11.44
C ARG A 18 13.35 0.98 11.34
N ASP A 19 13.52 0.30 12.46
CA ASP A 19 14.02 -1.07 12.46
C ASP A 19 12.94 -2.07 12.06
N LEU A 20 11.80 -2.04 12.73
CA LEU A 20 10.74 -2.99 12.42
C LEU A 20 10.18 -2.71 11.03
N THR A 21 10.04 -1.43 10.69
CA THR A 21 9.52 -1.04 9.38
C THR A 21 10.42 -1.57 8.27
N VAL A 22 11.73 -1.36 8.42
CA VAL A 22 12.67 -1.85 7.44
C VAL A 22 12.58 -3.35 7.34
N ARG A 23 12.52 -4.01 8.47
CA ARG A 23 12.44 -5.45 8.42
C ARG A 23 11.14 -5.88 7.74
N GLU A 24 10.08 -5.16 8.05
CA GLU A 24 8.77 -5.46 7.51
C GLU A 24 8.77 -5.27 5.99
N THR A 25 9.48 -4.24 5.50
CA THR A 25 9.55 -4.02 4.06
C THR A 25 10.33 -5.13 3.40
N VAL A 26 11.34 -5.64 4.10
CA VAL A 26 12.14 -6.70 3.51
C VAL A 26 11.23 -7.83 3.13
N ASN A 27 10.34 -8.18 4.01
CA ASN A 27 9.40 -9.26 3.72
C ASN A 27 8.54 -8.90 2.52
N VAL A 28 8.14 -7.64 2.42
CA VAL A 28 7.29 -7.18 1.35
C VAL A 28 8.00 -7.10 -0.01
N ILE A 29 9.22 -6.59 -0.04
CA ILE A 29 9.89 -6.46 -1.34
C ILE A 29 10.67 -7.74 -1.69
N THR A 30 10.97 -8.57 -0.71
CA THR A 30 11.68 -9.82 -0.96
C THR A 30 10.73 -10.88 -1.52
N LEU A 31 9.56 -11.02 -0.88
CA LEU A 31 8.56 -11.99 -1.29
C LEU A 31 7.62 -11.39 -2.33
N TYR A 32 7.32 -10.10 -2.16
CA TYR A 32 6.45 -9.41 -3.09
C TYR A 32 7.26 -8.37 -3.87
N LYS A 33 8.15 -8.87 -4.73
CA LYS A 33 9.02 -8.00 -5.52
C LYS A 33 8.19 -7.09 -6.40
N ASP A 34 6.93 -7.43 -6.60
CA ASP A 34 6.09 -6.60 -7.44
C ASP A 34 5.89 -5.23 -6.80
N LEU A 35 6.08 -5.17 -5.48
CA LEU A 35 5.95 -3.92 -4.74
C LEU A 35 7.36 -3.30 -4.60
N LYS A 36 7.65 -2.12 -5.20
CA LYS A 36 8.99 -1.56 -5.11
C LYS A 36 9.02 -0.26 -4.27
N PRO A 37 9.94 -0.10 -3.32
CA PRO A 37 10.01 1.16 -2.51
C PRO A 37 10.71 2.31 -3.28
N VAL A 38 10.12 3.51 -3.21
CA VAL A 38 10.69 4.70 -3.87
C VAL A 38 10.81 5.84 -2.87
N LEU A 39 11.94 6.54 -2.88
CA LEU A 39 12.15 7.66 -1.97
C LEU A 39 11.54 8.93 -2.55
N ASP A 40 10.57 9.52 -1.84
CA ASP A 40 9.90 10.72 -2.34
C ASP A 40 9.85 11.86 -1.31
N SER A 41 10.12 13.08 -1.78
CA SER A 41 10.05 14.26 -0.90
C SER A 41 8.59 14.50 -0.52
N TYR A 42 8.31 14.82 0.75
CA TYR A 42 6.92 15.05 1.15
C TYR A 42 6.75 16.45 1.77
N VAL A 43 5.70 17.16 1.34
CA VAL A 43 5.42 18.49 1.87
C VAL A 43 4.03 18.52 2.49
N PHE A 44 3.95 18.97 3.75
CA PHE A 44 2.67 19.03 4.44
C PHE A 44 2.13 20.48 4.43
N ASN A 45 0.82 20.64 4.63
CA ASN A 45 0.22 21.97 4.63
C ASN A 45 0.85 22.85 5.70
N ASP A 46 1.22 22.25 6.83
CA ASP A 46 1.82 23.01 7.93
C ASP A 46 3.15 23.64 7.48
N GLY A 47 3.69 23.18 6.35
CA GLY A 47 4.93 23.73 5.84
C GLY A 47 6.12 22.84 6.19
N SER A 48 5.92 21.89 7.10
CA SER A 48 6.98 20.98 7.49
C SER A 48 7.35 20.10 6.30
N SER A 49 8.64 19.85 6.17
CA SER A 49 9.12 19.02 5.06
C SER A 49 9.87 17.80 5.59
N ARG A 50 9.64 16.65 4.97
CA ARG A 50 10.30 15.41 5.38
C ARG A 50 10.24 14.38 4.27
N GLU A 51 11.35 13.68 4.09
CA GLU A 51 11.45 12.67 3.06
C GLU A 51 10.81 11.35 3.53
N LEU A 52 9.79 10.92 2.79
CA LEU A 52 9.10 9.66 3.14
C LEU A 52 9.16 8.68 1.98
N MET A 53 9.37 7.41 2.33
CA MET A 53 9.46 6.33 1.35
C MET A 53 8.07 5.82 0.97
N ASN A 54 7.89 5.36 -0.27
CA ASN A 54 6.58 4.88 -0.69
C ASN A 54 6.68 3.56 -1.44
N LEU A 55 5.62 2.78 -1.35
CA LEU A 55 5.57 1.48 -2.07
C LEU A 55 4.69 1.67 -3.31
N THR A 56 5.28 1.52 -4.50
CA THR A 56 4.54 1.75 -5.75
C THR A 56 4.78 0.65 -6.78
N GLY A 57 3.68 0.22 -7.43
CA GLY A 57 3.77 -0.80 -8.48
C GLY A 57 2.41 -1.34 -8.86
N THR A 58 2.35 -2.63 -9.13
CA THR A 58 1.09 -3.26 -9.55
C THR A 58 0.83 -4.59 -8.84
N ILE A 59 -0.44 -5.01 -8.87
CA ILE A 59 -0.83 -6.29 -8.28
C ILE A 59 -1.71 -7.05 -9.28
N PRO A 60 -1.28 -8.22 -9.79
CA PRO A 60 -2.14 -9.00 -10.74
C PRO A 60 -3.30 -9.64 -9.99
N VAL A 61 -4.54 -9.41 -10.45
CA VAL A 61 -5.70 -9.97 -9.75
C VAL A 61 -6.65 -10.71 -10.70
N PRO A 62 -6.95 -11.97 -10.45
CA PRO A 62 -7.90 -12.76 -11.29
C PRO A 62 -9.32 -12.27 -11.06
N TYR A 63 -10.13 -12.30 -12.11
CA TYR A 63 -11.50 -11.81 -12.01
C TYR A 63 -12.38 -12.29 -13.17
N ARG A 64 -13.38 -13.11 -12.86
CA ARG A 64 -14.29 -13.60 -13.92
C ARG A 64 -13.53 -14.24 -15.10
N GLY A 65 -12.39 -14.87 -14.83
CA GLY A 65 -11.61 -15.50 -15.89
C GLY A 65 -10.71 -14.48 -16.59
N ASN A 66 -10.87 -13.20 -16.23
CA ASN A 66 -10.07 -12.13 -16.79
C ASN A 66 -9.21 -11.54 -15.68
N THR A 67 -8.03 -11.06 -16.03
CA THR A 67 -7.11 -10.52 -15.02
C THR A 67 -6.69 -9.09 -15.36
N TYR A 68 -6.76 -8.21 -14.36
CA TYR A 68 -6.37 -6.82 -14.57
C TYR A 68 -5.15 -6.46 -13.73
N ASN A 69 -4.37 -5.49 -14.22
CA ASN A 69 -3.19 -5.02 -13.51
C ASN A 69 -3.58 -3.76 -12.73
N ILE A 70 -3.75 -3.90 -11.42
CA ILE A 70 -4.19 -2.77 -10.60
C ILE A 70 -3.00 -1.92 -10.07
N PRO A 71 -2.89 -0.64 -10.46
CA PRO A 71 -1.80 0.26 -9.97
C PRO A 71 -2.14 0.85 -8.58
N ILE A 72 -1.24 0.71 -7.58
CA ILE A 72 -1.57 1.26 -6.25
C ILE A 72 -0.38 1.99 -5.61
N CYS A 73 -0.68 3.02 -4.79
CA CYS A 73 0.35 3.77 -4.09
C CYS A 73 0.10 3.72 -2.59
N LEU A 74 1.11 3.24 -1.87
CA LEU A 74 1.04 3.09 -0.43
C LEU A 74 1.88 4.17 0.26
N TRP A 75 1.24 5.21 0.81
CA TRP A 75 2.01 6.23 1.53
C TRP A 75 2.11 5.82 3.01
N LEU A 76 3.35 5.72 3.50
CA LEU A 76 3.57 5.29 4.89
C LEU A 76 3.65 6.53 5.80
N LEU A 77 3.02 6.46 6.99
CA LEU A 77 3.07 7.60 7.92
C LEU A 77 4.30 7.45 8.81
N ASP A 78 4.81 8.56 9.35
CA ASP A 78 6.00 8.49 10.20
C ASP A 78 5.73 7.60 11.43
N THR A 79 4.46 7.33 11.70
CA THR A 79 4.07 6.49 12.83
C THR A 79 3.85 5.04 12.40
N TYR A 80 4.03 4.75 11.11
CA TYR A 80 3.88 3.39 10.60
C TYR A 80 4.98 2.52 11.23
N PRO A 81 4.75 1.27 11.57
CA PRO A 81 3.45 0.52 11.39
C PRO A 81 2.45 0.63 12.55
N TYR A 82 2.75 1.42 13.58
CA TYR A 82 1.80 1.53 14.69
C TYR A 82 0.54 2.27 14.24
N ASN A 83 0.66 3.07 13.17
CA ASN A 83 -0.50 3.80 12.65
C ASN A 83 -0.95 3.18 11.31
N PRO A 84 -2.21 2.79 11.12
CA PRO A 84 -2.64 2.21 9.80
C PRO A 84 -2.20 3.09 8.63
N PRO A 85 -1.70 2.51 7.55
CA PRO A 85 -1.24 3.29 6.36
C PRO A 85 -2.40 3.66 5.43
N ILE A 86 -2.36 4.86 4.81
CA ILE A 86 -3.44 5.24 3.90
C ILE A 86 -3.06 4.85 2.48
N CYS A 87 -4.00 4.19 1.80
CA CYS A 87 -3.78 3.70 0.44
C CYS A 87 -4.73 4.33 -0.56
N PHE A 88 -4.20 4.60 -1.76
CA PHE A 88 -5.04 5.21 -2.82
C PHE A 88 -4.94 4.40 -4.12
N VAL A 89 -6.10 4.02 -4.66
CA VAL A 89 -6.15 3.26 -5.93
C VAL A 89 -6.12 4.24 -7.09
N LYS A 90 -5.26 3.99 -8.09
CA LYS A 90 -5.14 4.89 -9.25
C LYS A 90 -6.17 4.51 -10.35
N PRO A 91 -7.30 5.20 -10.49
CA PRO A 91 -8.28 4.85 -11.56
C PRO A 91 -7.90 5.42 -12.93
N THR A 92 -8.45 4.84 -13.99
CA THR A 92 -8.16 5.29 -15.36
C THR A 92 -9.46 5.65 -16.07
N SER A 93 -9.34 6.30 -17.21
CA SER A 93 -10.54 6.71 -17.97
C SER A 93 -11.46 5.52 -18.30
N SER A 94 -10.91 4.34 -18.60
CA SER A 94 -11.75 3.17 -18.94
C SER A 94 -12.16 2.37 -17.70
N MET A 95 -11.78 2.83 -16.51
CA MET A 95 -12.15 2.13 -15.28
C MET A 95 -12.75 3.15 -14.30
N THR A 96 -13.80 2.76 -13.59
CA THR A 96 -14.43 3.70 -12.63
C THR A 96 -14.31 3.17 -11.21
N ILE A 97 -14.38 4.08 -10.24
CA ILE A 97 -14.26 3.69 -8.84
C ILE A 97 -15.62 3.25 -8.31
N LYS A 98 -15.79 1.96 -8.04
CA LYS A 98 -17.05 1.48 -7.52
C LYS A 98 -16.96 1.36 -6.02
N THR A 99 -17.50 2.34 -5.33
CA THR A 99 -17.45 2.34 -3.88
C THR A 99 -18.26 1.17 -3.34
N GLY A 100 -17.87 0.68 -2.18
CA GLY A 100 -18.55 -0.45 -1.58
C GLY A 100 -18.16 -0.64 -0.10
N LYS A 101 -18.07 -1.89 0.33
CA LYS A 101 -17.74 -2.21 1.72
C LYS A 101 -16.31 -1.80 2.13
N HIS A 102 -15.40 -1.58 1.17
CA HIS A 102 -14.03 -1.20 1.53
C HIS A 102 -13.49 0.02 0.75
N VAL A 103 -13.97 0.29 -0.46
CA VAL A 103 -13.47 1.47 -1.20
C VAL A 103 -14.33 2.70 -0.97
N ASP A 104 -13.68 3.85 -0.76
CA ASP A 104 -14.39 5.11 -0.55
C ASP A 104 -14.38 5.92 -1.86
N ALA A 105 -15.03 7.08 -1.84
CA ALA A 105 -15.11 7.92 -3.05
C ALA A 105 -13.76 8.48 -3.47
N ASN A 106 -12.94 8.87 -2.50
CA ASN A 106 -11.63 9.45 -2.81
C ASN A 106 -10.58 8.35 -2.97
N GLY A 107 -10.99 7.09 -2.81
CA GLY A 107 -10.04 6.00 -2.96
C GLY A 107 -9.48 5.50 -1.63
N LYS A 108 -10.19 5.75 -0.53
CA LYS A 108 -9.72 5.26 0.76
C LYS A 108 -9.99 3.77 0.83
N ILE A 109 -9.02 3.01 1.33
CA ILE A 109 -9.19 1.56 1.43
C ILE A 109 -9.14 1.11 2.88
N TYR A 110 -10.18 0.41 3.31
CA TYR A 110 -10.23 -0.11 4.67
C TYR A 110 -10.75 -1.55 4.58
N LEU A 111 -10.31 -2.41 5.51
CA LEU A 111 -10.67 -3.85 5.46
C LEU A 111 -10.89 -4.42 6.88
N PRO A 112 -11.89 -5.29 7.12
CA PRO A 112 -12.10 -5.91 8.47
C PRO A 112 -10.82 -6.45 9.11
N TYR A 113 -9.95 -7.06 8.31
CA TYR A 113 -8.72 -7.59 8.87
C TYR A 113 -7.87 -6.45 9.44
N LEU A 114 -7.96 -5.28 8.83
CA LEU A 114 -7.18 -4.12 9.26
C LEU A 114 -7.66 -3.55 10.58
N HIS A 115 -8.98 -3.44 10.74
CA HIS A 115 -9.51 -2.85 11.97
C HIS A 115 -9.25 -3.80 13.14
N GLU A 116 -9.16 -5.10 12.85
CA GLU A 116 -8.90 -6.09 13.89
C GLU A 116 -7.42 -6.45 13.94
N TRP A 117 -6.63 -5.84 13.09
CA TRP A 117 -5.20 -6.11 13.04
C TRP A 117 -4.55 -5.80 14.38
N LYS A 118 -3.85 -6.79 14.89
CA LYS A 118 -3.14 -6.67 16.15
C LYS A 118 -1.66 -6.52 15.85
N HIS A 119 -1.17 -5.30 15.81
CA HIS A 119 0.23 -5.08 15.50
C HIS A 119 1.13 -5.88 16.46
N PRO A 120 2.01 -6.77 15.99
CA PRO A 120 2.22 -7.15 14.56
C PRO A 120 1.71 -8.56 14.22
N GLN A 121 0.46 -8.68 13.77
CA GLN A 121 -0.08 -10.00 13.44
C GLN A 121 -0.27 -10.16 11.93
N SER A 122 -1.08 -9.28 11.34
CA SER A 122 -1.36 -9.37 9.91
C SER A 122 -0.14 -8.98 9.07
N ASP A 123 0.58 -7.95 9.52
CA ASP A 123 1.80 -7.48 8.80
C ASP A 123 1.46 -6.83 7.45
N LEU A 124 2.43 -6.10 6.90
CA LEU A 124 2.25 -5.42 5.60
C LEU A 124 2.09 -6.47 4.50
N LEU A 125 2.94 -7.50 4.53
CA LEU A 125 2.85 -8.56 3.53
C LEU A 125 1.43 -9.13 3.55
N GLY A 126 0.87 -9.24 4.76
CA GLY A 126 -0.52 -9.74 4.90
C GLY A 126 -1.49 -8.81 4.18
N LEU A 127 -1.25 -7.50 4.28
CA LEU A 127 -2.13 -6.52 3.63
C LEU A 127 -2.21 -6.73 2.13
N ILE A 128 -1.08 -7.03 1.52
CA ILE A 128 -1.06 -7.18 0.05
C ILE A 128 -1.75 -8.48 -0.40
N GLN A 129 -1.43 -9.60 0.21
CA GLN A 129 -2.09 -10.86 -0.17
C GLN A 129 -3.56 -10.77 0.24
N VAL A 130 -3.86 -10.11 1.36
CA VAL A 130 -5.24 -9.97 1.78
C VAL A 130 -5.95 -9.05 0.80
N MET A 131 -5.27 -7.99 0.34
CA MET A 131 -5.86 -7.07 -0.62
C MET A 131 -6.26 -7.88 -1.85
N ILE A 132 -5.35 -8.80 -2.22
CA ILE A 132 -5.56 -9.67 -3.36
C ILE A 132 -6.77 -10.60 -3.16
N VAL A 133 -6.90 -11.20 -1.97
CA VAL A 133 -8.01 -12.11 -1.71
C VAL A 133 -9.34 -11.39 -1.47
N VAL A 134 -9.28 -10.35 -0.68
CA VAL A 134 -10.47 -9.60 -0.32
C VAL A 134 -10.98 -8.74 -1.48
N PHE A 135 -10.16 -8.55 -2.53
CA PHE A 135 -10.65 -7.77 -3.70
C PHE A 135 -10.94 -8.72 -4.86
N GLY A 136 -10.41 -9.94 -4.81
CA GLY A 136 -10.71 -10.92 -5.85
C GLY A 136 -12.18 -11.29 -5.77
N ASP A 137 -12.77 -11.09 -4.58
CA ASP A 137 -14.17 -11.39 -4.35
C ASP A 137 -15.08 -10.32 -4.96
N GLU A 138 -14.58 -9.09 -5.08
CA GLU A 138 -15.35 -8.00 -5.65
C GLU A 138 -14.41 -6.88 -6.08
N PRO A 139 -13.83 -6.97 -7.26
CA PRO A 139 -12.91 -5.92 -7.75
C PRO A 139 -13.51 -4.53 -7.53
N PRO A 140 -12.88 -3.67 -6.76
CA PRO A 140 -13.45 -2.31 -6.52
C PRO A 140 -13.39 -1.46 -7.79
N VAL A 141 -12.56 -1.90 -8.73
CA VAL A 141 -12.42 -1.22 -10.02
C VAL A 141 -12.58 -2.26 -11.13
N PHE A 142 -13.12 -1.85 -12.27
CA PHE A 142 -13.30 -2.79 -13.38
C PHE A 142 -13.43 -2.02 -14.70
N SER A 143 -13.28 -2.72 -15.82
CA SER A 143 -13.36 -2.07 -17.12
C SER A 143 -14.79 -1.98 -17.61
N ARG A 144 -15.24 -0.76 -17.83
CA ARG A 144 -16.59 -0.52 -18.31
C ARG A 144 -16.58 0.02 -19.75
N PRO A 145 -17.04 -0.74 -20.73
CA PRO A 145 -17.06 -0.28 -22.15
C PRO A 145 -18.22 0.68 -22.43
C1 4N1 B . 5.80 13.03 -4.24
O1 4N1 B . 6.73 13.77 -3.63
N2 4N1 B . 6.31 12.20 -5.15
C3 4N1 B . 5.41 11.48 -5.79
C4 4N1 B . 4.01 11.48 -5.63
C5 4N1 B . 3.48 12.37 -4.67
C6 4N1 B . 4.40 13.15 -3.97
N7 4N1 B . 5.65 10.54 -6.78
C8 4N1 B . 4.42 10.04 -7.14
N9 4N1 B . 3.41 10.57 -6.49
C10 4N1 B . 7.12 15.03 -4.17
N11 4N1 B . 4.32 9.15 -8.25
C12 4N1 B . 3.69 7.91 -8.20
C13 4N1 B . 3.67 7.14 -9.38
C14 4N1 B . 4.34 7.61 -10.55
O14 4N1 B . 4.30 6.75 -11.57
C15 4N1 B . 4.92 8.90 -10.58
C16 4N1 B . 4.87 9.61 -9.41
C17 4N1 B . 3.17 7.40 -6.87
C18 4N1 B . 2.97 5.82 -9.42
C19 4N1 B . 5.52 9.55 -11.79
S20 4N1 B . 1.33 7.15 -6.84
C21 4N1 B . 3.28 6.73 -12.59
H5 4N1 B . 2.43 12.45 -4.47
H6 4N1 B . 4.05 13.87 -3.23
H7 4N1 B . 6.56 10.21 -7.06
H101 4N1 B . 8.05 15.28 -3.68
H102 4N1 B . 6.37 15.80 -3.95
H103 4N1 B . 7.28 14.96 -5.25
H16 4N1 B . 5.26 10.62 -9.36
H171 4N1 B . 3.45 8.05 -6.05
H181 4N1 B . 2.23 5.75 -8.63
H182 4N1 B . 3.67 5.00 -9.30
H183 4N1 B . 2.46 5.70 -10.38
H191 4N1 B . 5.05 10.53 -11.95
H192 4N1 B . 5.35 8.95 -12.69
H193 4N1 B . 6.60 9.72 -11.70
H211 4N1 B . 2.48 6.12 -12.17
H212 4N1 B . 3.65 6.27 -13.51
H213 4N1 B . 2.90 7.73 -12.79
H172 4N1 B . 3.59 6.42 -6.68
N ALA A 2 17.47 1.08 -7.61
CA ALA A 2 17.44 -0.06 -6.63
C ALA A 2 17.90 0.46 -5.27
N VAL A 3 17.08 0.19 -4.26
CA VAL A 3 17.39 0.61 -2.91
C VAL A 3 18.21 -0.43 -2.19
N SER A 4 19.08 0.06 -1.33
CA SER A 4 19.91 -0.81 -0.52
C SER A 4 19.33 -0.81 0.89
N GLU A 5 19.47 -1.90 1.61
CA GLU A 5 18.91 -1.95 2.95
C GLU A 5 19.55 -0.87 3.83
N SER A 6 20.86 -0.70 3.73
CA SER A 6 21.51 0.31 4.56
C SER A 6 20.88 1.67 4.28
N GLN A 7 20.74 1.97 3.00
CA GLN A 7 20.12 3.20 2.57
C GLN A 7 18.68 3.25 3.04
N LEU A 8 18.03 2.09 3.08
CA LEU A 8 16.65 2.03 3.49
C LEU A 8 16.52 2.66 4.86
N LYS A 9 17.49 2.42 5.73
CA LYS A 9 17.45 3.00 7.08
C LYS A 9 17.46 4.51 6.97
N LYS A 10 18.30 5.02 6.08
CA LYS A 10 18.40 6.46 5.88
C LYS A 10 17.10 7.01 5.33
N MET A 11 16.48 6.23 4.47
CA MET A 11 15.24 6.61 3.80
C MET A 11 14.08 6.73 4.81
N VAL A 12 14.06 5.83 5.82
CA VAL A 12 13.00 5.85 6.84
C VAL A 12 13.57 6.08 8.23
N SER A 13 14.70 6.79 8.31
CA SER A 13 15.35 7.05 9.58
C SER A 13 14.49 7.91 10.50
N LYS A 14 13.57 8.67 9.91
CA LYS A 14 12.71 9.56 10.71
C LYS A 14 11.64 8.80 11.47
N TYR A 15 11.42 7.54 11.10
CA TYR A 15 10.39 6.74 11.75
C TYR A 15 10.81 6.36 13.16
N LYS A 16 9.81 6.15 14.02
CA LYS A 16 10.07 5.75 15.40
C LYS A 16 10.47 4.26 15.46
N TYR A 17 9.97 3.48 14.51
CA TYR A 17 10.28 2.03 14.44
C TYR A 17 11.02 1.68 13.14
N ARG A 18 12.20 2.24 12.88
CA ARG A 18 12.90 1.95 11.63
C ARG A 18 13.32 0.48 11.49
N ASP A 19 13.59 -0.19 12.60
CA ASP A 19 14.04 -1.58 12.56
C ASP A 19 12.96 -2.55 12.12
N LEU A 20 11.76 -2.38 12.65
CA LEU A 20 10.69 -3.28 12.27
C LEU A 20 10.20 -2.95 10.87
N THR A 21 10.08 -1.65 10.57
CA THR A 21 9.62 -1.23 9.25
C THR A 21 10.57 -1.71 8.15
N VAL A 22 11.87 -1.50 8.35
CA VAL A 22 12.87 -1.93 7.39
C VAL A 22 12.83 -3.42 7.23
N ARG A 23 12.76 -4.14 8.34
CA ARG A 23 12.73 -5.58 8.25
C ARG A 23 11.46 -6.05 7.52
N GLU A 24 10.33 -5.42 7.86
CA GLU A 24 9.06 -5.78 7.25
C GLU A 24 9.06 -5.45 5.76
N THR A 25 9.71 -4.35 5.37
CA THR A 25 9.75 -4.00 3.95
C THR A 25 10.54 -5.01 3.17
N VAL A 26 11.64 -5.48 3.76
CA VAL A 26 12.45 -6.44 3.03
C VAL A 26 11.58 -7.61 2.69
N ASN A 27 10.77 -8.03 3.65
CA ASN A 27 9.86 -9.14 3.41
C ASN A 27 8.91 -8.79 2.26
N VAL A 28 8.43 -7.56 2.27
CA VAL A 28 7.49 -7.10 1.26
C VAL A 28 8.10 -6.99 -0.14
N ILE A 29 9.30 -6.44 -0.25
CA ILE A 29 9.90 -6.30 -1.58
C ILE A 29 10.68 -7.55 -1.99
N THR A 30 10.97 -8.42 -1.03
CA THR A 30 11.68 -9.66 -1.35
C THR A 30 10.70 -10.73 -1.80
N LEU A 31 9.61 -10.88 -1.04
CA LEU A 31 8.58 -11.86 -1.37
C LEU A 31 7.61 -11.28 -2.40
N TYR A 32 7.36 -9.99 -2.30
CA TYR A 32 6.47 -9.30 -3.21
C TYR A 32 7.28 -8.27 -4.00
N LYS A 33 8.16 -8.77 -4.86
CA LYS A 33 9.03 -7.91 -5.66
C LYS A 33 8.22 -6.95 -6.51
N ASP A 34 6.95 -7.27 -6.73
CA ASP A 34 6.12 -6.41 -7.54
C ASP A 34 5.91 -5.05 -6.86
N LEU A 35 6.09 -5.02 -5.54
CA LEU A 35 5.96 -3.78 -4.79
C LEU A 35 7.36 -3.15 -4.69
N LYS A 36 7.62 -1.96 -5.30
CA LYS A 36 8.97 -1.40 -5.24
C LYS A 36 9.02 -0.14 -4.37
N PRO A 37 9.99 0.01 -3.46
CA PRO A 37 10.08 1.24 -2.62
C PRO A 37 10.75 2.40 -3.38
N VAL A 38 10.14 3.60 -3.31
CA VAL A 38 10.69 4.77 -3.99
C VAL A 38 10.83 5.91 -2.99
N LEU A 39 11.96 6.59 -3.01
CA LEU A 39 12.18 7.69 -2.07
C LEU A 39 11.52 8.96 -2.62
N ASP A 40 10.49 9.44 -1.91
CA ASP A 40 9.77 10.64 -2.36
C ASP A 40 9.75 11.74 -1.29
N SER A 41 9.97 12.98 -1.74
CA SER A 41 9.93 14.13 -0.84
C SER A 41 8.47 14.38 -0.44
N TYR A 42 8.22 14.87 0.77
CA TYR A 42 6.84 15.13 1.18
C TYR A 42 6.72 16.52 1.82
N VAL A 43 5.68 17.25 1.42
CA VAL A 43 5.44 18.60 1.96
C VAL A 43 4.08 18.66 2.67
N PHE A 44 4.08 19.10 3.92
CA PHE A 44 2.84 19.19 4.68
C PHE A 44 2.26 20.62 4.63
N ASN A 45 0.99 20.77 5.01
CA ASN A 45 0.34 22.08 4.97
C ASN A 45 0.98 23.05 5.97
N ASP A 46 1.71 22.52 6.95
CA ASP A 46 2.34 23.38 7.94
C ASP A 46 3.72 23.86 7.46
N GLY A 47 4.08 23.51 6.22
CA GLY A 47 5.37 23.93 5.67
C GLY A 47 6.48 22.96 6.07
N SER A 48 6.16 22.00 6.92
CA SER A 48 7.15 21.03 7.35
C SER A 48 7.47 20.08 6.20
N SER A 49 8.73 19.71 6.11
CA SER A 49 9.18 18.81 5.06
C SER A 49 9.89 17.59 5.66
N ARG A 50 9.73 16.45 5.01
CA ARG A 50 10.36 15.22 5.47
C ARG A 50 10.46 14.21 4.33
N GLU A 51 11.59 13.52 4.29
CA GLU A 51 11.83 12.53 3.24
C GLU A 51 11.17 11.20 3.61
N LEU A 52 10.06 10.86 2.95
CA LEU A 52 9.38 9.60 3.22
C LEU A 52 9.44 8.66 2.02
N MET A 53 9.64 7.39 2.31
CA MET A 53 9.71 6.35 1.26
C MET A 53 8.30 5.89 0.89
N ASN A 54 8.08 5.50 -0.37
CA ASN A 54 6.75 5.08 -0.80
C ASN A 54 6.79 3.68 -1.40
N LEU A 55 5.63 3.05 -1.46
CA LEU A 55 5.53 1.72 -2.07
C LEU A 55 4.57 1.84 -3.27
N THR A 56 5.09 1.67 -4.49
CA THR A 56 4.27 1.83 -5.69
C THR A 56 4.55 0.76 -6.75
N GLY A 57 3.47 0.30 -7.39
CA GLY A 57 3.58 -0.71 -8.46
C GLY A 57 2.22 -1.28 -8.84
N THR A 58 2.22 -2.58 -9.14
CA THR A 58 0.98 -3.26 -9.55
C THR A 58 0.78 -4.61 -8.87
N ILE A 59 -0.48 -5.07 -8.85
CA ILE A 59 -0.81 -6.37 -8.28
C ILE A 59 -1.70 -7.15 -9.29
N PRO A 60 -1.24 -8.28 -9.83
CA PRO A 60 -2.09 -9.06 -10.77
C PRO A 60 -3.20 -9.77 -9.99
N VAL A 61 -4.47 -9.56 -10.37
CA VAL A 61 -5.55 -10.19 -9.62
C VAL A 61 -6.50 -10.98 -10.55
N PRO A 62 -6.68 -12.27 -10.31
CA PRO A 62 -7.60 -13.11 -11.13
C PRO A 62 -9.05 -12.74 -10.83
N TYR A 63 -9.91 -12.82 -11.83
CA TYR A 63 -11.31 -12.45 -11.63
C TYR A 63 -12.22 -13.00 -12.75
N ARG A 64 -13.02 -14.01 -12.42
CA ARG A 64 -13.94 -14.58 -13.40
C ARG A 64 -13.23 -14.99 -14.70
N GLY A 65 -12.02 -15.53 -14.59
CA GLY A 65 -11.27 -15.95 -15.77
C GLY A 65 -10.60 -14.75 -16.45
N ASN A 66 -10.80 -13.56 -15.89
CA ASN A 66 -10.22 -12.34 -16.42
C ASN A 66 -9.30 -11.75 -15.36
N THR A 67 -8.14 -11.26 -15.77
CA THR A 67 -7.18 -10.71 -14.82
C THR A 67 -6.85 -9.26 -15.15
N TYR A 68 -6.88 -8.41 -14.12
CA TYR A 68 -6.58 -7.00 -14.32
C TYR A 68 -5.31 -6.59 -13.54
N ASN A 69 -4.60 -5.61 -14.09
CA ASN A 69 -3.40 -5.09 -13.45
C ASN A 69 -3.79 -3.87 -12.63
N ILE A 70 -3.94 -4.04 -11.32
CA ILE A 70 -4.38 -2.93 -10.47
C ILE A 70 -3.20 -2.06 -9.98
N PRO A 71 -3.13 -0.80 -10.38
CA PRO A 71 -2.04 0.13 -9.92
C PRO A 71 -2.40 0.76 -8.55
N ILE A 72 -1.50 0.67 -7.57
CA ILE A 72 -1.82 1.26 -6.24
C ILE A 72 -0.65 2.07 -5.66
N CYS A 73 -0.99 3.13 -4.89
CA CYS A 73 0.03 3.96 -4.24
C CYS A 73 -0.12 3.85 -2.72
N LEU A 74 0.98 3.47 -2.08
CA LEU A 74 0.99 3.29 -0.64
C LEU A 74 1.83 4.37 0.05
N TRP A 75 1.19 5.27 0.81
CA TRP A 75 1.97 6.29 1.54
C TRP A 75 2.21 5.82 2.97
N LEU A 76 3.48 5.90 3.40
CA LEU A 76 3.83 5.44 4.76
C LEU A 76 3.92 6.65 5.70
N LEU A 77 3.32 6.53 6.89
CA LEU A 77 3.33 7.64 7.86
C LEU A 77 4.50 7.44 8.81
N ASP A 78 5.14 8.53 9.25
CA ASP A 78 6.30 8.40 10.15
C ASP A 78 5.99 7.52 11.36
N THR A 79 4.71 7.26 11.66
CA THR A 79 4.36 6.43 12.82
C THR A 79 4.10 4.97 12.42
N TYR A 80 4.40 4.63 11.18
CA TYR A 80 4.23 3.27 10.70
C TYR A 80 5.20 2.37 11.47
N PRO A 81 4.87 1.14 11.81
CA PRO A 81 3.56 0.44 11.51
C PRO A 81 2.47 0.58 12.59
N TYR A 82 2.72 1.33 13.65
CA TYR A 82 1.70 1.48 14.69
C TYR A 82 0.52 2.30 14.16
N ASN A 83 0.77 3.09 13.12
CA ASN A 83 -0.29 3.89 12.51
C ASN A 83 -0.69 3.25 11.17
N PRO A 84 -1.92 2.81 10.95
CA PRO A 84 -2.29 2.18 9.64
C PRO A 84 -1.83 3.05 8.45
N PRO A 85 -1.26 2.48 7.42
CA PRO A 85 -0.78 3.27 6.24
C PRO A 85 -1.94 3.63 5.31
N ILE A 86 -1.95 4.85 4.74
CA ILE A 86 -3.06 5.22 3.86
C ILE A 86 -2.85 4.62 2.48
N CYS A 87 -3.95 4.39 1.78
CA CYS A 87 -3.87 3.78 0.46
C CYS A 87 -4.87 4.38 -0.52
N PHE A 88 -4.42 4.56 -1.76
CA PHE A 88 -5.30 5.12 -2.80
C PHE A 88 -5.26 4.28 -4.07
N VAL A 89 -6.45 3.91 -4.58
CA VAL A 89 -6.53 3.12 -5.82
C VAL A 89 -6.45 4.10 -7.00
N LYS A 90 -5.64 3.77 -8.01
CA LYS A 90 -5.48 4.68 -9.17
C LYS A 90 -6.33 4.19 -10.35
N PRO A 91 -7.50 4.79 -10.62
CA PRO A 91 -8.37 4.36 -11.75
C PRO A 91 -8.06 5.10 -13.06
N THR A 92 -7.83 4.35 -14.14
CA THR A 92 -7.58 4.95 -15.45
C THR A 92 -8.90 5.43 -16.04
N SER A 93 -8.81 6.14 -17.16
CA SER A 93 -10.03 6.66 -17.81
C SER A 93 -11.05 5.54 -18.12
N SER A 94 -10.60 4.30 -18.37
CA SER A 94 -11.54 3.21 -18.68
C SER A 94 -11.90 2.40 -17.42
N MET A 95 -11.30 2.75 -16.28
CA MET A 95 -11.58 2.05 -15.04
C MET A 95 -12.69 2.77 -14.29
N THR A 96 -13.64 2.00 -13.79
CA THR A 96 -14.75 2.59 -13.05
C THR A 96 -14.61 2.25 -11.57
N ILE A 97 -14.79 3.25 -10.70
CA ILE A 97 -14.68 3.03 -9.28
C ILE A 97 -16.07 2.75 -8.69
N LYS A 98 -16.34 1.52 -8.29
CA LYS A 98 -17.64 1.21 -7.72
C LYS A 98 -17.57 1.35 -6.21
N THR A 99 -18.06 2.48 -5.72
CA THR A 99 -18.05 2.73 -4.29
C THR A 99 -18.98 1.76 -3.58
N GLY A 100 -18.63 1.40 -2.37
CA GLY A 100 -19.43 0.47 -1.58
C GLY A 100 -18.90 0.37 -0.16
N LYS A 101 -19.09 -0.80 0.46
CA LYS A 101 -18.66 -1.01 1.84
C LYS A 101 -17.14 -1.03 2.04
N HIS A 102 -16.35 -1.27 0.99
CA HIS A 102 -14.87 -1.28 1.17
C HIS A 102 -14.16 -0.16 0.38
N VAL A 103 -14.71 0.28 -0.76
CA VAL A 103 -14.06 1.40 -1.51
C VAL A 103 -14.79 2.70 -1.24
N ASP A 104 -14.02 3.77 -1.05
CA ASP A 104 -14.58 5.10 -0.80
C ASP A 104 -14.71 5.85 -2.14
N ALA A 105 -15.01 7.15 -2.08
CA ALA A 105 -15.19 7.94 -3.32
C ALA A 105 -13.87 8.50 -3.86
N ASN A 106 -12.92 8.79 -2.99
CA ASN A 106 -11.65 9.34 -3.42
C ASN A 106 -10.63 8.22 -3.66
N GLY A 107 -11.03 6.98 -3.46
CA GLY A 107 -10.13 5.86 -3.68
C GLY A 107 -9.61 5.23 -2.39
N LYS A 108 -10.13 5.66 -1.24
CA LYS A 108 -9.71 5.09 0.04
C LYS A 108 -10.09 3.62 0.11
N ILE A 109 -9.28 2.82 0.81
CA ILE A 109 -9.56 1.40 0.96
C ILE A 109 -9.83 1.05 2.43
N TYR A 110 -11.00 0.47 2.69
CA TYR A 110 -11.36 0.07 4.05
C TYR A 110 -11.32 -1.45 4.14
N LEU A 111 -10.51 -2.01 5.05
CA LEU A 111 -10.40 -3.46 5.15
C LEU A 111 -10.64 -3.93 6.60
N PRO A 112 -11.68 -4.70 6.87
CA PRO A 112 -11.96 -5.20 8.25
C PRO A 112 -10.74 -5.83 8.94
N TYR A 113 -9.89 -6.54 8.19
CA TYR A 113 -8.73 -7.17 8.80
C TYR A 113 -7.83 -6.08 9.39
N LEU A 114 -7.83 -4.90 8.76
CA LEU A 114 -7.00 -3.79 9.22
C LEU A 114 -7.50 -3.26 10.56
N HIS A 115 -8.83 -3.13 10.66
CA HIS A 115 -9.43 -2.60 11.87
C HIS A 115 -9.19 -3.54 13.05
N GLU A 116 -9.04 -4.83 12.78
CA GLU A 116 -8.81 -5.79 13.86
C GLU A 116 -7.38 -6.35 13.81
N TRP A 117 -6.56 -5.84 12.89
CA TRP A 117 -5.18 -6.30 12.76
C TRP A 117 -4.40 -5.93 14.00
N LYS A 118 -3.80 -6.96 14.58
CA LYS A 118 -2.99 -6.81 15.77
C LYS A 118 -1.53 -6.69 15.35
N HIS A 119 -0.85 -5.65 15.82
CA HIS A 119 0.55 -5.44 15.46
C HIS A 119 1.46 -6.32 16.34
N PRO A 120 2.36 -7.14 15.79
CA PRO A 120 2.59 -7.38 14.34
C PRO A 120 2.13 -8.78 13.90
N GLN A 121 0.89 -8.91 13.44
CA GLN A 121 0.38 -10.21 13.02
C GLN A 121 0.12 -10.22 11.52
N SER A 122 -0.82 -9.38 11.08
CA SER A 122 -1.17 -9.30 9.67
C SER A 122 -0.01 -8.73 8.85
N ASP A 123 0.68 -7.76 9.44
CA ASP A 123 1.83 -7.08 8.80
C ASP A 123 1.48 -6.56 7.40
N LEU A 124 2.44 -5.86 6.81
CA LEU A 124 2.26 -5.29 5.47
C LEU A 124 2.04 -6.41 4.44
N LEU A 125 2.85 -7.47 4.54
CA LEU A 125 2.72 -8.59 3.61
C LEU A 125 1.26 -9.09 3.65
N GLY A 126 0.64 -9.10 4.84
CA GLY A 126 -0.77 -9.52 4.96
C GLY A 126 -1.68 -8.58 4.17
N LEU A 127 -1.38 -7.28 4.22
CA LEU A 127 -2.20 -6.29 3.51
C LEU A 127 -2.26 -6.58 2.02
N ILE A 128 -1.14 -6.97 1.45
CA ILE A 128 -1.10 -7.19 0.01
C ILE A 128 -1.81 -8.50 -0.40
N GLN A 129 -1.53 -9.60 0.28
CA GLN A 129 -2.20 -10.86 -0.04
C GLN A 129 -3.67 -10.75 0.38
N VAL A 130 -3.96 -10.04 1.47
CA VAL A 130 -5.34 -9.87 1.88
C VAL A 130 -6.04 -9.00 0.86
N MET A 131 -5.36 -7.96 0.39
CA MET A 131 -5.95 -7.09 -0.62
C MET A 131 -6.33 -7.95 -1.83
N ILE A 132 -5.40 -8.85 -2.18
CA ILE A 132 -5.61 -9.78 -3.29
C ILE A 132 -6.84 -10.69 -3.05
N VAL A 133 -7.00 -11.18 -1.81
CA VAL A 133 -8.13 -12.08 -1.53
C VAL A 133 -9.44 -11.34 -1.28
N VAL A 134 -9.38 -10.31 -0.46
CA VAL A 134 -10.56 -9.54 -0.11
C VAL A 134 -11.11 -8.76 -1.31
N PHE A 135 -10.30 -8.64 -2.37
CA PHE A 135 -10.81 -7.96 -3.59
C PHE A 135 -11.09 -9.00 -4.68
N GLY A 136 -10.48 -10.18 -4.55
CA GLY A 136 -10.73 -11.25 -5.51
C GLY A 136 -12.20 -11.66 -5.38
N ASP A 137 -12.69 -11.61 -4.14
CA ASP A 137 -14.08 -11.97 -3.84
C ASP A 137 -15.07 -11.02 -4.51
N GLU A 138 -14.75 -9.73 -4.57
CA GLU A 138 -15.64 -8.76 -5.19
C GLU A 138 -14.84 -7.58 -5.70
N PRO A 139 -14.29 -7.67 -6.89
CA PRO A 139 -13.48 -6.55 -7.47
C PRO A 139 -14.20 -5.21 -7.28
N PRO A 140 -13.62 -4.28 -6.56
CA PRO A 140 -14.27 -2.95 -6.34
C PRO A 140 -14.18 -2.08 -7.59
N VAL A 141 -13.48 -2.57 -8.61
CA VAL A 141 -13.31 -1.83 -9.84
C VAL A 141 -13.88 -2.63 -11.01
N PHE A 142 -14.22 -1.94 -12.10
CA PHE A 142 -14.79 -2.60 -13.28
C PHE A 142 -14.43 -1.82 -14.55
N SER A 143 -14.12 -2.54 -15.63
CA SER A 143 -13.74 -1.91 -16.89
C SER A 143 -14.98 -1.53 -17.69
N ARG A 144 -15.20 -0.24 -17.82
CA ARG A 144 -16.35 0.23 -18.58
C ARG A 144 -15.89 0.91 -19.87
N PRO A 145 -16.12 0.31 -21.02
CA PRO A 145 -15.69 0.91 -22.32
C PRO A 145 -16.58 2.09 -22.74
C1 4N1 B . 5.23 13.19 -4.24
O1 4N1 B . 6.15 13.76 -3.45
N2 4N1 B . 5.73 12.22 -5.00
C3 4N1 B . 4.85 11.66 -5.80
C4 4N1 B . 3.47 11.96 -5.94
C5 4N1 B . 2.97 12.98 -5.12
C6 4N1 B . 3.86 13.61 -4.27
N7 4N1 B . 5.09 10.63 -6.70
C8 4N1 B . 3.87 10.37 -7.30
N9 4N1 B . 2.89 11.12 -6.90
C10 4N1 B . 6.93 14.85 -3.94
N11 4N1 B . 3.80 9.43 -8.40
C12 4N1 B . 2.91 8.37 -8.44
C13 4N1 B . 2.93 7.55 -9.57
C14 4N1 B . 3.87 7.77 -10.60
O14 4N1 B . 3.78 6.90 -11.62
C15 4N1 B . 4.73 8.89 -10.55
C16 4N1 B . 4.65 9.68 -9.44
C17 4N1 B . 1.95 8.16 -7.28
C18 4N1 B . 1.96 6.40 -9.70
C19 4N1 B . 5.65 9.35 -11.66
S20 4N1 B . 2.20 6.54 -6.39
C21 4N1 B . 4.89 6.29 -12.31
H5 4N1 B . 1.92 13.28 -5.16
H6 4N1 B . 3.53 14.41 -3.63
H7 4N1 B . 5.95 10.11 -6.78
H101 4N1 B . 7.96 14.53 -3.86
H102 4N1 B . 6.79 15.76 -3.32
H103 4N1 B . 6.68 15.08 -4.99
H16 4N1 B . 5.24 10.58 -9.33
H171 4N1 B . 0.91 8.23 -7.61
H181 4N1 B . 1.54 6.36 -10.72
H182 4N1 B . 1.13 6.52 -9.01
H183 4N1 B . 2.45 5.45 -9.50
H191 4N1 B . 5.66 8.61 -12.47
H192 4N1 B . 6.68 9.46 -11.31
H193 4N1 B . 5.34 10.30 -12.09
H211 4N1 B . 5.07 6.96 -13.16
H212 4N1 B . 4.62 5.29 -12.68
H213 4N1 B . 5.78 6.26 -11.68
H172 4N1 B . 2.11 8.92 -6.53
N ALA A 2 17.78 0.71 -7.91
CA ALA A 2 17.06 -0.12 -6.90
C ALA A 2 17.50 0.27 -5.50
N VAL A 3 16.57 0.18 -4.57
CA VAL A 3 16.84 0.52 -3.18
C VAL A 3 17.59 -0.61 -2.49
N SER A 4 18.65 -0.26 -1.82
CA SER A 4 19.43 -1.23 -1.08
C SER A 4 18.93 -1.22 0.35
N GLU A 5 19.13 -2.30 1.08
CA GLU A 5 18.68 -2.31 2.45
C GLU A 5 19.41 -1.27 3.29
N SER A 6 20.71 -1.11 3.10
CA SER A 6 21.43 -0.10 3.87
C SER A 6 20.82 1.26 3.60
N GLN A 7 20.63 1.52 2.32
CA GLN A 7 20.03 2.75 1.87
C GLN A 7 18.61 2.86 2.38
N LEU A 8 17.95 1.71 2.54
CA LEU A 8 16.58 1.74 3.02
C LEU A 8 16.56 2.42 4.38
N LYS A 9 17.55 2.11 5.22
CA LYS A 9 17.62 2.75 6.54
C LYS A 9 17.73 4.24 6.42
N LYS A 10 18.55 4.68 5.48
CA LYS A 10 18.75 6.12 5.28
C LYS A 10 17.44 6.79 4.90
N MET A 11 16.65 6.09 4.12
CA MET A 11 15.36 6.61 3.63
C MET A 11 14.35 6.74 4.77
N VAL A 12 14.38 5.79 5.71
CA VAL A 12 13.43 5.79 6.82
C VAL A 12 14.13 6.05 8.17
N SER A 13 15.33 6.64 8.11
CA SER A 13 16.08 6.96 9.32
C SER A 13 15.41 8.06 10.14
N LYS A 14 14.33 8.61 9.60
CA LYS A 14 13.62 9.69 10.30
C LYS A 14 12.32 9.19 10.94
N TYR A 15 11.91 7.98 10.61
CA TYR A 15 10.69 7.39 11.19
C TYR A 15 10.88 7.12 12.67
N LYS A 16 9.77 6.99 13.39
CA LYS A 16 9.84 6.68 14.81
C LYS A 16 10.30 5.22 15.01
N TYR A 17 9.83 4.32 14.15
CA TYR A 17 10.22 2.89 14.23
C TYR A 17 10.90 2.42 12.92
N ARG A 18 12.16 2.84 12.69
CA ARG A 18 12.87 2.48 11.46
C ARG A 18 13.30 0.99 11.41
N ASP A 19 13.41 0.33 12.55
CA ASP A 19 13.87 -1.05 12.57
C ASP A 19 12.76 -2.01 12.18
N LEU A 20 11.59 -1.83 12.78
CA LEU A 20 10.48 -2.71 12.48
C LEU A 20 9.99 -2.45 11.07
N THR A 21 9.94 -1.16 10.68
CA THR A 21 9.48 -0.80 9.34
C THR A 21 10.37 -1.41 8.26
N VAL A 22 11.70 -1.26 8.41
CA VAL A 22 12.63 -1.82 7.45
C VAL A 22 12.52 -3.32 7.39
N ARG A 23 12.47 -3.94 8.56
CA ARG A 23 12.40 -5.38 8.58
C ARG A 23 11.11 -5.84 7.89
N GLU A 24 10.02 -5.14 8.16
CA GLU A 24 8.75 -5.48 7.58
C GLU A 24 8.76 -5.26 6.06
N THR A 25 9.42 -4.20 5.61
CA THR A 25 9.48 -3.96 4.16
C THR A 25 10.27 -5.05 3.47
N VAL A 26 11.29 -5.57 4.14
CA VAL A 26 12.08 -6.61 3.51
C VAL A 26 11.17 -7.76 3.18
N ASN A 27 10.34 -8.12 4.13
CA ASN A 27 9.41 -9.21 3.89
C ASN A 27 8.46 -8.87 2.75
N VAL A 28 8.03 -7.61 2.70
CA VAL A 28 7.11 -7.17 1.68
C VAL A 28 7.70 -7.22 0.28
N ILE A 29 8.92 -6.72 0.10
CA ILE A 29 9.50 -6.72 -1.23
C ILE A 29 10.22 -8.04 -1.53
N THR A 30 10.60 -8.78 -0.49
CA THR A 30 11.25 -10.07 -0.69
C THR A 30 10.25 -11.09 -1.22
N LEU A 31 9.03 -11.04 -0.67
CA LEU A 31 7.97 -11.96 -1.09
C LEU A 31 7.19 -11.37 -2.27
N TYR A 32 7.00 -10.06 -2.26
CA TYR A 32 6.29 -9.39 -3.35
C TYR A 32 7.22 -8.41 -4.03
N LYS A 33 8.21 -8.95 -4.74
CA LYS A 33 9.19 -8.14 -5.43
C LYS A 33 8.51 -7.20 -6.43
N ASP A 34 7.28 -7.52 -6.79
CA ASP A 34 6.57 -6.67 -7.74
C ASP A 34 6.30 -5.29 -7.12
N LEU A 35 6.37 -5.21 -5.79
CA LEU A 35 6.17 -3.94 -5.09
C LEU A 35 7.56 -3.28 -4.97
N LYS A 36 7.80 -2.09 -5.58
CA LYS A 36 9.14 -1.49 -5.49
C LYS A 36 9.14 -0.20 -4.65
N PRO A 37 10.06 -0.01 -3.71
CA PRO A 37 10.08 1.23 -2.87
C PRO A 37 10.73 2.42 -3.59
N VAL A 38 10.10 3.60 -3.48
CA VAL A 38 10.62 4.82 -4.10
C VAL A 38 10.65 5.94 -3.06
N LEU A 39 11.75 6.69 -3.03
CA LEU A 39 11.89 7.80 -2.09
C LEU A 39 11.17 9.03 -2.65
N ASP A 40 10.25 9.61 -1.89
CA ASP A 40 9.50 10.78 -2.35
C ASP A 40 9.73 11.99 -1.45
N SER A 41 9.47 13.17 -1.98
CA SER A 41 9.61 14.39 -1.21
C SER A 41 8.24 14.78 -0.67
N TYR A 42 8.11 14.97 0.65
CA TYR A 42 6.80 15.32 1.22
C TYR A 42 6.81 16.77 1.73
N VAL A 43 5.77 17.52 1.39
CA VAL A 43 5.65 18.91 1.82
C VAL A 43 4.39 19.11 2.66
N PHE A 44 4.56 19.64 3.88
CA PHE A 44 3.42 19.87 4.76
C PHE A 44 2.94 21.33 4.66
N ASN A 45 1.80 21.63 5.27
CA ASN A 45 1.25 22.97 5.23
C ASN A 45 2.22 23.97 5.86
N ASP A 46 2.88 23.56 6.94
CA ASP A 46 3.83 24.44 7.63
C ASP A 46 5.06 24.68 6.75
N GLY A 47 5.16 23.96 5.64
CA GLY A 47 6.31 24.13 4.74
C GLY A 47 7.44 23.16 5.08
N SER A 48 7.33 22.49 6.23
CA SER A 48 8.34 21.53 6.64
C SER A 48 8.41 20.41 5.62
N SER A 49 9.63 19.97 5.35
CA SER A 49 9.84 18.90 4.40
C SER A 49 10.43 17.67 5.07
N ARG A 50 10.11 16.51 4.51
CA ARG A 50 10.60 15.24 5.04
C ARG A 50 10.51 14.15 3.98
N GLU A 51 11.57 13.39 3.84
CA GLU A 51 11.61 12.32 2.85
C GLU A 51 10.72 11.15 3.31
N LEU A 52 9.65 10.91 2.58
CA LEU A 52 8.72 9.82 2.91
C LEU A 52 8.84 8.74 1.83
N MET A 53 9.17 7.53 2.24
CA MET A 53 9.34 6.41 1.29
C MET A 53 7.97 5.79 0.95
N ASN A 54 7.77 5.38 -0.30
CA ASN A 54 6.50 4.80 -0.71
C ASN A 54 6.68 3.51 -1.48
N LEU A 55 5.62 2.72 -1.54
CA LEU A 55 5.65 1.48 -2.30
C LEU A 55 4.73 1.64 -3.51
N THR A 56 5.28 1.57 -4.72
CA THR A 56 4.50 1.78 -5.93
C THR A 56 4.74 0.71 -6.98
N GLY A 57 3.64 0.27 -7.61
CA GLY A 57 3.73 -0.74 -8.66
C GLY A 57 2.35 -1.33 -8.97
N THR A 58 2.36 -2.61 -9.32
CA THR A 58 1.11 -3.31 -9.65
C THR A 58 1.00 -4.68 -8.99
N ILE A 59 -0.24 -5.17 -8.89
CA ILE A 59 -0.49 -6.50 -8.31
C ILE A 59 -1.39 -7.31 -9.27
N PRO A 60 -0.92 -8.42 -9.83
CA PRO A 60 -1.79 -9.23 -10.74
C PRO A 60 -2.92 -9.86 -9.92
N VAL A 61 -4.19 -9.62 -10.30
CA VAL A 61 -5.29 -10.19 -9.53
C VAL A 61 -6.28 -10.96 -10.43
N PRO A 62 -6.45 -12.26 -10.21
CA PRO A 62 -7.41 -13.07 -11.03
C PRO A 62 -8.86 -12.67 -10.75
N TYR A 63 -9.70 -12.81 -11.77
CA TYR A 63 -11.11 -12.44 -11.65
C TYR A 63 -11.97 -13.07 -12.76
N ARG A 64 -12.85 -13.99 -12.38
CA ARG A 64 -13.76 -14.67 -13.33
C ARG A 64 -13.03 -15.13 -14.61
N GLY A 65 -11.86 -15.74 -14.43
CA GLY A 65 -11.10 -16.27 -15.57
C GLY A 65 -10.28 -15.20 -16.27
N ASN A 66 -10.42 -13.96 -15.84
CA ASN A 66 -9.68 -12.86 -16.44
C ASN A 66 -8.81 -12.23 -15.37
N THR A 67 -7.81 -11.46 -15.77
CA THR A 67 -6.91 -10.84 -14.79
C THR A 67 -6.77 -9.34 -15.04
N TYR A 68 -6.94 -8.56 -13.98
CA TYR A 68 -6.80 -7.10 -14.07
C TYR A 68 -5.49 -6.68 -13.40
N ASN A 69 -4.84 -5.65 -13.95
CA ASN A 69 -3.59 -5.15 -13.38
C ASN A 69 -3.92 -3.91 -12.55
N ILE A 70 -3.94 -4.06 -11.23
CA ILE A 70 -4.31 -2.93 -10.36
C ILE A 70 -3.08 -2.09 -9.93
N PRO A 71 -3.01 -0.82 -10.31
CA PRO A 71 -1.91 0.10 -9.88
C PRO A 71 -2.23 0.71 -8.52
N ILE A 72 -1.34 0.57 -7.52
CA ILE A 72 -1.64 1.14 -6.20
C ILE A 72 -0.43 1.87 -5.58
N CYS A 73 -0.73 2.89 -4.76
CA CYS A 73 0.30 3.64 -4.06
C CYS A 73 0.05 3.55 -2.57
N LEU A 74 1.07 3.10 -1.85
CA LEU A 74 0.98 2.96 -0.41
C LEU A 74 1.73 4.11 0.26
N TRP A 75 1.00 5.07 0.87
CA TRP A 75 1.68 6.17 1.57
C TRP A 75 1.76 5.82 3.06
N LEU A 76 2.97 5.85 3.61
CA LEU A 76 3.14 5.48 5.02
C LEU A 76 3.13 6.72 5.92
N LEU A 77 2.32 6.70 6.99
CA LEU A 77 2.32 7.84 7.92
C LEU A 77 3.63 7.73 8.71
N ASP A 78 4.17 8.86 9.14
CA ASP A 78 5.43 8.83 9.89
C ASP A 78 5.31 8.00 11.17
N THR A 79 4.09 7.66 11.58
CA THR A 79 3.88 6.87 12.78
C THR A 79 3.73 5.37 12.46
N TYR A 80 3.62 5.04 11.18
CA TYR A 80 3.51 3.64 10.77
C TYR A 80 4.68 2.85 11.37
N PRO A 81 4.51 1.59 11.75
CA PRO A 81 3.25 0.76 11.64
C PRO A 81 2.33 0.81 12.86
N TYR A 82 2.56 1.72 13.79
CA TYR A 82 1.68 1.81 14.95
C TYR A 82 0.33 2.42 14.55
N ASN A 83 0.29 3.00 13.34
CA ASN A 83 -0.93 3.60 12.82
C ASN A 83 -1.30 2.91 11.48
N PRO A 84 -2.53 2.43 11.27
CA PRO A 84 -2.86 1.77 9.96
C PRO A 84 -2.42 2.61 8.76
N PRO A 85 -1.86 2.01 7.73
CA PRO A 85 -1.39 2.75 6.52
C PRO A 85 -2.55 3.09 5.56
N ILE A 86 -2.52 4.27 4.91
CA ILE A 86 -3.61 4.65 4.02
C ILE A 86 -3.24 4.30 2.57
N CYS A 87 -4.21 3.73 1.87
CA CYS A 87 -4.00 3.30 0.47
C CYS A 87 -4.80 4.13 -0.52
N PHE A 88 -4.25 4.28 -1.72
CA PHE A 88 -4.96 5.04 -2.78
C PHE A 88 -4.91 4.27 -4.11
N VAL A 89 -6.10 4.07 -4.70
CA VAL A 89 -6.21 3.35 -5.98
C VAL A 89 -5.99 4.34 -7.13
N LYS A 90 -5.02 4.06 -7.99
CA LYS A 90 -4.72 4.95 -9.13
C LYS A 90 -5.90 4.92 -10.14
N PRO A 91 -6.71 5.96 -10.26
CA PRO A 91 -7.87 5.95 -11.22
C PRO A 91 -7.50 6.40 -12.63
N THR A 92 -8.29 5.96 -13.63
CA THR A 92 -8.06 6.36 -15.02
C THR A 92 -9.42 6.66 -15.66
N SER A 93 -9.41 7.35 -16.80
CA SER A 93 -10.68 7.68 -17.47
C SER A 93 -11.52 6.43 -17.85
N SER A 94 -10.88 5.27 -18.07
CA SER A 94 -11.62 4.06 -18.42
C SER A 94 -12.01 3.26 -17.17
N MET A 95 -11.58 3.72 -15.99
CA MET A 95 -11.90 3.03 -14.75
C MET A 95 -12.59 4.01 -13.80
N THR A 96 -13.58 3.52 -13.05
CA THR A 96 -14.28 4.40 -12.10
C THR A 96 -14.29 3.76 -10.73
N ILE A 97 -14.49 4.57 -9.69
CA ILE A 97 -14.54 4.03 -8.34
C ILE A 97 -15.99 3.78 -7.95
N LYS A 98 -16.44 2.53 -8.00
CA LYS A 98 -17.81 2.24 -7.60
C LYS A 98 -17.79 1.78 -6.15
N THR A 99 -18.34 2.61 -5.27
CA THR A 99 -18.34 2.29 -3.85
C THR A 99 -19.09 1.00 -3.57
N GLY A 100 -18.54 0.24 -2.64
CA GLY A 100 -19.15 -1.04 -2.26
C GLY A 100 -18.90 -1.36 -0.78
N LYS A 101 -18.52 -2.59 -0.49
CA LYS A 101 -18.31 -3.01 0.89
C LYS A 101 -16.88 -2.75 1.39
N HIS A 102 -15.97 -2.26 0.52
CA HIS A 102 -14.59 -2.00 0.98
C HIS A 102 -14.03 -0.67 0.42
N VAL A 103 -14.40 -0.25 -0.80
CA VAL A 103 -13.88 1.03 -1.33
C VAL A 103 -14.87 2.15 -1.07
N ASP A 104 -14.33 3.30 -0.67
CA ASP A 104 -15.16 4.48 -0.40
C ASP A 104 -15.19 5.38 -1.64
N ALA A 105 -15.56 6.65 -1.49
CA ALA A 105 -15.64 7.54 -2.64
C ALA A 105 -14.29 8.15 -3.01
N ASN A 106 -13.46 8.47 -2.01
CA ASN A 106 -12.17 9.06 -2.28
C ASN A 106 -11.14 7.98 -2.63
N GLY A 107 -11.56 6.70 -2.59
CA GLY A 107 -10.64 5.62 -2.91
C GLY A 107 -10.11 4.92 -1.65
N LYS A 108 -10.65 5.26 -0.49
CA LYS A 108 -10.19 4.63 0.75
C LYS A 108 -10.45 3.12 0.74
N ILE A 109 -9.47 2.35 1.20
CA ILE A 109 -9.63 0.90 1.26
C ILE A 109 -9.64 0.42 2.71
N TYR A 110 -10.78 -0.09 3.18
CA TYR A 110 -10.86 -0.61 4.53
C TYR A 110 -11.09 -2.12 4.41
N LEU A 111 -10.44 -2.91 5.27
CA LEU A 111 -10.55 -4.36 5.17
C LEU A 111 -10.81 -4.98 6.55
N PRO A 112 -11.80 -5.85 6.69
CA PRO A 112 -12.10 -6.49 8.02
C PRO A 112 -10.86 -7.02 8.76
N TYR A 113 -9.92 -7.62 8.06
CA TYR A 113 -8.73 -8.15 8.72
C TYR A 113 -7.94 -7.00 9.36
N LEU A 114 -8.02 -5.82 8.73
CA LEU A 114 -7.30 -4.64 9.21
C LEU A 114 -7.88 -4.12 10.51
N HIS A 115 -9.20 -4.10 10.61
CA HIS A 115 -9.85 -3.60 11.81
C HIS A 115 -9.60 -4.55 12.98
N GLU A 116 -9.43 -5.84 12.66
CA GLU A 116 -9.15 -6.83 13.71
C GLU A 116 -7.65 -7.06 13.84
N TRP A 117 -6.88 -6.46 12.94
CA TRP A 117 -5.44 -6.63 12.96
C TRP A 117 -4.87 -6.19 14.28
N LYS A 118 -4.11 -7.10 14.87
CA LYS A 118 -3.44 -6.85 16.14
C LYS A 118 -1.97 -6.61 15.86
N HIS A 119 -1.55 -5.35 15.90
CA HIS A 119 -0.17 -5.01 15.64
C HIS A 119 0.76 -5.71 16.65
N PRO A 120 1.75 -6.51 16.25
CA PRO A 120 2.08 -6.90 14.84
C PRO A 120 1.73 -8.36 14.52
N GLN A 121 0.53 -8.62 13.99
CA GLN A 121 0.14 -9.99 13.66
C GLN A 121 -0.01 -10.17 12.15
N SER A 122 -0.93 -9.42 11.55
CA SER A 122 -1.17 -9.54 10.10
C SER A 122 0.04 -9.05 9.29
N ASP A 123 0.64 -7.94 9.72
CA ASP A 123 1.83 -7.40 9.01
C ASP A 123 1.46 -6.84 7.61
N LEU A 124 2.33 -5.96 7.07
CA LEU A 124 2.08 -5.33 5.75
C LEU A 124 1.97 -6.41 4.68
N LEU A 125 2.88 -7.38 4.70
CA LEU A 125 2.83 -8.48 3.75
C LEU A 125 1.44 -9.10 3.82
N GLY A 126 0.85 -9.09 5.02
CA GLY A 126 -0.52 -9.61 5.20
C GLY A 126 -1.51 -8.76 4.40
N LEU A 127 -1.33 -7.44 4.40
CA LEU A 127 -2.22 -6.52 3.66
C LEU A 127 -2.23 -6.80 2.17
N ILE A 128 -1.07 -7.10 1.62
CA ILE A 128 -0.98 -7.32 0.17
C ILE A 128 -1.47 -8.71 -0.23
N GLN A 129 -1.10 -9.75 0.50
CA GLN A 129 -1.60 -11.08 0.16
C GLN A 129 -3.09 -11.10 0.48
N VAL A 130 -3.50 -10.43 1.57
CA VAL A 130 -4.91 -10.38 1.88
C VAL A 130 -5.60 -9.56 0.82
N MET A 131 -5.02 -8.42 0.43
CA MET A 131 -5.62 -7.61 -0.61
C MET A 131 -5.81 -8.49 -1.84
N ILE A 132 -4.77 -9.27 -2.16
CA ILE A 132 -4.84 -10.18 -3.29
C ILE A 132 -6.05 -11.12 -3.17
N VAL A 133 -6.44 -11.48 -1.94
CA VAL A 133 -7.58 -12.40 -1.78
C VAL A 133 -8.92 -11.67 -1.56
N VAL A 134 -8.94 -10.72 -0.65
CA VAL A 134 -10.16 -9.98 -0.30
C VAL A 134 -10.46 -8.85 -1.30
N PHE A 135 -9.51 -8.52 -2.19
CA PHE A 135 -9.77 -7.45 -3.19
C PHE A 135 -10.30 -8.07 -4.48
N GLY A 136 -10.19 -9.40 -4.60
CA GLY A 136 -10.67 -10.09 -5.78
C GLY A 136 -12.09 -10.64 -5.57
N ASP A 137 -12.61 -10.51 -4.34
CA ASP A 137 -13.97 -10.99 -4.05
C ASP A 137 -15.00 -10.19 -4.82
N GLU A 138 -14.75 -8.89 -4.98
CA GLU A 138 -15.66 -8.02 -5.71
C GLU A 138 -14.90 -6.81 -6.22
N PRO A 139 -14.22 -6.92 -7.34
CA PRO A 139 -13.44 -5.78 -7.90
C PRO A 139 -14.24 -4.48 -7.85
N PRO A 140 -13.91 -3.57 -6.96
CA PRO A 140 -14.64 -2.27 -6.86
C PRO A 140 -14.34 -1.37 -8.06
N VAL A 141 -13.33 -1.77 -8.85
CA VAL A 141 -12.94 -1.02 -10.04
C VAL A 141 -12.90 -1.95 -11.24
N PHE A 142 -13.23 -1.41 -12.41
CA PHE A 142 -13.24 -2.21 -13.65
C PHE A 142 -13.16 -1.31 -14.88
N SER A 143 -12.76 -1.87 -16.03
CA SER A 143 -12.67 -1.09 -17.26
C SER A 143 -13.98 -1.12 -18.01
N ARG A 144 -14.54 0.05 -18.25
CA ARG A 144 -15.80 0.15 -18.96
C ARG A 144 -15.60 0.81 -20.33
N PRO A 145 -15.95 0.15 -21.43
CA PRO A 145 -15.78 0.75 -22.79
C PRO A 145 -16.31 2.18 -22.86
C1 4N1 B . 5.01 13.39 -4.22
O1 4N1 B . 5.94 14.08 -3.54
N2 4N1 B . 5.55 12.49 -5.06
C3 4N1 B . 4.66 11.83 -5.77
C4 4N1 B . 3.25 11.94 -5.75
C5 4N1 B . 2.71 12.89 -4.86
C6 4N1 B . 3.61 13.63 -4.09
N7 4N1 B . 4.93 10.85 -6.70
C8 4N1 B . 3.70 10.42 -7.17
N9 4N1 B . 2.68 11.05 -6.65
C10 4N1 B . 6.85 14.92 -4.26
N11 4N1 B . 3.63 9.49 -8.25
C12 4N1 B . 2.89 8.32 -8.19
C13 4N1 B . 2.91 7.46 -9.31
C14 4N1 B . 3.71 7.79 -10.43
O14 4N1 B . 3.63 6.89 -11.43
C15 4N1 B . 4.40 9.03 -10.50
C16 4N1 B . 4.33 9.82 -9.37
C17 4N1 B . 2.06 8.01 -6.95
C18 4N1 B . 2.10 6.19 -9.32
C19 4N1 B . 5.11 9.58 -11.71
S20 4N1 B . 2.59 6.47 -6.06
C21 4N1 B . 4.74 6.42 -12.23
H5 4N1 B . 1.64 13.05 -4.78
H6 4N1 B . 3.25 14.37 -3.40
H7 4N1 B . 5.83 10.44 -6.88
H101 4N1 B . 6.32 15.19 -5.18
H102 4N1 B . 7.77 14.39 -4.52
H103 4N1 B . 7.09 15.83 -3.69
H16 4N1 B . 4.80 10.80 -9.35
H171 4N1 B . 1.01 7.95 -7.19
H181 4N1 B . 1.89 5.88 -10.35
H182 4N1 B . 1.15 6.33 -8.80
H183 4N1 B . 2.65 5.39 -8.82
H191 4N1 B . 5.37 10.63 -11.54
H192 4N1 B . 4.47 9.54 -12.58
H193 4N1 B . 6.04 9.05 -11.93
H211 4N1 B . 5.63 6.62 -11.62
H212 4N1 B . 4.81 7.00 -13.15
H213 4N1 B . 4.66 5.36 -12.44
H172 4N1 B . 2.20 8.82 -6.23
N ALA A 2 17.90 0.64 -7.29
CA ALA A 2 17.34 -0.29 -6.27
C ALA A 2 17.78 0.17 -4.87
N VAL A 3 16.81 0.29 -3.97
CA VAL A 3 17.09 0.70 -2.62
C VAL A 3 18.03 -0.27 -1.95
N SER A 4 18.95 0.26 -1.17
CA SER A 4 19.87 -0.56 -0.42
C SER A 4 19.39 -0.60 1.01
N GLU A 5 19.76 -1.61 1.76
CA GLU A 5 19.31 -1.66 3.14
C GLU A 5 19.83 -0.49 3.93
N SER A 6 21.10 -0.11 3.75
CA SER A 6 21.64 1.03 4.48
C SER A 6 20.83 2.27 4.16
N GLN A 7 20.59 2.46 2.88
CA GLN A 7 19.81 3.57 2.40
C GLN A 7 18.38 3.44 2.88
N LEU A 8 17.92 2.21 3.09
CA LEU A 8 16.55 2.01 3.55
C LEU A 8 16.40 2.68 4.92
N LYS A 9 17.41 2.57 5.75
CA LYS A 9 17.35 3.21 7.08
C LYS A 9 17.32 4.72 6.91
N LYS A 10 18.12 5.21 5.98
CA LYS A 10 18.19 6.65 5.75
C LYS A 10 16.84 7.22 5.32
N MET A 11 16.10 6.46 4.54
CA MET A 11 14.80 6.95 4.06
C MET A 11 13.71 6.88 5.14
N VAL A 12 13.98 6.20 6.26
CA VAL A 12 12.99 6.11 7.32
C VAL A 12 13.67 6.17 8.69
N SER A 13 14.79 6.91 8.76
CA SER A 13 15.54 7.03 10.00
C SER A 13 14.83 7.88 11.04
N LYS A 14 13.96 8.76 10.59
CA LYS A 14 13.25 9.64 11.53
C LYS A 14 12.02 8.95 12.14
N TYR A 15 11.61 7.83 11.55
CA TYR A 15 10.45 7.11 12.04
C TYR A 15 10.66 6.67 13.48
N LYS A 16 9.56 6.55 14.21
CA LYS A 16 9.63 6.10 15.59
C LYS A 16 10.00 4.60 15.62
N TYR A 17 9.47 3.84 14.65
CA TYR A 17 9.77 2.39 14.55
C TYR A 17 10.55 2.06 13.27
N ARG A 18 11.79 2.55 13.13
CA ARG A 18 12.55 2.28 11.90
C ARG A 18 12.88 0.79 11.70
N ASP A 19 13.12 0.04 12.77
CA ASP A 19 13.47 -1.37 12.67
C ASP A 19 12.35 -2.25 12.14
N LEU A 20 11.13 -2.04 12.60
CA LEU A 20 10.03 -2.89 12.12
C LEU A 20 9.67 -2.49 10.70
N THR A 21 9.68 -1.18 10.44
CA THR A 21 9.37 -0.69 9.11
C THR A 21 10.36 -1.22 8.09
N VAL A 22 11.64 -1.20 8.46
CA VAL A 22 12.68 -1.67 7.56
C VAL A 22 12.65 -3.19 7.44
N ARG A 23 12.55 -3.88 8.56
CA ARG A 23 12.55 -5.33 8.52
C ARG A 23 11.33 -5.87 7.76
N GLU A 24 10.17 -5.27 8.00
CA GLU A 24 8.94 -5.72 7.34
C GLU A 24 8.99 -5.38 5.84
N THR A 25 9.66 -4.29 5.47
CA THR A 25 9.74 -3.97 4.05
C THR A 25 10.63 -4.97 3.33
N VAL A 26 11.70 -5.35 4.00
CA VAL A 26 12.63 -6.29 3.38
C VAL A 26 11.85 -7.52 3.01
N ASN A 27 11.03 -8.00 3.93
CA ASN A 27 10.22 -9.17 3.66
C ASN A 27 9.27 -8.91 2.49
N VAL A 28 8.70 -7.71 2.43
CA VAL A 28 7.75 -7.35 1.38
C VAL A 28 8.40 -7.31 0.00
N ILE A 29 9.59 -6.72 -0.10
CA ILE A 29 10.23 -6.63 -1.42
C ILE A 29 10.99 -7.91 -1.76
N THR A 30 11.20 -8.77 -0.77
CA THR A 30 11.89 -10.04 -0.99
C THR A 30 10.88 -11.07 -1.50
N LEU A 31 9.78 -11.19 -0.78
CA LEU A 31 8.71 -12.13 -1.12
C LEU A 31 7.80 -11.57 -2.20
N TYR A 32 7.54 -10.27 -2.13
CA TYR A 32 6.68 -9.61 -3.11
C TYR A 32 7.51 -8.62 -3.91
N LYS A 33 8.41 -9.17 -4.73
CA LYS A 33 9.29 -8.35 -5.55
C LYS A 33 8.50 -7.45 -6.48
N ASP A 34 7.24 -7.80 -6.70
CA ASP A 34 6.42 -6.99 -7.59
C ASP A 34 6.21 -5.60 -6.99
N LEU A 35 6.38 -5.49 -5.67
CA LEU A 35 6.22 -4.21 -4.99
C LEU A 35 7.61 -3.54 -4.89
N LYS A 36 7.84 -2.39 -5.58
CA LYS A 36 9.17 -1.75 -5.53
C LYS A 36 9.15 -0.43 -4.74
N PRO A 37 10.02 -0.25 -3.74
CA PRO A 37 10.04 1.02 -2.95
C PRO A 37 10.78 2.17 -3.67
N VAL A 38 10.18 3.36 -3.67
CA VAL A 38 10.79 4.54 -4.30
C VAL A 38 10.89 5.65 -3.26
N LEU A 39 12.04 6.31 -3.22
CA LEU A 39 12.25 7.38 -2.25
C LEU A 39 11.64 8.68 -2.79
N ASP A 40 10.66 9.21 -2.07
CA ASP A 40 10.00 10.44 -2.50
C ASP A 40 10.30 11.59 -1.53
N SER A 41 10.60 12.75 -2.08
CA SER A 41 10.86 13.94 -1.26
C SER A 41 9.52 14.58 -0.92
N TYR A 42 9.18 14.67 0.35
CA TYR A 42 7.88 15.25 0.71
C TYR A 42 8.04 16.71 1.16
N VAL A 43 7.13 17.55 0.67
CA VAL A 43 7.12 18.98 1.02
C VAL A 43 5.89 19.29 1.87
N PHE A 44 6.12 19.84 3.06
CA PHE A 44 5.00 20.18 3.95
C PHE A 44 4.70 21.68 3.88
N ASN A 45 3.53 22.08 4.40
CA ASN A 45 3.13 23.48 4.38
C ASN A 45 4.13 24.36 5.15
N ASP A 46 4.66 23.81 6.25
CA ASP A 46 5.61 24.55 7.07
C ASP A 46 6.88 24.84 6.25
N GLY A 47 7.08 24.11 5.16
CA GLY A 47 8.25 24.30 4.32
C GLY A 47 9.33 23.27 4.64
N SER A 48 9.14 22.51 5.71
CA SER A 48 10.10 21.48 6.09
C SER A 48 10.02 20.29 5.14
N SER A 49 11.16 19.67 4.92
CA SER A 49 11.22 18.51 4.03
C SER A 49 11.36 17.22 4.84
N ARG A 50 10.94 16.11 4.24
CA ARG A 50 11.02 14.82 4.91
C ARG A 50 11.07 13.69 3.90
N GLU A 51 11.97 12.75 4.17
CA GLU A 51 12.14 11.58 3.30
C GLU A 51 11.06 10.54 3.57
N LEU A 52 10.11 10.42 2.66
CA LEU A 52 9.04 9.42 2.81
C LEU A 52 9.14 8.40 1.66
N MET A 53 9.31 7.13 2.03
CA MET A 53 9.45 6.05 1.05
C MET A 53 8.08 5.44 0.73
N ASN A 54 7.80 5.18 -0.56
CA ASN A 54 6.51 4.61 -0.93
C ASN A 54 6.70 3.36 -1.79
N LEU A 55 5.76 2.44 -1.69
CA LEU A 55 5.82 1.20 -2.48
C LEU A 55 4.90 1.37 -3.69
N THR A 56 5.45 1.21 -4.90
CA THR A 56 4.67 1.41 -6.12
C THR A 56 4.87 0.29 -7.13
N GLY A 57 3.76 -0.15 -7.74
CA GLY A 57 3.82 -1.21 -8.75
C GLY A 57 2.44 -1.74 -9.10
N THR A 58 2.40 -3.01 -9.46
CA THR A 58 1.13 -3.64 -9.85
C THR A 58 0.91 -5.01 -9.20
N ILE A 59 -0.35 -5.43 -9.16
CA ILE A 59 -0.72 -6.75 -8.62
C ILE A 59 -1.70 -7.42 -9.58
N PRO A 60 -1.36 -8.55 -10.19
CA PRO A 60 -2.31 -9.25 -11.12
C PRO A 60 -3.41 -9.96 -10.32
N VAL A 61 -4.69 -9.69 -10.63
CA VAL A 61 -5.76 -10.34 -9.87
C VAL A 61 -6.85 -10.95 -10.79
N PRO A 62 -7.06 -12.26 -10.74
CA PRO A 62 -8.13 -12.93 -11.55
C PRO A 62 -9.50 -12.41 -11.14
N TYR A 63 -10.44 -12.38 -12.09
CA TYR A 63 -11.77 -11.86 -11.80
C TYR A 63 -12.79 -12.31 -12.85
N ARG A 64 -13.67 -13.23 -12.49
CA ARG A 64 -14.71 -13.69 -13.44
C ARG A 64 -14.11 -14.14 -14.77
N GLY A 65 -12.96 -14.80 -14.72
CA GLY A 65 -12.31 -15.27 -15.95
C GLY A 65 -11.55 -14.14 -16.63
N ASN A 66 -11.60 -12.95 -16.04
CA ASN A 66 -10.92 -11.79 -16.57
C ASN A 66 -9.97 -11.24 -15.51
N THR A 67 -8.74 -10.97 -15.92
CA THR A 67 -7.72 -10.50 -14.98
C THR A 67 -7.31 -9.05 -15.29
N TYR A 68 -7.29 -8.21 -14.26
CA TYR A 68 -6.88 -6.82 -14.43
C TYR A 68 -5.56 -6.54 -13.72
N ASN A 69 -4.81 -5.58 -14.26
CA ASN A 69 -3.55 -5.18 -13.64
C ASN A 69 -3.84 -3.97 -12.77
N ILE A 70 -3.87 -4.19 -11.46
CA ILE A 70 -4.22 -3.11 -10.53
C ILE A 70 -2.98 -2.29 -10.09
N PRO A 71 -2.89 -1.02 -10.43
CA PRO A 71 -1.77 -0.12 -10.00
C PRO A 71 -2.05 0.49 -8.63
N ILE A 72 -1.15 0.35 -7.66
CA ILE A 72 -1.41 0.94 -6.33
C ILE A 72 -0.20 1.70 -5.77
N CYS A 73 -0.50 2.75 -4.98
CA CYS A 73 0.55 3.54 -4.33
C CYS A 73 0.31 3.51 -2.83
N LEU A 74 1.32 3.03 -2.10
CA LEU A 74 1.25 2.93 -0.66
C LEU A 74 2.09 4.02 -0.01
N TRP A 75 1.45 4.94 0.73
CA TRP A 75 2.22 6.00 1.42
C TRP A 75 2.23 5.70 2.92
N LEU A 76 3.42 5.66 3.52
CA LEU A 76 3.55 5.30 4.93
C LEU A 76 3.60 6.57 5.82
N LEU A 77 2.85 6.55 6.93
CA LEU A 77 2.87 7.70 7.85
C LEU A 77 4.12 7.61 8.72
N ASP A 78 4.62 8.75 9.16
CA ASP A 78 5.84 8.78 9.98
C ASP A 78 5.62 8.01 11.30
N THR A 79 4.38 7.68 11.63
CA THR A 79 4.07 6.94 12.84
C THR A 79 3.82 5.45 12.54
N TYR A 80 3.92 5.08 11.27
CA TYR A 80 3.75 3.70 10.83
C TYR A 80 4.73 2.81 11.62
N PRO A 81 4.40 1.57 11.97
CA PRO A 81 3.11 0.85 11.65
C PRO A 81 2.05 0.96 12.75
N TYR A 82 2.28 1.79 13.76
CA TYR A 82 1.27 1.93 14.81
C TYR A 82 0.06 2.67 14.27
N ASN A 83 0.26 3.37 13.15
CA ASN A 83 -0.82 4.13 12.52
C ASN A 83 -1.24 3.41 11.22
N PRO A 84 -2.51 3.27 10.88
CA PRO A 84 -2.87 2.56 9.61
C PRO A 84 -2.38 3.34 8.38
N PRO A 85 -1.90 2.67 7.37
CA PRO A 85 -1.38 3.34 6.13
C PRO A 85 -2.50 3.72 5.17
N ILE A 86 -2.40 4.89 4.48
CA ILE A 86 -3.43 5.26 3.52
C ILE A 86 -3.02 4.78 2.13
N CYS A 87 -3.95 4.10 1.48
CA CYS A 87 -3.71 3.54 0.15
C CYS A 87 -4.57 4.24 -0.90
N PHE A 88 -3.96 4.52 -2.06
CA PHE A 88 -4.71 5.17 -3.16
C PHE A 88 -4.64 4.32 -4.42
N VAL A 89 -5.81 4.02 -5.00
CA VAL A 89 -5.87 3.23 -6.24
C VAL A 89 -5.72 4.18 -7.43
N LYS A 90 -4.72 3.95 -8.27
CA LYS A 90 -4.48 4.83 -9.43
C LYS A 90 -5.69 4.75 -10.39
N PRO A 91 -6.52 5.78 -10.51
CA PRO A 91 -7.71 5.73 -11.43
C PRO A 91 -7.37 6.10 -12.88
N THR A 92 -8.24 5.69 -13.80
CA THR A 92 -8.06 5.97 -15.22
C THR A 92 -9.41 6.27 -15.86
N SER A 93 -9.39 6.83 -17.06
CA SER A 93 -10.66 7.15 -17.76
C SER A 93 -11.53 5.90 -17.97
N SER A 94 -10.93 4.73 -18.21
CA SER A 94 -11.74 3.51 -18.41
C SER A 94 -12.01 2.81 -17.07
N MET A 95 -11.17 3.08 -16.07
CA MET A 95 -11.34 2.48 -14.76
C MET A 95 -12.25 3.34 -13.90
N THR A 96 -13.18 2.69 -13.20
CA THR A 96 -14.11 3.42 -12.34
C THR A 96 -14.09 2.86 -10.91
N ILE A 97 -14.18 3.77 -9.94
CA ILE A 97 -14.20 3.36 -8.55
C ILE A 97 -15.64 3.14 -8.11
N LYS A 98 -16.05 1.87 -7.94
CA LYS A 98 -17.40 1.59 -7.50
C LYS A 98 -17.44 1.53 -5.99
N THR A 99 -17.94 2.61 -5.40
CA THR A 99 -18.00 2.70 -3.95
C THR A 99 -18.94 1.64 -3.40
N GLY A 100 -18.69 1.23 -2.17
CA GLY A 100 -19.51 0.21 -1.55
C GLY A 100 -19.21 0.05 -0.07
N LYS A 101 -19.15 -1.21 0.37
CA LYS A 101 -18.92 -1.53 1.77
C LYS A 101 -17.54 -1.10 2.28
N HIS A 102 -16.53 -0.96 1.41
CA HIS A 102 -15.20 -0.57 1.94
C HIS A 102 -14.48 0.51 1.10
N VAL A 103 -14.89 0.76 -0.14
CA VAL A 103 -14.23 1.82 -0.93
C VAL A 103 -15.04 3.11 -0.93
N ASP A 104 -14.36 4.22 -0.66
CA ASP A 104 -15.04 5.52 -0.65
C ASP A 104 -14.90 6.16 -2.04
N ALA A 105 -15.11 7.48 -2.11
CA ALA A 105 -15.02 8.17 -3.39
C ALA A 105 -13.60 8.63 -3.72
N ASN A 106 -12.75 8.76 -2.69
CA ASN A 106 -11.37 9.20 -2.93
C ASN A 106 -10.45 8.01 -3.18
N GLY A 107 -10.96 6.80 -2.98
CA GLY A 107 -10.15 5.60 -3.22
C GLY A 107 -9.64 4.96 -1.92
N LYS A 108 -10.19 5.38 -0.78
CA LYS A 108 -9.77 4.80 0.50
C LYS A 108 -10.20 3.34 0.57
N ILE A 109 -9.32 2.49 1.12
CA ILE A 109 -9.62 1.06 1.23
C ILE A 109 -9.74 0.62 2.69
N TYR A 110 -10.92 0.12 3.07
CA TYR A 110 -11.14 -0.38 4.44
C TYR A 110 -11.09 -1.90 4.37
N LEU A 111 -10.47 -2.56 5.36
CA LEU A 111 -10.37 -4.02 5.30
C LEU A 111 -10.63 -4.64 6.69
N PRO A 112 -11.63 -5.49 6.84
CA PRO A 112 -11.91 -6.13 8.17
C PRO A 112 -10.66 -6.70 8.85
N TYR A 113 -9.75 -7.31 8.08
CA TYR A 113 -8.55 -7.87 8.68
C TYR A 113 -7.73 -6.75 9.32
N LEU A 114 -7.81 -5.56 8.74
CA LEU A 114 -7.07 -4.40 9.26
C LEU A 114 -7.65 -3.95 10.58
N HIS A 115 -8.97 -3.96 10.67
CA HIS A 115 -9.64 -3.52 11.88
C HIS A 115 -9.40 -4.53 13.00
N GLU A 116 -9.10 -5.78 12.63
CA GLU A 116 -8.80 -6.82 13.62
C GLU A 116 -7.34 -7.23 13.56
N TRP A 117 -6.52 -6.50 12.81
CA TRP A 117 -5.12 -6.84 12.69
C TRP A 117 -4.39 -6.40 13.93
N LYS A 118 -3.74 -7.38 14.54
CA LYS A 118 -2.95 -7.14 15.73
C LYS A 118 -1.51 -6.90 15.33
N HIS A 119 -0.96 -5.77 15.76
CA HIS A 119 0.41 -5.41 15.42
C HIS A 119 1.40 -6.19 16.32
N PRO A 120 2.38 -6.91 15.78
CA PRO A 120 2.65 -7.16 14.33
C PRO A 120 2.32 -8.60 13.90
N GLN A 121 1.10 -8.84 13.42
CA GLN A 121 0.72 -10.19 13.01
C GLN A 121 0.48 -10.26 11.50
N SER A 122 -0.51 -9.51 11.04
CA SER A 122 -0.85 -9.49 9.62
C SER A 122 0.25 -8.85 8.79
N ASP A 123 0.93 -7.87 9.41
CA ASP A 123 2.04 -7.12 8.74
C ASP A 123 1.65 -6.64 7.36
N LEU A 124 2.60 -6.00 6.69
CA LEU A 124 2.34 -5.47 5.35
C LEU A 124 2.16 -6.62 4.36
N LEU A 125 2.98 -7.66 4.51
CA LEU A 125 2.89 -8.83 3.63
C LEU A 125 1.44 -9.36 3.65
N GLY A 126 0.82 -9.39 4.84
CA GLY A 126 -0.59 -9.85 4.93
C GLY A 126 -1.49 -8.92 4.14
N LEU A 127 -1.22 -7.62 4.19
CA LEU A 127 -2.05 -6.64 3.47
C LEU A 127 -2.08 -6.92 1.98
N ILE A 128 -0.94 -7.26 1.40
CA ILE A 128 -0.88 -7.48 -0.05
C ILE A 128 -1.59 -8.77 -0.48
N GLN A 129 -1.30 -9.89 0.17
CA GLN A 129 -1.97 -11.15 -0.18
C GLN A 129 -3.44 -11.01 0.19
N VAL A 130 -3.74 -10.30 1.29
CA VAL A 130 -5.13 -10.10 1.65
C VAL A 130 -5.76 -9.19 0.63
N MET A 131 -5.01 -8.19 0.16
CA MET A 131 -5.55 -7.28 -0.85
C MET A 131 -5.94 -8.12 -2.07
N ILE A 132 -5.06 -9.06 -2.40
CA ILE A 132 -5.28 -9.96 -3.53
C ILE A 132 -6.53 -10.80 -3.35
N VAL A 133 -6.84 -11.21 -2.12
CA VAL A 133 -8.01 -12.06 -1.89
C VAL A 133 -9.29 -11.25 -1.60
N VAL A 134 -9.17 -10.25 -0.76
CA VAL A 134 -10.31 -9.45 -0.37
C VAL A 134 -10.86 -8.64 -1.54
N PHE A 135 -10.09 -8.50 -2.62
CA PHE A 135 -10.61 -7.77 -3.81
C PHE A 135 -10.99 -8.78 -4.89
N GLY A 136 -10.46 -10.00 -4.80
CA GLY A 136 -10.80 -11.04 -5.74
C GLY A 136 -12.27 -11.39 -5.58
N ASP A 137 -12.71 -11.37 -4.33
CA ASP A 137 -14.10 -11.68 -4.00
C ASP A 137 -15.05 -10.63 -4.61
N GLU A 138 -14.66 -9.36 -4.56
CA GLU A 138 -15.48 -8.27 -5.10
C GLU A 138 -14.60 -7.10 -5.49
N PRO A 139 -14.03 -7.12 -6.68
CA PRO A 139 -13.16 -5.98 -7.13
C PRO A 139 -13.85 -4.65 -6.87
N PRO A 140 -13.27 -3.77 -6.07
CA PRO A 140 -13.91 -2.46 -5.77
C PRO A 140 -13.89 -1.53 -6.98
N VAL A 141 -12.99 -1.80 -7.91
CA VAL A 141 -12.86 -0.98 -9.11
C VAL A 141 -12.95 -1.86 -10.35
N PHE A 142 -13.63 -1.37 -11.39
CA PHE A 142 -13.77 -2.15 -12.63
C PHE A 142 -14.11 -1.23 -13.82
N SER A 143 -13.97 -1.75 -15.05
CA SER A 143 -14.25 -0.96 -16.24
C SER A 143 -15.74 -0.81 -16.46
N ARG A 144 -16.22 0.41 -16.31
CA ARG A 144 -17.63 0.67 -16.50
C ARG A 144 -17.85 1.54 -17.75
N PRO A 145 -18.52 1.04 -18.78
CA PRO A 145 -18.76 1.85 -20.01
C PRO A 145 -19.36 3.22 -19.69
C1 4N1 B . 5.95 13.09 -4.47
O1 4N1 B . 6.88 13.73 -3.77
N2 4N1 B . 6.46 12.07 -5.17
C3 4N1 B . 5.57 11.44 -5.92
C4 4N1 B . 4.19 11.69 -6.05
C5 4N1 B . 3.68 12.76 -5.30
C6 4N1 B . 4.58 13.47 -4.51
N7 4N1 B . 5.82 10.36 -6.75
C8 4N1 B . 4.60 10.02 -7.31
N9 4N1 B . 3.60 10.79 -6.93
C10 4N1 B . 7.91 14.44 -4.46
N11 4N1 B . 4.54 9.04 -8.35
C12 4N1 B . 3.68 7.95 -8.33
C13 4N1 B . 3.74 7.05 -9.41
C14 4N1 B . 4.70 7.24 -10.44
O14 4N1 B . 4.69 6.29 -11.38
C15 4N1 B . 5.53 8.39 -10.45
C16 4N1 B . 5.40 9.25 -9.39
C17 4N1 B . 2.74 7.75 -7.16
C18 4N1 B . 2.80 5.88 -9.50
C19 4N1 B . 6.45 8.79 -11.58
S20 4N1 B . 3.04 6.18 -6.22
C21 4N1 B . 3.86 6.32 -12.57
H5 4N1 B . 2.63 13.04 -5.33
H6 4N1 B . 4.25 14.31 -3.91
H7 4N1 B . 6.69 9.85 -6.81
H101 4N1 B . 8.83 14.20 -3.92
H102 4N1 B . 7.73 15.51 -4.43
H103 4N1 B . 8.00 14.10 -5.50
H16 4N1 B . 5.96 10.17 -9.34
H171 4N1 B . 1.69 7.79 -7.47
H181 4N1 B . 1.88 6.08 -8.95
H182 4N1 B . 3.26 4.99 -9.09
H183 4N1 B . 2.54 5.69 -10.55
H191 4N1 B . 5.97 9.57 -12.19
H192 4N1 B . 6.65 7.95 -12.24
H193 4N1 B . 7.40 9.19 -11.24
H211 4N1 B . 3.51 5.29 -12.68
H212 4N1 B . 4.45 6.60 -13.44
H213 4N1 B . 3.02 7.00 -12.45
H172 4N1 B . 2.89 8.55 -6.44
N ALA A 2 17.22 1.26 -7.55
CA ALA A 2 17.18 0.15 -6.55
C ALA A 2 17.52 0.69 -5.17
N VAL A 3 16.87 0.14 -4.16
CA VAL A 3 17.11 0.55 -2.79
C VAL A 3 17.93 -0.49 -2.05
N SER A 4 18.98 -0.04 -1.40
CA SER A 4 19.81 -0.93 -0.63
C SER A 4 19.29 -0.93 0.80
N GLU A 5 19.55 -1.98 1.54
CA GLU A 5 19.04 -2.03 2.90
C GLU A 5 19.61 -0.90 3.76
N SER A 6 20.90 -0.62 3.66
CA SER A 6 21.48 0.46 4.47
C SER A 6 20.76 1.75 4.16
N GLN A 7 20.59 1.99 2.87
CA GLN A 7 19.90 3.17 2.41
C GLN A 7 18.45 3.15 2.89
N LEU A 8 17.84 1.98 2.92
CA LEU A 8 16.45 1.90 3.34
C LEU A 8 16.31 2.53 4.73
N LYS A 9 17.24 2.23 5.63
CA LYS A 9 17.18 2.83 6.98
C LYS A 9 17.29 4.33 6.87
N LYS A 10 18.20 4.77 6.02
CA LYS A 10 18.40 6.18 5.80
C LYS A 10 17.13 6.83 5.26
N MET A 11 16.43 6.08 4.42
CA MET A 11 15.19 6.55 3.81
C MET A 11 14.05 6.67 4.82
N VAL A 12 13.97 5.71 5.77
CA VAL A 12 12.91 5.72 6.78
C VAL A 12 13.49 6.01 8.16
N SER A 13 14.63 6.68 8.21
CA SER A 13 15.27 7.00 9.47
C SER A 13 14.40 7.91 10.32
N LYS A 14 13.72 8.83 9.65
CA LYS A 14 12.87 9.80 10.34
C LYS A 14 11.76 9.12 11.15
N TYR A 15 11.43 7.89 10.77
CA TYR A 15 10.37 7.13 11.44
C TYR A 15 10.72 6.85 12.90
N LYS A 16 9.69 6.60 13.70
CA LYS A 16 9.89 6.27 15.10
C LYS A 16 10.35 4.80 15.21
N TYR A 17 9.79 3.92 14.36
CA TYR A 17 10.16 2.49 14.37
C TYR A 17 10.86 2.07 13.07
N ARG A 18 12.05 2.62 12.81
CA ARG A 18 12.76 2.31 11.55
C ARG A 18 13.13 0.81 11.42
N ASP A 19 13.27 0.10 12.52
CA ASP A 19 13.69 -1.30 12.47
C ASP A 19 12.58 -2.25 12.04
N LEU A 20 11.44 -2.17 12.71
CA LEU A 20 10.35 -3.06 12.38
C LEU A 20 9.85 -2.75 10.97
N THR A 21 9.78 -1.45 10.65
CA THR A 21 9.33 -1.02 9.33
C THR A 21 10.24 -1.57 8.23
N VAL A 22 11.54 -1.43 8.41
CA VAL A 22 12.50 -1.92 7.43
C VAL A 22 12.47 -3.43 7.34
N ARG A 23 12.45 -4.09 8.48
CA ARG A 23 12.44 -5.54 8.45
C ARG A 23 11.18 -6.06 7.74
N GLU A 24 10.05 -5.42 8.04
CA GLU A 24 8.78 -5.83 7.44
C GLU A 24 8.77 -5.55 5.93
N THR A 25 9.40 -4.45 5.49
CA THR A 25 9.43 -4.16 4.05
C THR A 25 10.27 -5.19 3.32
N VAL A 26 11.36 -5.61 3.94
CA VAL A 26 12.21 -6.58 3.28
C VAL A 26 11.39 -7.79 2.95
N ASN A 27 10.60 -8.23 3.91
CA ASN A 27 9.74 -9.40 3.70
C ASN A 27 8.76 -9.13 2.55
N VAL A 28 8.27 -7.90 2.46
CA VAL A 28 7.33 -7.52 1.42
C VAL A 28 7.94 -7.50 0.03
N ILE A 29 9.12 -6.90 -0.11
CA ILE A 29 9.73 -6.83 -1.44
C ILE A 29 10.45 -8.14 -1.78
N THR A 30 10.67 -8.99 -0.78
CA THR A 30 11.31 -10.28 -1.02
C THR A 30 10.31 -11.24 -1.65
N LEU A 31 9.15 -11.36 -1.03
CA LEU A 31 8.09 -12.24 -1.53
C LEU A 31 7.28 -11.58 -2.64
N TYR A 32 7.05 -10.27 -2.50
CA TYR A 32 6.30 -9.53 -3.51
C TYR A 32 7.21 -8.54 -4.21
N LYS A 33 8.18 -9.08 -4.95
CA LYS A 33 9.15 -8.23 -5.67
C LYS A 33 8.45 -7.23 -6.58
N ASP A 34 7.17 -7.47 -6.88
CA ASP A 34 6.44 -6.57 -7.77
C ASP A 34 6.20 -5.21 -7.09
N LEU A 35 6.38 -5.17 -5.77
CA LEU A 35 6.20 -3.92 -5.02
C LEU A 35 7.59 -3.25 -4.90
N LYS A 36 7.82 -2.08 -5.54
CA LYS A 36 9.15 -1.45 -5.45
C LYS A 36 9.13 -0.16 -4.60
N PRO A 37 9.94 -0.03 -3.55
CA PRO A 37 9.94 1.21 -2.70
C PRO A 37 10.76 2.36 -3.30
N VAL A 38 10.22 3.59 -3.25
CA VAL A 38 10.94 4.76 -3.76
C VAL A 38 10.92 5.89 -2.74
N LEU A 39 11.90 6.78 -2.82
CA LEU A 39 11.98 7.91 -1.90
C LEU A 39 11.26 9.11 -2.51
N ASP A 40 10.21 9.59 -1.82
CA ASP A 40 9.45 10.73 -2.33
C ASP A 40 9.39 11.86 -1.31
N SER A 41 9.65 13.09 -1.76
CA SER A 41 9.60 14.26 -0.88
C SER A 41 8.14 14.65 -0.63
N TYR A 42 7.80 14.97 0.62
CA TYR A 42 6.43 15.37 0.95
C TYR A 42 6.40 16.81 1.49
N VAL A 43 5.43 17.59 1.01
CA VAL A 43 5.28 18.98 1.44
C VAL A 43 3.96 19.16 2.20
N PHE A 44 4.04 19.71 3.41
CA PHE A 44 2.84 19.92 4.23
C PHE A 44 2.43 21.40 4.26
N ASN A 45 1.23 21.67 4.77
CA ASN A 45 0.74 23.05 4.85
C ASN A 45 1.64 23.91 5.72
N ASP A 46 2.18 23.34 6.79
CA ASP A 46 3.06 24.07 7.69
C ASP A 46 4.33 24.51 6.95
N GLY A 47 4.56 23.97 5.75
CA GLY A 47 5.73 24.33 4.98
C GLY A 47 6.89 23.37 5.26
N SER A 48 6.77 22.58 6.32
CA SER A 48 7.80 21.62 6.66
C SER A 48 7.75 20.46 5.70
N SER A 49 8.91 19.91 5.41
CA SER A 49 9.01 18.78 4.49
C SER A 49 9.80 17.65 5.10
N ARG A 50 9.51 16.44 4.64
CA ARG A 50 10.20 15.25 5.15
C ARG A 50 10.22 14.15 4.08
N GLU A 51 11.37 13.50 3.96
CA GLU A 51 11.52 12.43 3.00
C GLU A 51 10.81 11.15 3.51
N LEU A 52 9.83 10.70 2.73
CA LEU A 52 9.06 9.50 3.07
C LEU A 52 9.18 8.48 1.94
N MET A 53 9.30 7.20 2.28
CA MET A 53 9.44 6.15 1.27
C MET A 53 8.07 5.51 0.97
N ASN A 54 7.76 5.26 -0.31
CA ASN A 54 6.47 4.65 -0.64
C ASN A 54 6.64 3.46 -1.57
N LEU A 55 5.71 2.52 -1.48
CA LEU A 55 5.75 1.32 -2.31
C LEU A 55 4.86 1.56 -3.53
N THR A 56 5.41 1.37 -4.74
CA THR A 56 4.64 1.63 -5.95
C THR A 56 4.85 0.56 -7.02
N GLY A 57 3.74 0.15 -7.65
CA GLY A 57 3.79 -0.86 -8.71
C GLY A 57 2.41 -1.40 -9.03
N THR A 58 2.38 -2.67 -9.41
CA THR A 58 1.10 -3.32 -9.78
C THR A 58 0.89 -4.67 -9.11
N ILE A 59 -0.38 -5.07 -9.03
CA ILE A 59 -0.74 -6.38 -8.46
C ILE A 59 -1.68 -7.12 -9.44
N PRO A 60 -1.30 -8.26 -9.99
CA PRO A 60 -2.20 -9.01 -10.92
C PRO A 60 -3.35 -9.66 -10.12
N VAL A 61 -4.61 -9.34 -10.48
CA VAL A 61 -5.74 -9.91 -9.75
C VAL A 61 -6.71 -10.67 -10.67
N PRO A 62 -6.83 -11.98 -10.51
CA PRO A 62 -7.79 -12.80 -11.31
C PRO A 62 -9.23 -12.39 -10.96
N TYR A 63 -10.14 -12.46 -11.93
CA TYR A 63 -11.52 -12.05 -11.66
C TYR A 63 -12.47 -12.57 -12.75
N ARG A 64 -13.28 -13.57 -12.39
CA ARG A 64 -14.26 -14.13 -13.34
C ARG A 64 -13.59 -14.49 -14.68
N GLY A 65 -12.43 -15.10 -14.63
CA GLY A 65 -11.72 -15.48 -15.86
C GLY A 65 -11.16 -14.25 -16.56
N ASN A 66 -11.12 -13.14 -15.83
CA ASN A 66 -10.62 -11.88 -16.35
C ASN A 66 -9.69 -11.26 -15.31
N THR A 67 -8.47 -10.95 -15.72
CA THR A 67 -7.49 -10.39 -14.80
C THR A 67 -7.13 -8.94 -15.15
N TYR A 68 -7.16 -8.08 -14.13
CA TYR A 68 -6.81 -6.67 -14.35
C TYR A 68 -5.51 -6.33 -13.62
N ASN A 69 -4.76 -5.39 -14.18
CA ASN A 69 -3.51 -4.95 -13.57
C ASN A 69 -3.81 -3.69 -12.75
N ILE A 70 -3.96 -3.86 -11.43
CA ILE A 70 -4.31 -2.73 -10.58
C ILE A 70 -3.08 -1.95 -10.09
N PRO A 71 -2.94 -0.67 -10.45
CA PRO A 71 -1.80 0.18 -9.98
C PRO A 71 -2.11 0.77 -8.60
N ILE A 72 -1.26 0.54 -7.60
CA ILE A 72 -1.54 1.10 -6.26
C ILE A 72 -0.32 1.80 -5.66
N CYS A 73 -0.60 2.86 -4.88
CA CYS A 73 0.45 3.61 -4.21
C CYS A 73 0.21 3.57 -2.71
N LEU A 74 1.20 3.07 -2.00
CA LEU A 74 1.13 2.96 -0.55
C LEU A 74 1.93 4.08 0.12
N TRP A 75 1.26 5.04 0.74
CA TRP A 75 1.98 6.11 1.45
C TRP A 75 1.99 5.78 2.94
N LEU A 76 3.19 5.74 3.51
CA LEU A 76 3.34 5.35 4.92
C LEU A 76 3.32 6.59 5.85
N LEU A 77 2.67 6.47 7.02
CA LEU A 77 2.61 7.58 7.98
C LEU A 77 3.88 7.56 8.84
N ASP A 78 4.26 8.72 9.37
CA ASP A 78 5.47 8.81 10.18
C ASP A 78 5.36 7.94 11.45
N THR A 79 4.13 7.54 11.80
CA THR A 79 3.92 6.71 12.98
C THR A 79 3.71 5.23 12.60
N TYR A 80 3.83 4.94 11.31
CA TYR A 80 3.70 3.56 10.82
C TYR A 80 4.76 2.69 11.51
N PRO A 81 4.51 1.43 11.83
CA PRO A 81 3.22 0.66 11.55
C PRO A 81 2.20 0.70 12.68
N TYR A 82 2.40 1.52 13.71
CA TYR A 82 1.41 1.59 14.79
C TYR A 82 0.18 2.35 14.32
N ASN A 83 0.30 3.04 13.19
CA ASN A 83 -0.81 3.81 12.64
C ASN A 83 -1.28 3.16 11.31
N PRO A 84 -2.56 2.88 11.09
CA PRO A 84 -3.00 2.27 9.80
C PRO A 84 -2.43 3.02 8.58
N PRO A 85 -1.91 2.33 7.59
CA PRO A 85 -1.35 2.98 6.37
C PRO A 85 -2.44 3.39 5.37
N ILE A 86 -2.25 4.52 4.64
CA ILE A 86 -3.27 4.96 3.69
C ILE A 86 -2.94 4.45 2.29
N CYS A 87 -3.99 4.25 1.48
CA CYS A 87 -3.80 3.75 0.12
C CYS A 87 -4.63 4.51 -0.91
N PHE A 88 -4.04 4.71 -2.09
CA PHE A 88 -4.75 5.41 -3.19
C PHE A 88 -4.71 4.56 -4.47
N VAL A 89 -5.87 4.39 -5.12
CA VAL A 89 -5.96 3.59 -6.35
C VAL A 89 -5.92 4.51 -7.57
N LYS A 90 -4.95 4.27 -8.47
CA LYS A 90 -4.80 5.09 -9.69
C LYS A 90 -5.87 4.70 -10.74
N PRO A 91 -6.90 5.51 -10.98
CA PRO A 91 -7.93 5.14 -11.99
C PRO A 91 -7.63 5.66 -13.40
N THR A 92 -7.68 4.76 -14.38
CA THR A 92 -7.45 5.14 -15.77
C THR A 92 -8.74 5.73 -16.35
N SER A 93 -8.64 6.34 -17.53
CA SER A 93 -9.83 6.95 -18.15
C SER A 93 -10.98 5.94 -18.39
N SER A 94 -10.69 4.63 -18.48
CA SER A 94 -11.74 3.65 -18.71
C SER A 94 -12.03 2.85 -17.44
N MET A 95 -11.68 3.42 -16.29
CA MET A 95 -11.91 2.77 -15.00
C MET A 95 -12.53 3.77 -14.03
N THR A 96 -13.42 3.30 -13.16
CA THR A 96 -14.05 4.20 -12.18
C THR A 96 -13.99 3.57 -10.80
N ILE A 97 -14.21 4.37 -9.76
CA ILE A 97 -14.20 3.85 -8.41
C ILE A 97 -15.60 3.38 -8.03
N LYS A 98 -15.85 2.08 -8.04
CA LYS A 98 -17.16 1.58 -7.66
C LYS A 98 -17.16 1.35 -6.15
N THR A 99 -17.89 2.19 -5.44
CA THR A 99 -17.94 2.07 -3.99
C THR A 99 -18.66 0.80 -3.59
N GLY A 100 -18.11 0.11 -2.59
CA GLY A 100 -18.69 -1.13 -2.12
C GLY A 100 -18.45 -1.32 -0.62
N LYS A 101 -18.19 -2.56 -0.23
CA LYS A 101 -17.99 -2.89 1.17
C LYS A 101 -16.66 -2.36 1.76
N HIS A 102 -15.64 -2.10 0.93
CA HIS A 102 -14.36 -1.64 1.49
C HIS A 102 -13.77 -0.39 0.81
N VAL A 103 -14.23 -0.03 -0.39
CA VAL A 103 -13.68 1.17 -1.04
C VAL A 103 -14.50 2.40 -0.69
N ASP A 104 -13.80 3.50 -0.41
CA ASP A 104 -14.47 4.75 -0.09
C ASP A 104 -14.60 5.58 -1.37
N ALA A 105 -15.26 6.73 -1.28
CA ALA A 105 -15.49 7.57 -2.45
C ALA A 105 -14.20 8.13 -3.06
N ASN A 106 -13.25 8.53 -2.23
CA ASN A 106 -11.99 9.11 -2.71
C ASN A 106 -10.92 8.05 -2.92
N GLY A 107 -11.27 6.77 -2.74
CA GLY A 107 -10.29 5.72 -2.96
C GLY A 107 -9.66 5.22 -1.67
N LYS A 108 -10.19 5.62 -0.52
CA LYS A 108 -9.63 5.13 0.73
C LYS A 108 -9.94 3.64 0.84
N ILE A 109 -8.99 2.86 1.34
CA ILE A 109 -9.21 1.43 1.48
C ILE A 109 -9.14 0.99 2.94
N TYR A 110 -10.26 0.50 3.46
CA TYR A 110 -10.29 0.00 4.84
C TYR A 110 -10.59 -1.49 4.78
N LEU A 111 -9.99 -2.30 5.64
CA LEU A 111 -10.22 -3.75 5.58
C LEU A 111 -10.49 -4.32 6.99
N PRO A 112 -11.52 -5.12 7.19
CA PRO A 112 -11.82 -5.70 8.54
C PRO A 112 -10.61 -6.38 9.19
N TYR A 113 -9.73 -6.99 8.40
CA TYR A 113 -8.57 -7.64 8.98
C TYR A 113 -7.66 -6.59 9.63
N LEU A 114 -7.68 -5.38 9.07
CA LEU A 114 -6.84 -4.30 9.58
C LEU A 114 -7.35 -3.80 10.94
N HIS A 115 -8.66 -3.70 11.08
CA HIS A 115 -9.23 -3.24 12.34
C HIS A 115 -9.00 -4.27 13.44
N GLU A 116 -8.90 -5.53 13.05
CA GLU A 116 -8.65 -6.60 14.02
C GLU A 116 -7.20 -7.04 13.99
N TRP A 117 -6.39 -6.43 13.14
CA TRP A 117 -4.99 -6.80 13.04
C TRP A 117 -4.26 -6.37 14.29
N LYS A 118 -3.63 -7.36 14.89
CA LYS A 118 -2.85 -7.14 16.09
C LYS A 118 -1.39 -6.95 15.72
N HIS A 119 -0.81 -5.84 16.15
CA HIS A 119 0.57 -5.53 15.83
C HIS A 119 1.53 -6.38 16.69
N PRO A 120 2.47 -7.14 16.14
CA PRO A 120 2.73 -7.36 14.68
C PRO A 120 2.34 -8.77 14.23
N GLN A 121 1.11 -8.95 13.75
CA GLN A 121 0.67 -10.27 13.31
C GLN A 121 0.41 -10.31 11.80
N SER A 122 -0.54 -9.51 11.35
CA SER A 122 -0.89 -9.49 9.92
C SER A 122 0.26 -8.93 9.08
N ASP A 123 0.89 -7.88 9.59
CA ASP A 123 2.03 -7.25 8.86
C ASP A 123 1.59 -6.76 7.48
N LEU A 124 2.44 -5.96 6.83
CA LEU A 124 2.13 -5.41 5.51
C LEU A 124 1.88 -6.52 4.49
N LEU A 125 2.71 -7.56 4.53
CA LEU A 125 2.57 -8.69 3.61
C LEU A 125 1.11 -9.20 3.70
N GLY A 126 0.53 -9.20 4.91
CA GLY A 126 -0.88 -9.63 5.06
C GLY A 126 -1.79 -8.71 4.26
N LEU A 127 -1.51 -7.41 4.26
CA LEU A 127 -2.32 -6.44 3.52
C LEU A 127 -2.36 -6.71 2.03
N ILE A 128 -1.23 -7.10 1.46
CA ILE A 128 -1.19 -7.31 0.01
C ILE A 128 -1.87 -8.62 -0.39
N GLN A 129 -1.53 -9.71 0.28
CA GLN A 129 -2.18 -10.99 -0.05
C GLN A 129 -3.65 -10.89 0.35
N VAL A 130 -3.96 -10.18 1.44
CA VAL A 130 -5.35 -10.02 1.82
C VAL A 130 -6.03 -9.13 0.80
N MET A 131 -5.32 -8.10 0.36
CA MET A 131 -5.88 -7.20 -0.66
C MET A 131 -6.23 -8.03 -1.88
N ILE A 132 -5.31 -8.93 -2.26
CA ILE A 132 -5.51 -9.81 -3.40
C ILE A 132 -6.73 -10.73 -3.20
N VAL A 133 -6.97 -11.19 -1.97
CA VAL A 133 -8.08 -12.12 -1.73
C VAL A 133 -9.38 -11.40 -1.42
N VAL A 134 -9.32 -10.43 -0.53
CA VAL A 134 -10.49 -9.68 -0.12
C VAL A 134 -11.04 -8.84 -1.27
N PHE A 135 -10.25 -8.67 -2.34
CA PHE A 135 -10.78 -7.91 -3.49
C PHE A 135 -11.21 -8.88 -4.59
N GLY A 136 -10.75 -10.13 -4.51
CA GLY A 136 -11.16 -11.14 -5.49
C GLY A 136 -12.65 -11.39 -5.32
N ASP A 137 -13.14 -11.14 -4.09
CA ASP A 137 -14.55 -11.31 -3.76
C ASP A 137 -15.39 -10.29 -4.53
N GLU A 138 -14.82 -9.12 -4.78
CA GLU A 138 -15.53 -8.08 -5.49
C GLU A 138 -14.56 -6.98 -5.93
N PRO A 139 -13.91 -7.15 -7.06
CA PRO A 139 -12.95 -6.11 -7.56
C PRO A 139 -13.60 -4.73 -7.46
N PRO A 140 -13.00 -3.80 -6.74
CA PRO A 140 -13.59 -2.44 -6.58
C PRO A 140 -13.54 -1.63 -7.87
N VAL A 141 -12.75 -2.08 -8.83
CA VAL A 141 -12.62 -1.36 -10.10
C VAL A 141 -12.76 -2.31 -11.29
N PHE A 142 -13.24 -1.78 -12.41
CA PHE A 142 -13.42 -2.59 -13.63
C PHE A 142 -13.36 -1.66 -14.85
N SER A 143 -13.10 -2.23 -16.04
CA SER A 143 -13.00 -1.44 -17.27
C SER A 143 -14.36 -1.14 -17.85
N ARG A 144 -14.73 0.12 -17.80
CA ARG A 144 -16.02 0.53 -18.33
C ARG A 144 -15.85 1.40 -19.59
N PRO A 145 -16.16 0.92 -20.78
CA PRO A 145 -16.01 1.71 -22.04
C PRO A 145 -16.52 3.14 -21.89
C1 4N1 B . 5.48 13.19 -4.44
O1 4N1 B . 6.38 13.94 -3.81
N2 4N1 B . 5.99 12.44 -5.41
C3 4N1 B . 5.13 11.65 -6.01
C4 4N1 B . 3.76 11.51 -5.76
C5 4N1 B . 3.21 12.32 -4.75
C6 4N1 B . 4.09 13.18 -4.09
N7 4N1 B . 5.40 10.77 -7.05
C8 4N1 B . 4.21 10.15 -7.33
N9 4N1 B . 3.19 10.57 -6.61
C10 4N1 B . 6.76 15.21 -4.35
N11 4N1 B . 4.11 9.25 -8.45
C12 4N1 B . 3.57 7.97 -8.34
C13 4N1 B . 3.50 7.20 -9.52
C14 4N1 B . 4.01 7.71 -10.75
O14 4N1 B . 3.91 6.87 -11.77
C15 4N1 B . 4.50 9.05 -10.82
C16 4N1 B . 4.53 9.75 -9.65
C17 4N1 B . 3.17 7.42 -7.00
C18 4N1 B . 2.90 5.83 -9.51
C19 4N1 B . 4.92 9.76 -12.09
S20 4N1 B . 1.35 7.08 -6.85
C21 4N1 B . 5.02 6.37 -12.55
H5 4N1 B . 2.16 12.29 -4.49
H6 4N1 B . 3.73 13.84 -3.31
H7 4N1 B . 6.32 10.54 -7.39
H101 4N1 B . 5.91 15.87 -4.17
H102 4N1 B . 6.95 15.15 -5.43
H103 4N1 B . 7.65 15.61 -3.85
H16 4N1 B . 4.85 10.79 -9.62
H171 4N1 B . 3.48 8.09 -6.20
H181 4N1 B . 3.64 5.08 -9.18
H182 4N1 B . 2.59 5.55 -10.51
H183 4N1 B . 2.05 5.79 -8.84
H191 4N1 B . 4.87 10.84 -11.94
H192 4N1 B . 4.26 9.50 -12.92
H193 4N1 B . 5.95 9.53 -12.38
H211 4N1 B . 4.89 6.82 -13.54
H212 4N1 B . 4.96 5.28 -12.65
H213 4N1 B . 5.97 6.69 -12.13
H172 4N1 B . 3.66 6.47 -6.84
N ALA A 2 17.06 1.55 -7.74
CA ALA A 2 17.16 0.34 -6.85
C ALA A 2 17.45 0.78 -5.43
N VAL A 3 16.76 0.16 -4.48
CA VAL A 3 16.93 0.48 -3.07
C VAL A 3 17.71 -0.62 -2.38
N SER A 4 18.74 -0.22 -1.66
CA SER A 4 19.54 -1.17 -0.91
C SER A 4 19.03 -1.17 0.52
N GLU A 5 19.24 -2.25 1.23
CA GLU A 5 18.76 -2.29 2.61
C GLU A 5 19.46 -1.22 3.44
N SER A 6 20.77 -1.02 3.25
CA SER A 6 21.47 0.00 4.02
C SER A 6 20.80 1.34 3.80
N GLN A 7 20.58 1.65 2.54
CA GLN A 7 19.91 2.87 2.17
C GLN A 7 18.50 2.86 2.70
N LEU A 8 17.90 1.68 2.80
CA LEU A 8 16.55 1.60 3.31
C LEU A 8 16.52 2.20 4.70
N LYS A 9 17.54 1.94 5.50
CA LYS A 9 17.58 2.50 6.85
C LYS A 9 17.54 4.01 6.77
N LYS A 10 18.30 4.56 5.85
CA LYS A 10 18.34 6.02 5.71
C LYS A 10 17.01 6.57 5.18
N MET A 11 16.26 5.75 4.45
CA MET A 11 14.99 6.22 3.89
C MET A 11 13.85 6.20 4.92
N VAL A 12 13.92 5.29 5.90
CA VAL A 12 12.89 5.19 6.92
C VAL A 12 13.46 5.51 8.31
N SER A 13 14.57 6.25 8.32
CA SER A 13 15.22 6.63 9.55
C SER A 13 14.36 7.59 10.37
N LYS A 14 13.68 8.50 9.67
CA LYS A 14 12.84 9.50 10.32
C LYS A 14 11.70 8.83 11.10
N TYR A 15 11.41 7.57 10.77
CA TYR A 15 10.34 6.83 11.43
C TYR A 15 10.71 6.52 12.88
N LYS A 16 9.70 6.26 13.71
CA LYS A 16 9.99 5.95 15.11
C LYS A 16 10.22 4.43 15.31
N TYR A 17 9.94 3.63 14.27
CA TYR A 17 10.19 2.16 14.32
C TYR A 17 10.92 1.69 13.04
N ARG A 18 12.07 2.27 12.72
CA ARG A 18 12.78 1.90 11.48
C ARG A 18 13.18 0.41 11.43
N ASP A 19 13.50 -0.19 12.57
CA ASP A 19 13.95 -1.58 12.61
C ASP A 19 12.88 -2.56 12.19
N LEU A 20 11.71 -2.45 12.76
CA LEU A 20 10.66 -3.37 12.42
C LEU A 20 10.17 -3.11 11.01
N THR A 21 10.02 -1.84 10.64
CA THR A 21 9.56 -1.49 9.30
C THR A 21 10.54 -1.98 8.24
N VAL A 22 11.83 -1.73 8.44
CA VAL A 22 12.83 -2.17 7.49
C VAL A 22 12.80 -3.68 7.38
N ARG A 23 12.76 -4.36 8.51
CA ARG A 23 12.73 -5.80 8.49
C ARG A 23 11.50 -6.30 7.74
N GLU A 24 10.37 -5.70 8.05
CA GLU A 24 9.10 -6.07 7.47
C GLU A 24 9.04 -5.72 5.98
N THR A 25 9.69 -4.62 5.58
CA THR A 25 9.69 -4.25 4.16
C THR A 25 10.48 -5.25 3.35
N VAL A 26 11.54 -5.80 3.95
CA VAL A 26 12.33 -6.76 3.21
C VAL A 26 11.45 -7.91 2.82
N ASN A 27 10.64 -8.36 3.75
CA ASN A 27 9.73 -9.45 3.47
C ASN A 27 8.75 -9.03 2.36
N VAL A 28 8.34 -7.76 2.39
CA VAL A 28 7.40 -7.25 1.41
C VAL A 28 7.99 -7.15 0.01
N ILE A 29 9.19 -6.63 -0.12
CA ILE A 29 9.77 -6.49 -1.46
C ILE A 29 10.52 -7.75 -1.88
N THR A 30 10.87 -8.61 -0.93
CA THR A 30 11.55 -9.86 -1.27
C THR A 30 10.54 -10.86 -1.84
N LEU A 31 9.43 -11.04 -1.12
CA LEU A 31 8.36 -11.95 -1.54
C LEU A 31 7.50 -11.35 -2.67
N TYR A 32 7.23 -10.04 -2.56
CA TYR A 32 6.44 -9.36 -3.58
C TYR A 32 7.32 -8.33 -4.30
N LYS A 33 8.29 -8.82 -5.07
CA LYS A 33 9.21 -7.95 -5.81
C LYS A 33 8.45 -6.95 -6.68
N ASP A 34 7.19 -7.24 -6.99
CA ASP A 34 6.40 -6.34 -7.82
C ASP A 34 6.16 -5.01 -7.11
N LEU A 35 6.27 -5.02 -5.79
CA LEU A 35 6.10 -3.80 -5.00
C LEU A 35 7.48 -3.12 -4.88
N LYS A 36 7.67 -1.89 -5.42
CA LYS A 36 8.99 -1.25 -5.37
C LYS A 36 8.99 0.02 -4.49
N PRO A 37 9.86 0.16 -3.50
CA PRO A 37 9.88 1.38 -2.64
C PRO A 37 10.55 2.58 -3.35
N VAL A 38 9.92 3.76 -3.27
CA VAL A 38 10.48 4.97 -3.87
C VAL A 38 10.59 6.07 -2.83
N LEU A 39 11.72 6.77 -2.85
CA LEU A 39 11.95 7.84 -1.89
C LEU A 39 11.32 9.14 -2.41
N ASP A 40 10.33 9.65 -1.69
CA ASP A 40 9.64 10.88 -2.12
C ASP A 40 9.78 12.00 -1.08
N SER A 41 10.11 13.19 -1.57
CA SER A 41 10.23 14.35 -0.68
C SER A 41 8.86 14.72 -0.14
N TYR A 42 8.76 15.06 1.15
CA TYR A 42 7.45 15.42 1.72
C TYR A 42 7.49 16.84 2.30
N VAL A 43 6.45 17.62 2.03
CA VAL A 43 6.37 19.01 2.52
C VAL A 43 5.21 19.16 3.50
N PHE A 44 5.50 19.71 4.69
CA PHE A 44 4.46 19.90 5.70
C PHE A 44 4.05 21.36 5.81
N ASN A 45 2.92 21.63 6.47
CA ASN A 45 2.42 23.00 6.64
C ASN A 45 3.35 23.85 7.48
N ASP A 46 4.27 23.21 8.21
CA ASP A 46 5.21 23.93 9.05
C ASP A 46 6.36 24.49 8.22
N GLY A 47 6.45 24.08 6.96
CA GLY A 47 7.52 24.55 6.08
C GLY A 47 8.74 23.64 6.20
N SER A 48 8.72 22.72 7.15
CA SER A 48 9.81 21.78 7.35
C SER A 48 9.67 20.65 6.34
N SER A 49 10.79 19.98 6.07
CA SER A 49 10.78 18.88 5.11
C SER A 49 11.22 17.58 5.77
N ARG A 50 10.71 16.49 5.22
CA ARG A 50 11.03 15.14 5.71
C ARG A 50 10.90 14.14 4.59
N GLU A 51 11.91 13.30 4.46
CA GLU A 51 11.90 12.28 3.41
C GLU A 51 10.98 11.13 3.81
N LEU A 52 9.95 10.90 3.00
CA LEU A 52 9.00 9.83 3.28
C LEU A 52 9.05 8.81 2.15
N MET A 53 9.35 7.57 2.51
CA MET A 53 9.46 6.47 1.54
C MET A 53 8.08 5.87 1.26
N ASN A 54 7.81 5.47 0.02
CA ASN A 54 6.50 4.91 -0.31
C ASN A 54 6.62 3.65 -1.14
N LEU A 55 5.54 2.88 -1.17
CA LEU A 55 5.52 1.64 -1.97
C LEU A 55 4.60 1.88 -3.17
N THR A 56 5.14 1.68 -4.38
CA THR A 56 4.38 1.93 -5.59
C THR A 56 4.62 0.89 -6.68
N GLY A 57 3.53 0.51 -7.35
CA GLY A 57 3.60 -0.47 -8.43
C GLY A 57 2.22 -1.02 -8.76
N THR A 58 2.22 -2.27 -9.20
CA THR A 58 0.97 -2.93 -9.57
C THR A 58 0.84 -4.34 -8.96
N ILE A 59 -0.40 -4.83 -8.92
CA ILE A 59 -0.66 -6.19 -8.41
C ILE A 59 -1.55 -6.93 -9.40
N PRO A 60 -1.09 -8.01 -10.02
CA PRO A 60 -1.96 -8.76 -10.98
C PRO A 60 -2.99 -9.59 -10.20
N VAL A 61 -4.28 -9.44 -10.52
CA VAL A 61 -5.30 -10.18 -9.78
C VAL A 61 -6.31 -10.87 -10.73
N PRO A 62 -6.57 -12.15 -10.55
CA PRO A 62 -7.56 -12.90 -11.39
C PRO A 62 -8.99 -12.50 -11.05
N TYR A 63 -9.88 -12.55 -12.03
CA TYR A 63 -11.26 -12.15 -11.81
C TYR A 63 -12.18 -12.65 -12.92
N ARG A 64 -13.07 -13.59 -12.58
CA ARG A 64 -14.02 -14.10 -13.58
C ARG A 64 -13.30 -14.51 -14.87
N GLY A 65 -12.18 -15.22 -14.74
CA GLY A 65 -11.44 -15.64 -15.93
C GLY A 65 -10.85 -14.43 -16.65
N ASN A 66 -10.78 -13.31 -15.93
CA ASN A 66 -10.26 -12.07 -16.46
C ASN A 66 -9.36 -11.43 -15.42
N THR A 67 -8.15 -11.09 -15.82
CA THR A 67 -7.18 -10.51 -14.89
C THR A 67 -6.89 -9.06 -15.21
N TYR A 68 -6.95 -8.20 -14.20
CA TYR A 68 -6.68 -6.78 -14.39
C TYR A 68 -5.40 -6.37 -13.67
N ASN A 69 -4.73 -5.35 -14.21
CA ASN A 69 -3.52 -4.83 -13.60
C ASN A 69 -3.94 -3.65 -12.72
N ILE A 70 -3.94 -3.87 -11.40
CA ILE A 70 -4.41 -2.82 -10.49
C ILE A 70 -3.27 -1.91 -10.01
N PRO A 71 -3.31 -0.62 -10.33
CA PRO A 71 -2.27 0.35 -9.86
C PRO A 71 -2.59 0.85 -8.44
N ILE A 72 -1.65 0.70 -7.49
CA ILE A 72 -1.93 1.17 -6.12
C ILE A 72 -0.75 2.00 -5.58
N CYS A 73 -1.05 2.99 -4.73
CA CYS A 73 -0.01 3.81 -4.15
C CYS A 73 -0.14 3.78 -2.63
N LEU A 74 0.91 3.30 -1.99
CA LEU A 74 0.93 3.18 -0.54
C LEU A 74 1.76 4.31 0.08
N TRP A 75 1.14 5.18 0.89
CA TRP A 75 1.91 6.24 1.57
C TRP A 75 2.02 5.84 3.05
N LEU A 76 3.27 5.65 3.50
CA LEU A 76 3.52 5.20 4.89
C LEU A 76 3.60 6.40 5.85
N LEU A 77 2.95 6.31 7.00
CA LEU A 77 3.00 7.38 7.99
C LEU A 77 4.26 7.20 8.84
N ASP A 78 4.84 8.29 9.34
CA ASP A 78 6.05 8.20 10.14
C ASP A 78 5.83 7.34 11.39
N THR A 79 4.57 7.08 11.73
CA THR A 79 4.25 6.27 12.89
C THR A 79 3.89 4.83 12.50
N TYR A 80 4.09 4.49 11.23
CA TYR A 80 3.83 3.13 10.75
C TYR A 80 4.85 2.21 11.42
N PRO A 81 4.52 0.97 11.78
CA PRO A 81 3.17 0.30 11.60
C PRO A 81 2.18 0.44 12.76
N TYR A 82 2.51 1.18 13.81
CA TYR A 82 1.55 1.32 14.91
C TYR A 82 0.41 2.24 14.50
N ASN A 83 0.62 3.01 13.43
CA ASN A 83 -0.40 3.92 12.94
C ASN A 83 -0.99 3.37 11.62
N PRO A 84 -2.30 3.29 11.43
CA PRO A 84 -2.84 2.73 10.15
C PRO A 84 -2.38 3.54 8.92
N PRO A 85 -1.88 2.88 7.88
CA PRO A 85 -1.42 3.58 6.63
C PRO A 85 -2.58 3.88 5.67
N ILE A 86 -2.56 5.01 4.94
CA ILE A 86 -3.66 5.30 4.02
C ILE A 86 -3.26 4.91 2.60
N CYS A 87 -4.14 4.15 1.97
CA CYS A 87 -3.91 3.69 0.61
C CYS A 87 -4.87 4.36 -0.37
N PHE A 88 -4.36 4.64 -1.56
CA PHE A 88 -5.18 5.30 -2.59
C PHE A 88 -5.16 4.48 -3.90
N VAL A 89 -6.35 4.17 -4.43
CA VAL A 89 -6.43 3.41 -5.68
C VAL A 89 -6.27 4.41 -6.83
N LYS A 90 -5.50 4.06 -7.86
CA LYS A 90 -5.29 4.98 -8.99
C LYS A 90 -6.29 4.70 -10.13
N PRO A 91 -7.42 5.43 -10.21
CA PRO A 91 -8.42 5.20 -11.31
C PRO A 91 -8.00 5.85 -12.64
N THR A 92 -8.61 5.38 -13.74
CA THR A 92 -8.31 5.90 -15.08
C THR A 92 -9.54 5.83 -15.97
N SER A 93 -9.49 6.50 -17.11
CA SER A 93 -10.64 6.52 -18.04
C SER A 93 -11.06 5.10 -18.50
N SER A 94 -10.13 4.13 -18.55
CA SER A 94 -10.50 2.77 -18.98
C SER A 94 -10.83 1.88 -17.76
N MET A 95 -10.88 2.50 -16.58
CA MET A 95 -11.18 1.78 -15.34
C MET A 95 -12.26 2.57 -14.59
N THR A 96 -13.16 1.85 -13.92
CA THR A 96 -14.24 2.53 -13.19
C THR A 96 -14.22 2.18 -11.72
N ILE A 97 -14.58 3.15 -10.88
CA ILE A 97 -14.61 2.93 -9.44
C ILE A 97 -16.05 3.00 -8.93
N LYS A 98 -16.53 1.92 -8.28
CA LYS A 98 -17.87 1.95 -7.74
C LYS A 98 -17.78 1.90 -6.22
N THR A 99 -17.87 3.07 -5.61
CA THR A 99 -17.75 3.17 -4.17
C THR A 99 -18.77 2.26 -3.49
N GLY A 100 -18.32 1.64 -2.40
CA GLY A 100 -19.18 0.73 -1.67
C GLY A 100 -18.63 0.46 -0.27
N LYS A 101 -18.77 -0.78 0.18
CA LYS A 101 -18.34 -1.19 1.51
C LYS A 101 -16.81 -1.13 1.72
N HIS A 102 -15.99 -1.24 0.67
CA HIS A 102 -14.52 -1.18 0.87
C HIS A 102 -13.84 -0.01 0.14
N VAL A 103 -14.38 0.44 -1.01
CA VAL A 103 -13.76 1.59 -1.69
C VAL A 103 -14.47 2.89 -1.33
N ASP A 104 -13.69 3.91 -1.02
CA ASP A 104 -14.24 5.22 -0.68
C ASP A 104 -14.18 6.12 -1.90
N ALA A 105 -14.98 7.18 -1.90
CA ALA A 105 -15.00 8.11 -3.02
C ALA A 105 -13.65 8.80 -3.19
N ASN A 106 -12.98 9.11 -2.07
CA ASN A 106 -11.68 9.77 -2.12
C ASN A 106 -10.63 8.82 -2.67
N GLY A 107 -11.02 7.55 -2.86
CA GLY A 107 -10.10 6.57 -3.37
C GLY A 107 -9.44 5.76 -2.25
N LYS A 108 -9.90 5.94 -1.01
CA LYS A 108 -9.30 5.24 0.10
C LYS A 108 -9.79 3.78 0.15
N ILE A 109 -8.94 2.90 0.69
CA ILE A 109 -9.30 1.48 0.81
C ILE A 109 -9.56 1.10 2.26
N TYR A 110 -10.76 0.60 2.55
CA TYR A 110 -11.11 0.18 3.91
C TYR A 110 -10.95 -1.35 3.98
N LEU A 111 -10.25 -1.86 5.00
CA LEU A 111 -10.01 -3.30 5.08
C LEU A 111 -10.28 -3.82 6.51
N PRO A 112 -11.34 -4.55 6.75
CA PRO A 112 -11.65 -5.09 8.13
C PRO A 112 -10.47 -5.77 8.82
N TYR A 113 -9.60 -6.45 8.08
CA TYR A 113 -8.47 -7.11 8.72
C TYR A 113 -7.59 -6.07 9.40
N LEU A 114 -7.58 -4.85 8.84
CA LEU A 114 -6.77 -3.76 9.38
C LEU A 114 -7.31 -3.32 10.73
N HIS A 115 -8.63 -3.25 10.82
CA HIS A 115 -9.27 -2.83 12.05
C HIS A 115 -9.01 -3.85 13.16
N GLU A 116 -8.89 -5.12 12.78
CA GLU A 116 -8.63 -6.17 13.76
C GLU A 116 -7.15 -6.51 13.84
N TRP A 117 -6.36 -5.94 12.93
CA TRP A 117 -4.94 -6.20 12.92
C TRP A 117 -4.34 -5.90 14.28
N LYS A 118 -3.69 -6.90 14.81
CA LYS A 118 -3.03 -6.77 16.11
C LYS A 118 -1.53 -6.73 15.89
N HIS A 119 -0.94 -5.56 16.05
CA HIS A 119 0.50 -5.45 15.83
C HIS A 119 1.25 -6.41 16.77
N PRO A 120 2.09 -7.32 16.29
CA PRO A 120 2.39 -7.61 14.86
C PRO A 120 1.82 -8.97 14.40
N GLN A 121 0.60 -8.98 13.86
CA GLN A 121 0.01 -10.25 13.42
C GLN A 121 -0.17 -10.26 11.91
N SER A 122 -0.99 -9.36 11.39
CA SER A 122 -1.25 -9.31 9.95
C SER A 122 0.00 -8.88 9.19
N ASP A 123 0.71 -7.89 9.73
CA ASP A 123 1.94 -7.40 9.07
C ASP A 123 1.65 -6.83 7.66
N LEU A 124 2.61 -6.07 7.14
CA LEU A 124 2.46 -5.45 5.81
C LEU A 124 2.27 -6.52 4.72
N LEU A 125 3.10 -7.56 4.77
CA LEU A 125 2.99 -8.65 3.79
C LEU A 125 1.55 -9.19 3.81
N GLY A 126 0.92 -9.17 4.99
CA GLY A 126 -0.48 -9.62 5.12
C GLY A 126 -1.39 -8.69 4.31
N LEU A 127 -1.11 -7.39 4.38
CA LEU A 127 -1.92 -6.39 3.67
C LEU A 127 -1.96 -6.64 2.17
N ILE A 128 -0.84 -7.03 1.60
CA ILE A 128 -0.80 -7.23 0.13
C ILE A 128 -1.50 -8.54 -0.28
N GLN A 129 -1.20 -9.65 0.39
CA GLN A 129 -1.89 -10.90 0.05
C GLN A 129 -3.36 -10.76 0.41
N VAL A 130 -3.66 -10.04 1.50
CA VAL A 130 -5.04 -9.81 1.87
C VAL A 130 -5.65 -8.92 0.81
N MET A 131 -4.86 -7.95 0.32
CA MET A 131 -5.36 -7.05 -0.72
C MET A 131 -5.75 -7.90 -1.92
N ILE A 132 -4.89 -8.87 -2.25
CA ILE A 132 -5.13 -9.77 -3.36
C ILE A 132 -6.38 -10.62 -3.14
N VAL A 133 -6.67 -11.01 -1.89
CA VAL A 133 -7.84 -11.85 -1.64
C VAL A 133 -9.12 -11.02 -1.44
N VAL A 134 -9.02 -9.99 -0.60
CA VAL A 134 -10.17 -9.14 -0.29
C VAL A 134 -10.61 -8.28 -1.47
N PHE A 135 -9.77 -8.20 -2.52
CA PHE A 135 -10.18 -7.43 -3.73
C PHE A 135 -10.58 -8.39 -4.84
N GLY A 136 -10.20 -9.67 -4.70
CA GLY A 136 -10.55 -10.67 -5.70
C GLY A 136 -11.95 -11.22 -5.42
N ASP A 137 -12.39 -11.13 -4.16
CA ASP A 137 -13.73 -11.61 -3.79
C ASP A 137 -14.81 -10.75 -4.47
N GLU A 138 -14.48 -9.50 -4.71
CA GLU A 138 -15.41 -8.57 -5.36
C GLU A 138 -14.65 -7.37 -5.92
N PRO A 139 -14.08 -7.48 -7.10
CA PRO A 139 -13.31 -6.36 -7.70
C PRO A 139 -14.06 -5.03 -7.53
N PRO A 140 -13.60 -4.13 -6.68
CA PRO A 140 -14.28 -2.82 -6.48
C PRO A 140 -14.12 -1.92 -7.70
N VAL A 141 -13.12 -2.28 -8.52
CA VAL A 141 -12.82 -1.53 -9.74
C VAL A 141 -12.82 -2.47 -10.94
N PHE A 142 -13.39 -2.04 -12.05
CA PHE A 142 -13.44 -2.89 -13.24
C PHE A 142 -13.68 -2.05 -14.51
N SER A 143 -13.36 -2.61 -15.68
CA SER A 143 -13.54 -1.90 -16.95
C SER A 143 -14.88 -2.24 -17.55
N ARG A 144 -15.62 -1.21 -17.92
CA ARG A 144 -16.93 -1.39 -18.51
C ARG A 144 -16.94 -0.95 -19.98
N PRO A 145 -16.92 -1.87 -20.92
CA PRO A 145 -16.94 -1.51 -22.37
C PRO A 145 -18.35 -1.25 -22.86
C1 4N1 B . 5.13 13.98 -3.35
O1 4N1 B . 5.98 14.79 -2.71
N2 4N1 B . 5.73 13.25 -4.30
C3 4N1 B . 4.91 12.44 -4.95
C4 4N1 B . 3.53 12.25 -4.76
C5 4N1 B . 2.92 13.03 -3.75
C6 4N1 B . 3.74 13.90 -3.05
N7 4N1 B . 5.25 11.58 -5.99
C8 4N1 B . 4.09 10.94 -6.34
N9 4N1 B . 3.04 11.31 -5.65
C10 4N1 B . 6.94 15.54 -3.46
N11 4N1 B . 4.06 10.05 -7.46
C12 4N1 B . 3.58 8.76 -7.39
C13 4N1 B . 3.56 8.00 -8.57
C14 4N1 B . 4.07 8.53 -9.78
O14 4N1 B . 4.01 7.71 -10.83
C15 4N1 B . 4.52 9.88 -9.82
C16 4N1 B . 4.48 10.58 -8.64
C17 4N1 B . 3.21 8.18 -6.03
C18 4N1 B . 3.03 6.59 -8.58
C19 4N1 B . 4.98 10.60 -11.06
S20 4N1 B . 1.45 7.60 -5.89
C21 4N1 B . 2.83 7.52 -11.65
H5 4N1 B . 1.86 12.95 -3.54
H6 4N1 B . 3.32 14.51 -2.26
H7 4N1 B . 6.19 11.39 -6.31
H101 4N1 B . 7.55 14.80 -3.97
H102 4N1 B . 7.57 16.15 -2.80
H103 4N1 B . 6.44 16.18 -4.20
H16 4N1 B . 4.76 11.62 -8.60
H171 4N1 B . 3.42 8.88 -5.23
H181 4N1 B . 3.19 6.13 -9.56
H182 4N1 B . 1.97 6.59 -8.39
H183 4N1 B . 3.53 6.00 -7.83
H191 4N1 B . 6.03 10.37 -11.26
H192 4N1 B . 4.90 11.68 -10.94
H193 4N1 B . 4.41 10.32 -11.95
H211 4N1 B . 2.17 6.91 -11.05
H212 4N1 B . 3.09 6.98 -12.57
H213 4N1 B . 2.35 8.48 -11.88
H172 4N1 B . 3.81 7.29 -5.85
N ALA A 2 17.84 1.62 -7.74
CA ALA A 2 18.01 0.41 -6.88
C ALA A 2 18.20 0.84 -5.43
N VAL A 3 17.45 0.22 -4.53
CA VAL A 3 17.55 0.55 -3.12
C VAL A 3 18.29 -0.54 -2.37
N SER A 4 19.28 -0.13 -1.62
CA SER A 4 20.05 -1.06 -0.81
C SER A 4 19.50 -1.00 0.60
N GLU A 5 19.64 -2.06 1.37
CA GLU A 5 19.10 -2.02 2.71
C GLU A 5 19.70 -0.90 3.52
N SER A 6 21.02 -0.71 3.44
CA SER A 6 21.65 0.37 4.22
C SER A 6 20.94 1.69 3.96
N GLN A 7 20.71 1.94 2.68
CA GLN A 7 20.00 3.13 2.28
C GLN A 7 18.58 3.09 2.83
N LEU A 8 17.97 1.91 2.84
CA LEU A 8 16.61 1.79 3.33
C LEU A 8 16.53 2.34 4.74
N LYS A 9 17.51 2.04 5.57
CA LYS A 9 17.52 2.57 6.94
C LYS A 9 17.51 4.08 6.90
N LYS A 10 18.28 4.63 5.97
CA LYS A 10 18.38 6.05 5.81
C LYS A 10 17.07 6.64 5.27
N MET A 11 16.38 5.86 4.44
CA MET A 11 15.13 6.31 3.82
C MET A 11 13.98 6.34 4.84
N VAL A 12 14.01 5.43 5.83
CA VAL A 12 12.96 5.39 6.85
C VAL A 12 13.51 5.71 8.24
N SER A 13 14.66 6.36 8.28
CA SER A 13 15.29 6.75 9.52
C SER A 13 14.37 7.68 10.31
N LYS A 14 13.70 8.56 9.57
CA LYS A 14 12.82 9.56 10.18
C LYS A 14 11.69 8.90 10.98
N TYR A 15 11.38 7.64 10.68
CA TYR A 15 10.31 6.94 11.38
C TYR A 15 10.72 6.55 12.80
N LYS A 16 9.72 6.46 13.68
CA LYS A 16 10.01 6.05 15.06
C LYS A 16 10.37 4.54 15.09
N TYR A 17 9.71 3.74 14.25
CA TYR A 17 9.99 2.28 14.20
C TYR A 17 10.72 1.89 12.90
N ARG A 18 11.91 2.45 12.65
CA ARG A 18 12.63 2.14 11.41
C ARG A 18 13.11 0.67 11.33
N ASP A 19 13.30 0.02 12.46
CA ASP A 19 13.80 -1.35 12.47
C ASP A 19 12.74 -2.37 12.06
N LEU A 20 11.58 -2.29 12.67
CA LEU A 20 10.53 -3.22 12.35
C LEU A 20 10.05 -2.99 10.92
N THR A 21 9.93 -1.71 10.55
CA THR A 21 9.48 -1.36 9.21
C THR A 21 10.44 -1.90 8.14
N VAL A 22 11.73 -1.70 8.35
CA VAL A 22 12.73 -2.20 7.41
C VAL A 22 12.67 -3.70 7.33
N ARG A 23 12.56 -4.35 8.47
CA ARG A 23 12.50 -5.78 8.47
C ARG A 23 11.25 -6.26 7.72
N GLU A 24 10.14 -5.58 7.97
CA GLU A 24 8.87 -5.92 7.35
C GLU A 24 8.93 -5.67 5.84
N THR A 25 9.60 -4.60 5.41
CA THR A 25 9.70 -4.34 3.98
C THR A 25 10.51 -5.41 3.30
N VAL A 26 11.55 -5.91 3.95
CA VAL A 26 12.36 -6.93 3.32
C VAL A 26 11.47 -8.09 2.96
N ASN A 27 10.62 -8.48 3.89
CA ASN A 27 9.69 -9.57 3.61
C ASN A 27 8.78 -9.21 2.44
N VAL A 28 8.37 -7.95 2.39
CA VAL A 28 7.47 -7.49 1.34
C VAL A 28 8.14 -7.42 -0.04
N ILE A 29 9.35 -6.90 -0.12
CA ILE A 29 9.99 -6.78 -1.43
C ILE A 29 10.73 -8.06 -1.82
N THR A 30 11.11 -8.85 -0.81
CA THR A 30 11.79 -10.12 -1.09
C THR A 30 10.81 -11.13 -1.67
N LEU A 31 9.62 -11.21 -1.06
CA LEU A 31 8.58 -12.13 -1.51
C LEU A 31 7.68 -11.50 -2.58
N TYR A 32 7.34 -10.22 -2.39
CA TYR A 32 6.51 -9.51 -3.35
C TYR A 32 7.35 -8.48 -4.10
N LYS A 33 8.29 -8.96 -4.90
CA LYS A 33 9.17 -8.08 -5.66
C LYS A 33 8.38 -7.12 -6.54
N ASP A 34 7.10 -7.44 -6.77
CA ASP A 34 6.25 -6.59 -7.60
C ASP A 34 6.03 -5.23 -6.92
N LEU A 35 6.34 -5.16 -5.63
CA LEU A 35 6.20 -3.92 -4.88
C LEU A 35 7.60 -3.29 -4.74
N LYS A 36 7.89 -2.13 -5.37
CA LYS A 36 9.25 -1.56 -5.24
C LYS A 36 9.27 -0.28 -4.39
N PRO A 37 10.24 -0.09 -3.49
CA PRO A 37 10.31 1.14 -2.65
C PRO A 37 10.99 2.31 -3.38
N VAL A 38 10.46 3.53 -3.21
CA VAL A 38 11.05 4.70 -3.84
C VAL A 38 11.04 5.87 -2.87
N LEU A 39 12.11 6.62 -2.86
CA LEU A 39 12.25 7.77 -1.96
C LEU A 39 11.56 9.00 -2.57
N ASP A 40 10.60 9.57 -1.84
CA ASP A 40 9.88 10.74 -2.35
C ASP A 40 9.85 11.88 -1.32
N SER A 41 10.00 13.11 -1.82
CA SER A 41 9.92 14.28 -0.95
C SER A 41 8.49 14.80 -0.99
N TYR A 42 7.78 14.75 0.14
CA TYR A 42 6.37 15.21 0.13
C TYR A 42 6.12 16.24 1.24
N VAL A 43 5.07 17.06 1.05
CA VAL A 43 4.76 18.15 2.00
C VAL A 43 3.60 17.78 2.95
N PHE A 44 3.87 17.88 4.25
CA PHE A 44 2.86 17.60 5.28
C PHE A 44 1.84 18.74 5.31
N ASN A 45 0.71 18.52 5.99
CA ASN A 45 -0.31 19.55 6.07
C ASN A 45 0.24 20.80 6.76
N ASP A 46 1.11 20.59 7.75
CA ASP A 46 1.71 21.70 8.50
C ASP A 46 2.56 22.57 7.59
N GLY A 47 2.95 22.05 6.43
CA GLY A 47 3.77 22.80 5.50
C GLY A 47 5.21 22.28 5.52
N SER A 48 5.57 21.56 6.57
CA SER A 48 6.91 21.00 6.69
C SER A 48 7.07 19.84 5.72
N SER A 49 8.29 19.66 5.23
CA SER A 49 8.56 18.60 4.27
C SER A 49 9.51 17.55 4.86
N ARG A 50 9.40 16.32 4.37
CA ARG A 50 10.26 15.25 4.87
C ARG A 50 10.36 14.10 3.87
N GLU A 51 11.58 13.58 3.71
CA GLU A 51 11.81 12.49 2.80
C GLU A 51 11.12 11.23 3.33
N LEU A 52 10.18 10.72 2.54
CA LEU A 52 9.43 9.54 2.92
C LEU A 52 9.53 8.48 1.83
N MET A 53 9.61 7.23 2.23
CA MET A 53 9.71 6.13 1.26
C MET A 53 8.31 5.63 0.91
N ASN A 54 8.09 5.22 -0.35
CA ASN A 54 6.79 4.73 -0.74
C ASN A 54 6.93 3.47 -1.57
N LEU A 55 5.90 2.63 -1.53
CA LEU A 55 5.91 1.38 -2.28
C LEU A 55 5.00 1.56 -3.50
N THR A 56 5.56 1.47 -4.71
CA THR A 56 4.77 1.69 -5.92
C THR A 56 4.98 0.61 -6.97
N GLY A 57 3.87 0.18 -7.58
CA GLY A 57 3.92 -0.86 -8.62
C GLY A 57 2.53 -1.37 -8.97
N THR A 58 2.46 -2.67 -9.26
CA THR A 58 1.17 -3.28 -9.64
C THR A 58 0.92 -4.62 -8.96
N ILE A 59 -0.37 -5.01 -8.92
CA ILE A 59 -0.75 -6.32 -8.34
C ILE A 59 -1.71 -7.02 -9.33
N PRO A 60 -1.33 -8.17 -9.89
CA PRO A 60 -2.25 -8.90 -10.83
C PRO A 60 -3.40 -9.55 -10.07
N VAL A 61 -4.65 -9.26 -10.47
CA VAL A 61 -5.80 -9.83 -9.77
C VAL A 61 -6.78 -10.50 -10.75
N PRO A 62 -6.98 -11.82 -10.67
CA PRO A 62 -7.92 -12.56 -11.58
C PRO A 62 -9.36 -12.47 -11.12
N TYR A 63 -10.30 -12.53 -12.06
CA TYR A 63 -11.72 -12.45 -11.71
C TYR A 63 -12.61 -12.93 -12.88
N ARG A 64 -13.33 -14.04 -12.67
CA ARG A 64 -14.23 -14.59 -13.73
C ARG A 64 -13.49 -14.76 -15.07
N GLY A 65 -12.24 -15.20 -15.02
CA GLY A 65 -11.47 -15.42 -16.24
C GLY A 65 -10.84 -14.13 -16.78
N ASN A 66 -11.07 -13.02 -16.09
CA ASN A 66 -10.53 -11.74 -16.51
C ASN A 66 -9.61 -11.18 -15.42
N THR A 67 -8.41 -10.80 -15.82
CA THR A 67 -7.43 -10.28 -14.87
C THR A 67 -7.01 -8.86 -15.22
N TYR A 68 -7.03 -7.97 -14.21
CA TYR A 68 -6.64 -6.59 -14.44
C TYR A 68 -5.36 -6.24 -13.65
N ASN A 69 -4.59 -5.30 -14.18
CA ASN A 69 -3.36 -4.86 -13.52
C ASN A 69 -3.67 -3.61 -12.70
N ILE A 70 -3.84 -3.78 -11.38
CA ILE A 70 -4.20 -2.63 -10.53
C ILE A 70 -2.97 -1.86 -10.03
N PRO A 71 -2.82 -0.59 -10.41
CA PRO A 71 -1.67 0.27 -9.93
C PRO A 71 -1.98 0.85 -8.55
N ILE A 72 -1.08 0.65 -7.57
CA ILE A 72 -1.35 1.20 -6.21
C ILE A 72 -0.13 1.93 -5.62
N CYS A 73 -0.43 2.97 -4.81
CA CYS A 73 0.61 3.74 -4.14
C CYS A 73 0.37 3.67 -2.64
N LEU A 74 1.39 3.21 -1.92
CA LEU A 74 1.31 3.10 -0.48
C LEU A 74 2.10 4.22 0.19
N TRP A 75 1.41 5.18 0.83
CA TRP A 75 2.12 6.24 1.55
C TRP A 75 2.22 5.85 3.01
N LEU A 76 3.44 5.91 3.56
CA LEU A 76 3.66 5.50 4.96
C LEU A 76 3.71 6.75 5.86
N LEU A 77 3.11 6.64 7.06
CA LEU A 77 3.09 7.76 8.01
C LEU A 77 4.24 7.59 8.99
N ASP A 78 4.91 8.67 9.36
CA ASP A 78 6.07 8.58 10.29
C ASP A 78 5.78 7.71 11.53
N THR A 79 4.50 7.45 11.82
CA THR A 79 4.15 6.65 12.99
C THR A 79 3.82 5.20 12.64
N TYR A 80 4.14 4.79 11.41
CA TYR A 80 3.91 3.41 10.96
C TYR A 80 4.86 2.48 11.71
N PRO A 81 4.47 1.26 12.08
CA PRO A 81 3.11 0.63 11.82
C PRO A 81 2.10 0.86 12.94
N TYR A 82 2.44 1.64 13.96
CA TYR A 82 1.49 1.87 15.04
C TYR A 82 0.31 2.70 14.55
N ASN A 83 0.51 3.38 13.41
CA ASN A 83 -0.55 4.19 12.81
C ASN A 83 -0.99 3.54 11.49
N PRO A 84 -2.25 3.17 11.29
CA PRO A 84 -2.66 2.54 9.99
C PRO A 84 -2.19 3.37 8.78
N PRO A 85 -1.67 2.74 7.75
CA PRO A 85 -1.17 3.47 6.54
C PRO A 85 -2.31 3.82 5.58
N ILE A 86 -2.25 4.97 4.90
CA ILE A 86 -3.32 5.35 3.98
C ILE A 86 -2.92 4.98 2.55
N CYS A 87 -3.86 4.33 1.85
CA CYS A 87 -3.64 3.85 0.48
C CYS A 87 -4.36 4.68 -0.56
N PHE A 88 -3.83 4.68 -1.79
CA PHE A 88 -4.46 5.42 -2.90
C PHE A 88 -4.49 4.56 -4.16
N VAL A 89 -5.66 4.45 -4.79
CA VAL A 89 -5.80 3.65 -6.01
C VAL A 89 -5.74 4.58 -7.22
N LYS A 90 -4.81 4.30 -8.15
CA LYS A 90 -4.66 5.13 -9.35
C LYS A 90 -5.79 4.83 -10.35
N PRO A 91 -6.77 5.70 -10.57
CA PRO A 91 -7.88 5.42 -11.53
C PRO A 91 -7.51 5.80 -12.96
N THR A 92 -8.22 5.21 -13.93
CA THR A 92 -8.00 5.50 -15.34
C THR A 92 -9.33 5.84 -16.00
N SER A 93 -9.29 6.43 -17.18
CA SER A 93 -10.54 6.81 -17.86
C SER A 93 -11.47 5.61 -18.12
N SER A 94 -10.94 4.44 -18.50
CA SER A 94 -11.80 3.29 -18.76
C SER A 94 -12.13 2.52 -17.47
N MET A 95 -11.59 2.98 -16.34
CA MET A 95 -11.84 2.33 -15.05
C MET A 95 -12.49 3.32 -14.09
N THR A 96 -13.36 2.82 -13.23
CA THR A 96 -14.03 3.69 -12.25
C THR A 96 -13.96 3.10 -10.85
N ILE A 97 -14.22 3.93 -9.83
CA ILE A 97 -14.20 3.45 -8.46
C ILE A 97 -15.62 3.10 -8.03
N LYS A 98 -15.97 1.82 -7.98
CA LYS A 98 -17.31 1.45 -7.53
C LYS A 98 -17.32 1.32 -6.03
N THR A 99 -18.05 2.21 -5.37
CA THR A 99 -18.11 2.18 -3.92
C THR A 99 -18.86 0.95 -3.45
N GLY A 100 -18.46 0.45 -2.30
CA GLY A 100 -19.08 -0.73 -1.73
C GLY A 100 -18.73 -0.89 -0.26
N LYS A 101 -18.59 -2.12 0.19
CA LYS A 101 -18.30 -2.40 1.60
C LYS A 101 -16.83 -2.21 2.00
N HIS A 102 -15.92 -1.98 1.04
CA HIS A 102 -14.50 -1.78 1.39
C HIS A 102 -13.88 -0.56 0.69
N VAL A 103 -14.35 -0.22 -0.52
CA VAL A 103 -13.80 0.96 -1.21
C VAL A 103 -14.68 2.18 -0.99
N ASP A 104 -14.03 3.32 -0.77
CA ASP A 104 -14.75 4.58 -0.56
C ASP A 104 -14.88 5.34 -1.88
N ALA A 105 -15.41 6.55 -1.83
CA ALA A 105 -15.60 7.34 -3.05
C ALA A 105 -14.35 8.12 -3.45
N ASN A 106 -13.59 8.61 -2.49
CA ASN A 106 -12.39 9.37 -2.83
C ASN A 106 -11.23 8.41 -3.10
N GLY A 107 -11.50 7.10 -3.08
CA GLY A 107 -10.44 6.12 -3.35
C GLY A 107 -9.83 5.57 -2.06
N LYS A 108 -10.47 5.82 -0.93
CA LYS A 108 -9.94 5.30 0.33
C LYS A 108 -10.21 3.81 0.44
N ILE A 109 -9.22 3.05 0.87
CA ILE A 109 -9.39 1.61 1.02
C ILE A 109 -9.39 1.24 2.50
N TYR A 110 -10.52 0.74 2.99
CA TYR A 110 -10.60 0.34 4.39
C TYR A 110 -10.90 -1.15 4.43
N LEU A 111 -10.29 -1.88 5.36
CA LEU A 111 -10.49 -3.32 5.40
C LEU A 111 -10.76 -3.80 6.85
N PRO A 112 -11.80 -4.56 7.09
CA PRO A 112 -12.09 -5.07 8.48
C PRO A 112 -10.85 -5.71 9.15
N TYR A 113 -10.01 -6.39 8.37
CA TYR A 113 -8.83 -7.03 8.96
C TYR A 113 -7.95 -5.97 9.61
N LEU A 114 -7.96 -4.76 9.01
CA LEU A 114 -7.17 -3.65 9.51
C LEU A 114 -7.71 -3.14 10.84
N HIS A 115 -9.02 -3.05 10.93
CA HIS A 115 -9.65 -2.55 12.15
C HIS A 115 -9.36 -3.48 13.33
N GLU A 116 -9.21 -4.77 13.05
CA GLU A 116 -8.93 -5.74 14.11
C GLU A 116 -7.50 -6.25 14.05
N TRP A 117 -6.67 -5.63 13.22
CA TRP A 117 -5.27 -6.02 13.08
C TRP A 117 -4.52 -5.74 14.37
N LYS A 118 -3.86 -6.78 14.85
CA LYS A 118 -3.05 -6.70 16.05
C LYS A 118 -1.58 -6.60 15.64
N HIS A 119 -0.93 -5.54 16.09
CA HIS A 119 0.47 -5.32 15.75
C HIS A 119 1.38 -6.25 16.58
N PRO A 120 2.26 -7.05 15.98
CA PRO A 120 2.50 -7.23 14.51
C PRO A 120 2.03 -8.60 14.01
N GLN A 121 0.79 -8.71 13.56
CA GLN A 121 0.29 -9.99 13.08
C GLN A 121 0.02 -9.94 11.57
N SER A 122 -0.88 -9.06 11.17
CA SER A 122 -1.24 -8.96 9.74
C SER A 122 -0.07 -8.42 8.92
N ASP A 123 0.69 -7.51 9.52
CA ASP A 123 1.86 -6.87 8.85
C ASP A 123 1.49 -6.34 7.46
N LEU A 124 2.46 -5.72 6.80
CA LEU A 124 2.23 -5.15 5.47
C LEU A 124 1.94 -6.26 4.46
N LEU A 125 2.67 -7.37 4.57
CA LEU A 125 2.47 -8.49 3.65
C LEU A 125 0.99 -8.93 3.74
N GLY A 126 0.43 -8.96 4.95
CA GLY A 126 -0.99 -9.34 5.11
C GLY A 126 -1.87 -8.36 4.36
N LEU A 127 -1.54 -7.07 4.40
CA LEU A 127 -2.34 -6.07 3.70
C LEU A 127 -2.42 -6.36 2.22
N ILE A 128 -1.31 -6.76 1.63
CA ILE A 128 -1.28 -7.01 0.19
C ILE A 128 -1.96 -8.33 -0.21
N GLN A 129 -1.63 -9.43 0.46
CA GLN A 129 -2.28 -10.69 0.12
C GLN A 129 -3.75 -10.58 0.51
N VAL A 130 -4.06 -9.85 1.59
CA VAL A 130 -5.45 -9.66 1.96
C VAL A 130 -6.10 -8.79 0.89
N MET A 131 -5.35 -7.80 0.41
CA MET A 131 -5.91 -6.91 -0.63
C MET A 131 -6.29 -7.79 -1.83
N ILE A 132 -5.38 -8.72 -2.17
CA ILE A 132 -5.59 -9.63 -3.29
C ILE A 132 -6.81 -10.53 -3.07
N VAL A 133 -7.01 -11.01 -1.84
CA VAL A 133 -8.16 -11.90 -1.58
C VAL A 133 -9.45 -11.14 -1.35
N VAL A 134 -9.38 -10.13 -0.50
CA VAL A 134 -10.54 -9.34 -0.15
C VAL A 134 -11.02 -8.53 -1.35
N PHE A 135 -10.20 -8.43 -2.41
CA PHE A 135 -10.66 -7.72 -3.63
C PHE A 135 -10.88 -8.75 -4.75
N GLY A 136 -10.31 -9.95 -4.60
CA GLY A 136 -10.52 -11.00 -5.58
C GLY A 136 -12.00 -11.38 -5.56
N ASP A 137 -12.58 -11.30 -4.37
CA ASP A 137 -14.00 -11.62 -4.20
C ASP A 137 -14.87 -10.65 -5.00
N GLU A 138 -14.45 -9.39 -5.07
CA GLU A 138 -15.21 -8.39 -5.79
C GLU A 138 -14.30 -7.25 -6.23
N PRO A 139 -13.62 -7.39 -7.34
CA PRO A 139 -12.71 -6.31 -7.85
C PRO A 139 -13.36 -4.93 -7.72
N PRO A 140 -12.93 -4.11 -6.79
CA PRO A 140 -13.52 -2.75 -6.60
C PRO A 140 -13.47 -1.93 -7.88
N VAL A 141 -12.54 -2.28 -8.76
CA VAL A 141 -12.37 -1.57 -10.02
C VAL A 141 -12.36 -2.56 -11.20
N PHE A 142 -12.89 -2.13 -12.34
CA PHE A 142 -12.94 -2.97 -13.55
C PHE A 142 -13.12 -2.11 -14.79
N SER A 143 -12.75 -2.66 -15.96
CA SER A 143 -12.89 -1.92 -17.22
C SER A 143 -14.34 -1.85 -17.63
N ARG A 144 -14.90 -0.66 -17.51
CA ARG A 144 -16.29 -0.47 -17.87
C ARG A 144 -16.42 0.39 -19.13
N PRO A 145 -16.83 -0.16 -20.25
CA PRO A 145 -16.97 0.62 -21.52
C PRO A 145 -17.69 1.96 -21.30
C1 4N1 B . 4.42 13.54 -3.70
O1 4N1 B . 5.13 14.41 -3.00
N2 4N1 B . 5.15 12.88 -4.60
C3 4N1 B . 4.46 12.05 -5.36
C4 4N1 B . 3.08 11.77 -5.32
C5 4N1 B . 2.33 12.47 -4.37
C6 4N1 B . 3.01 13.36 -3.55
N7 4N1 B . 4.96 11.24 -6.38
C8 4N1 B . 3.89 10.54 -6.86
N9 4N1 B . 2.75 10.83 -6.28
C10 4N1 B . 5.70 15.54 -3.66
N11 4N1 B . 4.02 9.67 -7.99
C12 4N1 B . 3.61 8.34 -7.99
C13 4N1 B . 3.74 7.61 -9.19
C14 4N1 B . 4.33 8.19 -10.33
O14 4N1 B . 4.44 7.37 -11.38
C15 4N1 B . 4.71 9.57 -10.30
C16 4N1 B . 4.52 10.25 -9.13
C17 4N1 B . 3.11 7.72 -6.71
C18 4N1 B . 3.27 6.18 -9.24
C19 4N1 B . 5.23 10.35 -11.49
S20 4N1 B . 1.32 7.25 -6.78
C21 4N1 B . 3.40 7.09 -12.32
H5 4N1 B . 1.25 12.32 -4.26
H6 4N1 B . 2.47 13.94 -2.80
H7 4N1 B . 5.94 11.11 -6.59
H101 4N1 B . 4.86 16.21 -3.88
H102 4N1 B . 6.17 15.25 -4.61
H103 4N1 B . 6.42 16.06 -3.03
H16 4N1 B . 4.75 11.30 -9.04
H171 4N1 B . 3.29 8.37 -5.85
H181 4N1 B . 2.19 6.11 -9.09
H182 4N1 B . 3.76 5.60 -8.47
H183 4N1 B . 3.52 5.73 -10.21
H191 4N1 B . 6.33 10.30 -11.52
H192 4N1 B . 4.95 11.41 -11.42
H193 4N1 B . 4.86 9.96 -12.45
H211 4N1 B . 2.50 7.53 -11.89
H212 4N1 B . 3.26 6.00 -12.42
H213 4N1 B . 3.59 7.55 -13.29
H172 4N1 B . 3.64 6.79 -6.53
N ALA A 2 17.40 0.95 -7.82
CA ALA A 2 17.22 -0.11 -6.79
C ALA A 2 17.54 0.45 -5.41
N VAL A 3 16.87 -0.07 -4.40
CA VAL A 3 17.09 0.38 -3.04
C VAL A 3 17.93 -0.63 -2.29
N SER A 4 18.96 -0.14 -1.65
CA SER A 4 19.84 -1.00 -0.86
C SER A 4 19.33 -0.98 0.56
N GLU A 5 19.57 -2.02 1.32
CA GLU A 5 19.08 -2.02 2.68
C GLU A 5 19.69 -0.90 3.47
N SER A 6 20.99 -0.63 3.33
CA SER A 6 21.62 0.46 4.09
C SER A 6 20.88 1.74 3.78
N GLN A 7 20.64 1.94 2.51
CA GLN A 7 19.92 3.10 2.05
C GLN A 7 18.52 3.11 2.64
N LEU A 8 17.91 1.93 2.71
CA LEU A 8 16.55 1.84 3.21
C LEU A 8 16.49 2.43 4.61
N LYS A 9 17.48 2.15 5.44
CA LYS A 9 17.51 2.74 6.78
C LYS A 9 17.53 4.25 6.69
N LYS A 10 18.32 4.73 5.73
CA LYS A 10 18.46 6.16 5.51
C LYS A 10 17.16 6.79 4.99
N MET A 11 16.36 5.98 4.30
CA MET A 11 15.11 6.48 3.71
C MET A 11 13.98 6.53 4.75
N VAL A 12 14.02 5.64 5.74
CA VAL A 12 12.99 5.61 6.77
C VAL A 12 13.57 5.86 8.17
N SER A 13 14.76 6.46 8.20
CA SER A 13 15.42 6.78 9.47
C SER A 13 14.56 7.72 10.29
N LYS A 14 13.94 8.65 9.59
CA LYS A 14 13.10 9.68 10.24
C LYS A 14 11.94 9.07 11.02
N TYR A 15 11.50 7.87 10.63
CA TYR A 15 10.40 7.20 11.31
C TYR A 15 10.80 6.79 12.73
N LYS A 16 9.80 6.58 13.58
CA LYS A 16 10.07 6.16 14.96
C LYS A 16 10.38 4.66 15.03
N TYR A 17 9.79 3.87 14.12
CA TYR A 17 10.02 2.41 14.10
C TYR A 17 10.72 1.95 12.80
N ARG A 18 11.90 2.50 12.50
CA ARG A 18 12.57 2.12 11.25
C ARG A 18 12.98 0.64 11.20
N ASP A 19 13.23 0.01 12.34
CA ASP A 19 13.67 -1.39 12.34
C ASP A 19 12.59 -2.36 11.93
N LEU A 20 11.42 -2.22 12.50
CA LEU A 20 10.35 -3.13 12.17
C LEU A 20 9.88 -2.89 10.74
N THR A 21 9.80 -1.61 10.37
CA THR A 21 9.38 -1.25 9.02
C THR A 21 10.37 -1.78 7.98
N VAL A 22 11.67 -1.58 8.24
CA VAL A 22 12.69 -2.06 7.32
C VAL A 22 12.66 -3.56 7.22
N ARG A 23 12.58 -4.23 8.35
CA ARG A 23 12.56 -5.67 8.33
C ARG A 23 11.33 -6.17 7.58
N GLU A 24 10.19 -5.55 7.87
CA GLU A 24 8.95 -5.92 7.25
C GLU A 24 8.96 -5.61 5.75
N THR A 25 9.58 -4.49 5.36
CA THR A 25 9.63 -4.17 3.93
C THR A 25 10.44 -5.20 3.19
N VAL A 26 11.49 -5.69 3.81
CA VAL A 26 12.31 -6.67 3.12
C VAL A 26 11.43 -7.83 2.76
N ASN A 27 10.60 -8.25 3.70
CA ASN A 27 9.70 -9.35 3.43
C ASN A 27 8.75 -8.96 2.29
N VAL A 28 8.29 -7.71 2.30
CA VAL A 28 7.36 -7.23 1.29
C VAL A 28 7.97 -7.13 -0.11
N ILE A 29 9.19 -6.61 -0.21
CA ILE A 29 9.78 -6.46 -1.54
C ILE A 29 10.52 -7.74 -1.97
N THR A 30 10.94 -8.55 -1.01
CA THR A 30 11.62 -9.79 -1.33
C THR A 30 10.62 -10.84 -1.84
N LEU A 31 9.49 -10.94 -1.15
CA LEU A 31 8.44 -11.89 -1.51
C LEU A 31 7.51 -11.30 -2.58
N TYR A 32 7.25 -9.99 -2.48
CA TYR A 32 6.40 -9.31 -3.44
C TYR A 32 7.23 -8.27 -4.20
N LYS A 33 8.16 -8.76 -5.01
CA LYS A 33 9.06 -7.90 -5.78
C LYS A 33 8.29 -6.94 -6.66
N ASP A 34 7.03 -7.24 -6.93
CA ASP A 34 6.26 -6.37 -7.78
C ASP A 34 6.07 -5.01 -7.10
N LEU A 35 6.22 -4.99 -5.78
CA LEU A 35 6.09 -3.75 -5.02
C LEU A 35 7.50 -3.10 -4.94
N LYS A 36 7.73 -1.93 -5.58
CA LYS A 36 9.08 -1.33 -5.54
C LYS A 36 9.11 -0.06 -4.66
N PRO A 37 9.99 0.05 -3.66
CA PRO A 37 10.04 1.27 -2.80
C PRO A 37 10.75 2.43 -3.49
N VAL A 38 10.20 3.64 -3.36
CA VAL A 38 10.80 4.83 -3.98
C VAL A 38 10.86 5.98 -2.99
N LEU A 39 11.92 6.76 -3.07
CA LEU A 39 12.12 7.87 -2.16
C LEU A 39 11.53 9.16 -2.74
N ASP A 40 10.59 9.77 -2.01
CA ASP A 40 9.95 11.00 -2.49
C ASP A 40 9.94 12.10 -1.43
N SER A 41 10.20 13.33 -1.85
CA SER A 41 10.18 14.46 -0.93
C SER A 41 8.73 14.70 -0.49
N TYR A 42 8.52 14.95 0.80
CA TYR A 42 7.15 15.18 1.29
C TYR A 42 7.06 16.57 1.94
N VAL A 43 5.96 17.28 1.66
CA VAL A 43 5.76 18.62 2.22
C VAL A 43 4.61 18.63 3.24
N PHE A 44 4.91 19.13 4.44
CA PHE A 44 3.89 19.21 5.50
C PHE A 44 3.24 20.59 5.52
N ASN A 45 2.07 20.70 6.15
CA ASN A 45 1.36 21.98 6.22
C ASN A 45 2.10 22.99 7.10
N ASP A 46 3.08 22.52 7.87
CA ASP A 46 3.85 23.40 8.74
C ASP A 46 5.05 24.00 8.01
N GLY A 47 5.28 23.57 6.76
CA GLY A 47 6.41 24.06 5.99
C GLY A 47 7.62 23.16 6.16
N SER A 48 7.56 22.26 7.16
CA SER A 48 8.65 21.34 7.40
C SER A 48 8.67 20.28 6.32
N SER A 49 9.88 19.89 5.92
CA SER A 49 10.03 18.88 4.88
C SER A 49 10.72 17.64 5.42
N ARG A 50 10.26 16.49 4.96
CA ARG A 50 10.83 15.20 5.39
C ARG A 50 10.73 14.19 4.25
N GLU A 51 11.80 13.44 4.06
CA GLU A 51 11.84 12.46 3.00
C GLU A 51 11.09 11.18 3.41
N LEU A 52 10.06 10.85 2.64
CA LEU A 52 9.27 9.65 2.92
C LEU A 52 9.41 8.66 1.77
N MET A 53 9.46 7.38 2.11
CA MET A 53 9.59 6.33 1.10
C MET A 53 8.22 5.69 0.87
N ASN A 54 7.86 5.43 -0.40
CA ASN A 54 6.55 4.84 -0.68
C ASN A 54 6.69 3.62 -1.59
N LEU A 55 5.76 2.68 -1.45
CA LEU A 55 5.78 1.48 -2.28
C LEU A 55 4.87 1.72 -3.48
N THR A 56 5.42 1.60 -4.70
CA THR A 56 4.62 1.86 -5.90
C THR A 56 4.78 0.79 -6.98
N GLY A 57 3.65 0.38 -7.57
CA GLY A 57 3.67 -0.63 -8.64
C GLY A 57 2.27 -1.16 -8.94
N THR A 58 2.22 -2.45 -9.25
CA THR A 58 0.94 -3.09 -9.60
C THR A 58 0.77 -4.45 -8.92
N ILE A 59 -0.49 -4.91 -8.85
CA ILE A 59 -0.80 -6.23 -8.28
C ILE A 59 -1.69 -6.99 -9.27
N PRO A 60 -1.25 -8.11 -9.83
CA PRO A 60 -2.10 -8.89 -10.77
C PRO A 60 -3.20 -9.63 -9.99
N VAL A 61 -4.47 -9.39 -10.35
CA VAL A 61 -5.55 -10.05 -9.61
C VAL A 61 -6.46 -10.87 -10.55
N PRO A 62 -6.54 -12.19 -10.37
CA PRO A 62 -7.42 -13.05 -11.21
C PRO A 62 -8.89 -12.82 -10.88
N TYR A 63 -9.74 -12.94 -11.88
CA TYR A 63 -11.17 -12.71 -11.67
C TYR A 63 -12.02 -13.30 -12.81
N ARG A 64 -12.74 -14.38 -12.52
CA ARG A 64 -13.60 -15.01 -13.55
C ARG A 64 -12.80 -15.35 -14.83
N GLY A 65 -11.54 -15.74 -14.66
CA GLY A 65 -10.71 -16.07 -15.81
C GLY A 65 -10.15 -14.80 -16.48
N ASN A 66 -10.54 -13.65 -15.95
CA ASN A 66 -10.09 -12.37 -16.45
C ASN A 66 -9.23 -11.71 -15.37
N THR A 67 -8.09 -11.16 -15.76
CA THR A 67 -7.17 -10.56 -14.80
C THR A 67 -6.94 -9.08 -15.08
N TYR A 68 -7.04 -8.26 -14.04
CA TYR A 68 -6.81 -6.82 -14.17
C TYR A 68 -5.52 -6.41 -13.46
N ASN A 69 -4.85 -5.40 -14.01
CA ASN A 69 -3.63 -4.87 -13.42
C ASN A 69 -4.00 -3.67 -12.55
N ILE A 70 -4.07 -3.88 -11.23
CA ILE A 70 -4.48 -2.78 -10.33
C ILE A 70 -3.28 -1.91 -9.90
N PRO A 71 -3.25 -0.63 -10.29
CA PRO A 71 -2.15 0.31 -9.89
C PRO A 71 -2.40 0.89 -8.49
N ILE A 72 -1.46 0.71 -7.55
CA ILE A 72 -1.69 1.27 -6.19
C ILE A 72 -0.46 1.97 -5.60
N CYS A 73 -0.73 2.99 -4.76
CA CYS A 73 0.34 3.72 -4.10
C CYS A 73 0.12 3.68 -2.59
N LEU A 74 1.13 3.16 -1.89
CA LEU A 74 1.08 3.04 -0.44
C LEU A 74 1.82 4.24 0.17
N TRP A 75 1.15 5.03 1.01
CA TRP A 75 1.83 6.17 1.64
C TRP A 75 1.96 5.88 3.13
N LEU A 76 3.20 5.83 3.63
CA LEU A 76 3.45 5.50 5.04
C LEU A 76 3.33 6.75 5.93
N LEU A 77 2.73 6.59 7.13
CA LEU A 77 2.61 7.72 8.07
C LEU A 77 3.86 7.72 8.95
N ASP A 78 4.30 8.88 9.40
CA ASP A 78 5.51 8.95 10.23
C ASP A 78 5.40 8.05 11.48
N THR A 79 4.18 7.63 11.83
CA THR A 79 4.01 6.77 13.00
C THR A 79 3.82 5.30 12.60
N TYR A 80 3.96 5.02 11.31
CA TYR A 80 3.86 3.63 10.81
C TYR A 80 5.01 2.83 11.43
N PRO A 81 4.84 1.56 11.77
CA PRO A 81 3.57 0.75 11.60
C PRO A 81 2.61 0.78 12.78
N TYR A 82 2.88 1.59 13.80
CA TYR A 82 1.95 1.64 14.93
C TYR A 82 0.64 2.31 14.50
N ASN A 83 0.73 3.16 13.48
CA ASN A 83 -0.45 3.85 12.94
C ASN A 83 -0.86 3.15 11.63
N PRO A 84 -2.15 2.91 11.34
CA PRO A 84 -2.50 2.22 10.06
C PRO A 84 -2.11 3.08 8.84
N PRO A 85 -1.63 2.47 7.79
CA PRO A 85 -1.21 3.23 6.57
C PRO A 85 -2.40 3.55 5.65
N ILE A 86 -2.40 4.75 5.02
CA ILE A 86 -3.51 5.11 4.16
C ILE A 86 -3.15 4.73 2.72
N CYS A 87 -4.11 4.13 2.04
CA CYS A 87 -3.90 3.66 0.67
C CYS A 87 -4.71 4.46 -0.34
N PHE A 88 -4.09 4.75 -1.48
CA PHE A 88 -4.78 5.51 -2.53
C PHE A 88 -4.78 4.70 -3.84
N VAL A 89 -5.98 4.46 -4.41
CA VAL A 89 -6.07 3.70 -5.67
C VAL A 89 -5.85 4.67 -6.83
N LYS A 90 -5.20 4.20 -7.90
CA LYS A 90 -4.95 5.05 -9.07
C LYS A 90 -6.00 4.79 -10.16
N PRO A 91 -7.05 5.58 -10.29
CA PRO A 91 -8.08 5.34 -11.35
C PRO A 91 -7.63 5.87 -12.71
N THR A 92 -8.25 5.36 -13.76
CA THR A 92 -7.95 5.79 -15.12
C THR A 92 -9.23 5.97 -15.91
N SER A 93 -9.17 6.69 -17.02
CA SER A 93 -10.41 6.94 -17.80
C SER A 93 -11.13 5.62 -18.18
N SER A 94 -10.39 4.57 -18.54
CA SER A 94 -11.03 3.29 -18.92
C SER A 94 -11.53 2.51 -17.69
N MET A 95 -11.28 3.03 -16.49
CA MET A 95 -11.72 2.35 -15.27
C MET A 95 -12.47 3.33 -14.36
N THR A 96 -13.48 2.83 -13.64
CA THR A 96 -14.25 3.71 -12.74
C THR A 96 -14.29 3.12 -11.33
N ILE A 97 -14.64 3.96 -10.36
CA ILE A 97 -14.75 3.50 -8.98
C ILE A 97 -16.15 3.00 -8.68
N LYS A 98 -16.33 1.70 -8.49
CA LYS A 98 -17.66 1.19 -8.13
C LYS A 98 -17.74 1.07 -6.62
N THR A 99 -18.44 2.00 -5.99
CA THR A 99 -18.56 1.97 -4.54
C THR A 99 -19.38 0.76 -4.12
N GLY A 100 -18.93 0.10 -3.05
CA GLY A 100 -19.62 -1.09 -2.58
C GLY A 100 -19.40 -1.29 -1.08
N LYS A 101 -19.08 -2.51 -0.69
CA LYS A 101 -18.89 -2.82 0.73
C LYS A 101 -17.45 -2.54 1.23
N HIS A 102 -16.49 -2.19 0.35
CA HIS A 102 -15.12 -1.90 0.84
C HIS A 102 -14.49 -0.62 0.24
N VAL A 103 -14.93 -0.15 -0.95
CA VAL A 103 -14.35 1.07 -1.51
C VAL A 103 -15.14 2.30 -1.07
N ASP A 104 -14.42 3.34 -0.66
CA ASP A 104 -15.07 4.59 -0.24
C ASP A 104 -15.33 5.45 -1.49
N ALA A 105 -15.71 6.72 -1.33
CA ALA A 105 -15.99 7.55 -2.50
C ALA A 105 -14.74 8.22 -3.06
N ASN A 106 -13.80 8.57 -2.19
CA ASN A 106 -12.55 9.21 -2.63
C ASN A 106 -11.50 8.16 -2.95
N GLY A 107 -11.85 6.87 -2.80
CA GLY A 107 -10.90 5.81 -3.09
C GLY A 107 -10.38 5.12 -1.82
N LYS A 108 -10.72 5.67 -0.66
CA LYS A 108 -10.28 5.07 0.60
C LYS A 108 -10.62 3.58 0.62
N ILE A 109 -9.65 2.76 0.99
CA ILE A 109 -9.87 1.32 1.05
C ILE A 109 -10.18 0.89 2.48
N TYR A 110 -11.34 0.27 2.67
CA TYR A 110 -11.78 -0.20 3.99
C TYR A 110 -11.56 -1.71 4.06
N LEU A 111 -10.73 -2.18 4.99
CA LEU A 111 -10.46 -3.61 5.10
C LEU A 111 -10.72 -4.12 6.52
N PRO A 112 -11.72 -4.96 6.73
CA PRO A 112 -12.03 -5.49 8.10
C PRO A 112 -10.81 -6.04 8.85
N TYR A 113 -9.88 -6.70 8.16
CA TYR A 113 -8.72 -7.26 8.85
C TYR A 113 -7.88 -6.14 9.45
N LEU A 114 -7.87 -4.97 8.79
CA LEU A 114 -7.10 -3.83 9.25
C LEU A 114 -7.66 -3.27 10.55
N HIS A 115 -8.98 -3.18 10.63
CA HIS A 115 -9.62 -2.66 11.82
C HIS A 115 -9.41 -3.60 13.00
N GLU A 116 -9.29 -4.89 12.71
CA GLU A 116 -9.06 -5.88 13.76
C GLU A 116 -7.61 -6.34 13.79
N TRP A 117 -6.75 -5.71 13.00
CA TRP A 117 -5.35 -6.09 12.95
C TRP A 117 -4.64 -5.69 14.22
N LYS A 118 -3.99 -6.66 14.81
CA LYS A 118 -3.21 -6.46 16.02
C LYS A 118 -1.76 -6.29 15.62
N HIS A 119 -1.15 -5.19 16.04
CA HIS A 119 0.24 -4.93 15.68
C HIS A 119 1.19 -5.72 16.59
N PRO A 120 2.12 -6.51 16.07
CA PRO A 120 2.38 -6.79 14.63
C PRO A 120 1.97 -8.22 14.21
N GLN A 121 0.75 -8.41 13.72
CA GLN A 121 0.31 -9.75 13.30
C GLN A 121 0.09 -9.81 11.79
N SER A 122 -0.84 -9.00 11.30
CA SER A 122 -1.17 -9.01 9.87
C SER A 122 -0.02 -8.42 9.04
N ASP A 123 0.70 -7.48 9.65
CA ASP A 123 1.85 -6.80 8.99
C ASP A 123 1.48 -6.31 7.58
N LEU A 124 2.46 -5.68 6.94
CA LEU A 124 2.24 -5.15 5.59
C LEU A 124 2.01 -6.29 4.60
N LEU A 125 2.82 -7.35 4.71
CA LEU A 125 2.69 -8.51 3.82
C LEU A 125 1.23 -9.01 3.86
N GLY A 126 0.62 -9.02 5.05
CA GLY A 126 -0.80 -9.45 5.17
C GLY A 126 -1.70 -8.51 4.38
N LEU A 127 -1.41 -7.22 4.42
CA LEU A 127 -2.23 -6.23 3.69
C LEU A 127 -2.27 -6.50 2.20
N ILE A 128 -1.13 -6.86 1.63
CA ILE A 128 -1.08 -7.06 0.18
C ILE A 128 -1.74 -8.37 -0.24
N GLN A 129 -1.43 -9.46 0.44
CA GLN A 129 -2.06 -10.74 0.08
C GLN A 129 -3.53 -10.67 0.47
N VAL A 130 -3.85 -10.02 1.60
CA VAL A 130 -5.24 -9.89 1.97
C VAL A 130 -5.93 -9.03 0.94
N MET A 131 -5.27 -7.95 0.51
CA MET A 131 -5.85 -7.08 -0.51
C MET A 131 -6.13 -7.93 -1.74
N ILE A 132 -5.17 -8.80 -2.10
CA ILE A 132 -5.34 -9.68 -3.22
C ILE A 132 -6.55 -10.61 -3.03
N VAL A 133 -6.93 -10.88 -1.76
CA VAL A 133 -8.06 -11.77 -1.51
C VAL A 133 -9.39 -11.02 -1.31
N VAL A 134 -9.41 -10.08 -0.38
CA VAL A 134 -10.63 -9.33 -0.09
C VAL A 134 -11.07 -8.49 -1.29
N PHE A 135 -10.18 -8.34 -2.29
CA PHE A 135 -10.57 -7.59 -3.51
C PHE A 135 -10.90 -8.59 -4.63
N GLY A 136 -10.48 -9.84 -4.46
CA GLY A 136 -10.76 -10.86 -5.46
C GLY A 136 -12.19 -11.36 -5.30
N ASP A 137 -12.73 -11.23 -4.09
CA ASP A 137 -14.10 -11.67 -3.82
C ASP A 137 -15.09 -10.81 -4.62
N GLU A 138 -14.76 -9.54 -4.79
CA GLU A 138 -15.61 -8.63 -5.54
C GLU A 138 -14.79 -7.45 -6.03
N PRO A 139 -14.11 -7.59 -7.14
CA PRO A 139 -13.27 -6.47 -7.70
C PRO A 139 -14.02 -5.14 -7.63
N PRO A 140 -13.58 -4.21 -6.80
CA PRO A 140 -14.27 -2.89 -6.67
C PRO A 140 -14.02 -2.01 -7.89
N VAL A 141 -13.02 -2.40 -8.69
CA VAL A 141 -12.66 -1.66 -9.89
C VAL A 141 -12.63 -2.61 -11.09
N PHE A 142 -13.14 -2.14 -12.23
CA PHE A 142 -13.18 -2.97 -13.44
C PHE A 142 -13.33 -2.09 -14.68
N SER A 143 -12.99 -2.61 -15.87
CA SER A 143 -13.08 -1.83 -17.11
C SER A 143 -14.36 -2.15 -17.87
N ARG A 144 -15.16 -1.13 -18.10
CA ARG A 144 -16.40 -1.31 -18.83
C ARG A 144 -16.34 -0.60 -20.20
N PRO A 145 -16.42 -1.33 -21.30
CA PRO A 145 -16.38 -0.71 -22.66
C PRO A 145 -17.33 0.48 -22.77
C1 4N1 B . 5.11 13.36 -3.82
O1 4N1 B . 5.96 14.16 -3.17
N2 4N1 B . 5.71 12.65 -4.78
C3 4N1 B . 4.90 11.87 -5.46
C4 4N1 B . 3.50 11.70 -5.29
C5 4N1 B . 2.90 12.46 -4.28
C6 4N1 B . 3.72 13.31 -3.55
N7 4N1 B . 5.24 11.03 -6.51
C8 4N1 B . 4.07 10.40 -6.89
N9 4N1 B . 3.02 10.77 -6.21
C10 4N1 B . 6.61 15.23 -3.87
N11 4N1 B . 4.04 9.57 -8.05
C12 4N1 B . 3.55 8.26 -8.06
C13 4N1 B . 3.56 7.56 -9.28
C14 4N1 B . 4.12 8.17 -10.44
O14 4N1 B . 4.11 7.37 -11.53
C15 4N1 B . 4.57 9.51 -10.41
C16 4N1 B . 4.51 10.15 -9.21
C17 4N1 B . 3.10 7.63 -6.76
C18 4N1 B . 3.02 6.17 -9.36
C19 4N1 B . 5.04 10.30 -11.61
S20 4N1 B . 1.28 7.22 -6.73
C21 4N1 B . 2.98 7.21 -12.42
H5 4N1 B . 1.83 12.40 -4.08
H6 4N1 B . 3.30 13.92 -2.76
H7 4N1 B . 6.18 10.83 -6.82
H101 4N1 B . 7.10 15.84 -3.09
H102 4N1 B . 5.90 15.85 -4.41
H103 4N1 B . 7.38 14.85 -4.55
H16 4N1 B . 4.79 11.19 -9.11
H171 4N1 B . 3.34 8.25 -5.91
H181 4N1 B . 2.28 5.99 -8.57
H182 4N1 B . 3.81 5.44 -9.26
H183 4N1 B . 2.53 6.01 -10.32
H191 4N1 B . 6.00 9.93 -11.95
H192 4N1 B . 5.15 11.35 -11.36
H193 4N1 B . 4.35 10.23 -12.46
H211 4N1 B . 2.60 6.20 -12.20
H212 4N1 B . 3.30 7.27 -13.46
H213 4N1 B . 2.20 7.94 -12.21
H172 4N1 B . 3.61 6.68 -6.64
N ALA A 2 16.86 1.55 -7.75
CA ALA A 2 17.12 0.39 -6.85
C ALA A 2 17.43 0.90 -5.45
N VAL A 3 16.80 0.28 -4.46
CA VAL A 3 17.01 0.66 -3.08
C VAL A 3 17.86 -0.37 -2.36
N SER A 4 18.90 0.09 -1.69
CA SER A 4 19.74 -0.81 -0.95
C SER A 4 19.21 -0.87 0.47
N GLU A 5 19.45 -1.96 1.16
CA GLU A 5 18.94 -2.05 2.53
C GLU A 5 19.57 -0.98 3.40
N SER A 6 20.87 -0.74 3.25
CA SER A 6 21.52 0.29 4.07
C SER A 6 20.82 1.62 3.83
N GLN A 7 20.59 1.90 2.57
CA GLN A 7 19.89 3.10 2.19
C GLN A 7 18.48 3.06 2.74
N LEU A 8 17.89 1.87 2.79
CA LEU A 8 16.53 1.76 3.29
C LEU A 8 16.48 2.33 4.69
N LYS A 9 17.52 2.11 5.49
CA LYS A 9 17.56 2.65 6.84
C LYS A 9 17.50 4.16 6.79
N LYS A 10 18.29 4.72 5.88
CA LYS A 10 18.35 6.17 5.73
C LYS A 10 17.01 6.72 5.25
N MET A 11 16.33 5.98 4.39
CA MET A 11 15.05 6.44 3.84
C MET A 11 13.92 6.46 4.89
N VAL A 12 13.95 5.53 5.86
CA VAL A 12 12.92 5.48 6.90
C VAL A 12 13.52 5.80 8.29
N SER A 13 14.67 6.45 8.28
CA SER A 13 15.36 6.81 9.51
C SER A 13 14.50 7.72 10.38
N LYS A 14 13.78 8.61 9.72
CA LYS A 14 12.95 9.59 10.42
C LYS A 14 11.84 8.92 11.23
N TYR A 15 11.60 7.63 10.98
CA TYR A 15 10.54 6.90 11.68
C TYR A 15 10.96 6.53 13.09
N LYS A 16 9.96 6.35 13.96
CA LYS A 16 10.25 5.95 15.34
C LYS A 16 10.69 4.48 15.37
N TYR A 17 10.10 3.64 14.51
CA TYR A 17 10.47 2.21 14.45
C TYR A 17 11.15 1.85 13.13
N ARG A 18 12.35 2.40 12.86
CA ARG A 18 13.03 2.13 11.60
C ARG A 18 13.41 0.66 11.41
N ASP A 19 13.59 -0.08 12.51
CA ASP A 19 14.01 -1.48 12.42
C ASP A 19 12.89 -2.40 11.96
N LEU A 20 11.77 -2.35 12.65
CA LEU A 20 10.68 -3.22 12.29
C LEU A 20 10.18 -2.87 10.89
N THR A 21 10.15 -1.58 10.57
CA THR A 21 9.70 -1.15 9.25
C THR A 21 10.62 -1.72 8.16
N VAL A 22 11.93 -1.58 8.35
CA VAL A 22 12.88 -2.10 7.38
C VAL A 22 12.78 -3.61 7.27
N ARG A 23 12.76 -4.29 8.41
CA ARG A 23 12.67 -5.72 8.37
C ARG A 23 11.36 -6.16 7.72
N GLU A 24 10.30 -5.46 8.09
CA GLU A 24 8.98 -5.75 7.58
C GLU A 24 8.93 -5.52 6.06
N THR A 25 9.60 -4.46 5.57
CA THR A 25 9.60 -4.21 4.13
C THR A 25 10.38 -5.28 3.40
N VAL A 26 11.47 -5.74 4.00
CA VAL A 26 12.29 -6.75 3.34
C VAL A 26 11.41 -7.93 3.00
N ASN A 27 10.56 -8.31 3.93
CA ASN A 27 9.67 -9.43 3.65
C ASN A 27 8.77 -9.12 2.46
N VAL A 28 8.32 -7.87 2.39
CA VAL A 28 7.42 -7.45 1.31
C VAL A 28 8.11 -7.31 -0.05
N ILE A 29 9.32 -6.78 -0.08
CA ILE A 29 9.99 -6.59 -1.37
C ILE A 29 10.79 -7.84 -1.75
N THR A 30 11.17 -8.64 -0.78
CA THR A 30 11.90 -9.87 -1.07
C THR A 30 10.95 -10.91 -1.65
N LEU A 31 9.81 -11.09 -0.98
CA LEU A 31 8.79 -12.05 -1.41
C LEU A 31 7.87 -11.43 -2.46
N TYR A 32 7.53 -10.15 -2.29
CA TYR A 32 6.67 -9.46 -3.24
C TYR A 32 7.47 -8.37 -3.95
N LYS A 33 8.44 -8.78 -4.75
CA LYS A 33 9.28 -7.83 -5.48
C LYS A 33 8.42 -6.97 -6.41
N ASP A 34 7.18 -7.38 -6.64
CA ASP A 34 6.29 -6.61 -7.51
C ASP A 34 6.00 -5.24 -6.88
N LEU A 35 6.22 -5.13 -5.56
CA LEU A 35 6.03 -3.87 -4.86
C LEU A 35 7.41 -3.17 -4.79
N LYS A 36 7.62 -2.02 -5.46
CA LYS A 36 8.96 -1.39 -5.40
C LYS A 36 8.95 -0.10 -4.55
N PRO A 37 9.86 0.06 -3.58
CA PRO A 37 9.89 1.30 -2.74
C PRO A 37 10.66 2.45 -3.39
N VAL A 38 10.13 3.67 -3.32
CA VAL A 38 10.80 4.84 -3.86
C VAL A 38 10.82 5.96 -2.82
N LEU A 39 11.79 6.86 -2.92
CA LEU A 39 11.92 7.96 -1.95
C LEU A 39 11.23 9.22 -2.49
N ASP A 40 10.31 9.80 -1.71
CA ASP A 40 9.59 11.00 -2.15
C ASP A 40 9.72 12.16 -1.16
N SER A 41 9.44 13.36 -1.64
CA SER A 41 9.49 14.58 -0.82
C SER A 41 8.08 14.93 -0.33
N TYR A 42 7.88 15.06 0.98
CA TYR A 42 6.53 15.40 1.50
C TYR A 42 6.51 16.83 2.03
N VAL A 43 5.49 17.59 1.61
CA VAL A 43 5.32 18.99 2.00
C VAL A 43 4.02 19.17 2.80
N PHE A 44 4.13 19.70 4.02
CA PHE A 44 2.96 19.94 4.85
C PHE A 44 2.64 21.44 4.84
N ASN A 45 1.38 21.80 5.11
CA ASN A 45 0.99 23.21 5.13
C ASN A 45 1.82 23.99 6.16
N ASP A 46 2.27 23.30 7.20
CA ASP A 46 3.06 23.94 8.25
C ASP A 46 4.39 24.45 7.68
N GLY A 47 4.77 23.95 6.49
CA GLY A 47 6.02 24.36 5.87
C GLY A 47 7.13 23.35 6.16
N SER A 48 6.85 22.41 7.06
CA SER A 48 7.82 21.39 7.41
C SER A 48 7.93 20.38 6.28
N SER A 49 9.09 19.78 6.14
CA SER A 49 9.30 18.79 5.09
C SER A 49 9.94 17.52 5.65
N ARG A 50 9.71 16.41 4.97
CA ARG A 50 10.27 15.12 5.41
C ARG A 50 10.26 14.10 4.28
N GLU A 51 11.37 13.37 4.15
CA GLU A 51 11.47 12.36 3.11
C GLU A 51 10.69 11.11 3.51
N LEU A 52 9.73 10.75 2.69
CA LEU A 52 8.88 9.61 2.96
C LEU A 52 9.01 8.57 1.85
N MET A 53 9.20 7.31 2.24
CA MET A 53 9.34 6.23 1.26
C MET A 53 7.95 5.62 0.95
N ASN A 54 7.67 5.33 -0.32
CA ASN A 54 6.38 4.77 -0.66
C ASN A 54 6.55 3.55 -1.56
N LEU A 55 5.58 2.65 -1.48
CA LEU A 55 5.61 1.44 -2.29
C LEU A 55 4.64 1.65 -3.46
N THR A 56 5.10 1.39 -4.67
CA THR A 56 4.27 1.61 -5.85
C THR A 56 4.52 0.57 -6.93
N GLY A 57 3.43 0.11 -7.55
CA GLY A 57 3.53 -0.88 -8.61
C GLY A 57 2.17 -1.46 -8.96
N THR A 58 2.18 -2.74 -9.31
CA THR A 58 0.93 -3.41 -9.68
C THR A 58 0.73 -4.75 -8.97
N ILE A 59 -0.55 -5.18 -8.91
CA ILE A 59 -0.89 -6.47 -8.30
C ILE A 59 -1.84 -7.21 -9.25
N PRO A 60 -1.47 -8.37 -9.80
CA PRO A 60 -2.40 -9.12 -10.70
C PRO A 60 -3.58 -9.69 -9.92
N VAL A 61 -4.82 -9.37 -10.32
CA VAL A 61 -5.99 -9.89 -9.62
C VAL A 61 -6.98 -10.57 -10.59
N PRO A 62 -7.16 -11.87 -10.51
CA PRO A 62 -8.09 -12.63 -11.40
C PRO A 62 -9.56 -12.52 -10.96
N TYR A 63 -10.49 -12.62 -11.92
CA TYR A 63 -11.92 -12.55 -11.59
C TYR A 63 -12.79 -13.09 -12.75
N ARG A 64 -13.50 -14.21 -12.51
CA ARG A 64 -14.39 -14.82 -13.54
C ARG A 64 -13.68 -15.01 -14.90
N GLY A 65 -12.41 -15.40 -14.89
CA GLY A 65 -11.67 -15.64 -16.15
C GLY A 65 -11.00 -14.37 -16.69
N ASN A 66 -11.23 -13.24 -16.05
CA ASN A 66 -10.64 -11.98 -16.48
C ASN A 66 -9.76 -11.41 -15.38
N THR A 67 -8.55 -11.04 -15.75
CA THR A 67 -7.59 -10.49 -14.79
C THR A 67 -7.19 -9.07 -15.14
N TYR A 68 -7.23 -8.18 -14.14
CA TYR A 68 -6.87 -6.78 -14.33
C TYR A 68 -5.60 -6.43 -13.55
N ASN A 69 -4.82 -5.50 -14.09
CA ASN A 69 -3.60 -5.05 -13.44
C ASN A 69 -3.91 -3.79 -12.63
N ILE A 70 -4.03 -3.94 -11.32
CA ILE A 70 -4.39 -2.79 -10.47
C ILE A 70 -3.17 -2.00 -9.95
N PRO A 71 -3.04 -0.71 -10.29
CA PRO A 71 -1.93 0.16 -9.78
C PRO A 71 -2.27 0.73 -8.40
N ILE A 72 -1.37 0.57 -7.41
CA ILE A 72 -1.69 1.11 -6.06
C ILE A 72 -0.49 1.88 -5.47
N CYS A 73 -0.80 2.92 -4.67
CA CYS A 73 0.24 3.70 -4.00
C CYS A 73 0.05 3.65 -2.49
N LEU A 74 1.09 3.18 -1.82
CA LEU A 74 1.06 3.04 -0.37
C LEU A 74 1.92 4.14 0.28
N TRP A 75 1.31 5.07 1.04
CA TRP A 75 2.10 6.11 1.73
C TRP A 75 2.16 5.76 3.22
N LEU A 76 3.38 5.62 3.76
CA LEU A 76 3.52 5.23 5.18
C LEU A 76 3.66 6.47 6.07
N LEU A 77 2.88 6.52 7.15
CA LEU A 77 2.97 7.65 8.08
C LEU A 77 4.24 7.49 8.91
N ASP A 78 4.83 8.60 9.34
CA ASP A 78 6.08 8.53 10.10
C ASP A 78 5.91 7.68 11.38
N THR A 79 4.67 7.39 11.75
CA THR A 79 4.42 6.59 12.95
C THR A 79 4.08 5.13 12.62
N TYR A 80 4.06 4.80 11.33
CA TYR A 80 3.79 3.41 10.91
C TYR A 80 4.71 2.47 11.68
N PRO A 81 4.29 1.27 12.06
CA PRO A 81 2.94 0.65 11.81
C PRO A 81 1.91 0.85 12.93
N TYR A 82 2.20 1.69 13.91
CA TYR A 82 1.22 1.90 14.98
C TYR A 82 0.08 2.79 14.48
N ASN A 83 0.29 3.40 13.32
CA ASN A 83 -0.72 4.25 12.72
C ASN A 83 -1.21 3.59 11.41
N PRO A 84 -2.49 3.29 11.23
CA PRO A 84 -2.95 2.65 9.96
C PRO A 84 -2.43 3.40 8.72
N PRO A 85 -1.97 2.68 7.69
CA PRO A 85 -1.45 3.34 6.45
C PRO A 85 -2.59 3.73 5.50
N ILE A 86 -2.48 4.89 4.81
CA ILE A 86 -3.54 5.29 3.90
C ILE A 86 -3.14 4.92 2.46
N CYS A 87 -4.10 4.31 1.76
CA CYS A 87 -3.88 3.86 0.39
C CYS A 87 -4.73 4.62 -0.62
N PHE A 88 -4.15 4.87 -1.80
CA PHE A 88 -4.88 5.58 -2.87
C PHE A 88 -4.82 4.78 -4.18
N VAL A 89 -5.99 4.60 -4.82
CA VAL A 89 -6.06 3.89 -6.10
C VAL A 89 -6.22 4.90 -7.21
N LYS A 90 -5.34 4.84 -8.20
CA LYS A 90 -5.36 5.78 -9.32
C LYS A 90 -6.21 5.22 -10.49
N PRO A 91 -7.45 5.67 -10.69
CA PRO A 91 -8.29 5.14 -11.80
C PRO A 91 -8.04 5.84 -13.14
N THR A 92 -7.80 5.05 -14.20
CA THR A 92 -7.58 5.61 -15.53
C THR A 92 -8.92 5.96 -16.18
N SER A 93 -8.88 6.74 -17.26
CA SER A 93 -10.13 7.13 -17.95
C SER A 93 -10.94 5.93 -18.45
N SER A 94 -10.31 4.78 -18.71
CA SER A 94 -11.06 3.61 -19.19
C SER A 94 -11.32 2.65 -18.02
N MET A 95 -11.31 3.20 -16.81
CA MET A 95 -11.54 2.43 -15.60
C MET A 95 -12.60 3.12 -14.74
N THR A 96 -13.48 2.32 -14.15
CA THR A 96 -14.56 2.88 -13.33
C THR A 96 -14.41 2.43 -11.87
N ILE A 97 -14.54 3.39 -10.96
CA ILE A 97 -14.42 3.11 -9.54
C ILE A 97 -15.76 2.62 -8.98
N LYS A 98 -15.88 1.33 -8.68
CA LYS A 98 -17.14 0.83 -8.14
C LYS A 98 -17.14 1.00 -6.63
N THR A 99 -17.78 2.06 -6.17
CA THR A 99 -17.86 2.33 -4.74
C THR A 99 -18.70 1.27 -4.04
N GLY A 100 -18.27 0.91 -2.84
CA GLY A 100 -18.97 -0.08 -2.05
C GLY A 100 -18.53 -0.01 -0.59
N LYS A 101 -18.60 -1.14 0.12
CA LYS A 101 -18.24 -1.17 1.55
C LYS A 101 -16.72 -1.12 1.82
N HIS A 102 -15.89 -1.37 0.80
CA HIS A 102 -14.41 -1.34 1.02
C HIS A 102 -13.73 -0.19 0.25
N VAL A 103 -14.28 0.25 -0.88
CA VAL A 103 -13.68 1.37 -1.63
C VAL A 103 -14.53 2.63 -1.44
N ASP A 104 -13.89 3.76 -1.20
CA ASP A 104 -14.62 5.02 -1.02
C ASP A 104 -14.58 5.83 -2.32
N ALA A 105 -15.28 6.96 -2.32
CA ALA A 105 -15.34 7.80 -3.52
C ALA A 105 -13.97 8.40 -3.86
N ASN A 106 -13.23 8.81 -2.85
CA ASN A 106 -11.92 9.41 -3.07
C ASN A 106 -10.89 8.31 -3.30
N GLY A 107 -11.23 7.08 -2.93
CA GLY A 107 -10.32 5.97 -3.11
C GLY A 107 -9.75 5.47 -1.79
N LYS A 108 -10.53 5.53 -0.71
CA LYS A 108 -10.04 5.05 0.57
C LYS A 108 -10.22 3.53 0.63
N ILE A 109 -9.34 2.83 1.33
CA ILE A 109 -9.45 1.37 1.42
C ILE A 109 -9.77 0.95 2.86
N TYR A 110 -10.95 0.34 3.02
CA TYR A 110 -11.40 -0.13 4.33
C TYR A 110 -11.26 -1.66 4.39
N LEU A 111 -10.41 -2.19 5.28
CA LEU A 111 -10.21 -3.64 5.36
C LEU A 111 -10.45 -4.16 6.79
N PRO A 112 -11.47 -4.95 7.03
CA PRO A 112 -11.73 -5.50 8.41
C PRO A 112 -10.50 -6.11 9.11
N TYR A 113 -9.62 -6.80 8.37
CA TYR A 113 -8.46 -7.40 9.02
C TYR A 113 -7.60 -6.30 9.65
N LEU A 114 -7.60 -5.12 9.03
CA LEU A 114 -6.81 -3.98 9.49
C LEU A 114 -7.37 -3.46 10.80
N HIS A 115 -8.69 -3.38 10.88
CA HIS A 115 -9.33 -2.88 12.09
C HIS A 115 -9.02 -3.79 13.28
N GLU A 116 -8.90 -5.09 13.01
CA GLU A 116 -8.59 -6.04 14.09
C GLU A 116 -7.10 -6.43 14.07
N TRP A 117 -6.33 -5.83 13.17
CA TRP A 117 -4.91 -6.14 13.09
C TRP A 117 -4.26 -5.99 14.44
N LYS A 118 -3.66 -7.09 14.86
CA LYS A 118 -2.95 -7.13 16.13
C LYS A 118 -1.46 -7.00 15.86
N HIS A 119 -0.93 -5.80 16.06
CA HIS A 119 0.50 -5.55 15.82
C HIS A 119 1.35 -6.49 16.69
N PRO A 120 2.24 -7.31 16.14
CA PRO A 120 2.50 -7.52 14.68
C PRO A 120 2.07 -8.92 14.20
N GLN A 121 0.84 -9.07 13.73
CA GLN A 121 0.38 -10.37 13.27
C GLN A 121 0.08 -10.38 11.77
N SER A 122 -0.71 -9.42 11.30
CA SER A 122 -1.04 -9.38 9.88
C SER A 122 0.16 -8.95 9.03
N ASP A 123 0.92 -7.96 9.50
CA ASP A 123 2.11 -7.50 8.75
C ASP A 123 1.73 -6.83 7.43
N LEU A 124 2.68 -6.11 6.84
CA LEU A 124 2.46 -5.42 5.56
C LEU A 124 2.26 -6.46 4.45
N LEU A 125 3.07 -7.51 4.48
CA LEU A 125 2.96 -8.55 3.48
C LEU A 125 1.54 -9.15 3.53
N GLY A 126 1.00 -9.27 4.75
CA GLY A 126 -0.38 -9.79 4.91
C GLY A 126 -1.37 -8.87 4.20
N LEU A 127 -1.14 -7.55 4.30
CA LEU A 127 -2.00 -6.57 3.64
C LEU A 127 -2.11 -6.80 2.15
N ILE A 128 -1.00 -7.16 1.52
CA ILE A 128 -1.01 -7.34 0.06
C ILE A 128 -1.77 -8.62 -0.34
N GLN A 129 -1.48 -9.77 0.28
CA GLN A 129 -2.24 -10.97 -0.08
C GLN A 129 -3.68 -10.79 0.38
N VAL A 130 -3.88 -10.12 1.52
CA VAL A 130 -5.24 -9.89 1.98
C VAL A 130 -5.96 -9.00 0.98
N MET A 131 -5.24 -8.02 0.44
CA MET A 131 -5.83 -7.13 -0.56
C MET A 131 -6.28 -7.97 -1.77
N ILE A 132 -5.42 -8.92 -2.17
CA ILE A 132 -5.71 -9.81 -3.30
C ILE A 132 -6.86 -10.77 -2.98
N VAL A 133 -6.93 -11.23 -1.72
CA VAL A 133 -7.95 -12.19 -1.33
C VAL A 133 -9.29 -11.52 -1.01
N VAL A 134 -9.22 -10.39 -0.31
CA VAL A 134 -10.42 -9.67 0.08
C VAL A 134 -11.01 -8.86 -1.09
N PHE A 135 -10.24 -8.66 -2.17
CA PHE A 135 -10.79 -7.95 -3.35
C PHE A 135 -11.02 -8.94 -4.49
N GLY A 136 -10.39 -10.12 -4.40
CA GLY A 136 -10.60 -11.14 -5.41
C GLY A 136 -12.07 -11.55 -5.37
N ASP A 137 -12.67 -11.41 -4.19
CA ASP A 137 -14.08 -11.72 -4.01
C ASP A 137 -14.96 -10.77 -4.82
N GLU A 138 -14.48 -9.55 -5.06
CA GLU A 138 -15.24 -8.57 -5.84
C GLU A 138 -14.35 -7.39 -6.22
N PRO A 139 -13.67 -7.44 -7.35
CA PRO A 139 -12.78 -6.32 -7.79
C PRO A 139 -13.48 -4.97 -7.60
N PRO A 140 -12.94 -4.08 -6.80
CA PRO A 140 -13.59 -2.76 -6.56
C PRO A 140 -13.50 -1.86 -7.80
N VAL A 141 -12.61 -2.22 -8.73
CA VAL A 141 -12.44 -1.43 -9.94
C VAL A 141 -12.51 -2.33 -11.17
N PHE A 142 -13.16 -1.84 -12.23
CA PHE A 142 -13.28 -2.63 -13.46
C PHE A 142 -13.58 -1.70 -14.65
N SER A 143 -13.34 -2.17 -15.87
CA SER A 143 -13.60 -1.36 -17.06
C SER A 143 -14.83 -1.86 -17.79
N ARG A 144 -15.73 -0.93 -18.10
CA ARG A 144 -16.94 -1.28 -18.80
C ARG A 144 -16.95 -0.68 -20.22
N PRO A 145 -16.90 -1.50 -21.26
CA PRO A 145 -16.90 -0.99 -22.66
C PRO A 145 -18.29 -0.53 -23.10
C1 4N1 B . 5.35 13.13 -4.25
O1 4N1 B . 6.27 13.87 -3.63
N2 4N1 B . 5.87 12.33 -5.20
C3 4N1 B . 4.97 11.59 -5.84
C4 4N1 B . 3.58 11.53 -5.63
C5 4N1 B . 3.06 12.36 -4.62
C6 4N1 B . 3.96 13.17 -3.93
N7 4N1 B . 5.23 10.69 -6.87
C8 4N1 B . 4.01 10.15 -7.19
N9 4N1 B . 3.00 10.62 -6.49
C10 4N1 B . 6.39 15.25 -3.96
N11 4N1 B . 3.88 9.24 -8.30
C12 4N1 B . 3.28 8.00 -8.19
C13 4N1 B . 3.16 7.21 -9.35
C14 4N1 B . 3.69 7.68 -10.58
O14 4N1 B . 3.48 6.85 -11.61
C15 4N1 B . 4.26 8.98 -10.66
C16 4N1 B . 4.32 9.70 -9.50
C17 4N1 B . 2.87 7.49 -6.82
C18 4N1 B . 2.49 5.87 -9.31
C19 4N1 B . 4.75 9.64 -11.93
S20 4N1 B . 1.05 7.20 -6.64
C21 4N1 B . 4.50 6.35 -12.50
H5 4N1 B . 2.00 12.39 -4.39
H6 4N1 B . 3.60 13.85 -3.16
H7 4N1 B . 6.15 10.41 -7.18
H101 4N1 B . 7.34 15.57 -3.53
H102 4N1 B . 5.57 15.83 -3.53
H103 4N1 B . 6.42 15.39 -5.05
H16 4N1 B . 4.70 10.71 -9.49
H171 4N1 B . 3.21 8.16 -6.03
H181 4N1 B . 3.22 5.06 -9.39
H182 4N1 B . 1.79 5.77 -10.14
H183 4N1 B . 1.94 5.74 -8.38
H191 4N1 B . 5.71 10.10 -11.77
H192 4N1 B . 4.06 10.43 -12.25
H193 4N1 B . 4.86 8.93 -12.76
H211 4N1 B . 5.43 6.59 -12.01
H212 4N1 B . 4.43 6.84 -13.47
H213 4N1 B . 4.41 5.26 -12.61
H172 4N1 B . 3.33 6.51 -6.65
N ALA A 2 18.29 1.19 -7.41
CA ALA A 2 17.74 0.18 -6.45
C ALA A 2 18.17 0.56 -5.03
N VAL A 3 17.19 0.69 -4.15
CA VAL A 3 17.46 1.04 -2.77
C VAL A 3 18.25 -0.05 -2.08
N SER A 4 19.14 0.38 -1.23
CA SER A 4 19.93 -0.56 -0.44
C SER A 4 19.38 -0.56 0.97
N GLU A 5 19.56 -1.65 1.69
CA GLU A 5 19.02 -1.74 3.03
C GLU A 5 19.57 -0.64 3.94
N SER A 6 20.87 -0.36 3.87
CA SER A 6 21.43 0.68 4.73
C SER A 6 20.71 2.00 4.46
N GLN A 7 20.59 2.31 3.18
CA GLN A 7 19.90 3.50 2.75
C GLN A 7 18.45 3.45 3.17
N LEU A 8 17.88 2.26 3.17
CA LEU A 8 16.49 2.12 3.53
C LEU A 8 16.29 2.69 4.93
N LYS A 9 17.24 2.48 5.83
CA LYS A 9 17.11 3.04 7.19
C LYS A 9 17.04 4.55 7.11
N LYS A 10 17.93 5.09 6.28
CA LYS A 10 18.00 6.54 6.10
C LYS A 10 16.70 7.07 5.50
N MET A 11 16.12 6.27 4.63
CA MET A 11 14.90 6.62 3.93
C MET A 11 13.70 6.70 4.90
N VAL A 12 13.67 5.80 5.89
CA VAL A 12 12.57 5.76 6.85
C VAL A 12 13.07 6.08 8.27
N SER A 13 14.20 6.79 8.35
CA SER A 13 14.78 7.16 9.65
C SER A 13 13.87 8.15 10.38
N LYS A 14 12.97 8.79 9.64
CA LYS A 14 12.08 9.78 10.24
C LYS A 14 10.94 9.11 11.01
N TYR A 15 10.67 7.85 10.70
CA TYR A 15 9.59 7.11 11.35
C TYR A 15 9.95 6.72 12.79
N LYS A 16 8.93 6.64 13.63
CA LYS A 16 9.15 6.25 15.02
C LYS A 16 9.64 4.79 15.09
N TYR A 17 9.06 3.93 14.24
CA TYR A 17 9.45 2.50 14.19
C TYR A 17 10.19 2.14 12.89
N ARG A 18 11.37 2.73 12.66
CA ARG A 18 12.12 2.45 11.42
C ARG A 18 12.60 1.00 11.30
N ASP A 19 12.82 0.32 12.42
CA ASP A 19 13.34 -1.05 12.39
C ASP A 19 12.30 -2.07 11.92
N LEU A 20 11.11 -2.01 12.50
CA LEU A 20 10.09 -2.97 12.12
C LEU A 20 9.70 -2.73 10.67
N THR A 21 9.56 -1.47 10.31
CA THR A 21 9.21 -1.12 8.93
C THR A 21 10.25 -1.64 7.94
N VAL A 22 11.52 -1.38 8.22
CA VAL A 22 12.58 -1.86 7.35
C VAL A 22 12.63 -3.36 7.30
N ARG A 23 12.55 -4.00 8.46
CA ARG A 23 12.63 -5.44 8.49
C ARG A 23 11.47 -6.06 7.70
N GLU A 24 10.28 -5.50 7.88
CA GLU A 24 9.10 -5.99 7.21
C GLU A 24 9.14 -5.69 5.71
N THR A 25 9.71 -4.56 5.31
CA THR A 25 9.78 -4.24 3.88
C THR A 25 10.67 -5.23 3.17
N VAL A 26 11.77 -5.61 3.81
CA VAL A 26 12.67 -6.54 3.16
C VAL A 26 11.89 -7.78 2.82
N ASN A 27 11.11 -8.24 3.78
CA ASN A 27 10.30 -9.43 3.56
C ASN A 27 9.31 -9.18 2.42
N VAL A 28 8.76 -7.98 2.36
CA VAL A 28 7.79 -7.64 1.33
C VAL A 28 8.40 -7.61 -0.07
N ILE A 29 9.55 -6.97 -0.23
CA ILE A 29 10.14 -6.89 -1.56
C ILE A 29 10.90 -8.17 -1.90
N THR A 30 11.17 -9.01 -0.90
CA THR A 30 11.86 -10.27 -1.14
C THR A 30 10.88 -11.27 -1.78
N LEU A 31 9.74 -11.45 -1.13
CA LEU A 31 8.71 -12.37 -1.63
C LEU A 31 7.81 -11.70 -2.66
N TYR A 32 7.48 -10.42 -2.43
CA TYR A 32 6.64 -9.68 -3.36
C TYR A 32 7.48 -8.63 -4.12
N LYS A 33 8.44 -9.11 -4.90
CA LYS A 33 9.33 -8.24 -5.66
C LYS A 33 8.54 -7.27 -6.54
N ASP A 34 7.28 -7.59 -6.81
CA ASP A 34 6.46 -6.72 -7.66
C ASP A 34 6.24 -5.37 -6.98
N LEU A 35 6.37 -5.33 -5.66
CA LEU A 35 6.20 -4.08 -4.92
C LEU A 35 7.59 -3.40 -4.80
N LYS A 36 7.81 -2.22 -5.42
CA LYS A 36 9.13 -1.60 -5.34
C LYS A 36 9.10 -0.30 -4.50
N PRO A 37 10.02 -0.10 -3.54
CA PRO A 37 10.03 1.15 -2.70
C PRO A 37 10.69 2.34 -3.40
N VAL A 38 10.06 3.52 -3.31
CA VAL A 38 10.62 4.73 -3.90
C VAL A 38 10.59 5.87 -2.89
N LEU A 39 11.68 6.63 -2.83
CA LEU A 39 11.77 7.75 -1.89
C LEU A 39 11.08 8.97 -2.52
N ASP A 40 10.06 9.51 -1.85
CA ASP A 40 9.32 10.65 -2.39
C ASP A 40 9.38 11.85 -1.43
N SER A 41 9.11 13.04 -1.96
CA SER A 41 9.14 14.26 -1.15
C SER A 41 7.70 14.63 -0.76
N TYR A 42 7.47 14.93 0.51
CA TYR A 42 6.12 15.29 0.97
C TYR A 42 6.12 16.73 1.51
N VAL A 43 5.10 17.50 1.12
CA VAL A 43 4.96 18.89 1.57
C VAL A 43 3.79 19.00 2.56
N PHE A 44 4.09 19.47 3.77
CA PHE A 44 3.05 19.61 4.80
C PHE A 44 2.49 21.03 4.81
N ASN A 45 1.29 21.21 5.37
CA ASN A 45 0.67 22.52 5.44
C ASN A 45 1.46 23.47 6.34
N ASP A 46 2.39 22.91 7.12
CA ASP A 46 3.21 23.71 8.01
C ASP A 46 4.39 24.32 7.24
N GLY A 47 4.58 23.88 6.00
CA GLY A 47 5.69 24.39 5.19
C GLY A 47 6.93 23.53 5.35
N SER A 48 6.89 22.58 6.29
CA SER A 48 8.03 21.71 6.52
C SER A 48 7.99 20.56 5.53
N SER A 49 9.18 20.13 5.11
CA SER A 49 9.27 19.03 4.17
C SER A 49 9.93 17.80 4.80
N ARG A 50 9.43 16.64 4.44
CA ARG A 50 9.95 15.37 4.97
C ARG A 50 9.93 14.29 3.91
N GLU A 51 11.03 13.56 3.83
CA GLU A 51 11.15 12.48 2.87
C GLU A 51 10.47 11.21 3.39
N LEU A 52 9.51 10.71 2.62
CA LEU A 52 8.78 9.49 2.99
C LEU A 52 8.94 8.43 1.89
N MET A 53 9.02 7.17 2.28
CA MET A 53 9.19 6.07 1.29
C MET A 53 7.84 5.41 0.96
N ASN A 54 7.60 5.10 -0.32
CA ASN A 54 6.33 4.48 -0.70
C ASN A 54 6.56 3.27 -1.60
N LEU A 55 5.65 2.31 -1.52
CA LEU A 55 5.75 1.09 -2.34
C LEU A 55 4.84 1.26 -3.57
N THR A 56 5.41 1.12 -4.77
CA THR A 56 4.63 1.31 -6.00
C THR A 56 4.88 0.22 -7.05
N GLY A 57 3.78 -0.21 -7.69
CA GLY A 57 3.87 -1.25 -8.73
C GLY A 57 2.51 -1.79 -9.10
N THR A 58 2.48 -3.07 -9.41
CA THR A 58 1.23 -3.73 -9.82
C THR A 58 0.98 -5.06 -9.12
N ILE A 59 -0.29 -5.48 -9.12
CA ILE A 59 -0.67 -6.77 -8.52
C ILE A 59 -1.62 -7.51 -9.49
N PRO A 60 -1.25 -8.66 -10.03
CA PRO A 60 -2.17 -9.42 -10.94
C PRO A 60 -3.34 -10.01 -10.13
N VAL A 61 -4.59 -9.75 -10.55
CA VAL A 61 -5.72 -10.28 -9.79
C VAL A 61 -6.70 -11.07 -10.69
N PRO A 62 -6.91 -12.35 -10.43
CA PRO A 62 -7.89 -13.17 -11.21
C PRO A 62 -9.31 -12.77 -10.84
N TYR A 63 -10.20 -12.75 -11.83
CA TYR A 63 -11.58 -12.35 -11.56
C TYR A 63 -12.54 -12.86 -12.65
N ARG A 64 -13.44 -13.78 -12.30
CA ARG A 64 -14.40 -14.29 -13.28
C ARG A 64 -13.71 -14.97 -14.47
N GLY A 65 -12.50 -15.47 -14.25
CA GLY A 65 -11.73 -16.13 -15.32
C GLY A 65 -10.83 -15.13 -16.05
N ASN A 66 -11.07 -13.85 -15.81
CA ASN A 66 -10.28 -12.79 -16.44
C ASN A 66 -9.23 -12.28 -15.47
N THR A 67 -8.31 -11.48 -15.95
CA THR A 67 -7.29 -10.94 -15.06
C THR A 67 -7.00 -9.47 -15.38
N TYR A 68 -6.92 -8.63 -14.35
CA TYR A 68 -6.60 -7.21 -14.56
C TYR A 68 -5.34 -6.83 -13.79
N ASN A 69 -4.58 -5.88 -14.32
CA ASN A 69 -3.38 -5.41 -13.64
C ASN A 69 -3.72 -4.16 -12.86
N ILE A 70 -3.80 -4.28 -11.54
CA ILE A 70 -4.19 -3.14 -10.71
C ILE A 70 -2.97 -2.33 -10.23
N PRO A 71 -2.84 -1.07 -10.66
CA PRO A 71 -1.72 -0.19 -10.20
C PRO A 71 -2.06 0.44 -8.84
N ILE A 72 -1.19 0.28 -7.83
CA ILE A 72 -1.50 0.88 -6.52
C ILE A 72 -0.30 1.62 -5.93
N CYS A 73 -0.59 2.66 -5.12
CA CYS A 73 0.43 3.42 -4.45
C CYS A 73 0.19 3.35 -2.95
N LEU A 74 1.18 2.82 -2.24
CA LEU A 74 1.08 2.68 -0.80
C LEU A 74 1.85 3.79 -0.10
N TRP A 75 1.17 4.67 0.65
CA TRP A 75 1.87 5.74 1.37
C TRP A 75 1.81 5.42 2.87
N LEU A 76 2.97 5.42 3.53
CA LEU A 76 3.04 5.05 4.95
C LEU A 76 3.03 6.30 5.85
N LEU A 77 2.35 6.23 7.00
CA LEU A 77 2.32 7.37 7.93
C LEU A 77 3.51 7.28 8.87
N ASP A 78 3.99 8.43 9.35
CA ASP A 78 5.15 8.45 10.25
C ASP A 78 4.91 7.63 11.52
N THR A 79 3.64 7.29 11.79
CA THR A 79 3.30 6.52 12.97
C THR A 79 2.96 5.05 12.62
N TYR A 80 3.14 4.70 11.35
CA TYR A 80 2.91 3.33 10.89
C TYR A 80 3.86 2.38 11.64
N PRO A 81 3.48 1.15 11.96
CA PRO A 81 2.15 0.50 11.65
C PRO A 81 1.09 0.65 12.74
N TYR A 82 1.33 1.49 13.75
CA TYR A 82 0.33 1.65 14.79
C TYR A 82 -0.83 2.48 14.26
N ASN A 83 -0.63 3.08 13.10
CA ASN A 83 -1.67 3.90 12.47
C ASN A 83 -2.07 3.25 11.13
N PRO A 84 -3.35 3.01 10.85
CA PRO A 84 -3.73 2.39 9.54
C PRO A 84 -3.08 3.10 8.33
N PRO A 85 -2.52 2.37 7.39
CA PRO A 85 -1.85 2.98 6.19
C PRO A 85 -2.89 3.40 5.13
N ILE A 86 -2.68 4.54 4.45
CA ILE A 86 -3.65 5.00 3.46
C ILE A 86 -3.18 4.61 2.05
N CYS A 87 -4.12 4.10 1.25
CA CYS A 87 -3.81 3.64 -0.11
C CYS A 87 -4.64 4.37 -1.17
N PHE A 88 -4.03 4.59 -2.34
CA PHE A 88 -4.72 5.27 -3.45
C PHE A 88 -4.66 4.42 -4.72
N VAL A 89 -5.80 4.27 -5.42
CA VAL A 89 -5.84 3.47 -6.65
C VAL A 89 -5.66 4.36 -7.87
N LYS A 90 -4.71 4.01 -8.74
CA LYS A 90 -4.45 4.80 -9.96
C LYS A 90 -5.64 4.65 -10.93
N PRO A 91 -6.49 5.66 -11.13
CA PRO A 91 -7.66 5.52 -12.05
C PRO A 91 -7.30 5.81 -13.50
N THR A 92 -8.11 5.25 -14.41
CA THR A 92 -7.91 5.45 -15.84
C THR A 92 -9.24 5.88 -16.46
N SER A 93 -9.20 6.31 -17.71
CA SER A 93 -10.42 6.77 -18.39
C SER A 93 -11.51 5.68 -18.45
N SER A 94 -11.15 4.41 -18.70
CA SER A 94 -12.16 3.34 -18.78
C SER A 94 -12.41 2.70 -17.41
N MET A 95 -11.66 3.13 -16.40
CA MET A 95 -11.82 2.59 -15.04
C MET A 95 -12.28 3.69 -14.11
N THR A 96 -13.25 3.38 -13.25
CA THR A 96 -13.75 4.40 -12.30
C THR A 96 -13.73 3.83 -10.88
N ILE A 97 -13.88 4.70 -9.88
CA ILE A 97 -13.92 4.24 -8.50
C ILE A 97 -15.33 4.45 -7.93
N LYS A 98 -16.08 3.36 -7.72
CA LYS A 98 -17.40 3.50 -7.14
C LYS A 98 -17.31 3.23 -5.65
N THR A 99 -17.80 4.15 -4.85
CA THR A 99 -17.73 3.99 -3.40
C THR A 99 -18.69 2.91 -2.94
N GLY A 100 -18.27 2.16 -1.94
CA GLY A 100 -19.08 1.08 -1.39
C GLY A 100 -18.80 0.83 0.08
N LYS A 101 -18.81 -0.43 0.48
CA LYS A 101 -18.60 -0.80 1.87
C LYS A 101 -17.19 -0.50 2.39
N HIS A 102 -16.17 -0.45 1.52
CA HIS A 102 -14.80 -0.19 2.02
C HIS A 102 -14.02 0.87 1.20
N VAL A 103 -14.32 1.05 -0.09
CA VAL A 103 -13.57 2.04 -0.87
C VAL A 103 -14.28 3.39 -0.85
N ASP A 104 -13.51 4.44 -0.58
CA ASP A 104 -14.06 5.79 -0.57
C ASP A 104 -13.73 6.46 -1.90
N ALA A 105 -14.24 7.68 -2.11
CA ALA A 105 -14.03 8.37 -3.37
C ALA A 105 -12.55 8.62 -3.69
N ASN A 106 -11.73 8.92 -2.67
CA ASN A 106 -10.32 9.19 -2.90
C ASN A 106 -9.54 7.91 -3.21
N GLY A 107 -10.18 6.76 -3.02
CA GLY A 107 -9.52 5.49 -3.28
C GLY A 107 -8.99 4.84 -2.01
N LYS A 108 -9.28 5.42 -0.85
CA LYS A 108 -8.81 4.82 0.39
C LYS A 108 -9.46 3.46 0.59
N ILE A 109 -8.74 2.53 1.19
CA ILE A 109 -9.26 1.18 1.39
C ILE A 109 -9.33 0.77 2.85
N TYR A 110 -10.52 0.36 3.29
CA TYR A 110 -10.70 -0.13 4.65
C TYR A 110 -10.70 -1.65 4.61
N LEU A 111 -10.04 -2.31 5.55
CA LEU A 111 -9.97 -3.77 5.53
C LEU A 111 -10.19 -4.35 6.94
N PRO A 112 -11.23 -5.11 7.18
CA PRO A 112 -11.51 -5.71 8.52
C PRO A 112 -10.29 -6.38 9.17
N TYR A 113 -9.45 -7.07 8.38
CA TYR A 113 -8.29 -7.74 8.96
C TYR A 113 -7.38 -6.71 9.63
N LEU A 114 -7.40 -5.48 9.11
CA LEU A 114 -6.54 -4.41 9.64
C LEU A 114 -7.01 -3.97 11.02
N HIS A 115 -8.32 -3.82 11.19
CA HIS A 115 -8.85 -3.39 12.47
C HIS A 115 -8.64 -4.47 13.52
N GLU A 116 -8.59 -5.72 13.08
CA GLU A 116 -8.37 -6.84 14.00
C GLU A 116 -6.93 -7.35 13.91
N TRP A 117 -6.11 -6.69 13.11
CA TRP A 117 -4.73 -7.10 12.94
C TRP A 117 -3.97 -6.83 14.21
N LYS A 118 -3.44 -7.90 14.76
CA LYS A 118 -2.62 -7.81 15.97
C LYS A 118 -1.17 -7.57 15.58
N HIS A 119 -0.56 -6.57 16.19
CA HIS A 119 0.83 -6.22 15.89
C HIS A 119 1.79 -7.18 16.61
N PRO A 120 2.70 -7.88 15.93
CA PRO A 120 2.92 -7.91 14.45
C PRO A 120 2.54 -9.27 13.86
N GLN A 121 1.30 -9.42 13.38
CA GLN A 121 0.89 -10.70 12.83
C GLN A 121 0.60 -10.61 11.33
N SER A 122 -0.28 -9.71 10.96
CA SER A 122 -0.64 -9.55 9.54
C SER A 122 0.46 -8.86 8.75
N ASP A 123 1.15 -7.92 9.40
CA ASP A 123 2.24 -7.14 8.75
C ASP A 123 1.83 -6.62 7.37
N LEU A 124 2.77 -6.00 6.68
CA LEU A 124 2.49 -5.44 5.36
C LEU A 124 2.27 -6.58 4.34
N LEU A 125 3.10 -7.61 4.44
CA LEU A 125 2.99 -8.75 3.52
C LEU A 125 1.56 -9.30 3.57
N GLY A 126 0.98 -9.36 4.77
CA GLY A 126 -0.41 -9.84 4.92
C GLY A 126 -1.36 -8.92 4.16
N LEU A 127 -1.11 -7.61 4.23
CA LEU A 127 -1.97 -6.63 3.55
C LEU A 127 -2.06 -6.88 2.05
N ILE A 128 -0.94 -7.24 1.44
CA ILE A 128 -0.95 -7.43 -0.02
C ILE A 128 -1.68 -8.72 -0.43
N GLN A 129 -1.34 -9.84 0.19
CA GLN A 129 -2.03 -11.09 -0.15
C GLN A 129 -3.49 -10.94 0.27
N VAL A 130 -3.76 -10.24 1.38
CA VAL A 130 -5.14 -10.01 1.78
C VAL A 130 -5.78 -9.08 0.78
N MET A 131 -5.01 -8.11 0.28
CA MET A 131 -5.55 -7.17 -0.71
C MET A 131 -6.02 -8.00 -1.90
N ILE A 132 -5.19 -8.97 -2.27
CA ILE A 132 -5.49 -9.87 -3.37
C ILE A 132 -6.76 -10.71 -3.09
N VAL A 133 -6.93 -11.16 -1.84
CA VAL A 133 -8.09 -11.99 -1.51
C VAL A 133 -9.36 -11.16 -1.24
N VAL A 134 -9.23 -10.12 -0.44
CA VAL A 134 -10.35 -9.28 -0.08
C VAL A 134 -10.86 -8.49 -1.30
N PHE A 135 -10.05 -8.41 -2.36
CA PHE A 135 -10.52 -7.72 -3.59
C PHE A 135 -10.85 -8.75 -4.66
N GLY A 136 -10.33 -9.98 -4.53
CA GLY A 136 -10.66 -11.03 -5.47
C GLY A 136 -12.13 -11.33 -5.34
N ASP A 137 -12.61 -11.29 -4.10
CA ASP A 137 -14.01 -11.54 -3.79
C ASP A 137 -14.91 -10.46 -4.41
N GLU A 138 -14.41 -9.22 -4.42
CA GLU A 138 -15.18 -8.11 -4.99
C GLU A 138 -14.24 -6.98 -5.36
N PRO A 139 -13.61 -7.04 -6.51
CA PRO A 139 -12.68 -5.95 -6.93
C PRO A 139 -13.38 -4.60 -6.81
N PRO A 140 -12.79 -3.62 -6.16
CA PRO A 140 -13.43 -2.30 -5.99
C PRO A 140 -13.50 -1.51 -7.31
N VAL A 141 -12.72 -1.96 -8.30
CA VAL A 141 -12.70 -1.27 -9.60
C VAL A 141 -12.83 -2.26 -10.75
N PHE A 142 -13.36 -1.79 -11.89
CA PHE A 142 -13.53 -2.65 -13.06
C PHE A 142 -13.60 -1.78 -14.32
N SER A 143 -13.46 -2.40 -15.50
CA SER A 143 -13.50 -1.66 -16.76
C SER A 143 -14.91 -1.47 -17.25
N ARG A 144 -15.29 -0.21 -17.42
CA ARG A 144 -16.62 0.12 -17.89
C ARG A 144 -16.56 0.72 -19.31
N PRO A 145 -17.04 0.03 -20.33
CA PRO A 145 -17.02 0.55 -21.73
C PRO A 145 -18.11 1.60 -21.96
C1 4N1 B . 4.51 13.52 -4.37
O1 4N1 B . 5.25 14.34 -3.62
N2 4N1 B . 5.23 12.74 -5.18
C3 4N1 B . 4.51 11.87 -5.87
C4 4N1 B . 3.11 11.68 -5.86
C5 4N1 B . 2.37 12.52 -5.01
C6 4N1 B . 3.09 13.45 -4.26
N7 4N1 B . 5.00 10.95 -6.78
C8 4N1 B . 3.90 10.27 -7.24
N9 4N1 B . 2.76 10.66 -6.73
C10 4N1 B . 5.86 15.48 -4.22
N11 4N1 B . 4.03 9.30 -8.29
C12 4N1 B . 3.56 8.00 -8.20
C13 4N1 B . 3.71 7.17 -9.32
C14 4N1 B . 4.40 7.64 -10.48
O14 4N1 B . 4.54 6.73 -11.44
C15 4N1 B . 4.83 8.99 -10.56
C16 4N1 B . 4.62 9.76 -9.44
C17 4N1 B . 2.95 7.51 -6.90
C18 4N1 B . 3.18 5.77 -9.32
C19 4N1 B . 5.42 9.64 -11.78
S20 4N1 B . 1.17 6.99 -7.03
C21 4N1 B . 3.55 6.47 -12.46
H5 4N1 B . 1.29 12.46 -4.94
H6 4N1 B . 2.56 14.13 -3.59
H7 4N1 B . 5.98 10.76 -6.95
H101 4N1 B . 6.46 15.93 -3.43
H102 4N1 B . 5.09 16.20 -4.55
H103 4N1 B . 6.50 15.20 -5.06
H16 4N1 B . 4.88 10.81 -9.43
H171 4N1 B . 3.06 8.26 -6.11
H181 4N1 B . 3.69 5.15 -8.58
H182 4N1 B . 3.34 5.30 -10.30
H183 4N1 B . 2.12 5.76 -9.12
H191 4N1 B . 4.83 9.37 -12.65
H192 4N1 B . 6.44 9.30 -11.95
H193 4N1 B . 5.43 10.74 -11.71
H211 4N1 B . 4.09 5.89 -13.21
H212 4N1 B . 3.20 7.39 -12.91
H213 4N1 B . 2.73 5.88 -12.07
H172 4N1 B . 3.50 6.62 -6.58
N ALA A 2 17.98 0.81 -7.21
CA ALA A 2 17.80 -0.33 -6.27
C ALA A 2 18.09 0.14 -4.85
N VAL A 3 17.19 -0.19 -3.94
CA VAL A 3 17.34 0.19 -2.54
C VAL A 3 18.11 -0.87 -1.78
N SER A 4 19.12 -0.42 -1.06
CA SER A 4 19.92 -1.32 -0.24
C SER A 4 19.36 -1.26 1.16
N GLU A 5 19.62 -2.27 1.96
CA GLU A 5 19.10 -2.24 3.31
C GLU A 5 19.69 -1.09 4.11
N SER A 6 20.99 -0.84 3.97
CA SER A 6 21.59 0.25 4.72
C SER A 6 20.92 1.56 4.32
N GLN A 7 20.81 1.74 3.03
CA GLN A 7 20.17 2.92 2.49
C GLN A 7 18.71 2.94 2.89
N LEU A 8 18.12 1.76 3.11
CA LEU A 8 16.74 1.72 3.50
C LEU A 8 16.59 2.46 4.82
N LYS A 9 17.53 2.25 5.73
CA LYS A 9 17.47 2.94 7.03
C LYS A 9 17.48 4.43 6.81
N LYS A 10 18.29 4.85 5.85
CA LYS A 10 18.40 6.28 5.55
C LYS A 10 17.05 6.85 5.09
N MET A 11 16.27 6.05 4.38
CA MET A 11 14.96 6.55 3.90
C MET A 11 13.85 6.43 4.95
N VAL A 12 14.06 5.65 6.01
CA VAL A 12 13.03 5.51 7.05
C VAL A 12 13.59 5.84 8.44
N SER A 13 14.73 6.52 8.47
CA SER A 13 15.35 6.91 9.71
C SER A 13 14.44 7.83 10.51
N LYS A 14 13.76 8.71 9.80
CA LYS A 14 12.88 9.70 10.43
C LYS A 14 11.70 9.04 11.16
N TYR A 15 11.39 7.80 10.81
CA TYR A 15 10.29 7.08 11.45
C TYR A 15 10.65 6.68 12.87
N LYS A 16 9.65 6.56 13.74
CA LYS A 16 9.90 6.18 15.14
C LYS A 16 10.22 4.69 15.24
N TYR A 17 9.72 3.89 14.28
CA TYR A 17 9.96 2.44 14.29
C TYR A 17 10.69 1.98 13.00
N ARG A 18 11.89 2.51 12.75
CA ARG A 18 12.62 2.14 11.53
C ARG A 18 13.01 0.64 11.48
N ASP A 19 13.16 -0.01 12.63
CA ASP A 19 13.56 -1.41 12.67
C ASP A 19 12.47 -2.36 12.18
N LEU A 20 11.29 -2.30 12.81
CA LEU A 20 10.21 -3.17 12.40
C LEU A 20 9.78 -2.84 10.98
N THR A 21 9.75 -1.57 10.65
CA THR A 21 9.37 -1.17 9.30
C THR A 21 10.36 -1.70 8.27
N VAL A 22 11.66 -1.52 8.53
CA VAL A 22 12.67 -2.02 7.61
C VAL A 22 12.60 -3.52 7.50
N ARG A 23 12.52 -4.19 8.62
CA ARG A 23 12.45 -5.63 8.59
C ARG A 23 11.18 -6.04 7.84
N GLU A 24 10.10 -5.32 8.10
CA GLU A 24 8.83 -5.58 7.43
C GLU A 24 8.93 -5.36 5.92
N THR A 25 9.64 -4.32 5.50
CA THR A 25 9.76 -4.07 4.06
C THR A 25 10.62 -5.12 3.42
N VAL A 26 11.64 -5.59 4.13
CA VAL A 26 12.51 -6.58 3.56
C VAL A 26 11.67 -7.77 3.16
N ASN A 27 10.77 -8.15 4.04
CA ASN A 27 9.90 -9.27 3.73
C ASN A 27 9.04 -8.95 2.50
N VAL A 28 8.56 -7.72 2.41
CA VAL A 28 7.70 -7.32 1.31
C VAL A 28 8.44 -7.21 -0.03
N ILE A 29 9.62 -6.63 -0.04
CA ILE A 29 10.32 -6.49 -1.32
C ILE A 29 11.15 -7.72 -1.66
N THR A 30 11.43 -8.56 -0.66
CA THR A 30 12.18 -9.79 -0.90
C THR A 30 11.24 -10.89 -1.40
N LEU A 31 10.11 -11.05 -0.73
CA LEU A 31 9.12 -12.05 -1.11
C LEU A 31 8.14 -11.49 -2.14
N TYR A 32 7.77 -10.22 -1.98
CA TYR A 32 6.86 -9.58 -2.93
C TYR A 32 7.66 -8.56 -3.76
N LYS A 33 8.59 -9.07 -4.55
CA LYS A 33 9.43 -8.20 -5.38
C LYS A 33 8.59 -7.37 -6.34
N ASP A 34 7.33 -7.76 -6.53
CA ASP A 34 6.45 -7.02 -7.43
C ASP A 34 6.19 -5.62 -6.86
N LEU A 35 6.41 -5.47 -5.56
CA LEU A 35 6.22 -4.18 -4.91
C LEU A 35 7.60 -3.52 -4.78
N LYS A 36 7.83 -2.27 -5.30
CA LYS A 36 9.18 -1.69 -5.20
C LYS A 36 9.17 -0.39 -4.38
N PRO A 37 10.04 -0.22 -3.38
CA PRO A 37 10.07 1.03 -2.55
C PRO A 37 10.84 2.19 -3.24
N VAL A 38 10.27 3.39 -3.19
CA VAL A 38 10.92 4.56 -3.79
C VAL A 38 10.99 5.68 -2.75
N LEU A 39 12.15 6.34 -2.66
CA LEU A 39 12.33 7.43 -1.70
C LEU A 39 11.78 8.72 -2.29
N ASP A 40 10.82 9.35 -1.60
CA ASP A 40 10.21 10.58 -2.12
C ASP A 40 10.26 11.72 -1.10
N SER A 41 10.30 12.94 -1.62
CA SER A 41 10.31 14.13 -0.78
C SER A 41 8.89 14.68 -0.74
N TYR A 42 8.28 14.75 0.45
CA TYR A 42 6.89 15.24 0.53
C TYR A 42 6.85 16.67 1.07
N VAL A 43 5.98 17.48 0.47
CA VAL A 43 5.81 18.89 0.87
C VAL A 43 4.40 19.09 1.43
N PHE A 44 4.33 19.59 2.66
CA PHE A 44 3.03 19.84 3.29
C PHE A 44 2.59 21.30 3.09
N ASN A 45 1.33 21.60 3.35
CA ASN A 45 0.82 22.96 3.18
C ASN A 45 1.61 23.93 4.06
N ASP A 46 1.92 23.51 5.28
CA ASP A 46 2.67 24.35 6.21
C ASP A 46 4.08 24.61 5.69
N GLY A 47 4.48 23.90 4.63
CA GLY A 47 5.81 24.06 4.06
C GLY A 47 6.79 23.04 4.62
N SER A 48 6.39 22.35 5.70
CA SER A 48 7.24 21.35 6.30
C SER A 48 7.53 20.25 5.29
N SER A 49 8.77 19.83 5.24
CA SER A 49 9.18 18.78 4.30
C SER A 49 9.81 17.60 5.03
N ARG A 50 9.48 16.40 4.58
CA ARG A 50 10.02 15.18 5.18
C ARG A 50 10.10 14.08 4.14
N GLU A 51 11.27 13.47 4.06
CA GLU A 51 11.48 12.39 3.12
C GLU A 51 10.81 11.11 3.66
N LEU A 52 9.82 10.64 2.93
CA LEU A 52 9.10 9.44 3.34
C LEU A 52 9.19 8.41 2.21
N MET A 53 9.41 7.15 2.58
CA MET A 53 9.52 6.08 1.59
C MET A 53 8.12 5.57 1.20
N ASN A 54 7.91 5.28 -0.08
CA ASN A 54 6.61 4.82 -0.54
C ASN A 54 6.74 3.51 -1.30
N LEU A 55 5.65 2.75 -1.34
CA LEU A 55 5.63 1.48 -2.08
C LEU A 55 4.74 1.68 -3.31
N THR A 56 5.33 1.54 -4.51
CA THR A 56 4.58 1.76 -5.76
C THR A 56 4.83 0.67 -6.78
N GLY A 57 3.75 0.24 -7.45
CA GLY A 57 3.86 -0.80 -8.48
C GLY A 57 2.50 -1.34 -8.88
N THR A 58 2.49 -2.60 -9.27
CA THR A 58 1.24 -3.25 -9.69
C THR A 58 1.01 -4.61 -9.05
N ILE A 59 -0.26 -5.03 -9.05
CA ILE A 59 -0.63 -6.33 -8.52
C ILE A 59 -1.55 -7.05 -9.51
N PRO A 60 -1.13 -8.18 -10.08
CA PRO A 60 -2.03 -8.93 -11.03
C PRO A 60 -3.15 -9.63 -10.26
N VAL A 61 -4.41 -9.38 -10.63
CA VAL A 61 -5.51 -10.02 -9.92
C VAL A 61 -6.43 -10.80 -10.87
N PRO A 62 -6.59 -12.11 -10.69
CA PRO A 62 -7.50 -12.93 -11.55
C PRO A 62 -8.94 -12.58 -11.24
N TYR A 63 -9.81 -12.65 -12.25
CA TYR A 63 -11.21 -12.30 -12.03
C TYR A 63 -12.12 -12.82 -13.15
N ARG A 64 -12.94 -13.82 -12.85
CA ARG A 64 -13.88 -14.37 -13.85
C ARG A 64 -13.19 -14.68 -15.18
N GLY A 65 -12.02 -15.30 -15.13
CA GLY A 65 -11.30 -15.64 -16.36
C GLY A 65 -10.73 -14.38 -17.02
N ASN A 66 -10.71 -13.29 -16.26
CA ASN A 66 -10.20 -12.02 -16.73
C ASN A 66 -9.31 -11.41 -15.66
N THR A 67 -8.12 -10.99 -16.05
CA THR A 67 -7.17 -10.43 -15.08
C THR A 67 -6.85 -8.97 -15.38
N TYR A 68 -6.90 -8.15 -14.34
CA TYR A 68 -6.59 -6.73 -14.49
C TYR A 68 -5.30 -6.36 -13.77
N ASN A 69 -4.59 -5.37 -14.31
CA ASN A 69 -3.36 -4.89 -13.69
C ASN A 69 -3.72 -3.67 -12.85
N ILE A 70 -3.81 -3.86 -11.53
CA ILE A 70 -4.21 -2.77 -10.66
C ILE A 70 -3.01 -1.96 -10.14
N PRO A 71 -2.91 -0.67 -10.49
CA PRO A 71 -1.80 0.21 -10.01
C PRO A 71 -2.15 0.78 -8.63
N ILE A 72 -1.26 0.63 -7.64
CA ILE A 72 -1.58 1.19 -6.30
C ILE A 72 -0.40 1.95 -5.71
N CYS A 73 -0.70 3.01 -4.95
CA CYS A 73 0.34 3.78 -4.29
C CYS A 73 0.11 3.75 -2.79
N LEU A 74 1.12 3.26 -2.08
CA LEU A 74 1.06 3.14 -0.64
C LEU A 74 1.83 4.29 0.01
N TRP A 75 1.16 5.13 0.82
CA TRP A 75 1.87 6.23 1.49
C TRP A 75 2.05 5.82 2.96
N LEU A 76 3.31 5.70 3.38
CA LEU A 76 3.60 5.26 4.76
C LEU A 76 3.56 6.48 5.70
N LEU A 77 2.95 6.34 6.89
CA LEU A 77 2.91 7.45 7.84
C LEU A 77 4.16 7.39 8.71
N ASP A 78 4.56 8.53 9.25
CA ASP A 78 5.77 8.57 10.07
C ASP A 78 5.61 7.71 11.34
N THR A 79 4.39 7.31 11.66
CA THR A 79 4.16 6.49 12.84
C THR A 79 4.02 4.99 12.49
N TYR A 80 4.04 4.68 11.19
CA TYR A 80 3.97 3.29 10.75
C TYR A 80 5.12 2.53 11.44
N PRO A 81 4.97 1.26 11.82
CA PRO A 81 3.75 0.40 11.62
C PRO A 81 2.73 0.42 12.76
N TYR A 82 2.91 1.27 13.78
CA TYR A 82 1.93 1.30 14.85
C TYR A 82 0.62 1.93 14.37
N ASN A 83 0.69 2.66 13.27
CA ASN A 83 -0.49 3.31 12.69
C ASN A 83 -0.83 2.63 11.36
N PRO A 84 -2.09 2.38 11.00
CA PRO A 84 -2.38 1.72 9.69
C PRO A 84 -2.01 2.65 8.53
N PRO A 85 -1.49 2.12 7.44
CA PRO A 85 -1.09 2.94 6.27
C PRO A 85 -2.30 3.34 5.40
N ILE A 86 -2.31 4.57 4.85
CA ILE A 86 -3.42 5.01 4.02
C ILE A 86 -3.11 4.69 2.56
N CYS A 87 -4.09 4.13 1.87
CA CYS A 87 -3.91 3.73 0.47
C CYS A 87 -4.64 4.63 -0.51
N PHE A 88 -4.01 4.84 -1.67
CA PHE A 88 -4.62 5.68 -2.72
C PHE A 88 -4.65 4.89 -4.04
N VAL A 89 -5.84 4.78 -4.64
CA VAL A 89 -5.99 4.04 -5.90
C VAL A 89 -5.98 5.02 -7.07
N LYS A 90 -5.15 4.73 -8.09
CA LYS A 90 -5.04 5.59 -9.27
C LYS A 90 -5.99 5.07 -10.38
N PRO A 91 -7.18 5.64 -10.57
CA PRO A 91 -8.11 5.14 -11.63
C PRO A 91 -7.86 5.77 -13.00
N THR A 92 -8.13 5.00 -14.04
CA THR A 92 -7.96 5.47 -15.41
C THR A 92 -9.31 5.97 -15.95
N SER A 93 -9.28 6.71 -17.06
CA SER A 93 -10.52 7.23 -17.64
C SER A 93 -11.57 6.14 -17.93
N SER A 94 -11.17 4.85 -18.01
CA SER A 94 -12.13 3.78 -18.30
C SER A 94 -12.44 2.95 -17.05
N MET A 95 -12.09 3.48 -15.89
CA MET A 95 -12.34 2.77 -14.64
C MET A 95 -12.97 3.76 -13.65
N THR A 96 -13.93 3.28 -12.86
CA THR A 96 -14.58 4.16 -11.88
C THR A 96 -14.49 3.56 -10.49
N ILE A 97 -14.73 4.38 -9.47
CA ILE A 97 -14.68 3.88 -8.11
C ILE A 97 -16.09 3.46 -7.66
N LYS A 98 -16.38 2.16 -7.65
CA LYS A 98 -17.70 1.73 -7.20
C LYS A 98 -17.70 1.61 -5.69
N THR A 99 -18.31 2.58 -5.04
CA THR A 99 -18.36 2.59 -3.58
C THR A 99 -19.30 1.51 -3.08
N GLY A 100 -18.99 0.99 -1.89
CA GLY A 100 -19.82 -0.05 -1.32
C GLY A 100 -19.43 -0.34 0.13
N LYS A 101 -19.38 -1.62 0.48
CA LYS A 101 -19.07 -2.04 1.84
C LYS A 101 -17.63 -1.74 2.28
N HIS A 102 -16.69 -1.56 1.35
CA HIS A 102 -15.30 -1.29 1.77
C HIS A 102 -14.67 -0.09 1.02
N VAL A 103 -15.07 0.19 -0.23
CA VAL A 103 -14.47 1.34 -0.94
C VAL A 103 -15.26 2.61 -0.65
N ASP A 104 -14.52 3.70 -0.48
CA ASP A 104 -15.13 5.00 -0.20
C ASP A 104 -15.15 5.91 -1.43
N ALA A 105 -15.74 7.09 -1.29
CA ALA A 105 -15.88 8.05 -2.37
C ALA A 105 -14.54 8.58 -2.89
N ASN A 106 -13.59 8.83 -2.00
CA ASN A 106 -12.30 9.36 -2.43
C ASN A 106 -11.35 8.22 -2.77
N GLY A 107 -11.81 6.98 -2.64
CA GLY A 107 -10.97 5.84 -2.97
C GLY A 107 -10.31 5.21 -1.76
N LYS A 108 -10.74 5.57 -0.57
CA LYS A 108 -10.15 4.97 0.63
C LYS A 108 -10.47 3.48 0.65
N ILE A 109 -9.50 2.67 1.09
CA ILE A 109 -9.70 1.22 1.16
C ILE A 109 -9.80 0.75 2.62
N TYR A 110 -10.97 0.24 2.99
CA TYR A 110 -11.18 -0.27 4.35
C TYR A 110 -11.18 -1.80 4.28
N LEU A 111 -10.50 -2.46 5.22
CA LEU A 111 -10.43 -3.92 5.20
C LEU A 111 -10.68 -4.47 6.62
N PRO A 112 -11.64 -5.35 6.83
CA PRO A 112 -11.92 -5.89 8.20
C PRO A 112 -10.68 -6.46 8.90
N TYR A 113 -9.75 -7.03 8.15
CA TYR A 113 -8.54 -7.57 8.77
C TYR A 113 -7.70 -6.42 9.34
N LEU A 114 -7.75 -5.25 8.68
CA LEU A 114 -6.99 -4.09 9.11
C LEU A 114 -7.52 -3.52 10.41
N HIS A 115 -8.85 -3.46 10.53
CA HIS A 115 -9.45 -2.91 11.73
C HIS A 115 -9.25 -3.86 12.91
N GLU A 116 -9.11 -5.15 12.62
CA GLU A 116 -8.87 -6.13 13.69
C GLU A 116 -7.39 -6.50 13.74
N TRP A 117 -6.60 -5.92 12.85
CA TRP A 117 -5.18 -6.21 12.78
C TRP A 117 -4.54 -6.00 14.13
N LYS A 118 -3.86 -7.05 14.56
CA LYS A 118 -3.14 -7.04 15.82
C LYS A 118 -1.68 -6.76 15.54
N HIS A 119 -1.29 -5.49 15.64
CA HIS A 119 0.09 -5.13 15.36
C HIS A 119 1.04 -5.87 16.31
N PRO A 120 2.03 -6.62 15.82
CA PRO A 120 2.35 -6.89 14.38
C PRO A 120 2.03 -8.33 13.96
N GLN A 121 0.82 -8.59 13.46
CA GLN A 121 0.46 -9.94 13.04
C GLN A 121 0.26 -10.02 11.52
N SER A 122 -0.65 -9.23 10.98
CA SER A 122 -0.92 -9.26 9.54
C SER A 122 0.28 -8.73 8.74
N ASP A 123 0.90 -7.67 9.24
CA ASP A 123 2.07 -7.09 8.55
C ASP A 123 1.67 -6.54 7.17
N LEU A 124 2.57 -5.74 6.57
CA LEU A 124 2.27 -5.13 5.27
C LEU A 124 2.04 -6.21 4.22
N LEU A 125 2.87 -7.25 4.25
CA LEU A 125 2.71 -8.34 3.29
C LEU A 125 1.28 -8.90 3.42
N GLY A 126 0.76 -8.94 4.66
CA GLY A 126 -0.63 -9.41 4.85
C GLY A 126 -1.60 -8.51 4.08
N LEU A 127 -1.34 -7.21 4.09
CA LEU A 127 -2.20 -6.26 3.37
C LEU A 127 -2.24 -6.53 1.88
N ILE A 128 -1.11 -6.87 1.29
CA ILE A 128 -1.06 -7.08 -0.15
C ILE A 128 -1.69 -8.42 -0.55
N GLN A 129 -1.34 -9.50 0.13
CA GLN A 129 -1.96 -10.79 -0.21
C GLN A 129 -3.42 -10.76 0.19
N VAL A 130 -3.76 -10.10 1.31
CA VAL A 130 -5.15 -10.01 1.69
C VAL A 130 -5.86 -9.15 0.66
N MET A 131 -5.21 -8.09 0.21
CA MET A 131 -5.81 -7.23 -0.81
C MET A 131 -6.10 -8.09 -2.05
N ILE A 132 -5.12 -8.92 -2.42
CA ILE A 132 -5.25 -9.81 -3.56
C ILE A 132 -6.42 -10.79 -3.39
N VAL A 133 -6.68 -11.24 -2.17
CA VAL A 133 -7.76 -12.21 -1.95
C VAL A 133 -9.11 -11.55 -1.66
N VAL A 134 -9.11 -10.58 -0.78
CA VAL A 134 -10.32 -9.88 -0.39
C VAL A 134 -10.89 -9.04 -1.53
N PHE A 135 -10.11 -8.82 -2.59
CA PHE A 135 -10.63 -8.04 -3.74
C PHE A 135 -10.98 -8.98 -4.89
N GLY A 136 -10.49 -10.22 -4.84
CA GLY A 136 -10.80 -11.19 -5.87
C GLY A 136 -12.26 -11.62 -5.74
N ASP A 137 -12.79 -11.51 -4.52
CA ASP A 137 -14.18 -11.88 -4.24
C ASP A 137 -15.15 -10.89 -4.90
N GLU A 138 -14.76 -9.61 -4.95
CA GLU A 138 -15.60 -8.58 -5.54
C GLU A 138 -14.75 -7.35 -5.86
N PRO A 139 -14.08 -7.35 -6.98
CA PRO A 139 -13.22 -6.20 -7.36
C PRO A 139 -13.97 -4.89 -7.20
N PRO A 140 -13.46 -3.94 -6.43
CA PRO A 140 -14.14 -2.64 -6.23
C PRO A 140 -14.06 -1.74 -7.48
N VAL A 141 -13.11 -2.06 -8.36
CA VAL A 141 -12.91 -1.30 -9.59
C VAL A 141 -12.90 -2.23 -10.79
N PHE A 142 -13.42 -1.74 -11.93
CA PHE A 142 -13.46 -2.57 -13.14
C PHE A 142 -13.61 -1.67 -14.38
N SER A 143 -13.29 -2.19 -15.57
CA SER A 143 -13.40 -1.40 -16.80
C SER A 143 -14.80 -1.42 -17.37
N ARG A 144 -15.39 -0.23 -17.43
CA ARG A 144 -16.72 -0.11 -17.97
C ARG A 144 -16.68 0.71 -19.28
N PRO A 145 -17.32 0.25 -20.35
CA PRO A 145 -17.31 1.00 -21.64
C PRO A 145 -18.38 2.09 -21.69
C1 4N1 B . 5.83 12.85 -4.68
O1 4N1 B . 6.72 13.44 -3.87
N2 4N1 B . 6.33 11.76 -5.28
C3 4N1 B . 5.51 11.18 -6.12
C4 4N1 B . 4.18 11.57 -6.45
C5 4N1 B . 3.69 12.71 -5.82
C6 4N1 B . 4.53 13.36 -4.93
N7 4N1 B . 5.75 10.04 -6.87
C8 4N1 B . 4.61 9.81 -7.59
N9 4N1 B . 3.65 10.68 -7.39
C10 4N1 B . 7.85 14.11 -4.43
N11 4N1 B . 4.59 8.79 -8.59
C12 4N1 B . 3.63 7.77 -8.65
C13 4N1 B . 3.75 6.84 -9.71
C14 4N1 B . 4.84 6.91 -10.60
O14 4N1 B . 4.86 5.94 -11.53
C15 4N1 B . 5.77 7.98 -10.53
C16 4N1 B . 5.59 8.88 -9.53
C17 4N1 B . 2.56 7.68 -7.60
C18 4N1 B . 2.71 5.78 -9.89
C19 4N1 B . 6.86 8.26 -11.55
S20 4N1 B . 2.73 6.19 -6.50
C21 4N1 B . 4.17 6.01 -12.79
H5 4N1 B . 2.69 13.08 -6.02
H6 4N1 B . 4.19 14.26 -4.42
H7 4N1 B . 6.57 9.45 -6.79
H101 4N1 B . 7.81 13.88 -5.50
H102 4N1 B . 8.79 13.72 -4.01
H103 4N1 B . 7.79 15.19 -4.28
H16 4N1 B . 6.22 9.74 -9.42
H171 4N1 B . 1.57 7.69 -8.05
H181 4N1 B . 2.26 5.48 -8.93
H182 4N1 B . 3.14 4.88 -10.32
H183 4N1 B . 1.91 6.12 -10.54
H191 4N1 B . 6.62 7.76 -12.49
H192 4N1 B . 7.82 7.87 -11.21
H193 4N1 B . 6.97 9.32 -11.76
H211 4N1 B . 4.96 6.15 -13.53
H212 4N1 B . 3.48 6.85 -12.82
H213 4N1 B . 3.64 5.07 -13.01
H172 4N1 B . 2.63 8.54 -6.93
#